data_7PKJ
#
_entry.id   7PKJ
#
_cell.length_a   97.749
_cell.length_b   99.893
_cell.length_c   106.182
_cell.angle_alpha   77.67
_cell.angle_beta   75.19
_cell.angle_gamma   67.12
#
_symmetry.space_group_name_H-M   'P 1'
#
loop_
_entity.id
_entity.type
_entity.pdbx_description
1 polymer 'Putative NADP-dependent glyceraldehyde-3-phosphate dehydrogenase'
2 non-polymer BETA-MERCAPTOETHANOL
3 non-polymer 'SULFATE ION'
4 non-polymer GLYCEROL
5 water water
#
_entity_poly.entity_id   1
_entity_poly.type   'polypeptide(L)'
_entity_poly.pdbx_seq_one_letter_code
;ASWSHPQFEKIEGRRDRGPEFMAKQYKNLVNGEWKLSENEITIYAPATGEELGSVPAMTQAEVDAVYASAKKALSDWRTL
SYVERAAYLHKAADILVRDAEKIGAILSKEVAKGHKAAVSEVIRTAEIINYAAEEGLRMEGEVLEGGSFEAASKKKIAIV
RREPVGLVLAISPFNYPVNLAGSKIAPALIAGNVVALKPPTQGSISGLLLAEAFAEAGIPAGVFNTITGRGSVIGDYIVE
HEAVNFINFTGSTPIGEGIGKLAGMRPIMLELGGKDSAIVLEDADLALAAKNIVAGAFGYSGQRCTAVKRVLVMDKVADQ
LAAEIKTLVEKLSVGMPEDDADITPLIDTSAADFVEGLIKDATDKGATALTAFNREGNLISPVLFDHVTTDMRLAWEEPF
GPVLPIIRVTTVEEAIKISNESEYGLQASIFTTNFPKAFGIAEQLEVGTVHLNNKTQRGTDNFPFLGAKKSGAGVQGVKY
SIEAMTTVKSVVFDIQ
;
_entity_poly.pdbx_strand_id   A,B,C,D,E,F,G,H
#
# COMPACT_ATOMS: atom_id res chain seq x y z
N ALA A 23 -26.96 34.49 -68.64
CA ALA A 23 -27.45 34.59 -67.27
C ALA A 23 -28.23 33.32 -66.88
N LYS A 24 -27.60 32.44 -66.10
CA LYS A 24 -28.22 31.20 -65.65
C LYS A 24 -29.05 31.40 -64.37
N GLN A 25 -29.87 30.42 -64.08
CA GLN A 25 -30.68 30.38 -62.87
C GLN A 25 -29.96 29.39 -61.91
N TYR A 26 -29.29 29.90 -60.90
CA TYR A 26 -28.52 29.07 -59.96
C TYR A 26 -29.38 28.43 -58.89
N LYS A 27 -28.88 27.32 -58.34
CA LYS A 27 -29.58 26.49 -57.37
C LYS A 27 -28.73 26.26 -56.13
N ASN A 28 -29.39 26.01 -54.99
CA ASN A 28 -28.69 25.74 -53.74
C ASN A 28 -28.41 24.26 -53.61
N LEU A 29 -27.26 23.90 -53.03
CA LEU A 29 -26.91 22.52 -52.77
C LEU A 29 -27.57 22.16 -51.44
N VAL A 30 -28.57 21.26 -51.47
CA VAL A 30 -29.28 20.86 -50.28
C VAL A 30 -29.35 19.34 -50.27
N ASN A 31 -28.64 18.69 -49.33
CA ASN A 31 -28.69 17.24 -49.18
C ASN A 31 -28.39 16.47 -50.48
N GLY A 32 -27.30 16.86 -51.15
CA GLY A 32 -26.87 16.23 -52.39
C GLY A 32 -27.70 16.53 -53.61
N GLU A 33 -28.69 17.43 -53.51
CA GLU A 33 -29.57 17.81 -54.60
CA GLU A 33 -29.54 17.81 -54.62
C GLU A 33 -29.44 19.31 -54.87
N TRP A 34 -29.73 19.73 -56.11
CA TRP A 34 -29.69 21.14 -56.48
C TRP A 34 -31.14 21.64 -56.50
N LYS A 35 -31.45 22.58 -55.59
CA LYS A 35 -32.81 23.07 -55.44
C LYS A 35 -33.01 24.52 -55.77
N LEU A 36 -34.07 24.81 -56.51
CA LEU A 36 -34.53 26.17 -56.72
C LEU A 36 -35.55 26.44 -55.60
N SER A 37 -35.86 27.72 -55.36
CA SER A 37 -36.90 28.11 -54.43
C SER A 37 -38.03 28.74 -55.29
N GLU A 38 -39.21 28.97 -54.69
CA GLU A 38 -40.32 29.59 -55.40
C GLU A 38 -39.92 30.99 -55.91
N ASN A 39 -39.22 31.77 -55.08
CA ASN A 39 -38.75 33.11 -55.43
C ASN A 39 -37.24 33.09 -55.62
N GLU A 40 -36.72 34.11 -56.33
CA GLU A 40 -35.29 34.24 -56.60
C GLU A 40 -34.84 35.72 -56.55
N ILE A 41 -33.53 35.94 -56.47
CA ILE A 41 -32.92 37.26 -56.44
C ILE A 41 -32.02 37.36 -57.67
N THR A 42 -32.28 38.33 -58.56
CA THR A 42 -31.42 38.54 -59.73
C THR A 42 -30.21 39.34 -59.30
N ILE A 43 -29.03 38.91 -59.75
CA ILE A 43 -27.77 39.56 -59.42
CA ILE A 43 -27.75 39.52 -59.42
C ILE A 43 -27.23 40.26 -60.65
N TYR A 44 -26.77 41.50 -60.47
CA TYR A 44 -26.22 42.34 -61.53
C TYR A 44 -24.76 42.68 -61.24
N ALA A 45 -23.97 42.90 -62.28
CA ALA A 45 -22.57 43.27 -62.15
C ALA A 45 -22.48 44.71 -61.61
N PRO A 46 -21.87 44.98 -60.44
CA PRO A 46 -21.82 46.38 -59.95
C PRO A 46 -21.15 47.40 -60.88
N ALA A 47 -20.23 46.98 -61.75
CA ALA A 47 -19.52 47.89 -62.64
C ALA A 47 -20.28 48.26 -63.91
N THR A 48 -21.08 47.33 -64.47
CA THR A 48 -21.77 47.52 -65.74
C THR A 48 -23.29 47.41 -65.71
N GLY A 49 -23.84 46.80 -64.66
CA GLY A 49 -25.27 46.55 -64.57
C GLY A 49 -25.73 45.30 -65.31
N GLU A 50 -24.78 44.52 -65.86
CA GLU A 50 -25.09 43.29 -66.62
C GLU A 50 -25.77 42.26 -65.72
N GLU A 51 -26.84 41.61 -66.19
CA GLU A 51 -27.51 40.56 -65.45
C GLU A 51 -26.61 39.32 -65.51
N LEU A 52 -26.26 38.77 -64.35
CA LEU A 52 -25.39 37.60 -64.26
C LEU A 52 -26.12 36.30 -64.01
N GLY A 53 -27.34 36.38 -63.49
CA GLY A 53 -28.16 35.24 -63.15
C GLY A 53 -28.98 35.52 -61.91
N SER A 54 -29.56 34.47 -61.35
CA SER A 54 -30.36 34.58 -60.15
C SER A 54 -30.00 33.49 -59.17
N VAL A 55 -30.24 33.74 -57.88
CA VAL A 55 -30.03 32.73 -56.85
C VAL A 55 -31.35 32.52 -56.12
N PRO A 56 -31.60 31.33 -55.52
CA PRO A 56 -32.86 31.15 -54.81
C PRO A 56 -33.07 32.12 -53.63
N ALA A 57 -34.31 32.47 -53.35
CA ALA A 57 -34.69 33.30 -52.21
C ALA A 57 -35.34 32.34 -51.21
N MET A 58 -34.51 31.64 -50.44
CA MET A 58 -35.02 30.63 -49.52
C MET A 58 -35.96 31.19 -48.47
N THR A 59 -36.90 30.34 -48.07
CA THR A 59 -37.83 30.60 -47.00
C THR A 59 -37.21 29.97 -45.71
N GLN A 60 -37.80 30.25 -44.54
CA GLN A 60 -37.33 29.69 -43.29
C GLN A 60 -37.52 28.16 -43.27
N ALA A 61 -38.59 27.65 -43.90
CA ALA A 61 -38.83 26.20 -44.00
C ALA A 61 -37.74 25.50 -44.81
N GLU A 62 -37.22 26.16 -45.87
CA GLU A 62 -36.13 25.61 -46.69
C GLU A 62 -34.80 25.67 -45.92
N VAL A 63 -34.60 26.68 -45.04
CA VAL A 63 -33.44 26.74 -44.17
C VAL A 63 -33.54 25.56 -43.18
N ASP A 64 -34.73 25.26 -42.65
CA ASP A 64 -34.96 24.12 -41.76
C ASP A 64 -34.56 22.81 -42.43
N ALA A 65 -34.90 22.63 -43.74
CA ALA A 65 -34.55 21.43 -44.50
C ALA A 65 -33.04 21.28 -44.66
N VAL A 66 -32.32 22.39 -44.87
CA VAL A 66 -30.87 22.40 -44.99
C VAL A 66 -30.25 21.91 -43.66
N TYR A 67 -30.71 22.46 -42.54
CA TYR A 67 -30.19 22.10 -41.22
C TYR A 67 -30.57 20.68 -40.79
N ALA A 68 -31.77 20.22 -41.14
CA ALA A 68 -32.19 18.86 -40.86
C ALA A 68 -31.31 17.87 -41.63
N SER A 69 -30.99 18.18 -42.92
CA SER A 69 -30.12 17.36 -43.76
C SER A 69 -28.71 17.27 -43.17
N ALA A 70 -28.19 18.42 -42.70
CA ALA A 70 -26.85 18.51 -42.15
C ALA A 70 -26.73 17.73 -40.84
N LYS A 71 -27.69 17.90 -39.90
CA LYS A 71 -27.65 17.14 -38.65
C LYS A 71 -27.78 15.64 -38.90
N LYS A 72 -28.55 15.24 -39.92
CA LYS A 72 -28.69 13.82 -40.26
C LYS A 72 -27.38 13.28 -40.83
N ALA A 73 -26.70 14.05 -41.68
CA ALA A 73 -25.44 13.64 -42.28
C ALA A 73 -24.25 13.64 -41.30
N LEU A 74 -24.37 14.34 -40.16
CA LEU A 74 -23.28 14.51 -39.21
C LEU A 74 -22.71 13.19 -38.65
N SER A 75 -23.56 12.24 -38.24
CA SER A 75 -23.08 10.98 -37.66
C SER A 75 -22.17 10.17 -38.58
N ASP A 76 -22.55 9.99 -39.86
CA ASP A 76 -21.71 9.23 -40.80
C ASP A 76 -20.48 10.00 -41.23
N TRP A 77 -20.50 11.36 -41.18
CA TRP A 77 -19.36 12.19 -41.58
C TRP A 77 -18.29 12.21 -40.50
N ARG A 78 -18.69 12.41 -39.24
CA ARG A 78 -17.74 12.45 -38.14
C ARG A 78 -17.09 11.08 -37.89
N THR A 79 -17.76 9.97 -38.22
CA THR A 79 -17.19 8.64 -38.03
C THR A 79 -16.25 8.21 -39.17
N LEU A 80 -16.21 8.96 -40.30
CA LEU A 80 -15.22 8.70 -41.35
C LEU A 80 -13.82 9.00 -40.80
N SER A 81 -12.78 8.42 -41.42
CA SER A 81 -11.43 8.71 -41.02
C SER A 81 -11.07 10.14 -41.48
N TYR A 82 -10.01 10.71 -40.88
CA TYR A 82 -9.50 12.01 -41.30
C TYR A 82 -9.03 11.96 -42.76
N VAL A 83 -8.38 10.84 -43.17
CA VAL A 83 -7.91 10.67 -44.54
C VAL A 83 -9.07 10.73 -45.53
N GLU A 84 -10.20 10.09 -45.22
CA GLU A 84 -11.33 10.08 -46.14
C GLU A 84 -11.89 11.49 -46.28
N ARG A 85 -12.01 12.24 -45.18
CA ARG A 85 -12.50 13.62 -45.24
C ARG A 85 -11.51 14.53 -45.99
N ALA A 86 -10.18 14.34 -45.80
CA ALA A 86 -9.15 15.11 -46.49
C ALA A 86 -9.19 14.86 -48.00
N ALA A 87 -9.49 13.61 -48.44
CA ALA A 87 -9.55 13.27 -49.86
C ALA A 87 -10.64 14.07 -50.58
N TYR A 88 -11.79 14.27 -49.95
CA TYR A 88 -12.87 15.09 -50.54
C TYR A 88 -12.43 16.54 -50.69
N LEU A 89 -11.75 17.10 -49.66
CA LEU A 89 -11.26 18.47 -49.72
C LEU A 89 -10.21 18.65 -50.82
N HIS A 90 -9.28 17.68 -50.96
CA HIS A 90 -8.26 17.74 -52.00
C HIS A 90 -8.91 17.70 -53.38
N LYS A 91 -9.95 16.87 -53.59
CA LYS A 91 -10.64 16.78 -54.88
C LYS A 91 -11.39 18.08 -55.18
N ALA A 92 -11.96 18.73 -54.18
CA ALA A 92 -12.67 20.00 -54.36
C ALA A 92 -11.71 21.11 -54.74
N ALA A 93 -10.51 21.13 -54.12
CA ALA A 93 -9.49 22.11 -54.42
C ALA A 93 -8.96 21.92 -55.85
N ASP A 94 -8.79 20.65 -56.31
CA ASP A 94 -8.36 20.34 -57.67
C ASP A 94 -9.37 20.85 -58.69
N ILE A 95 -10.66 20.67 -58.42
CA ILE A 95 -11.72 21.14 -59.31
C ILE A 95 -11.69 22.67 -59.36
N LEU A 96 -11.44 23.35 -58.22
CA LEU A 96 -11.35 24.81 -58.21
C LEU A 96 -10.18 25.30 -59.07
N VAL A 97 -9.01 24.63 -59.00
CA VAL A 97 -7.84 25.03 -59.80
C VAL A 97 -8.18 24.85 -61.29
N ARG A 98 -8.82 23.73 -61.64
CA ARG A 98 -9.21 23.45 -63.01
C ARG A 98 -10.14 24.55 -63.53
N ASP A 99 -11.17 24.91 -62.76
CA ASP A 99 -12.15 25.94 -63.17
C ASP A 99 -11.85 27.34 -62.64
N ALA A 100 -10.60 27.67 -62.30
CA ALA A 100 -10.28 28.99 -61.75
C ALA A 100 -10.62 30.13 -62.71
N GLU A 101 -10.39 29.95 -64.01
CA GLU A 101 -10.70 30.99 -65.01
C GLU A 101 -12.21 31.15 -65.16
N LYS A 102 -12.94 30.03 -65.23
CA LYS A 102 -14.39 30.02 -65.34
C LYS A 102 -15.04 30.66 -64.09
N ILE A 103 -14.56 30.32 -62.88
CA ILE A 103 -15.14 30.85 -61.65
C ILE A 103 -14.73 32.31 -61.47
N GLY A 104 -13.45 32.59 -61.68
CA GLY A 104 -12.87 33.92 -61.57
C GLY A 104 -13.51 34.93 -62.49
N ALA A 105 -13.89 34.51 -63.71
CA ALA A 105 -14.56 35.43 -64.65
C ALA A 105 -15.92 35.90 -64.10
N ILE A 106 -16.70 34.98 -63.50
CA ILE A 106 -18.01 35.35 -62.94
C ILE A 106 -17.81 36.15 -61.66
N LEU A 107 -16.90 35.70 -60.78
CA LEU A 107 -16.58 36.39 -59.52
C LEU A 107 -16.19 37.86 -59.77
N SER A 108 -15.35 38.10 -60.78
CA SER A 108 -14.90 39.43 -61.19
C SER A 108 -16.10 40.35 -61.48
N LYS A 109 -17.08 39.87 -62.28
CA LYS A 109 -18.25 40.64 -62.62
C LYS A 109 -19.16 40.81 -61.43
N GLU A 110 -19.34 39.76 -60.62
CA GLU A 110 -20.25 39.80 -59.49
C GLU A 110 -19.90 40.80 -58.38
N VAL A 111 -18.61 41.01 -58.07
CA VAL A 111 -18.23 41.94 -57.02
C VAL A 111 -17.28 43.05 -57.52
N ALA A 112 -17.24 43.31 -58.85
CA ALA A 112 -16.44 44.35 -59.48
C ALA A 112 -14.97 44.32 -59.00
N LYS A 113 -14.40 43.11 -59.05
CA LYS A 113 -13.03 42.84 -58.70
C LYS A 113 -12.31 42.60 -60.02
N GLY A 114 -11.05 43.03 -60.13
CA GLY A 114 -10.26 42.85 -61.34
C GLY A 114 -10.22 41.40 -61.78
N HIS A 115 -10.29 41.13 -63.10
CA HIS A 115 -10.33 39.76 -63.61
C HIS A 115 -9.21 38.86 -63.07
N LYS A 116 -7.96 39.33 -63.11
CA LYS A 116 -6.81 38.57 -62.62
C LYS A 116 -6.87 38.38 -61.10
N ALA A 117 -7.27 39.41 -60.36
CA ALA A 117 -7.38 39.33 -58.91
C ALA A 117 -8.47 38.32 -58.50
N ALA A 118 -9.57 38.24 -59.28
CA ALA A 118 -10.66 37.30 -59.02
C ALA A 118 -10.22 35.85 -59.28
N VAL A 119 -9.43 35.62 -60.35
CA VAL A 119 -8.88 34.28 -60.64
C VAL A 119 -7.90 33.90 -59.52
N SER A 120 -7.08 34.86 -59.05
CA SER A 120 -6.13 34.63 -57.96
C SER A 120 -6.85 34.22 -56.70
N GLU A 121 -8.00 34.84 -56.42
CA GLU A 121 -8.80 34.51 -55.24
C GLU A 121 -9.22 33.04 -55.25
N VAL A 122 -9.65 32.51 -56.41
CA VAL A 122 -10.07 31.12 -56.54
C VAL A 122 -8.84 30.18 -56.33
N ILE A 123 -7.67 30.56 -56.85
CA ILE A 123 -6.45 29.76 -56.66
C ILE A 123 -6.03 29.77 -55.18
N ARG A 124 -6.12 30.93 -54.50
CA ARG A 124 -5.80 31.04 -53.08
C ARG A 124 -6.76 30.20 -52.23
N THR A 125 -8.05 30.11 -52.64
CA THR A 125 -9.04 29.29 -51.95
C THR A 125 -8.63 27.83 -52.02
N ALA A 126 -8.25 27.34 -53.21
CA ALA A 126 -7.78 25.95 -53.38
C ALA A 126 -6.57 25.67 -52.46
N GLU A 127 -5.69 26.67 -52.27
CA GLU A 127 -4.49 26.53 -51.42
C GLU A 127 -4.89 26.38 -49.94
N ILE A 128 -5.87 27.17 -49.52
CA ILE A 128 -6.32 27.14 -48.15
C ILE A 128 -7.04 25.83 -47.87
N ILE A 129 -7.84 25.34 -48.83
CA ILE A 129 -8.58 24.10 -48.69
C ILE A 129 -7.61 22.93 -48.51
N ASN A 130 -6.64 22.83 -49.40
CA ASN A 130 -5.61 21.78 -49.34
C ASN A 130 -4.80 21.87 -48.02
N TYR A 131 -4.43 23.10 -47.61
CA TYR A 131 -3.64 23.28 -46.39
C TYR A 131 -4.47 22.85 -45.19
N ALA A 132 -5.78 23.17 -45.17
CA ALA A 132 -6.70 22.77 -44.11
C ALA A 132 -6.87 21.27 -44.07
N ALA A 133 -7.00 20.63 -45.23
CA ALA A 133 -7.11 19.17 -45.30
C ALA A 133 -5.89 18.49 -44.64
N GLU A 134 -4.68 18.95 -44.93
CA GLU A 134 -3.46 18.34 -44.37
C GLU A 134 -3.17 18.77 -42.92
N GLU A 135 -3.59 19.98 -42.52
CA GLU A 135 -3.41 20.44 -41.15
C GLU A 135 -4.35 19.67 -40.21
N GLY A 136 -5.61 19.55 -40.61
CA GLY A 136 -6.64 18.90 -39.83
C GLY A 136 -6.46 17.42 -39.67
N LEU A 137 -5.91 16.73 -40.67
CA LEU A 137 -5.75 15.27 -40.55
C LEU A 137 -4.68 14.89 -39.53
N ARG A 138 -3.74 15.80 -39.19
CA ARG A 138 -2.71 15.51 -38.17
C ARG A 138 -3.22 15.92 -36.78
N MET A 139 -4.55 15.90 -36.57
CA MET A 139 -5.22 16.30 -35.33
C MET A 139 -4.72 15.38 -34.23
N GLU A 140 -4.24 15.94 -33.12
CA GLU A 140 -3.76 15.14 -32.01
C GLU A 140 -4.50 15.46 -30.73
N GLY A 141 -4.52 14.48 -29.85
CA GLY A 141 -5.06 14.62 -28.52
C GLY A 141 -3.94 14.64 -27.49
N GLU A 142 -4.31 14.59 -26.22
CA GLU A 142 -3.36 14.62 -25.14
C GLU A 142 -3.72 13.62 -24.06
N VAL A 143 -2.69 13.15 -23.34
CA VAL A 143 -2.85 12.24 -22.23
C VAL A 143 -2.37 13.01 -21.04
N LEU A 144 -3.24 13.23 -20.06
CA LEU A 144 -2.87 13.97 -18.86
C LEU A 144 -2.78 13.01 -17.69
N GLU A 145 -1.87 13.29 -16.78
CA GLU A 145 -1.60 12.45 -15.63
C GLU A 145 -2.26 13.02 -14.39
N GLY A 146 -3.03 12.20 -13.68
CA GLY A 146 -3.63 12.61 -12.42
C GLY A 146 -2.55 12.90 -11.37
N GLY A 147 -1.43 12.16 -11.47
CA GLY A 147 -0.27 12.31 -10.60
C GLY A 147 0.47 13.62 -10.73
N SER A 148 0.18 14.41 -11.78
CA SER A 148 0.72 15.76 -11.93
C SER A 148 0.09 16.68 -10.88
N PHE A 149 -1.17 16.42 -10.45
CA PHE A 149 -1.90 17.27 -9.52
C PHE A 149 -1.93 16.70 -8.10
N GLU A 150 -2.20 15.39 -7.95
CA GLU A 150 -2.24 14.77 -6.61
C GLU A 150 -1.79 13.32 -6.66
N ALA A 151 -1.03 12.91 -5.63
CA ALA A 151 -0.46 11.57 -5.53
C ALA A 151 -1.51 10.47 -5.54
N ALA A 152 -2.65 10.68 -4.86
CA ALA A 152 -3.72 9.68 -4.80
C ALA A 152 -4.32 9.34 -6.18
N SER A 153 -4.21 10.26 -7.18
CA SER A 153 -4.74 10.03 -8.53
C SER A 153 -3.65 9.67 -9.54
N LYS A 154 -2.49 9.18 -9.10
CA LYS A 154 -1.40 8.86 -9.99
C LYS A 154 -1.72 7.77 -11.02
N LYS A 155 -2.64 6.84 -10.71
CA LYS A 155 -3.03 5.80 -11.67
C LYS A 155 -4.16 6.26 -12.62
N LYS A 156 -4.67 7.49 -12.45
CA LYS A 156 -5.75 8.03 -13.24
C LYS A 156 -5.17 8.88 -14.38
N ILE A 157 -5.61 8.63 -15.63
CA ILE A 157 -5.18 9.40 -16.80
C ILE A 157 -6.42 9.83 -17.58
N ALA A 158 -6.27 10.93 -18.34
CA ALA A 158 -7.31 11.45 -19.20
C ALA A 158 -6.86 11.35 -20.65
N ILE A 159 -7.60 10.60 -21.49
CA ILE A 159 -7.33 10.47 -22.93
C ILE A 159 -8.23 11.55 -23.53
N VAL A 160 -7.64 12.67 -23.93
CA VAL A 160 -8.37 13.83 -24.44
C VAL A 160 -8.24 13.85 -25.96
N ARG A 161 -9.37 13.73 -26.66
CA ARG A 161 -9.38 13.72 -28.12
C ARG A 161 -10.27 14.83 -28.65
N ARG A 162 -9.99 15.28 -29.87
CA ARG A 162 -10.75 16.33 -30.53
C ARG A 162 -12.01 15.77 -31.17
N GLU A 163 -13.06 16.56 -31.17
CA GLU A 163 -14.33 16.19 -31.79
C GLU A 163 -14.89 17.40 -32.51
N PRO A 164 -15.74 17.21 -33.54
CA PRO A 164 -16.37 18.38 -34.17
C PRO A 164 -17.36 19.05 -33.23
N VAL A 165 -17.62 20.35 -33.45
CA VAL A 165 -18.66 21.07 -32.69
C VAL A 165 -20.08 20.68 -33.20
N GLY A 166 -20.20 20.27 -34.47
CA GLY A 166 -21.45 19.82 -35.07
C GLY A 166 -21.71 20.50 -36.39
N LEU A 167 -22.74 21.35 -36.45
CA LEU A 167 -23.10 22.10 -37.65
C LEU A 167 -22.50 23.50 -37.54
N VAL A 168 -21.69 23.87 -38.54
CA VAL A 168 -21.09 25.19 -38.63
C VAL A 168 -21.85 25.97 -39.70
N LEU A 169 -22.30 27.19 -39.34
CA LEU A 169 -22.90 28.11 -40.29
C LEU A 169 -21.73 29.03 -40.68
N ALA A 170 -21.35 29.02 -41.96
CA ALA A 170 -20.27 29.86 -42.48
C ALA A 170 -20.92 30.97 -43.30
N ILE A 171 -20.59 32.24 -42.99
CA ILE A 171 -21.15 33.41 -43.68
C ILE A 171 -19.99 34.17 -44.31
N SER A 172 -19.85 34.11 -45.64
CA SER A 172 -18.74 34.75 -46.33
C SER A 172 -19.08 36.22 -46.69
N PRO A 173 -18.06 37.08 -46.91
CA PRO A 173 -18.35 38.49 -47.24
C PRO A 173 -18.34 38.74 -48.75
N PHE A 174 -18.84 39.90 -49.18
CA PHE A 174 -18.89 40.23 -50.61
C PHE A 174 -17.48 40.37 -51.21
N ASN A 175 -16.52 40.89 -50.43
CA ASN A 175 -15.19 41.21 -50.97
C ASN A 175 -14.34 39.98 -51.23
N TYR A 176 -14.57 38.86 -50.52
CA TYR A 176 -13.86 37.60 -50.73
C TYR A 176 -14.89 36.47 -50.61
N PRO A 177 -15.83 36.40 -51.58
CA PRO A 177 -16.93 35.43 -51.46
C PRO A 177 -16.56 33.98 -51.65
N VAL A 178 -15.42 33.70 -52.29
CA VAL A 178 -14.96 32.33 -52.49
C VAL A 178 -13.88 32.05 -51.44
N ASN A 179 -12.89 32.93 -51.32
CA ASN A 179 -11.76 32.76 -50.41
C ASN A 179 -12.18 32.73 -48.95
N LEU A 180 -13.04 33.67 -48.52
CA LEU A 180 -13.47 33.68 -47.12
C LEU A 180 -14.77 32.86 -46.89
N ALA A 181 -15.07 31.93 -47.82
CA ALA A 181 -16.06 30.87 -47.70
C ALA A 181 -15.18 29.59 -47.50
N GLY A 182 -14.20 29.35 -48.36
CA GLY A 182 -13.29 28.20 -48.24
C GLY A 182 -12.45 28.19 -46.98
N SER A 183 -12.04 29.37 -46.51
CA SER A 183 -11.28 29.50 -45.27
C SER A 183 -12.12 29.10 -44.01
N LYS A 184 -13.45 28.96 -44.15
CA LYS A 184 -14.35 28.54 -43.10
C LYS A 184 -14.78 27.09 -43.33
N ILE A 185 -15.14 26.75 -44.57
CA ILE A 185 -15.62 25.42 -44.95
C ILE A 185 -14.56 24.29 -44.77
N ALA A 186 -13.37 24.41 -45.37
CA ALA A 186 -12.36 23.33 -45.27
C ALA A 186 -11.91 23.02 -43.83
N PRO A 187 -11.61 24.04 -42.99
CA PRO A 187 -11.22 23.76 -41.60
C PRO A 187 -12.34 23.08 -40.80
N ALA A 188 -13.61 23.49 -41.05
CA ALA A 188 -14.77 22.90 -40.42
C ALA A 188 -14.97 21.44 -40.91
N LEU A 189 -14.91 21.19 -42.23
CA LEU A 189 -15.14 19.86 -42.78
C LEU A 189 -14.08 18.83 -42.39
N ILE A 190 -12.78 19.21 -42.39
CA ILE A 190 -11.71 18.25 -42.03
C ILE A 190 -11.90 17.74 -40.59
N ALA A 191 -12.36 18.62 -39.69
CA ALA A 191 -12.58 18.28 -38.28
C ALA A 191 -13.80 17.37 -38.02
N GLY A 192 -14.61 17.10 -39.04
CA GLY A 192 -15.78 16.25 -38.90
C GLY A 192 -17.09 17.02 -38.74
N ASN A 193 -17.06 18.35 -38.93
CA ASN A 193 -18.27 19.15 -38.85
C ASN A 193 -18.99 19.11 -40.19
N VAL A 194 -20.27 19.39 -40.16
CA VAL A 194 -21.10 19.56 -41.35
C VAL A 194 -21.26 21.10 -41.48
N VAL A 195 -21.46 21.57 -42.72
CA VAL A 195 -21.46 23.00 -42.98
C VAL A 195 -22.65 23.44 -43.81
N ALA A 196 -23.10 24.67 -43.56
CA ALA A 196 -24.08 25.37 -44.35
C ALA A 196 -23.38 26.71 -44.67
N LEU A 197 -23.17 26.99 -45.97
CA LEU A 197 -22.57 28.24 -46.41
C LEU A 197 -23.71 29.21 -46.75
N LYS A 198 -23.68 30.39 -46.15
CA LYS A 198 -24.59 31.46 -46.49
C LYS A 198 -23.70 32.52 -47.13
N PRO A 199 -23.59 32.56 -48.47
CA PRO A 199 -22.82 33.64 -49.08
C PRO A 199 -23.61 34.95 -49.06
N PRO A 200 -22.93 36.09 -49.25
CA PRO A 200 -23.68 37.35 -49.37
C PRO A 200 -24.49 37.33 -50.66
N THR A 201 -25.57 38.11 -50.76
CA THR A 201 -26.38 38.13 -51.99
C THR A 201 -25.52 38.60 -53.17
N GLN A 202 -24.74 39.69 -52.97
CA GLN A 202 -23.80 40.13 -53.98
C GLN A 202 -22.55 39.27 -53.72
N GLY A 203 -22.51 38.14 -54.38
CA GLY A 203 -21.46 37.13 -54.21
C GLY A 203 -22.01 35.70 -54.11
N SER A 204 -23.35 35.53 -54.16
CA SER A 204 -23.99 34.22 -54.05
C SER A 204 -23.77 33.32 -55.25
N ILE A 205 -23.62 33.87 -56.48
CA ILE A 205 -23.33 33.06 -57.67
C ILE A 205 -21.94 32.41 -57.46
N SER A 206 -20.96 33.18 -56.97
CA SER A 206 -19.60 32.69 -56.67
C SER A 206 -19.60 31.62 -55.58
N GLY A 207 -20.38 31.84 -54.52
CA GLY A 207 -20.52 30.89 -53.42
C GLY A 207 -21.13 29.59 -53.91
N LEU A 208 -22.10 29.67 -54.82
CA LEU A 208 -22.74 28.48 -55.40
C LEU A 208 -21.80 27.78 -56.41
N LEU A 209 -20.92 28.54 -57.10
CA LEU A 209 -19.92 27.93 -57.98
C LEU A 209 -18.89 27.18 -57.12
N LEU A 210 -18.52 27.72 -55.95
CA LEU A 210 -17.64 27.04 -54.99
C LEU A 210 -18.34 25.74 -54.52
N ALA A 211 -19.65 25.79 -54.26
CA ALA A 211 -20.41 24.61 -53.84
C ALA A 211 -20.47 23.54 -54.93
N GLU A 212 -20.54 23.93 -56.20
CA GLU A 212 -20.52 22.98 -57.31
C GLU A 212 -19.21 22.17 -57.31
N ALA A 213 -18.07 22.79 -56.90
CA ALA A 213 -16.80 22.08 -56.84
C ALA A 213 -16.83 21.00 -55.75
N PHE A 214 -17.41 21.32 -54.58
CA PHE A 214 -17.55 20.34 -53.49
C PHE A 214 -18.52 19.22 -53.86
N ALA A 215 -19.62 19.56 -54.57
CA ALA A 215 -20.59 18.56 -55.03
C ALA A 215 -19.95 17.63 -56.06
N GLU A 216 -19.19 18.18 -57.05
CA GLU A 216 -18.49 17.38 -58.05
C GLU A 216 -17.43 16.49 -57.39
N ALA A 217 -16.78 16.98 -56.31
CA ALA A 217 -15.82 16.17 -55.53
C ALA A 217 -16.51 14.97 -54.82
N GLY A 218 -17.85 14.92 -54.83
CA GLY A 218 -18.61 13.84 -54.24
C GLY A 218 -18.81 13.99 -52.76
N ILE A 219 -18.82 15.23 -52.22
CA ILE A 219 -19.04 15.46 -50.78
C ILE A 219 -20.38 14.79 -50.37
N PRO A 220 -20.44 13.92 -49.34
CA PRO A 220 -21.71 13.24 -49.04
C PRO A 220 -22.90 14.19 -48.84
N ALA A 221 -24.11 13.72 -49.19
CA ALA A 221 -25.34 14.50 -49.12
C ALA A 221 -25.57 15.02 -47.70
N GLY A 222 -25.80 16.34 -47.56
CA GLY A 222 -26.03 16.98 -46.28
C GLY A 222 -24.78 17.43 -45.55
N VAL A 223 -23.58 16.93 -45.93
CA VAL A 223 -22.33 17.32 -45.28
C VAL A 223 -21.99 18.78 -45.60
N PHE A 224 -22.20 19.20 -46.86
CA PHE A 224 -21.97 20.57 -47.27
C PHE A 224 -23.23 21.03 -48.00
N ASN A 225 -23.79 22.17 -47.57
CA ASN A 225 -25.01 22.75 -48.13
C ASN A 225 -24.89 24.26 -48.27
N THR A 226 -25.74 24.87 -49.08
CA THR A 226 -25.76 26.31 -49.22
C THR A 226 -27.14 26.86 -48.94
N ILE A 227 -27.16 28.12 -48.48
CA ILE A 227 -28.36 28.88 -48.20
C ILE A 227 -28.20 30.21 -48.89
N THR A 228 -29.23 30.66 -49.63
CA THR A 228 -29.25 31.98 -50.24
C THR A 228 -30.62 32.58 -49.97
N GLY A 229 -30.66 33.87 -49.70
CA GLY A 229 -31.90 34.55 -49.45
C GLY A 229 -31.75 35.97 -48.96
N ARG A 230 -32.90 36.62 -48.78
CA ARG A 230 -32.94 38.01 -48.33
C ARG A 230 -32.80 38.05 -46.81
N GLY A 231 -32.02 38.99 -46.29
CA GLY A 231 -31.81 39.20 -44.86
C GLY A 231 -33.10 39.45 -44.10
N SER A 232 -34.08 40.14 -44.72
CA SER A 232 -35.35 40.38 -44.06
C SER A 232 -36.18 39.09 -43.85
N VAL A 233 -35.94 38.03 -44.66
CA VAL A 233 -36.68 36.77 -44.57
C VAL A 233 -35.94 35.75 -43.71
N ILE A 234 -34.61 35.60 -43.92
CA ILE A 234 -33.84 34.57 -43.21
C ILE A 234 -32.57 35.05 -42.47
N GLY A 235 -32.25 36.33 -42.50
CA GLY A 235 -31.05 36.89 -41.87
C GLY A 235 -30.78 36.45 -40.43
N ASP A 236 -31.69 36.79 -39.53
CA ASP A 236 -31.58 36.38 -38.13
C ASP A 236 -31.92 34.91 -37.96
N TYR A 237 -32.90 34.40 -38.73
CA TYR A 237 -33.34 33.01 -38.66
C TYR A 237 -32.20 31.99 -38.78
N ILE A 238 -31.30 32.17 -39.76
CA ILE A 238 -30.20 31.23 -39.97
C ILE A 238 -29.27 31.14 -38.77
N VAL A 239 -29.09 32.27 -38.03
CA VAL A 239 -28.18 32.34 -36.89
C VAL A 239 -28.83 31.86 -35.61
N GLU A 240 -30.05 32.32 -35.32
CA GLU A 240 -30.75 31.95 -34.09
C GLU A 240 -31.20 30.46 -34.06
N HIS A 241 -31.30 29.74 -35.23
CA HIS A 241 -31.73 28.32 -35.30
C HIS A 241 -30.91 27.41 -34.37
N GLU A 242 -31.62 26.62 -33.53
CA GLU A 242 -31.00 25.72 -32.56
C GLU A 242 -30.16 24.60 -33.18
N ALA A 243 -30.31 24.29 -34.47
CA ALA A 243 -29.49 23.27 -35.13
C ALA A 243 -28.03 23.74 -35.30
N VAL A 244 -27.82 25.07 -35.44
CA VAL A 244 -26.49 25.62 -35.63
C VAL A 244 -25.69 25.57 -34.32
N ASN A 245 -24.51 24.96 -34.35
CA ASN A 245 -23.63 24.83 -33.19
C ASN A 245 -22.47 25.83 -33.15
N PHE A 246 -22.18 26.48 -34.30
CA PHE A 246 -21.08 27.44 -34.43
C PHE A 246 -21.38 28.40 -35.58
N ILE A 247 -21.09 29.69 -35.42
CA ILE A 247 -21.28 30.66 -36.48
C ILE A 247 -19.92 31.26 -36.76
N ASN A 248 -19.48 31.16 -38.01
CA ASN A 248 -18.20 31.67 -38.46
C ASN A 248 -18.54 32.71 -39.52
N PHE A 249 -18.41 34.00 -39.19
CA PHE A 249 -18.84 35.12 -40.02
C PHE A 249 -17.76 36.16 -40.32
N THR A 250 -17.77 36.70 -41.56
CA THR A 250 -16.94 37.84 -41.97
C THR A 250 -17.92 38.86 -42.56
N GLY A 251 -17.81 40.10 -42.10
CA GLY A 251 -18.71 41.15 -42.53
C GLY A 251 -18.61 42.38 -41.66
N SER A 252 -19.63 43.23 -41.70
CA SER A 252 -19.60 44.49 -40.96
C SER A 252 -19.73 44.30 -39.45
N THR A 253 -19.16 45.26 -38.69
CA THR A 253 -19.17 45.24 -37.23
C THR A 253 -20.61 45.22 -36.66
N PRO A 254 -21.53 46.10 -37.09
CA PRO A 254 -22.90 46.03 -36.55
C PRO A 254 -23.58 44.68 -36.77
N ILE A 255 -23.40 44.05 -37.95
CA ILE A 255 -23.99 42.71 -38.20
C ILE A 255 -23.35 41.68 -37.26
N GLY A 256 -22.02 41.74 -37.14
CA GLY A 256 -21.28 40.89 -36.22
C GLY A 256 -21.72 40.99 -34.78
N GLU A 257 -22.00 42.23 -34.31
CA GLU A 257 -22.49 42.52 -32.95
C GLU A 257 -23.82 41.82 -32.72
N GLY A 258 -24.72 41.88 -33.72
CA GLY A 258 -25.99 41.22 -33.66
C GLY A 258 -25.84 39.71 -33.63
N ILE A 259 -24.93 39.16 -34.44
CA ILE A 259 -24.68 37.72 -34.46
C ILE A 259 -24.21 37.25 -33.08
N GLY A 260 -23.35 38.02 -32.41
CA GLY A 260 -22.87 37.67 -31.07
C GLY A 260 -24.00 37.48 -30.07
N LYS A 261 -25.02 38.37 -30.13
CA LYS A 261 -26.18 38.31 -29.27
C LYS A 261 -27.06 37.11 -29.64
N LEU A 262 -27.34 36.92 -30.95
CA LEU A 262 -28.14 35.81 -31.44
C LEU A 262 -27.50 34.44 -31.19
N ALA A 263 -26.17 34.38 -31.09
CA ALA A 263 -25.48 33.14 -30.80
C ALA A 263 -25.73 32.66 -29.38
N GLY A 264 -26.00 33.57 -28.45
CA GLY A 264 -26.21 33.22 -27.05
C GLY A 264 -24.92 32.70 -26.45
N MET A 265 -24.93 31.45 -26.00
CA MET A 265 -23.74 30.81 -25.45
C MET A 265 -22.93 30.07 -26.51
N ARG A 266 -23.43 29.94 -27.76
CA ARG A 266 -22.74 29.13 -28.77
C ARG A 266 -21.45 29.74 -29.27
N PRO A 267 -20.43 28.93 -29.58
CA PRO A 267 -19.17 29.49 -30.07
C PRO A 267 -19.28 30.21 -31.42
N ILE A 268 -18.51 31.30 -31.57
CA ILE A 268 -18.49 32.11 -32.77
C ILE A 268 -17.07 32.51 -33.16
N MET A 269 -16.93 32.89 -34.43
CA MET A 269 -15.72 33.45 -34.98
C MET A 269 -16.20 34.64 -35.82
N LEU A 270 -15.76 35.85 -35.49
CA LEU A 270 -16.18 37.05 -36.19
C LEU A 270 -14.97 37.77 -36.77
N GLU A 271 -15.03 38.12 -38.06
CA GLU A 271 -13.99 38.88 -38.75
C GLU A 271 -14.72 40.13 -39.18
N LEU A 272 -14.46 41.26 -38.50
CA LEU A 272 -15.23 42.49 -38.68
C LEU A 272 -14.39 43.66 -39.25
N GLY A 273 -14.87 44.89 -39.11
CA GLY A 273 -14.19 46.08 -39.62
C GLY A 273 -12.77 46.26 -39.13
N GLY A 274 -12.07 47.12 -39.83
CA GLY A 274 -10.72 47.52 -39.50
C GLY A 274 -10.51 48.99 -39.83
N LYS A 275 -9.54 49.58 -39.15
CA LYS A 275 -9.06 50.93 -39.43
C LYS A 275 -7.53 50.86 -39.22
N ASP A 276 -6.88 49.89 -39.86
CA ASP A 276 -5.45 49.64 -39.67
C ASP A 276 -4.59 50.88 -39.83
N SER A 277 -3.71 51.14 -38.86
CA SER A 277 -2.81 52.27 -38.94
C SER A 277 -1.43 51.85 -39.40
N ALA A 278 -0.74 52.78 -40.09
CA ALA A 278 0.65 52.62 -40.56
C ALA A 278 1.41 53.67 -39.81
N ILE A 279 2.13 53.28 -38.76
CA ILE A 279 2.90 54.20 -37.96
C ILE A 279 4.25 54.35 -38.64
N VAL A 280 4.58 55.57 -39.11
CA VAL A 280 5.85 55.84 -39.81
C VAL A 280 6.73 56.68 -38.92
N LEU A 281 7.87 56.13 -38.46
CA LEU A 281 8.77 56.84 -37.58
C LEU A 281 9.84 57.63 -38.37
N GLU A 282 10.57 58.50 -37.70
CA GLU A 282 11.56 59.36 -38.36
C GLU A 282 12.66 58.56 -39.10
N ASP A 283 13.06 57.41 -38.57
CA ASP A 283 14.13 56.61 -39.19
C ASP A 283 13.62 55.60 -40.25
N ALA A 284 12.36 55.74 -40.72
CA ALA A 284 11.79 54.84 -41.70
C ALA A 284 12.33 55.04 -43.12
N ASP A 285 12.27 53.96 -43.93
CA ASP A 285 12.58 54.00 -45.34
C ASP A 285 11.26 54.51 -45.94
N LEU A 286 11.17 55.81 -46.25
CA LEU A 286 9.93 56.43 -46.70
C LEU A 286 9.42 55.92 -48.06
N ALA A 287 10.32 55.56 -48.99
CA ALA A 287 9.89 55.02 -50.28
C ALA A 287 9.23 53.65 -50.08
N LEU A 288 9.81 52.81 -49.21
CA LEU A 288 9.26 51.50 -48.90
C LEU A 288 7.94 51.67 -48.16
N ALA A 289 7.87 52.61 -47.20
CA ALA A 289 6.65 52.89 -46.46
C ALA A 289 5.53 53.32 -47.42
N ALA A 290 5.81 54.24 -48.36
CA ALA A 290 4.83 54.72 -49.35
C ALA A 290 4.36 53.59 -50.25
N LYS A 291 5.28 52.73 -50.73
CA LYS A 291 4.95 51.60 -51.60
C LYS A 291 3.96 50.64 -50.92
N ASN A 292 4.27 50.28 -49.66
CA ASN A 292 3.43 49.37 -48.89
C ASN A 292 2.11 50.01 -48.49
N ILE A 293 2.15 51.27 -48.07
CA ILE A 293 0.95 51.99 -47.67
C ILE A 293 -0.02 52.09 -48.86
N VAL A 294 0.46 52.43 -50.07
CA VAL A 294 -0.42 52.57 -51.23
C VAL A 294 -0.97 51.22 -51.70
N ALA A 295 -0.14 50.17 -51.73
CA ALA A 295 -0.58 48.83 -52.14
C ALA A 295 -1.65 48.32 -51.16
N GLY A 296 -1.42 48.49 -49.86
CA GLY A 296 -2.36 48.08 -48.83
C GLY A 296 -3.64 48.90 -48.73
N ALA A 297 -3.55 50.23 -48.89
CA ALA A 297 -4.73 51.10 -48.75
C ALA A 297 -5.68 51.08 -49.93
N PHE A 298 -5.13 50.99 -51.14
CA PHE A 298 -5.91 51.08 -52.37
C PHE A 298 -6.19 49.73 -53.04
N GLY A 299 -5.71 48.61 -52.47
CA GLY A 299 -6.02 47.29 -53.00
C GLY A 299 -7.52 47.02 -53.01
N TYR A 300 -8.07 46.63 -54.18
CA TYR A 300 -9.49 46.40 -54.37
C TYR A 300 -10.31 47.66 -53.97
N SER A 301 -9.79 48.84 -54.37
CA SER A 301 -10.36 50.16 -54.07
C SER A 301 -10.60 50.40 -52.57
N GLY A 302 -9.77 49.82 -51.71
CA GLY A 302 -9.90 49.94 -50.27
C GLY A 302 -11.02 49.15 -49.63
N GLN A 303 -11.63 48.19 -50.37
CA GLN A 303 -12.75 47.38 -49.89
C GLN A 303 -12.25 46.11 -49.19
N ARG A 304 -11.40 46.28 -48.19
CA ARG A 304 -10.81 45.17 -47.43
C ARG A 304 -10.71 45.58 -45.97
N CYS A 305 -11.03 44.67 -45.04
CA CYS A 305 -10.96 44.95 -43.60
C CYS A 305 -9.49 45.14 -43.18
N THR A 306 -8.58 44.30 -43.73
CA THR A 306 -7.12 44.37 -43.52
C THR A 306 -6.58 45.26 -44.62
N ALA A 307 -6.56 46.53 -44.35
CA ALA A 307 -6.10 47.53 -45.28
C ALA A 307 -5.54 48.67 -44.48
N VAL A 308 -4.52 49.34 -45.03
CA VAL A 308 -3.96 50.51 -44.38
C VAL A 308 -5.04 51.60 -44.56
N LYS A 309 -5.65 51.98 -43.45
CA LYS A 309 -6.73 52.94 -43.43
C LYS A 309 -6.36 54.25 -42.78
N ARG A 310 -5.15 54.40 -42.24
CA ARG A 310 -4.71 55.70 -41.70
C ARG A 310 -3.20 55.69 -41.48
N VAL A 311 -2.51 56.73 -41.95
CA VAL A 311 -1.08 56.84 -41.80
C VAL A 311 -0.85 57.78 -40.61
N LEU A 312 -0.08 57.31 -39.60
CA LEU A 312 0.25 58.07 -38.40
C LEU A 312 1.75 58.32 -38.49
N VAL A 313 2.13 59.45 -39.09
CA VAL A 313 3.53 59.76 -39.40
C VAL A 313 4.12 60.91 -38.54
N MET A 314 5.41 60.78 -38.18
CA MET A 314 6.13 61.79 -37.41
C MET A 314 6.26 63.06 -38.28
N ASP A 315 5.92 64.25 -37.72
CA ASP A 315 5.95 65.53 -38.44
CA ASP A 315 5.91 65.49 -38.49
C ASP A 315 7.23 65.76 -39.24
N LYS A 316 8.39 65.44 -38.66
CA LYS A 316 9.67 65.67 -39.33
C LYS A 316 9.79 64.99 -40.71
N VAL A 317 9.16 63.81 -40.89
CA VAL A 317 9.21 63.06 -42.18
C VAL A 317 7.88 63.05 -42.95
N ALA A 318 6.82 63.68 -42.40
CA ALA A 318 5.48 63.70 -42.99
C ALA A 318 5.38 64.33 -44.40
N ASP A 319 6.08 65.47 -44.66
CA ASP A 319 6.01 66.12 -45.97
C ASP A 319 6.58 65.23 -47.06
N GLN A 320 7.75 64.61 -46.81
CA GLN A 320 8.37 63.73 -47.82
C GLN A 320 7.53 62.46 -48.01
N LEU A 321 7.01 61.85 -46.93
CA LEU A 321 6.18 60.66 -47.06
C LEU A 321 4.93 60.96 -47.86
N ALA A 322 4.27 62.11 -47.57
CA ALA A 322 3.05 62.51 -48.25
C ALA A 322 3.27 62.68 -49.75
N ALA A 323 4.42 63.26 -50.12
CA ALA A 323 4.80 63.47 -51.51
C ALA A 323 5.02 62.14 -52.25
N GLU A 324 5.64 61.17 -51.56
CA GLU A 324 5.92 59.85 -52.13
C GLU A 324 4.66 59.02 -52.26
N ILE A 325 3.72 59.14 -51.31
CA ILE A 325 2.43 58.45 -51.40
C ILE A 325 1.66 59.06 -52.56
N LYS A 326 1.62 60.39 -52.65
CA LYS A 326 0.93 61.11 -53.73
C LYS A 326 1.37 60.66 -55.14
N THR A 327 2.68 60.60 -55.39
CA THR A 327 3.19 60.18 -56.70
C THR A 327 2.72 58.77 -57.09
N LEU A 328 2.66 57.86 -56.12
CA LEU A 328 2.19 56.50 -56.36
C LEU A 328 0.67 56.42 -56.54
N VAL A 329 -0.11 57.21 -55.77
CA VAL A 329 -1.57 57.23 -55.90
C VAL A 329 -1.98 57.78 -57.28
N GLU A 330 -1.23 58.76 -57.80
CA GLU A 330 -1.50 59.33 -59.13
C GLU A 330 -1.26 58.30 -60.26
N LYS A 331 -0.42 57.26 -60.03
CA LYS A 331 -0.14 56.22 -61.02
C LYS A 331 -1.21 55.14 -61.08
N LEU A 332 -2.03 54.98 -60.02
CA LEU A 332 -3.05 53.92 -59.97
C LEU A 332 -4.05 54.05 -61.11
N SER A 333 -4.31 52.95 -61.82
CA SER A 333 -5.30 52.95 -62.90
C SER A 333 -6.70 52.95 -62.30
N VAL A 334 -7.62 53.66 -62.93
CA VAL A 334 -9.01 53.79 -62.46
C VAL A 334 -9.87 53.36 -63.64
N GLY A 335 -10.66 52.30 -63.45
CA GLY A 335 -11.46 51.77 -64.54
C GLY A 335 -12.27 50.54 -64.23
N MET A 336 -12.45 49.67 -65.23
CA MET A 336 -13.31 48.50 -65.13
C MET A 336 -12.60 47.22 -64.70
N PRO A 337 -13.32 46.31 -64.00
CA PRO A 337 -12.70 45.03 -63.60
C PRO A 337 -12.10 44.22 -64.75
N GLU A 338 -12.76 44.22 -65.93
CA GLU A 338 -12.24 43.48 -67.10
C GLU A 338 -10.89 43.98 -67.54
N ASP A 339 -10.57 45.26 -67.32
CA ASP A 339 -9.28 45.84 -67.69
C ASP A 339 -8.25 45.77 -66.55
N ASP A 340 -8.51 44.99 -65.49
CA ASP A 340 -7.61 44.82 -64.35
C ASP A 340 -7.15 46.13 -63.75
N ALA A 341 -8.08 47.08 -63.62
CA ALA A 341 -7.77 48.38 -63.03
C ALA A 341 -7.51 48.25 -61.54
N ASP A 342 -6.63 49.10 -61.00
CA ASP A 342 -6.33 49.09 -59.57
C ASP A 342 -7.56 49.54 -58.80
N ILE A 343 -8.18 50.63 -59.25
CA ILE A 343 -9.39 51.18 -58.65
C ILE A 343 -10.56 50.87 -59.56
N THR A 344 -11.44 49.97 -59.11
CA THR A 344 -12.64 49.55 -59.85
C THR A 344 -13.91 50.13 -59.17
N PRO A 345 -15.10 50.06 -59.82
CA PRO A 345 -16.31 50.60 -59.18
C PRO A 345 -16.64 49.91 -57.86
N LEU A 346 -17.18 50.68 -56.91
CA LEU A 346 -17.52 50.15 -55.60
C LEU A 346 -18.73 49.23 -55.65
N ILE A 347 -18.87 48.39 -54.63
CA ILE A 347 -19.87 47.33 -54.60
C ILE A 347 -21.31 47.83 -54.87
N ASP A 348 -21.67 49.02 -54.39
CA ASP A 348 -22.99 49.57 -54.65
C ASP A 348 -23.03 51.08 -54.46
N THR A 349 -24.14 51.72 -54.83
CA THR A 349 -24.31 53.17 -54.75
C THR A 349 -24.17 53.65 -53.32
N SER A 350 -24.78 52.94 -52.37
CA SER A 350 -24.71 53.30 -50.95
C SER A 350 -23.27 53.37 -50.45
N ALA A 351 -22.42 52.43 -50.88
CA ALA A 351 -21.02 52.40 -50.49
C ALA A 351 -20.29 53.63 -51.03
N ALA A 352 -20.52 53.98 -52.31
CA ALA A 352 -19.88 55.14 -52.92
C ALA A 352 -20.41 56.46 -52.32
N ASP A 353 -21.71 56.53 -51.97
CA ASP A 353 -22.28 57.71 -51.33
C ASP A 353 -21.63 57.92 -49.95
N PHE A 354 -21.43 56.82 -49.20
CA PHE A 354 -20.82 56.88 -47.88
C PHE A 354 -19.37 57.39 -47.97
N VAL A 355 -18.62 56.92 -48.95
CA VAL A 355 -17.23 57.32 -49.15
C VAL A 355 -17.17 58.79 -49.55
N GLU A 356 -18.07 59.23 -50.43
CA GLU A 356 -18.13 60.63 -50.83
C GLU A 356 -18.42 61.55 -49.62
N GLY A 357 -19.24 61.10 -48.69
CA GLY A 357 -19.56 61.86 -47.48
C GLY A 357 -18.35 62.05 -46.58
N LEU A 358 -17.49 61.03 -46.47
CA LEU A 358 -16.27 61.11 -45.67
C LEU A 358 -15.28 62.08 -46.32
N ILE A 359 -15.19 62.03 -47.66
CA ILE A 359 -14.32 62.93 -48.43
C ILE A 359 -14.82 64.38 -48.23
N LYS A 360 -16.14 64.59 -48.31
CA LYS A 360 -16.70 65.91 -48.13
C LYS A 360 -16.43 66.45 -46.72
N ASP A 361 -16.60 65.61 -45.69
CA ASP A 361 -16.36 66.01 -44.31
C ASP A 361 -14.93 66.44 -44.10
N ALA A 362 -13.96 65.71 -44.69
CA ALA A 362 -12.55 66.06 -44.55
C ALA A 362 -12.25 67.37 -45.29
N THR A 363 -12.77 67.54 -46.51
CA THR A 363 -12.55 68.78 -47.27
C THR A 363 -13.11 69.99 -46.51
N ASP A 364 -14.33 69.87 -46.00
CA ASP A 364 -14.98 70.95 -45.27
C ASP A 364 -14.26 71.28 -43.96
N LYS A 365 -13.60 70.30 -43.33
CA LYS A 365 -12.86 70.56 -42.09
C LYS A 365 -11.39 70.99 -42.31
N GLY A 366 -10.99 71.25 -43.55
CA GLY A 366 -9.66 71.78 -43.85
C GLY A 366 -8.56 70.80 -44.20
N ALA A 367 -8.87 69.51 -44.49
CA ALA A 367 -7.83 68.57 -44.89
C ALA A 367 -7.39 68.91 -46.31
N THR A 368 -6.13 68.63 -46.63
CA THR A 368 -5.55 68.93 -47.92
C THR A 368 -5.70 67.74 -48.86
N ALA A 369 -6.47 67.89 -49.96
CA ALA A 369 -6.63 66.82 -50.93
C ALA A 369 -5.41 66.79 -51.85
N LEU A 370 -4.53 65.82 -51.65
CA LEU A 370 -3.32 65.69 -52.47
C LEU A 370 -3.60 65.08 -53.84
N THR A 371 -4.69 64.32 -53.99
CA THR A 371 -5.15 63.77 -55.27
C THR A 371 -6.64 64.10 -55.39
N ALA A 372 -7.09 64.47 -56.59
CA ALA A 372 -8.44 64.96 -56.81
C ALA A 372 -9.54 63.93 -56.68
N PHE A 373 -10.71 64.37 -56.17
CA PHE A 373 -11.89 63.55 -56.05
C PHE A 373 -12.66 63.61 -57.37
N ASN A 374 -12.99 62.45 -57.93
CA ASN A 374 -13.83 62.34 -59.12
C ASN A 374 -14.70 61.08 -58.96
N ARG A 375 -15.95 61.15 -59.39
CA ARG A 375 -16.86 60.01 -59.31
C ARG A 375 -17.65 59.90 -60.62
N GLU A 376 -17.65 58.69 -61.22
CA GLU A 376 -18.39 58.39 -62.45
C GLU A 376 -19.18 57.12 -62.11
N GLY A 377 -20.47 57.28 -61.80
CA GLY A 377 -21.29 56.17 -61.36
C GLY A 377 -20.87 55.84 -59.95
N ASN A 378 -20.40 54.62 -59.70
CA ASN A 378 -19.84 54.24 -58.39
C ASN A 378 -18.31 54.06 -58.46
N LEU A 379 -17.65 54.64 -59.49
CA LEU A 379 -16.21 54.61 -59.67
C LEU A 379 -15.64 55.90 -59.11
N ILE A 380 -15.09 55.82 -57.88
CA ILE A 380 -14.48 56.96 -57.20
C ILE A 380 -12.98 56.89 -57.47
N SER A 381 -12.37 58.00 -57.87
CA SER A 381 -10.92 58.08 -58.08
C SER A 381 -10.23 58.05 -56.71
N PRO A 382 -8.99 57.57 -56.60
CA PRO A 382 -8.33 57.51 -55.28
C PRO A 382 -7.98 58.87 -54.70
N VAL A 383 -8.47 59.14 -53.49
CA VAL A 383 -8.27 60.43 -52.83
C VAL A 383 -7.31 60.27 -51.65
N LEU A 384 -6.24 61.06 -51.66
CA LEU A 384 -5.25 61.06 -50.59
C LEU A 384 -5.44 62.38 -49.86
N PHE A 385 -5.56 62.33 -48.54
CA PHE A 385 -5.73 63.55 -47.73
C PHE A 385 -4.54 63.68 -46.77
N ASP A 386 -4.07 64.92 -46.58
CA ASP A 386 -3.02 65.26 -45.64
C ASP A 386 -3.57 66.28 -44.65
N HIS A 387 -2.90 66.40 -43.50
CA HIS A 387 -3.33 67.30 -42.43
C HIS A 387 -4.71 66.91 -41.92
N VAL A 388 -4.93 65.60 -41.76
CA VAL A 388 -6.17 65.05 -41.23
C VAL A 388 -6.08 65.13 -39.71
N THR A 389 -7.12 65.63 -39.07
CA THR A 389 -7.15 65.78 -37.63
C THR A 389 -8.15 64.77 -37.06
N THR A 390 -8.08 64.53 -35.75
CA THR A 390 -8.98 63.57 -35.08
C THR A 390 -10.44 64.04 -35.02
N ASP A 391 -10.74 65.31 -35.39
CA ASP A 391 -12.14 65.79 -35.43
C ASP A 391 -12.85 65.40 -36.75
N MET A 392 -12.10 64.87 -37.75
CA MET A 392 -12.65 64.46 -39.04
C MET A 392 -13.12 63.01 -38.94
N ARG A 393 -14.26 62.70 -39.59
CA ARG A 393 -14.81 61.35 -39.61
C ARG A 393 -13.84 60.36 -40.26
N LEU A 394 -13.12 60.82 -41.31
CA LEU A 394 -12.17 59.97 -42.04
C LEU A 394 -11.01 59.49 -41.14
N ALA A 395 -10.75 60.15 -39.99
CA ALA A 395 -9.71 59.69 -39.08
C ALA A 395 -10.12 58.40 -38.35
N TRP A 396 -11.45 58.11 -38.23
CA TRP A 396 -11.97 56.98 -37.48
C TRP A 396 -12.82 55.97 -38.25
N GLU A 397 -13.74 56.43 -39.11
CA GLU A 397 -14.67 55.54 -39.79
C GLU A 397 -14.07 54.73 -40.93
N GLU A 398 -14.39 53.43 -41.01
CA GLU A 398 -13.93 52.54 -42.07
C GLU A 398 -14.67 52.93 -43.38
N PRO A 399 -14.01 53.49 -44.42
CA PRO A 399 -14.75 53.89 -45.62
C PRO A 399 -15.22 52.76 -46.53
N PHE A 400 -14.35 51.74 -46.76
CA PHE A 400 -14.55 50.69 -47.76
C PHE A 400 -14.60 51.39 -49.16
N GLY A 401 -13.61 52.26 -49.39
CA GLY A 401 -13.46 53.07 -50.58
C GLY A 401 -12.05 53.60 -50.72
N PRO A 402 -11.68 54.11 -51.93
CA PRO A 402 -10.30 54.51 -52.15
C PRO A 402 -9.99 55.91 -51.64
N VAL A 403 -9.95 56.04 -50.32
CA VAL A 403 -9.63 57.29 -49.67
C VAL A 403 -8.72 56.96 -48.48
N LEU A 404 -7.62 57.70 -48.33
CA LEU A 404 -6.67 57.44 -47.26
C LEU A 404 -6.27 58.75 -46.57
N PRO A 405 -6.45 58.85 -45.24
CA PRO A 405 -5.98 60.04 -44.52
C PRO A 405 -4.54 59.88 -44.03
N ILE A 406 -3.79 61.01 -43.96
CA ILE A 406 -2.46 61.10 -43.37
C ILE A 406 -2.63 62.03 -42.15
N ILE A 407 -2.32 61.52 -40.94
CA ILE A 407 -2.39 62.25 -39.68
C ILE A 407 -0.96 62.44 -39.19
N ARG A 408 -0.57 63.69 -38.94
CA ARG A 408 0.78 64.05 -38.45
C ARG A 408 0.81 64.02 -36.91
N VAL A 409 1.83 63.37 -36.35
CA VAL A 409 2.01 63.22 -34.90
C VAL A 409 3.39 63.75 -34.50
N THR A 410 3.54 64.20 -33.26
CA THR A 410 4.80 64.75 -32.75
C THR A 410 5.65 63.69 -32.03
N THR A 411 5.01 62.71 -31.36
CA THR A 411 5.70 61.67 -30.62
C THR A 411 5.15 60.28 -30.96
N VAL A 412 5.91 59.21 -30.65
CA VAL A 412 5.43 57.84 -30.88
C VAL A 412 4.30 57.52 -29.87
N GLU A 413 4.36 58.11 -28.65
CA GLU A 413 3.31 57.96 -27.63
C GLU A 413 1.96 58.45 -28.19
N GLU A 414 1.98 59.57 -28.95
CA GLU A 414 0.80 60.13 -29.60
C GLU A 414 0.29 59.19 -30.68
N ALA A 415 1.21 58.59 -31.47
CA ALA A 415 0.86 57.64 -32.52
C ALA A 415 0.15 56.43 -31.92
N ILE A 416 0.67 55.87 -30.79
CA ILE A 416 0.07 54.72 -30.09
C ILE A 416 -1.30 55.10 -29.55
N LYS A 417 -1.38 56.26 -28.88
CA LYS A 417 -2.64 56.75 -28.32
C LYS A 417 -3.73 56.89 -29.41
N ILE A 418 -3.40 57.55 -30.55
CA ILE A 418 -4.38 57.74 -31.62
C ILE A 418 -4.76 56.39 -32.24
N SER A 419 -3.76 55.50 -32.49
CA SER A 419 -4.04 54.18 -33.03
C SER A 419 -5.03 53.37 -32.10
N ASN A 420 -4.75 53.33 -30.78
CA ASN A 420 -5.59 52.62 -29.81
C ASN A 420 -6.94 53.29 -29.51
N GLU A 421 -7.10 54.62 -29.78
CA GLU A 421 -8.39 55.30 -29.57
C GLU A 421 -9.47 54.73 -30.51
N SER A 422 -9.08 54.08 -31.60
CA SER A 422 -10.02 53.47 -32.54
C SER A 422 -10.78 52.33 -31.87
N GLU A 423 -12.05 52.17 -32.23
CA GLU A 423 -12.83 51.03 -31.77
C GLU A 423 -12.34 49.71 -32.47
N TYR A 424 -11.59 49.83 -33.59
CA TYR A 424 -11.05 48.69 -34.30
C TYR A 424 -9.62 48.34 -33.83
N GLY A 425 -9.23 47.10 -34.04
CA GLY A 425 -7.91 46.64 -33.66
C GLY A 425 -7.53 45.42 -34.46
N LEU A 426 -7.69 45.47 -35.77
CA LEU A 426 -7.40 44.32 -36.62
C LEU A 426 -5.87 44.14 -36.77
N GLN A 427 -5.20 45.04 -37.50
CA GLN A 427 -3.76 44.99 -37.69
C GLN A 427 -3.16 46.39 -37.66
N ALA A 428 -1.84 46.46 -37.56
CA ALA A 428 -1.09 47.70 -37.62
C ALA A 428 0.23 47.44 -38.35
N SER A 429 0.79 48.49 -38.94
CA SER A 429 2.07 48.46 -39.62
C SER A 429 2.98 49.46 -38.91
N ILE A 430 4.27 49.14 -38.78
CA ILE A 430 5.23 50.04 -38.17
C ILE A 430 6.40 50.08 -39.13
N PHE A 431 6.71 51.27 -39.66
CA PHE A 431 7.83 51.48 -40.56
C PHE A 431 8.92 52.20 -39.79
N THR A 432 10.02 51.48 -39.55
CA THR A 432 11.16 51.97 -38.78
C THR A 432 12.38 51.04 -38.99
N THR A 433 13.59 51.55 -38.72
CA THR A 433 14.79 50.71 -38.76
C THR A 433 15.16 50.20 -37.34
N ASN A 434 14.48 50.67 -36.27
CA ASN A 434 14.73 50.26 -34.89
C ASN A 434 13.72 49.17 -34.47
N PHE A 435 14.08 47.89 -34.64
CA PHE A 435 13.18 46.77 -34.33
C PHE A 435 12.93 46.51 -32.84
N PRO A 436 13.90 46.64 -31.92
CA PRO A 436 13.58 46.46 -30.49
C PRO A 436 12.52 47.47 -30.03
N LYS A 437 12.58 48.71 -30.55
CA LYS A 437 11.60 49.75 -30.28
C LYS A 437 10.27 49.40 -30.96
N ALA A 438 10.32 48.92 -32.22
CA ALA A 438 9.12 48.51 -32.95
C ALA A 438 8.38 47.41 -32.22
N PHE A 439 9.10 46.47 -31.60
CA PHE A 439 8.51 45.39 -30.80
C PHE A 439 7.86 45.94 -29.53
N GLY A 440 8.48 46.95 -28.92
CA GLY A 440 7.92 47.62 -27.74
C GLY A 440 6.63 48.35 -28.09
N ILE A 441 6.59 49.01 -29.26
CA ILE A 441 5.41 49.71 -29.75
C ILE A 441 4.33 48.67 -30.02
N ALA A 442 4.69 47.55 -30.74
CA ALA A 442 3.76 46.45 -31.07
C ALA A 442 3.06 45.89 -29.84
N GLU A 443 3.78 45.73 -28.72
CA GLU A 443 3.20 45.25 -27.47
C GLU A 443 2.09 46.19 -26.95
N GLN A 444 2.23 47.50 -27.18
CA GLN A 444 1.25 48.50 -26.74
C GLN A 444 0.05 48.66 -27.69
N LEU A 445 0.20 48.30 -28.98
CA LEU A 445 -0.90 48.44 -29.95
C LEU A 445 -1.95 47.39 -29.70
N GLU A 446 -3.23 47.80 -29.65
CA GLU A 446 -4.35 46.91 -29.38
C GLU A 446 -4.88 46.33 -30.68
N VAL A 447 -4.09 45.45 -31.27
CA VAL A 447 -4.39 44.81 -32.56
C VAL A 447 -4.05 43.32 -32.48
N GLY A 448 -4.53 42.54 -33.46
CA GLY A 448 -4.20 41.13 -33.53
C GLY A 448 -2.80 40.89 -34.05
N THR A 449 -2.44 41.56 -35.19
CA THR A 449 -1.14 41.41 -35.85
C THR A 449 -0.50 42.76 -36.11
N VAL A 450 0.83 42.82 -35.98
CA VAL A 450 1.62 44.01 -36.27
C VAL A 450 2.67 43.58 -37.33
N HIS A 451 2.68 44.27 -38.49
CA HIS A 451 3.64 44.00 -39.56
C HIS A 451 4.73 45.06 -39.48
N LEU A 452 6.01 44.63 -39.44
CA LEU A 452 7.15 45.54 -39.38
C LEU A 452 7.67 45.74 -40.79
N ASN A 453 7.70 47.00 -41.27
CA ASN A 453 8.18 47.37 -42.59
C ASN A 453 7.45 46.66 -43.71
N ASN A 454 6.13 46.56 -43.55
CA ASN A 454 5.28 45.96 -44.56
C ASN A 454 3.84 46.32 -44.29
N LYS A 455 3.02 46.33 -45.36
CA LYS A 455 1.60 46.61 -45.23
C LYS A 455 0.92 45.52 -44.40
N THR A 456 -0.22 45.86 -43.84
CA THR A 456 -1.02 44.89 -43.10
C THR A 456 -1.59 43.90 -44.14
N GLN A 457 -1.74 42.65 -43.74
CA GLN A 457 -2.27 41.63 -44.63
C GLN A 457 -2.70 40.41 -43.83
N ARG A 458 -3.66 39.67 -44.37
CA ARG A 458 -4.16 38.46 -43.72
C ARG A 458 -3.10 37.34 -43.80
N GLY A 459 -2.43 37.24 -44.95
CA GLY A 459 -1.48 36.18 -45.21
C GLY A 459 -0.19 36.19 -44.38
N THR A 460 0.58 35.08 -44.39
CA THR A 460 0.20 33.83 -45.06
C THR A 460 -0.94 33.16 -44.28
N ASP A 461 -1.80 32.42 -44.97
CA ASP A 461 -3.02 31.87 -44.34
C ASP A 461 -2.74 30.82 -43.25
N ASN A 462 -1.49 30.36 -43.06
CA ASN A 462 -1.13 29.49 -41.93
C ASN A 462 -0.97 30.34 -40.63
N PHE A 463 -0.71 31.65 -40.77
CA PHE A 463 -0.52 32.56 -39.66
C PHE A 463 -1.83 32.89 -38.95
N PRO A 464 -1.79 33.27 -37.64
CA PRO A 464 -3.02 33.69 -36.99
C PRO A 464 -3.52 35.01 -37.58
N PHE A 465 -4.84 35.14 -37.64
CA PHE A 465 -5.50 36.31 -38.15
C PHE A 465 -6.64 36.58 -37.17
N LEU A 466 -6.54 37.69 -36.43
CA LEU A 466 -7.54 38.02 -35.42
C LEU A 466 -7.62 39.52 -35.21
N GLY A 467 -8.70 39.96 -34.60
CA GLY A 467 -8.89 41.36 -34.31
C GLY A 467 -9.26 41.58 -32.88
N ALA A 468 -8.71 42.64 -32.29
CA ALA A 468 -8.98 43.07 -30.95
C ALA A 468 -10.18 44.06 -30.99
N LYS A 469 -10.79 44.36 -29.83
CA LYS A 469 -11.91 45.30 -29.68
C LYS A 469 -13.07 44.99 -30.67
N LYS A 470 -13.57 45.93 -31.51
CA LYS A 470 -14.68 45.65 -32.40
C LYS A 470 -14.29 45.01 -33.73
N SER A 471 -13.02 44.58 -33.91
CA SER A 471 -12.57 43.97 -35.15
C SER A 471 -12.87 42.46 -35.26
N GLY A 472 -13.27 41.81 -34.17
CA GLY A 472 -13.60 40.39 -34.23
C GLY A 472 -13.73 39.65 -32.92
N ALA A 473 -13.90 38.35 -33.05
CA ALA A 473 -13.98 37.38 -31.97
C ALA A 473 -13.35 36.07 -32.48
N GLY A 474 -12.46 35.47 -31.71
CA GLY A 474 -11.79 34.23 -32.10
C GLY A 474 -10.56 34.46 -32.95
N VAL A 475 -9.80 33.39 -33.20
CA VAL A 475 -8.57 33.46 -33.97
C VAL A 475 -8.73 32.59 -35.24
N GLN A 476 -8.49 33.21 -36.42
CA GLN A 476 -8.51 32.57 -37.74
C GLN A 476 -7.05 32.23 -38.13
N GLY A 477 -6.82 31.79 -39.37
CA GLY A 477 -5.57 31.20 -39.78
C GLY A 477 -5.88 29.72 -39.70
N VAL A 478 -5.44 28.95 -40.69
CA VAL A 478 -5.83 27.56 -40.86
C VAL A 478 -5.89 26.72 -39.52
N LYS A 479 -4.75 26.47 -38.83
CA LYS A 479 -4.78 25.63 -37.63
C LYS A 479 -5.65 26.19 -36.50
N TYR A 480 -5.74 27.53 -36.42
CA TYR A 480 -6.54 28.22 -35.41
C TYR A 480 -8.03 28.04 -35.70
N SER A 481 -8.42 28.11 -36.98
CA SER A 481 -9.79 27.86 -37.40
C SER A 481 -10.21 26.42 -37.07
N ILE A 482 -9.29 25.46 -37.24
CA ILE A 482 -9.59 24.05 -36.96
C ILE A 482 -9.78 23.90 -35.46
N GLU A 483 -8.86 24.48 -34.64
CA GLU A 483 -8.97 24.39 -33.19
CA GLU A 483 -8.98 24.40 -33.18
C GLU A 483 -10.28 25.03 -32.70
N ALA A 484 -10.65 26.19 -33.27
CA ALA A 484 -11.87 26.89 -32.89
C ALA A 484 -13.14 26.09 -33.18
N MET A 485 -13.20 25.41 -34.34
CA MET A 485 -14.39 24.63 -34.69
C MET A 485 -14.29 23.15 -34.26
N THR A 486 -13.55 22.88 -33.17
CA THR A 486 -13.48 21.57 -32.55
C THR A 486 -13.65 21.76 -31.05
N THR A 487 -14.10 20.71 -30.40
CA THR A 487 -14.21 20.65 -28.97
C THR A 487 -13.33 19.44 -28.51
N VAL A 488 -13.39 19.08 -27.23
CA VAL A 488 -12.67 17.92 -26.73
C VAL A 488 -13.63 17.00 -26.01
N LYS A 489 -13.26 15.74 -25.98
CA LYS A 489 -13.95 14.67 -25.31
C LYS A 489 -12.86 14.00 -24.48
N SER A 490 -13.00 14.04 -23.17
CA SER A 490 -12.04 13.45 -22.25
C SER A 490 -12.57 12.10 -21.77
N VAL A 491 -11.75 11.04 -21.84
CA VAL A 491 -12.12 9.72 -21.33
C VAL A 491 -11.12 9.43 -20.21
N VAL A 492 -11.62 9.33 -18.96
CA VAL A 492 -10.79 9.14 -17.78
C VAL A 492 -10.98 7.73 -17.23
N PHE A 493 -9.89 7.05 -16.87
CA PHE A 493 -9.95 5.72 -16.28
C PHE A 493 -8.71 5.49 -15.41
N ASP A 494 -8.78 4.52 -14.50
CA ASP A 494 -7.68 4.17 -13.62
C ASP A 494 -6.96 2.94 -14.15
N ILE A 495 -5.66 2.99 -14.13
CA ILE A 495 -4.81 1.89 -14.52
C ILE A 495 -4.71 0.98 -13.30
N GLN A 496 -4.78 -0.32 -13.51
CA GLN A 496 -4.76 -1.30 -12.43
C GLN A 496 -3.52 -2.19 -12.56
N ALA B 23 -20.76 37.84 14.33
CA ALA B 23 -21.23 38.34 13.05
C ALA B 23 -20.55 39.68 12.68
N LYS B 24 -19.56 39.62 11.77
CA LYS B 24 -18.79 40.77 11.30
C LYS B 24 -19.49 41.52 10.14
N GLN B 25 -19.11 42.79 9.93
CA GLN B 25 -19.58 43.59 8.80
C GLN B 25 -18.45 43.54 7.75
N TYR B 26 -18.64 42.75 6.68
CA TYR B 26 -17.61 42.58 5.66
C TYR B 26 -17.58 43.70 4.65
N LYS B 27 -16.43 43.87 4.01
CA LYS B 27 -16.16 44.96 3.06
C LYS B 27 -15.62 44.40 1.74
N ASN B 28 -15.83 45.15 0.66
CA ASN B 28 -15.33 44.76 -0.65
C ASN B 28 -13.92 45.28 -0.87
N LEU B 29 -13.07 44.49 -1.55
CA LEU B 29 -11.73 44.91 -1.89
C LEU B 29 -11.84 45.74 -3.18
N VAL B 30 -11.57 47.05 -3.10
CA VAL B 30 -11.68 47.94 -4.24
C VAL B 30 -10.42 48.79 -4.31
N ASN B 31 -9.56 48.55 -5.32
CA ASN B 31 -8.35 49.34 -5.52
C ASN B 31 -7.45 49.40 -4.27
N GLY B 32 -7.19 48.24 -3.67
CA GLY B 32 -6.33 48.14 -2.50
C GLY B 32 -6.92 48.66 -1.21
N GLU B 33 -8.20 49.02 -1.21
CA GLU B 33 -8.90 49.53 -0.03
C GLU B 33 -10.11 48.66 0.26
N TRP B 34 -10.52 48.62 1.53
CA TRP B 34 -11.69 47.85 1.96
C TRP B 34 -12.84 48.82 2.09
N LYS B 35 -13.87 48.68 1.25
CA LYS B 35 -15.00 49.60 1.23
C LYS B 35 -16.33 49.00 1.64
N LEU B 36 -17.06 49.75 2.47
CA LEU B 36 -18.45 49.43 2.78
C LEU B 36 -19.30 50.20 1.75
N SER B 37 -20.57 49.83 1.64
CA SER B 37 -21.55 50.54 0.82
C SER B 37 -22.61 51.12 1.78
N GLU B 38 -23.47 52.03 1.28
CA GLU B 38 -24.53 52.65 2.09
CA GLU B 38 -24.51 52.64 2.11
C GLU B 38 -25.44 51.53 2.65
N ASN B 39 -25.84 50.59 1.78
CA ASN B 39 -26.70 49.47 2.14
C ASN B 39 -25.87 48.18 2.20
N GLU B 40 -26.40 47.17 2.91
CA GLU B 40 -25.74 45.88 3.06
C GLU B 40 -26.78 44.74 3.05
N ILE B 41 -26.29 43.50 2.87
CA ILE B 41 -27.13 42.31 2.85
C ILE B 41 -26.66 41.42 4.00
N THR B 42 -27.56 41.08 4.94
CA THR B 42 -27.23 40.20 6.04
C THR B 42 -27.33 38.76 5.55
N ILE B 43 -26.33 37.93 5.88
CA ILE B 43 -26.28 36.53 5.46
C ILE B 43 -26.50 35.65 6.69
N TYR B 44 -27.37 34.64 6.50
CA TYR B 44 -27.73 33.69 7.55
C TYR B 44 -27.33 32.27 7.13
N ALA B 45 -27.04 31.42 8.11
CA ALA B 45 -26.66 30.04 7.86
C ALA B 45 -27.91 29.27 7.37
N PRO B 46 -27.94 28.68 6.16
CA PRO B 46 -29.15 27.96 5.72
C PRO B 46 -29.61 26.81 6.62
N ALA B 47 -28.71 26.18 7.39
CA ALA B 47 -29.08 25.05 8.25
C ALA B 47 -29.69 25.45 9.60
N THR B 48 -29.25 26.57 10.18
CA THR B 48 -29.68 26.99 11.51
C THR B 48 -30.35 28.37 11.60
N GLY B 49 -30.16 29.22 10.61
CA GLY B 49 -30.67 30.59 10.63
C GLY B 49 -29.77 31.57 11.38
N GLU B 50 -28.58 31.12 11.83
CA GLU B 50 -27.62 31.95 12.55
C GLU B 50 -27.12 33.11 11.66
N GLU B 51 -27.05 34.33 12.21
CA GLU B 51 -26.53 35.48 11.49
C GLU B 51 -25.02 35.35 11.41
N LEU B 52 -24.47 35.39 10.21
CA LEU B 52 -23.02 35.24 9.99
C LEU B 52 -22.30 36.57 9.75
N GLY B 53 -23.03 37.59 9.34
CA GLY B 53 -22.49 38.90 9.05
C GLY B 53 -23.23 39.54 7.90
N SER B 54 -22.66 40.62 7.36
CA SER B 54 -23.26 41.32 6.23
C SER B 54 -22.21 41.63 5.19
N VAL B 55 -22.63 41.78 3.94
CA VAL B 55 -21.74 42.15 2.84
C VAL B 55 -22.29 43.42 2.19
N PRO B 56 -21.44 44.28 1.57
CA PRO B 56 -22.00 45.49 0.96
C PRO B 56 -23.00 45.22 -0.16
N ALA B 57 -23.97 46.13 -0.32
CA ALA B 57 -24.96 46.06 -1.38
C ALA B 57 -24.55 47.16 -2.36
N MET B 58 -23.57 46.86 -3.22
CA MET B 58 -23.04 47.86 -4.13
C MET B 58 -24.07 48.43 -5.09
N THR B 59 -23.86 49.70 -5.42
CA THR B 59 -24.63 50.43 -6.42
C THR B 59 -23.88 50.28 -7.77
N GLN B 60 -24.50 50.71 -8.87
CA GLN B 60 -23.86 50.66 -10.19
C GLN B 60 -22.66 51.61 -10.25
N ALA B 61 -22.70 52.75 -9.53
CA ALA B 61 -21.58 53.70 -9.47
C ALA B 61 -20.37 53.07 -8.77
N GLU B 62 -20.60 52.23 -7.74
CA GLU B 62 -19.52 51.55 -7.06
C GLU B 62 -18.94 50.43 -7.92
N VAL B 63 -19.78 49.79 -8.77
CA VAL B 63 -19.29 48.79 -9.74
C VAL B 63 -18.39 49.52 -10.75
N ASP B 64 -18.79 50.74 -11.20
CA ASP B 64 -17.98 51.56 -12.10
C ASP B 64 -16.61 51.84 -11.50
N ALA B 65 -16.53 52.16 -10.21
CA ALA B 65 -15.27 52.44 -9.52
C ALA B 65 -14.36 51.22 -9.48
N VAL B 66 -14.94 50.03 -9.30
CA VAL B 66 -14.19 48.76 -9.31
C VAL B 66 -13.56 48.56 -10.68
N TYR B 67 -14.35 48.72 -11.75
CA TYR B 67 -13.88 48.51 -13.12
C TYR B 67 -12.88 49.59 -13.57
N ALA B 68 -13.06 50.83 -13.13
CA ALA B 68 -12.12 51.91 -13.45
C ALA B 68 -10.77 51.61 -12.79
N SER B 69 -10.79 51.12 -11.54
CA SER B 69 -9.57 50.75 -10.80
C SER B 69 -8.83 49.62 -11.51
N ALA B 70 -9.58 48.60 -11.96
CA ALA B 70 -9.02 47.42 -12.61
C ALA B 70 -8.40 47.78 -13.95
N LYS B 71 -9.10 48.58 -14.80
CA LYS B 71 -8.51 48.97 -16.09
C LYS B 71 -7.25 49.84 -15.90
N LYS B 72 -7.22 50.67 -14.84
CA LYS B 72 -6.05 51.47 -14.56
C LYS B 72 -4.88 50.57 -14.11
N ALA B 73 -5.14 49.58 -13.27
CA ALA B 73 -4.10 48.67 -12.79
C ALA B 73 -3.58 47.68 -13.84
N LEU B 74 -4.33 47.46 -14.94
CA LEU B 74 -3.98 46.49 -15.96
C LEU B 74 -2.57 46.67 -16.58
N SER B 75 -2.19 47.90 -16.97
CA SER B 75 -0.89 48.15 -17.60
C SER B 75 0.33 47.73 -16.76
N ASP B 76 0.36 48.09 -15.48
CA ASP B 76 1.48 47.72 -14.60
C ASP B 76 1.45 46.25 -14.21
N TRP B 77 0.28 45.60 -14.23
CA TRP B 77 0.19 44.18 -13.89
C TRP B 77 0.70 43.34 -15.07
N ARG B 78 0.19 43.64 -16.30
CA ARG B 78 0.57 42.89 -17.49
C ARG B 78 2.07 43.05 -17.84
N THR B 79 2.69 44.20 -17.58
CA THR B 79 4.12 44.37 -17.85
C THR B 79 5.02 43.77 -16.75
N LEU B 80 4.46 43.25 -15.64
CA LEU B 80 5.25 42.52 -14.65
C LEU B 80 5.66 41.19 -15.30
N SER B 81 6.75 40.58 -14.80
CA SER B 81 7.16 39.28 -15.29
C SER B 81 6.17 38.20 -14.83
N TYR B 82 6.16 37.04 -15.48
CA TYR B 82 5.35 35.91 -15.06
C TYR B 82 5.73 35.47 -13.67
N VAL B 83 7.05 35.46 -13.35
CA VAL B 83 7.56 35.07 -12.03
C VAL B 83 6.98 35.97 -10.95
N GLU B 84 6.93 37.30 -11.18
CA GLU B 84 6.40 38.22 -10.18
C GLU B 84 4.90 37.94 -9.96
N ARG B 85 4.13 37.70 -11.04
CA ARG B 85 2.70 37.41 -10.88
C ARG B 85 2.48 36.06 -10.16
N ALA B 86 3.31 35.06 -10.44
CA ALA B 86 3.23 33.76 -9.79
C ALA B 86 3.53 33.87 -8.30
N ALA B 87 4.46 34.74 -7.90
CA ALA B 87 4.83 34.91 -6.49
C ALA B 87 3.67 35.39 -5.64
N TYR B 88 2.84 36.32 -6.19
CA TYR B 88 1.65 36.79 -5.48
C TYR B 88 0.65 35.65 -5.30
N LEU B 89 0.45 34.82 -6.35
CA LEU B 89 -0.48 33.71 -6.29
C LEU B 89 -0.02 32.71 -5.26
N HIS B 90 1.27 32.35 -5.25
CA HIS B 90 1.81 31.41 -4.26
C HIS B 90 1.63 31.96 -2.84
N LYS B 91 1.91 33.27 -2.64
CA LYS B 91 1.76 33.91 -1.34
C LYS B 91 0.27 33.82 -0.89
N ALA B 92 -0.71 34.08 -1.80
CA ALA B 92 -2.16 33.99 -1.49
C ALA B 92 -2.59 32.56 -1.11
N ALA B 93 -2.16 31.55 -1.89
CA ALA B 93 -2.44 30.14 -1.61
C ALA B 93 -1.87 29.71 -0.23
N ASP B 94 -0.66 30.17 0.16
CA ASP B 94 -0.08 29.85 1.47
C ASP B 94 -0.95 30.42 2.58
N ILE B 95 -1.47 31.64 2.40
CA ILE B 95 -2.34 32.26 3.39
C ILE B 95 -3.65 31.45 3.50
N LEU B 96 -4.18 30.94 2.38
CA LEU B 96 -5.38 30.12 2.42
C LEU B 96 -5.15 28.81 3.19
N VAL B 97 -3.99 28.15 3.01
CA VAL B 97 -3.67 26.91 3.73
C VAL B 97 -3.57 27.23 5.22
N ARG B 98 -2.90 28.34 5.58
CA ARG B 98 -2.77 28.76 6.97
C ARG B 98 -4.14 28.96 7.62
N ASP B 99 -5.05 29.69 6.94
CA ASP B 99 -6.39 29.97 7.46
C ASP B 99 -7.48 29.02 6.96
N ALA B 100 -7.14 27.78 6.60
CA ALA B 100 -8.12 26.84 6.04
C ALA B 100 -9.23 26.48 7.02
N GLU B 101 -8.89 26.33 8.31
CA GLU B 101 -9.89 26.03 9.33
C GLU B 101 -10.79 27.23 9.59
N LYS B 102 -10.20 28.44 9.67
CA LYS B 102 -10.94 29.68 9.88
C LYS B 102 -11.89 29.96 8.71
N ILE B 103 -11.44 29.82 7.46
CA ILE B 103 -12.30 30.10 6.30
C ILE B 103 -13.35 28.99 6.13
N GLY B 104 -12.91 27.72 6.28
CA GLY B 104 -13.77 26.54 6.18
C GLY B 104 -14.91 26.53 7.17
N ALA B 105 -14.67 27.01 8.41
CA ALA B 105 -15.70 27.06 9.43
C ALA B 105 -16.83 28.01 9.01
N ILE B 106 -16.49 29.20 8.44
CA ILE B 106 -17.50 30.15 8.00
C ILE B 106 -18.19 29.65 6.72
N LEU B 107 -17.41 29.13 5.78
CA LEU B 107 -17.93 28.57 4.52
C LEU B 107 -18.97 27.47 4.80
N SER B 108 -18.66 26.59 5.74
CA SER B 108 -19.55 25.50 6.16
C SER B 108 -20.93 26.03 6.58
N LYS B 109 -20.96 27.07 7.42
CA LYS B 109 -22.19 27.66 7.88
C LYS B 109 -22.89 28.42 6.76
N GLU B 110 -22.13 29.16 5.95
CA GLU B 110 -22.71 29.98 4.90
C GLU B 110 -23.49 29.23 3.81
N VAL B 111 -23.02 28.03 3.40
CA VAL B 111 -23.70 27.28 2.35
C VAL B 111 -24.12 25.88 2.81
N ALA B 112 -24.25 25.65 4.14
CA ALA B 112 -24.68 24.38 4.73
C ALA B 112 -23.93 23.18 4.13
N LYS B 113 -22.62 23.30 4.12
CA LYS B 113 -21.70 22.27 3.64
C LYS B 113 -21.05 21.70 4.87
N GLY B 114 -20.76 20.40 4.89
CA GLY B 114 -20.10 19.74 6.01
C GLY B 114 -18.81 20.43 6.40
N HIS B 115 -18.54 20.56 7.71
CA HIS B 115 -17.33 21.28 8.18
C HIS B 115 -16.03 20.79 7.52
N LYS B 116 -15.81 19.49 7.48
CA LYS B 116 -14.60 18.89 6.89
C LYS B 116 -14.55 19.13 5.37
N ALA B 117 -15.69 19.00 4.69
CA ALA B 117 -15.78 19.22 3.25
C ALA B 117 -15.50 20.69 2.92
N ALA B 118 -15.94 21.63 3.77
CA ALA B 118 -15.70 23.05 3.57
C ALA B 118 -14.21 23.41 3.77
N VAL B 119 -13.54 22.79 4.76
CA VAL B 119 -12.11 23.00 4.97
C VAL B 119 -11.35 22.42 3.77
N SER B 120 -11.78 21.24 3.26
CA SER B 120 -11.15 20.62 2.10
C SER B 120 -11.26 21.49 0.88
N GLU B 121 -12.40 22.19 0.70
CA GLU B 121 -12.61 23.10 -0.40
C GLU B 121 -11.57 24.23 -0.41
N VAL B 122 -11.25 24.78 0.76
CA VAL B 122 -10.25 25.84 0.87
C VAL B 122 -8.87 25.27 0.49
N ILE B 123 -8.53 24.08 0.99
CA ILE B 123 -7.24 23.45 0.68
C ILE B 123 -7.13 23.16 -0.83
N ARG B 124 -8.22 22.70 -1.46
CA ARG B 124 -8.25 22.43 -2.89
C ARG B 124 -8.08 23.74 -3.68
N THR B 125 -8.62 24.87 -3.19
CA THR B 125 -8.48 26.18 -3.82
C THR B 125 -7.01 26.58 -3.83
N ALA B 126 -6.32 26.43 -2.70
CA ALA B 126 -4.88 26.73 -2.60
C ALA B 126 -4.07 25.90 -3.61
N GLU B 127 -4.42 24.61 -3.77
CA GLU B 127 -3.76 23.71 -4.73
C GLU B 127 -3.95 24.21 -6.18
N ILE B 128 -5.17 24.65 -6.52
CA ILE B 128 -5.47 25.15 -7.86
C ILE B 128 -4.75 26.47 -8.10
N ILE B 129 -4.67 27.35 -7.10
CA ILE B 129 -3.96 28.62 -7.23
C ILE B 129 -2.46 28.36 -7.48
N ASN B 130 -1.86 27.47 -6.71
CA ASN B 130 -0.45 27.11 -6.90
C ASN B 130 -0.22 26.48 -8.29
N TYR B 131 -1.12 25.57 -8.71
CA TYR B 131 -0.96 24.88 -9.99
C TYR B 131 -1.10 25.85 -11.16
N ALA B 132 -2.07 26.80 -11.08
CA ALA B 132 -2.27 27.82 -12.11
C ALA B 132 -1.08 28.78 -12.18
N ALA B 133 -0.49 29.15 -11.02
CA ALA B 133 0.67 30.03 -11.02
C ALA B 133 1.85 29.39 -11.76
N GLU B 134 2.09 28.07 -11.54
CA GLU B 134 3.20 27.38 -12.21
C GLU B 134 2.87 26.98 -13.65
N GLU B 135 1.60 26.75 -13.98
CA GLU B 135 1.19 26.41 -15.34
C GLU B 135 1.29 27.65 -16.23
N GLY B 136 0.80 28.77 -15.74
CA GLY B 136 0.76 30.02 -16.47
C GLY B 136 2.11 30.64 -16.71
N LEU B 137 3.07 30.47 -15.77
CA LEU B 137 4.39 31.08 -15.97
C LEU B 137 5.17 30.40 -17.08
N ARG B 138 4.85 29.15 -17.46
CA ARG B 138 5.53 28.46 -18.58
C ARG B 138 4.79 28.72 -19.91
N MET B 139 4.14 29.88 -20.01
CA MET B 139 3.36 30.32 -21.18
C MET B 139 4.33 30.45 -22.34
N GLU B 140 4.03 29.80 -23.47
CA GLU B 140 4.90 29.88 -24.64
C GLU B 140 4.15 30.40 -25.84
N GLY B 141 4.91 31.01 -26.74
CA GLY B 141 4.41 31.46 -28.03
C GLY B 141 4.86 30.53 -29.13
N GLU B 142 4.65 30.94 -30.37
CA GLU B 142 5.04 30.15 -31.52
C GLU B 142 5.63 31.00 -32.62
N VAL B 143 6.49 30.39 -33.44
CA VAL B 143 7.12 31.04 -34.56
C VAL B 143 6.61 30.27 -35.75
N LEU B 144 5.91 30.93 -36.66
CA LEU B 144 5.38 30.30 -37.84
C LEU B 144 6.16 30.76 -39.05
N GLU B 145 6.32 29.86 -40.02
CA GLU B 145 7.08 30.08 -41.23
C GLU B 145 6.16 30.41 -42.38
N GLY B 146 6.42 31.50 -43.07
CA GLY B 146 5.65 31.84 -44.27
C GLY B 146 5.89 30.81 -45.37
N GLY B 147 7.09 30.23 -45.40
CA GLY B 147 7.49 29.18 -46.34
C GLY B 147 6.76 27.85 -46.19
N SER B 148 6.02 27.68 -45.08
CA SER B 148 5.15 26.52 -44.91
C SER B 148 3.96 26.61 -45.88
N PHE B 149 3.49 27.83 -46.21
CA PHE B 149 2.34 28.05 -47.07
C PHE B 149 2.73 28.42 -48.52
N GLU B 150 3.69 29.34 -48.70
CA GLU B 150 4.09 29.73 -50.06
C GLU B 150 5.56 30.09 -50.12
N ALA B 151 6.22 29.68 -51.22
CA ALA B 151 7.65 29.90 -51.45
C ALA B 151 8.05 31.37 -51.41
N ALA B 152 7.23 32.27 -51.98
CA ALA B 152 7.53 33.70 -52.01
C ALA B 152 7.62 34.32 -50.62
N SER B 153 6.96 33.73 -49.59
CA SER B 153 6.99 34.25 -48.21
C SER B 153 7.92 33.45 -47.30
N LYS B 154 8.90 32.73 -47.85
CA LYS B 154 9.82 31.91 -47.05
C LYS B 154 10.67 32.72 -46.07
N LYS B 155 10.93 34.00 -46.35
CA LYS B 155 11.69 34.85 -45.42
C LYS B 155 10.79 35.54 -44.37
N LYS B 156 9.47 35.36 -44.44
CA LYS B 156 8.50 35.97 -43.53
C LYS B 156 8.20 35.05 -42.36
N ILE B 157 8.31 35.54 -41.12
CA ILE B 157 8.00 34.74 -39.93
C ILE B 157 7.06 35.52 -39.02
N ALA B 158 6.25 34.80 -38.24
CA ALA B 158 5.33 35.38 -37.29
C ALA B 158 5.77 34.98 -35.89
N ILE B 159 6.08 35.98 -35.03
CA ILE B 159 6.42 35.77 -33.61
C ILE B 159 5.09 35.97 -32.90
N VAL B 160 4.45 34.87 -32.50
CA VAL B 160 3.12 34.88 -31.90
C VAL B 160 3.26 34.70 -30.38
N ARG B 161 2.86 35.71 -29.60
CA ARG B 161 2.96 35.65 -28.15
C ARG B 161 1.59 35.83 -27.51
N ARG B 162 1.39 35.21 -26.34
CA ARG B 162 0.15 35.29 -25.58
C ARG B 162 0.06 36.62 -24.85
N GLU B 163 -1.16 37.04 -24.58
CA GLU B 163 -1.43 38.31 -23.90
C GLU B 163 -2.70 38.21 -23.10
N PRO B 164 -2.85 39.02 -22.04
CA PRO B 164 -4.13 39.02 -21.32
C PRO B 164 -5.30 39.56 -22.16
N VAL B 165 -6.53 39.05 -21.94
CA VAL B 165 -7.72 39.59 -22.60
C VAL B 165 -8.10 40.97 -22.00
N GLY B 166 -7.72 41.22 -20.73
CA GLY B 166 -7.93 42.49 -20.05
C GLY B 166 -8.53 42.30 -18.69
N LEU B 167 -9.79 42.75 -18.50
CA LEU B 167 -10.54 42.62 -17.26
C LEU B 167 -11.44 41.39 -17.36
N VAL B 168 -11.26 40.45 -16.41
CA VAL B 168 -12.08 39.26 -16.31
C VAL B 168 -13.07 39.46 -15.17
N LEU B 169 -14.37 39.25 -15.44
CA LEU B 169 -15.39 39.23 -14.41
C LEU B 169 -15.56 37.75 -14.08
N ALA B 170 -15.24 37.36 -12.84
CA ALA B 170 -15.38 35.98 -12.37
C ALA B 170 -16.61 35.90 -11.47
N ILE B 171 -17.56 35.01 -11.76
CA ILE B 171 -18.80 34.85 -10.98
C ILE B 171 -18.82 33.43 -10.42
N SER B 172 -18.58 33.28 -9.10
CA SER B 172 -18.52 31.97 -8.48
C SER B 172 -19.91 31.48 -8.04
N PRO B 173 -20.12 30.15 -7.88
CA PRO B 173 -21.44 29.65 -7.47
C PRO B 173 -21.54 29.44 -5.96
N PHE B 174 -22.76 29.23 -5.46
CA PHE B 174 -22.98 29.04 -4.02
C PHE B 174 -22.36 27.74 -3.53
N ASN B 175 -22.38 26.68 -4.37
CA ASN B 175 -21.93 25.37 -3.93
C ASN B 175 -20.41 25.25 -3.77
N TYR B 176 -19.62 26.06 -4.49
CA TYR B 176 -18.15 26.09 -4.39
C TYR B 176 -17.73 27.55 -4.45
N PRO B 177 -18.08 28.34 -3.44
CA PRO B 177 -17.82 29.79 -3.50
C PRO B 177 -16.36 30.21 -3.38
N VAL B 178 -15.49 29.34 -2.85
CA VAL B 178 -14.07 29.64 -2.73
C VAL B 178 -13.35 28.92 -3.87
N ASN B 179 -13.60 27.62 -4.02
CA ASN B 179 -12.96 26.79 -5.02
C ASN B 179 -13.25 27.24 -6.46
N LEU B 180 -14.52 27.51 -6.79
CA LEU B 180 -14.85 27.95 -8.14
C LEU B 180 -14.82 29.49 -8.29
N ALA B 181 -14.10 30.17 -7.37
CA ALA B 181 -13.71 31.58 -7.47
C ALA B 181 -12.18 31.52 -7.77
N GLY B 182 -11.40 30.77 -6.98
CA GLY B 182 -9.96 30.60 -7.21
C GLY B 182 -9.62 29.92 -8.53
N SER B 183 -10.48 28.98 -9.01
CA SER B 183 -10.29 28.34 -10.31
C SER B 183 -10.46 29.32 -11.49
N LYS B 184 -11.04 30.51 -11.23
CA LYS B 184 -11.20 31.54 -12.25
C LYS B 184 -10.14 32.64 -12.05
N ILE B 185 -9.96 33.08 -10.81
CA ILE B 185 -9.04 34.15 -10.43
C ILE B 185 -7.54 33.83 -10.75
N ALA B 186 -6.99 32.72 -10.23
CA ALA B 186 -5.57 32.43 -10.43
C ALA B 186 -5.19 32.26 -11.92
N PRO B 187 -5.94 31.47 -12.73
CA PRO B 187 -5.61 31.38 -14.16
C PRO B 187 -5.69 32.72 -14.89
N ALA B 188 -6.62 33.62 -14.51
CA ALA B 188 -6.72 34.95 -15.13
C ALA B 188 -5.57 35.81 -14.68
N LEU B 189 -5.24 35.81 -13.38
CA LEU B 189 -4.17 36.66 -12.85
C LEU B 189 -2.77 36.32 -13.38
N ILE B 190 -2.43 35.03 -13.47
CA ILE B 190 -1.09 34.63 -13.94
C ILE B 190 -0.85 35.09 -15.40
N ALA B 191 -1.91 35.06 -16.22
CA ALA B 191 -1.83 35.49 -17.60
C ALA B 191 -1.68 37.01 -17.79
N GLY B 192 -1.83 37.80 -16.72
CA GLY B 192 -1.71 39.25 -16.80
C GLY B 192 -3.02 39.98 -16.84
N ASN B 193 -4.14 39.27 -16.62
CA ASN B 193 -5.45 39.90 -16.57
C ASN B 193 -5.67 40.47 -15.17
N VAL B 194 -6.58 41.45 -15.09
CA VAL B 194 -7.07 42.01 -13.84
C VAL B 194 -8.45 41.36 -13.62
N VAL B 195 -8.87 41.22 -12.37
CA VAL B 195 -10.07 40.47 -12.04
C VAL B 195 -11.00 41.23 -11.09
N ALA B 196 -12.30 41.00 -11.27
CA ALA B 196 -13.35 41.44 -10.38
C ALA B 196 -14.13 40.16 -10.06
N LEU B 197 -14.17 39.77 -8.79
CA LEU B 197 -14.89 38.59 -8.34
C LEU B 197 -16.26 39.05 -7.88
N LYS B 198 -17.32 38.45 -8.43
CA LYS B 198 -18.68 38.66 -7.99
C LYS B 198 -19.09 37.33 -7.39
N PRO B 199 -18.98 37.14 -6.05
CA PRO B 199 -19.46 35.88 -5.48
C PRO B 199 -20.99 35.89 -5.39
N PRO B 200 -21.60 34.72 -5.19
CA PRO B 200 -23.06 34.71 -4.97
C PRO B 200 -23.35 35.35 -3.62
N THR B 201 -24.57 35.89 -3.42
CA THR B 201 -24.90 36.51 -2.13
C THR B 201 -24.80 35.46 -1.00
N GLN B 202 -25.35 34.25 -1.22
CA GLN B 202 -25.17 33.16 -0.29
C GLN B 202 -23.83 32.54 -0.66
N GLY B 203 -22.78 33.07 -0.05
CA GLY B 203 -21.39 32.70 -0.32
C GLY B 203 -20.45 33.89 -0.44
N SER B 204 -20.98 35.13 -0.30
CA SER B 204 -20.19 36.36 -0.40
C SER B 204 -19.22 36.56 0.76
N ILE B 205 -19.52 36.07 1.98
CA ILE B 205 -18.58 36.19 3.09
C ILE B 205 -17.33 35.33 2.75
N SER B 206 -17.53 34.12 2.21
CA SER B 206 -16.45 33.22 1.79
C SER B 206 -15.63 33.80 0.64
N GLY B 207 -16.29 34.45 -0.31
CA GLY B 207 -15.63 35.12 -1.42
C GLY B 207 -14.77 36.27 -0.96
N LEU B 208 -15.27 37.03 0.05
CA LEU B 208 -14.52 38.15 0.64
C LEU B 208 -13.37 37.65 1.55
N LEU B 209 -13.52 36.47 2.17
CA LEU B 209 -12.46 35.83 2.96
C LEU B 209 -11.34 35.38 2.02
N LEU B 210 -11.69 34.91 0.81
CA LEU B 210 -10.73 34.56 -0.23
C LEU B 210 -10.00 35.83 -0.68
N ALA B 211 -10.73 36.94 -0.84
CA ALA B 211 -10.12 38.22 -1.24
C ALA B 211 -9.15 38.76 -0.20
N GLU B 212 -9.45 38.56 1.09
CA GLU B 212 -8.54 38.98 2.16
C GLU B 212 -7.18 38.27 2.03
N ALA B 213 -7.16 37.01 1.56
CA ALA B 213 -5.90 36.27 1.37
C ALA B 213 -5.08 36.90 0.25
N PHE B 214 -5.74 37.30 -0.86
CA PHE B 214 -5.03 37.97 -1.97
C PHE B 214 -4.55 39.36 -1.56
N ALA B 215 -5.34 40.09 -0.76
CA ALA B 215 -4.95 41.41 -0.26
C ALA B 215 -3.74 41.28 0.68
N GLU B 216 -3.77 40.29 1.61
CA GLU B 216 -2.65 40.06 2.52
C GLU B 216 -1.39 39.63 1.74
N ALA B 217 -1.56 38.88 0.64
CA ALA B 217 -0.44 38.54 -0.23
C ALA B 217 0.21 39.77 -0.91
N GLY B 218 -0.42 40.93 -0.80
CA GLY B 218 0.07 42.17 -1.38
C GLY B 218 -0.28 42.32 -2.84
N ILE B 219 -1.40 41.72 -3.32
CA ILE B 219 -1.80 41.87 -4.73
C ILE B 219 -1.96 43.38 -5.06
N PRO B 220 -1.30 43.93 -6.11
CA PRO B 220 -1.40 45.38 -6.34
C PRO B 220 -2.83 45.92 -6.42
N ALA B 221 -3.02 47.19 -5.98
CA ALA B 221 -4.31 47.85 -5.94
C ALA B 221 -4.97 47.84 -7.32
N GLY B 222 -6.22 47.38 -7.39
CA GLY B 222 -6.99 47.30 -8.64
C GLY B 222 -6.79 46.02 -9.43
N VAL B 223 -5.74 45.26 -9.14
CA VAL B 223 -5.46 44.02 -9.85
C VAL B 223 -6.52 42.97 -9.55
N PHE B 224 -6.91 42.87 -8.27
CA PHE B 224 -7.94 41.95 -7.82
C PHE B 224 -8.92 42.75 -6.98
N ASN B 225 -10.21 42.69 -7.32
CA ASN B 225 -11.28 43.42 -6.64
C ASN B 225 -12.51 42.52 -6.46
N THR B 226 -13.41 42.89 -5.55
CA THR B 226 -14.65 42.15 -5.35
C THR B 226 -15.85 43.07 -5.51
N ILE B 227 -16.96 42.48 -5.92
CA ILE B 227 -18.24 43.13 -6.08
C ILE B 227 -19.26 42.28 -5.35
N THR B 228 -20.10 42.89 -4.50
CA THR B 228 -21.20 42.19 -3.85
C THR B 228 -22.43 43.08 -3.98
N GLY B 229 -23.59 42.45 -4.20
CA GLY B 229 -24.83 43.19 -4.32
C GLY B 229 -25.99 42.37 -4.78
N ARG B 230 -27.13 43.02 -4.87
CA ARG B 230 -28.36 42.39 -5.29
C ARG B 230 -28.45 42.33 -6.80
N GLY B 231 -28.92 41.20 -7.31
CA GLY B 231 -29.12 41.01 -8.73
C GLY B 231 -30.07 42.04 -9.36
N SER B 232 -31.08 42.50 -8.60
CA SER B 232 -31.99 43.52 -9.11
C SER B 232 -31.33 44.89 -9.29
N VAL B 233 -30.22 45.16 -8.57
CA VAL B 233 -29.52 46.45 -8.67
C VAL B 233 -28.31 46.38 -9.63
N ILE B 234 -27.50 45.30 -9.56
CA ILE B 234 -26.29 45.18 -10.37
C ILE B 234 -26.12 43.88 -11.20
N GLY B 235 -27.07 42.97 -11.16
CA GLY B 235 -26.99 41.69 -11.86
C GLY B 235 -26.58 41.77 -13.32
N ASP B 236 -27.39 42.43 -14.14
CA ASP B 236 -27.09 42.59 -15.56
C ASP B 236 -26.00 43.64 -15.76
N TYR B 237 -25.99 44.70 -14.93
CA TYR B 237 -25.03 45.78 -15.01
C TYR B 237 -23.57 45.32 -15.02
N ILE B 238 -23.18 44.40 -14.12
CA ILE B 238 -21.80 43.92 -14.04
C ILE B 238 -21.35 43.22 -15.33
N VAL B 239 -22.27 42.52 -16.02
CA VAL B 239 -21.96 41.79 -17.26
C VAL B 239 -21.96 42.70 -18.49
N GLU B 240 -22.97 43.58 -18.59
CA GLU B 240 -23.12 44.51 -19.73
C GLU B 240 -22.01 45.52 -19.84
N HIS B 241 -21.41 45.92 -18.70
CA HIS B 241 -20.39 46.97 -18.65
C HIS B 241 -19.27 46.79 -19.69
N GLU B 242 -19.01 47.84 -20.50
CA GLU B 242 -18.01 47.81 -21.55
C GLU B 242 -16.57 47.63 -21.04
N ALA B 243 -16.29 47.85 -19.74
CA ALA B 243 -14.95 47.64 -19.20
C ALA B 243 -14.62 46.12 -19.14
N VAL B 244 -15.64 45.27 -18.97
CA VAL B 244 -15.43 43.83 -18.87
C VAL B 244 -15.07 43.24 -20.24
N ASN B 245 -13.94 42.53 -20.31
CA ASN B 245 -13.47 41.92 -21.54
C ASN B 245 -13.74 40.41 -21.63
N PHE B 246 -14.06 39.76 -20.49
CA PHE B 246 -14.31 38.32 -20.40
C PHE B 246 -15.19 38.02 -19.20
N ILE B 247 -16.17 37.13 -19.34
CA ILE B 247 -17.01 36.75 -18.20
C ILE B 247 -16.82 35.25 -18.00
N ASN B 248 -16.37 34.86 -16.83
CA ASN B 248 -16.17 33.48 -16.46
C ASN B 248 -17.21 33.17 -15.35
N PHE B 249 -18.26 32.42 -15.67
CA PHE B 249 -19.37 32.16 -14.74
C PHE B 249 -19.71 30.69 -14.51
N THR B 250 -20.04 30.36 -13.24
CA THR B 250 -20.56 29.05 -12.86
C THR B 250 -21.90 29.32 -12.18
N GLY B 251 -22.93 28.63 -12.61
CA GLY B 251 -24.26 28.81 -12.06
C GLY B 251 -25.33 28.12 -12.89
N SER B 252 -26.58 28.57 -12.77
CA SER B 252 -27.69 27.93 -13.47
C SER B 252 -27.70 28.23 -14.96
N THR B 253 -28.30 27.31 -15.74
CA THR B 253 -28.35 27.41 -17.19
C THR B 253 -29.11 28.67 -17.65
N PRO B 254 -30.31 28.98 -17.13
CA PRO B 254 -30.99 30.23 -17.54
C PRO B 254 -30.15 31.48 -17.31
N ILE B 255 -29.44 31.60 -16.16
CA ILE B 255 -28.58 32.77 -15.91
C ILE B 255 -27.43 32.81 -16.94
N GLY B 256 -26.83 31.65 -17.21
CA GLY B 256 -25.78 31.51 -18.21
C GLY B 256 -26.21 31.89 -19.61
N GLU B 257 -27.44 31.53 -19.98
CA GLU B 257 -28.05 31.87 -21.26
C GLU B 257 -28.14 33.38 -21.40
N GLY B 258 -28.55 34.06 -20.32
CA GLY B 258 -28.65 35.51 -20.29
C GLY B 258 -27.27 36.17 -20.39
N ILE B 259 -26.28 35.61 -19.68
CA ILE B 259 -24.91 36.12 -19.72
C ILE B 259 -24.35 36.02 -21.13
N GLY B 260 -24.63 34.92 -21.85
CA GLY B 260 -24.19 34.75 -23.23
C GLY B 260 -24.69 35.87 -24.14
N LYS B 261 -25.94 36.29 -23.97
CA LYS B 261 -26.48 37.39 -24.78
C LYS B 261 -25.84 38.69 -24.34
N LEU B 262 -25.83 38.98 -23.02
CA LEU B 262 -25.26 40.24 -22.50
C LEU B 262 -23.79 40.40 -22.86
N ALA B 263 -23.05 39.29 -23.06
CA ALA B 263 -21.66 39.35 -23.46
C ALA B 263 -21.48 39.88 -24.89
N GLY B 264 -22.47 39.68 -25.76
CA GLY B 264 -22.39 40.10 -27.14
C GLY B 264 -21.32 39.31 -27.85
N MET B 265 -20.27 40.01 -28.36
CA MET B 265 -19.15 39.34 -29.02
C MET B 265 -18.02 38.99 -28.05
N ARG B 266 -18.09 39.39 -26.77
CA ARG B 266 -16.98 39.17 -25.85
C ARG B 266 -16.84 37.73 -25.43
N PRO B 267 -15.60 37.26 -25.20
CA PRO B 267 -15.41 35.86 -24.79
C PRO B 267 -15.97 35.51 -23.42
N ILE B 268 -16.48 34.29 -23.27
CA ILE B 268 -17.07 33.81 -22.02
C ILE B 268 -16.66 32.40 -21.72
N MET B 269 -16.80 31.99 -20.45
CA MET B 269 -16.63 30.63 -20.03
C MET B 269 -17.82 30.35 -19.10
N LEU B 270 -18.66 29.36 -19.45
CA LEU B 270 -19.87 29.04 -18.69
C LEU B 270 -19.82 27.60 -18.22
N GLU B 271 -20.08 27.38 -16.93
CA GLU B 271 -20.13 26.07 -16.28
C GLU B 271 -21.52 26.04 -15.74
N LEU B 272 -22.43 25.37 -16.43
CA LEU B 272 -23.85 25.39 -16.10
C LEU B 272 -24.34 24.03 -15.57
N GLY B 273 -25.63 23.77 -15.64
CA GLY B 273 -26.19 22.54 -15.11
C GLY B 273 -25.72 21.27 -15.78
N GLY B 274 -25.96 20.18 -15.08
CA GLY B 274 -25.68 18.84 -15.55
C GLY B 274 -26.80 17.90 -15.16
N LYS B 275 -26.96 16.83 -15.92
CA LYS B 275 -27.87 15.75 -15.60
C LYS B 275 -27.08 14.48 -15.92
N ASP B 276 -25.87 14.36 -15.32
CA ASP B 276 -24.92 13.28 -15.64
C ASP B 276 -25.52 11.91 -15.49
N SER B 277 -25.41 11.11 -16.54
CA SER B 277 -25.95 9.77 -16.53
C SER B 277 -24.85 8.76 -16.19
N ALA B 278 -25.25 7.67 -15.49
CA ALA B 278 -24.36 6.58 -15.15
C ALA B 278 -24.92 5.36 -15.88
N ILE B 279 -24.29 4.99 -17.01
CA ILE B 279 -24.72 3.88 -17.84
C ILE B 279 -24.12 2.61 -17.24
N VAL B 280 -24.99 1.69 -16.77
CA VAL B 280 -24.54 0.43 -16.17
C VAL B 280 -24.90 -0.71 -17.12
N LEU B 281 -23.89 -1.40 -17.66
CA LEU B 281 -24.11 -2.51 -18.59
C LEU B 281 -24.21 -3.84 -17.87
N GLU B 282 -24.63 -4.89 -18.58
CA GLU B 282 -24.82 -6.23 -17.99
C GLU B 282 -23.56 -6.83 -17.37
N ASP B 283 -22.39 -6.53 -17.90
CA ASP B 283 -21.13 -7.09 -17.36
C ASP B 283 -20.48 -6.20 -16.30
N ALA B 284 -21.20 -5.19 -15.76
CA ALA B 284 -20.65 -4.29 -14.75
C ALA B 284 -20.43 -4.94 -13.36
N ASP B 285 -19.48 -4.38 -12.61
CA ASP B 285 -19.24 -4.74 -11.23
C ASP B 285 -20.30 -3.88 -10.51
N LEU B 286 -21.44 -4.50 -10.13
CA LEU B 286 -22.57 -3.76 -9.56
C LEU B 286 -22.27 -3.14 -8.20
N ALA B 287 -21.42 -3.76 -7.36
CA ALA B 287 -21.07 -3.18 -6.06
C ALA B 287 -20.24 -1.89 -6.25
N LEU B 288 -19.29 -1.91 -7.22
CA LEU B 288 -18.49 -0.75 -7.54
CA LEU B 288 -18.47 -0.75 -7.55
C LEU B 288 -19.38 0.33 -8.14
N ALA B 289 -20.30 -0.06 -9.05
CA ALA B 289 -21.20 0.89 -9.67
C ALA B 289 -22.07 1.57 -8.61
N ALA B 290 -22.65 0.79 -7.66
CA ALA B 290 -23.49 1.34 -6.59
C ALA B 290 -22.71 2.28 -5.70
N LYS B 291 -21.48 1.92 -5.32
CA LYS B 291 -20.63 2.73 -4.45
C LYS B 291 -20.35 4.10 -5.10
N ASN B 292 -19.94 4.09 -6.39
CA ASN B 292 -19.61 5.32 -7.10
C ASN B 292 -20.87 6.13 -7.39
N ILE B 293 -21.97 5.48 -7.81
CA ILE B 293 -23.24 6.14 -8.08
C ILE B 293 -23.73 6.88 -6.82
N VAL B 294 -23.72 6.23 -5.64
CA VAL B 294 -24.21 6.87 -4.42
C VAL B 294 -23.30 8.01 -3.93
N ALA B 295 -21.98 7.83 -3.99
CA ALA B 295 -21.03 8.86 -3.57
C ALA B 295 -21.18 10.09 -4.46
N GLY B 296 -21.29 9.86 -5.78
CA GLY B 296 -21.46 10.94 -6.75
C GLY B 296 -22.84 11.61 -6.73
N ALA B 297 -23.92 10.83 -6.59
CA ALA B 297 -25.26 11.39 -6.62
C ALA B 297 -25.63 12.18 -5.38
N PHE B 298 -25.20 11.72 -4.21
CA PHE B 298 -25.61 12.32 -2.95
C PHE B 298 -24.54 13.20 -2.27
N GLY B 299 -23.38 13.40 -2.90
CA GLY B 299 -22.37 14.29 -2.36
C GLY B 299 -22.90 15.72 -2.26
N TYR B 300 -22.79 16.32 -1.07
CA TYR B 300 -23.30 17.66 -0.78
C TYR B 300 -24.82 17.73 -1.10
N SER B 301 -25.54 16.66 -0.70
CA SER B 301 -26.98 16.49 -0.92
C SER B 301 -27.40 16.66 -2.40
N GLY B 302 -26.52 16.27 -3.33
CA GLY B 302 -26.78 16.38 -4.76
C GLY B 302 -26.70 17.79 -5.34
N GLN B 303 -26.14 18.76 -4.59
CA GLN B 303 -26.05 20.16 -5.02
C GLN B 303 -24.75 20.43 -5.78
N ARG B 304 -24.52 19.65 -6.83
CA ARG B 304 -23.32 19.75 -7.65
C ARG B 304 -23.69 19.53 -9.10
N CYS B 305 -23.12 20.31 -10.02
CA CYS B 305 -23.41 20.17 -11.46
C CYS B 305 -22.86 18.83 -12.01
N THR B 306 -21.76 18.31 -11.44
CA THR B 306 -21.13 17.05 -11.85
C THR B 306 -21.66 15.80 -11.18
N ALA B 307 -22.64 15.89 -10.26
CA ALA B 307 -23.17 14.70 -9.61
C ALA B 307 -23.76 13.70 -10.61
N VAL B 308 -23.82 12.40 -10.24
CA VAL B 308 -24.54 11.41 -11.04
C VAL B 308 -26.04 11.74 -10.77
N LYS B 309 -26.80 12.08 -11.81
CA LYS B 309 -28.21 12.48 -11.64
C LYS B 309 -29.21 11.53 -12.25
N ARG B 310 -28.77 10.48 -12.94
CA ARG B 310 -29.69 9.46 -13.46
C ARG B 310 -28.89 8.20 -13.79
N VAL B 311 -29.42 7.03 -13.43
CA VAL B 311 -28.78 5.76 -13.68
C VAL B 311 -29.50 5.17 -14.86
N LEU B 312 -28.78 4.90 -15.98
CA LEU B 312 -29.34 4.26 -17.17
C LEU B 312 -28.79 2.85 -17.10
N VAL B 313 -29.60 1.90 -16.64
CA VAL B 313 -29.14 0.54 -16.38
C VAL B 313 -29.87 -0.50 -17.25
N MET B 314 -29.11 -1.51 -17.73
CA MET B 314 -29.67 -2.62 -18.51
C MET B 314 -30.59 -3.42 -17.60
N ASP B 315 -31.82 -3.73 -18.08
CA ASP B 315 -32.85 -4.38 -17.29
C ASP B 315 -32.40 -5.69 -16.59
N LYS B 316 -31.54 -6.48 -17.23
CA LYS B 316 -31.07 -7.75 -16.65
C LYS B 316 -30.40 -7.55 -15.27
N VAL B 317 -29.66 -6.46 -15.09
CA VAL B 317 -28.96 -6.20 -13.82
C VAL B 317 -29.60 -5.07 -12.98
N ALA B 318 -30.74 -4.52 -13.42
CA ALA B 318 -31.38 -3.40 -12.73
C ALA B 318 -31.87 -3.72 -11.31
N ASP B 319 -32.51 -4.89 -11.09
CA ASP B 319 -33.02 -5.23 -9.75
C ASP B 319 -31.89 -5.33 -8.74
N GLN B 320 -30.78 -6.01 -9.08
CA GLN B 320 -29.67 -6.14 -8.16
C GLN B 320 -28.97 -4.79 -7.95
N LEU B 321 -28.77 -3.99 -9.02
CA LEU B 321 -28.12 -2.68 -8.85
C LEU B 321 -28.95 -1.77 -7.95
N ALA B 322 -30.28 -1.69 -8.17
CA ALA B 322 -31.16 -0.85 -7.37
C ALA B 322 -31.10 -1.25 -5.90
N ALA B 323 -31.04 -2.57 -5.62
CA ALA B 323 -30.98 -3.09 -4.25
C ALA B 323 -29.67 -2.69 -3.58
N GLU B 324 -28.57 -2.69 -4.33
CA GLU B 324 -27.24 -2.30 -3.82
C GLU B 324 -27.15 -0.80 -3.60
N ILE B 325 -27.77 0.00 -4.47
CA ILE B 325 -27.80 1.45 -4.31
C ILE B 325 -28.66 1.76 -3.06
N LYS B 326 -29.84 1.12 -2.94
CA LYS B 326 -30.73 1.31 -1.79
C LYS B 326 -30.02 1.07 -0.45
N THR B 327 -29.32 -0.05 -0.29
CA THR B 327 -28.61 -0.36 0.96
C THR B 327 -27.60 0.76 1.34
N LEU B 328 -26.89 1.31 0.36
CA LEU B 328 -25.95 2.39 0.60
C LEU B 328 -26.62 3.73 0.89
N VAL B 329 -27.74 4.04 0.20
CA VAL B 329 -28.48 5.28 0.45
C VAL B 329 -29.01 5.26 1.90
N GLU B 330 -29.52 4.10 2.35
CA GLU B 330 -30.06 3.96 3.72
C GLU B 330 -28.97 4.19 4.81
N LYS B 331 -27.70 4.02 4.48
CA LYS B 331 -26.58 4.25 5.42
C LYS B 331 -26.09 5.73 5.44
N LEU B 332 -26.54 6.58 4.51
CA LEU B 332 -26.15 7.99 4.51
C LEU B 332 -26.71 8.71 5.72
N SER B 333 -25.86 9.47 6.44
CA SER B 333 -26.29 10.24 7.58
C SER B 333 -27.03 11.49 7.08
N VAL B 334 -28.08 11.88 7.81
CA VAL B 334 -28.91 13.03 7.45
C VAL B 334 -28.89 13.94 8.68
N GLY B 335 -28.38 15.16 8.52
CA GLY B 335 -28.23 16.05 9.65
C GLY B 335 -27.58 17.38 9.33
N MET B 336 -26.82 17.92 10.30
CA MET B 336 -26.26 19.26 10.22
C MET B 336 -24.82 19.31 9.68
N PRO B 337 -24.47 20.44 9.00
CA PRO B 337 -23.09 20.59 8.50
C PRO B 337 -22.01 20.47 9.59
N GLU B 338 -22.26 20.99 10.81
CA GLU B 338 -21.26 20.92 11.89
CA GLU B 338 -21.25 20.93 11.88
C GLU B 338 -20.96 19.49 12.31
N ASP B 339 -21.89 18.53 12.06
CA ASP B 339 -21.68 17.11 12.37
C ASP B 339 -21.19 16.28 11.16
N ASP B 340 -20.75 16.94 10.07
CA ASP B 340 -20.25 16.30 8.86
C ASP B 340 -21.20 15.23 8.34
N ALA B 341 -22.51 15.55 8.34
CA ALA B 341 -23.52 14.64 7.82
C ALA B 341 -23.43 14.59 6.28
N ASP B 342 -23.74 13.44 5.69
CA ASP B 342 -23.67 13.27 4.24
C ASP B 342 -24.74 14.15 3.57
N ILE B 343 -25.97 14.09 4.11
CA ILE B 343 -27.10 14.88 3.61
C ILE B 343 -27.35 16.00 4.60
N THR B 344 -27.06 17.26 4.19
CA THR B 344 -27.26 18.45 4.98
C THR B 344 -28.45 19.27 4.43
N PRO B 345 -28.94 20.30 5.16
CA PRO B 345 -30.05 21.11 4.65
C PRO B 345 -29.71 21.81 3.33
N LEU B 346 -30.70 21.92 2.44
CA LEU B 346 -30.50 22.54 1.14
C LEU B 346 -30.31 24.05 1.27
N ILE B 347 -29.71 24.65 0.24
CA ILE B 347 -29.31 26.06 0.25
C ILE B 347 -30.45 27.02 0.65
N ASP B 348 -31.70 26.75 0.23
CA ASP B 348 -32.83 27.60 0.61
C ASP B 348 -34.16 26.85 0.45
N THR B 349 -35.25 27.46 0.94
CA THR B 349 -36.58 26.89 0.91
C THR B 349 -37.02 26.59 -0.51
N SER B 350 -36.78 27.54 -1.43
CA SER B 350 -37.14 27.38 -2.83
C SER B 350 -36.51 26.13 -3.46
N ALA B 351 -35.25 25.84 -3.12
CA ALA B 351 -34.54 24.67 -3.62
C ALA B 351 -35.20 23.40 -3.10
N ALA B 352 -35.52 23.34 -1.80
CA ALA B 352 -36.17 22.18 -1.20
C ALA B 352 -37.62 21.99 -1.73
N ASP B 353 -38.34 23.09 -1.98
CA ASP B 353 -39.68 23.03 -2.55
C ASP B 353 -39.60 22.43 -3.96
N PHE B 354 -38.61 22.85 -4.76
CA PHE B 354 -38.43 22.39 -6.13
C PHE B 354 -38.12 20.88 -6.16
N VAL B 355 -37.27 20.42 -5.23
CA VAL B 355 -36.91 18.99 -5.15
C VAL B 355 -38.13 18.18 -4.73
N GLU B 356 -38.90 18.68 -3.76
CA GLU B 356 -40.13 18.02 -3.34
C GLU B 356 -41.13 17.88 -4.50
N GLY B 357 -41.22 18.87 -5.37
CA GLY B 357 -42.10 18.84 -6.54
C GLY B 357 -41.70 17.76 -7.54
N LEU B 358 -40.39 17.53 -7.72
CA LEU B 358 -39.90 16.47 -8.62
C LEU B 358 -40.23 15.11 -8.03
N ILE B 359 -40.07 14.97 -6.69
CA ILE B 359 -40.39 13.73 -5.95
C ILE B 359 -41.89 13.44 -6.08
N LYS B 360 -42.73 14.49 -5.96
CA LYS B 360 -44.17 14.33 -6.09
C LYS B 360 -44.56 13.88 -7.51
N ASP B 361 -44.00 14.53 -8.56
CA ASP B 361 -44.30 14.17 -9.95
C ASP B 361 -43.97 12.71 -10.23
N ALA B 362 -42.79 12.24 -9.73
CA ALA B 362 -42.35 10.86 -9.91
C ALA B 362 -43.28 9.87 -9.18
N THR B 363 -43.66 10.18 -7.93
CA THR B 363 -44.59 9.34 -7.17
C THR B 363 -45.94 9.26 -7.88
N ASP B 364 -46.50 10.40 -8.29
CA ASP B 364 -47.81 10.44 -8.94
C ASP B 364 -47.81 9.72 -10.27
N LYS B 365 -46.66 9.67 -10.98
CA LYS B 365 -46.58 8.96 -12.27
C LYS B 365 -46.19 7.48 -12.14
N GLY B 366 -46.14 6.92 -10.93
CA GLY B 366 -45.90 5.50 -10.72
C GLY B 366 -44.49 5.02 -10.44
N ALA B 367 -43.52 5.94 -10.16
CA ALA B 367 -42.16 5.49 -9.85
C ALA B 367 -42.17 4.85 -8.45
N THR B 368 -41.25 3.89 -8.23
CA THR B 368 -41.13 3.16 -6.97
C THR B 368 -40.12 3.86 -6.06
N ALA B 369 -40.58 4.39 -4.92
CA ALA B 369 -39.69 5.03 -3.96
C ALA B 369 -39.00 3.95 -3.14
N LEU B 370 -37.72 3.69 -3.40
CA LEU B 370 -36.97 2.68 -2.66
C LEU B 370 -36.51 3.14 -1.28
N THR B 371 -36.38 4.46 -1.08
CA THR B 371 -36.07 5.06 0.23
C THR B 371 -37.12 6.16 0.42
N ALA B 372 -37.60 6.30 1.66
CA ALA B 372 -38.71 7.22 1.98
C ALA B 372 -38.37 8.69 1.92
N PHE B 373 -39.34 9.49 1.48
CA PHE B 373 -39.22 10.93 1.44
C PHE B 373 -39.60 11.49 2.80
N ASN B 374 -38.70 12.31 3.38
CA ASN B 374 -38.96 13.01 4.63
C ASN B 374 -38.30 14.38 4.53
N ARG B 375 -38.96 15.41 5.07
CA ARG B 375 -38.43 16.76 5.02
C ARG B 375 -38.64 17.41 6.37
N GLU B 376 -37.57 17.98 6.95
CA GLU B 376 -37.62 18.70 8.23
C GLU B 376 -36.97 20.04 7.94
N GLY B 377 -37.77 21.09 7.74
CA GLY B 377 -37.26 22.38 7.33
C GLY B 377 -36.83 22.25 5.88
N ASN B 378 -35.55 22.51 5.57
CA ASN B 378 -35.03 22.29 4.21
C ASN B 378 -34.09 21.07 4.17
N LEU B 379 -34.20 20.15 5.16
CA LEU B 379 -33.43 18.93 5.22
C LEU B 379 -34.27 17.81 4.66
N ILE B 380 -34.01 17.45 3.38
CA ILE B 380 -34.73 16.38 2.68
C ILE B 380 -33.88 15.12 2.82
N SER B 381 -34.52 14.01 3.22
CA SER B 381 -33.85 12.71 3.31
C SER B 381 -33.56 12.21 1.90
N PRO B 382 -32.51 11.39 1.69
CA PRO B 382 -32.21 10.93 0.34
C PRO B 382 -33.24 9.97 -0.25
N VAL B 383 -33.80 10.32 -1.43
CA VAL B 383 -34.84 9.54 -2.06
C VAL B 383 -34.26 8.84 -3.29
N LEU B 384 -34.45 7.53 -3.36
CA LEU B 384 -34.05 6.73 -4.48
C LEU B 384 -35.30 6.30 -5.18
N PHE B 385 -35.40 6.49 -6.50
CA PHE B 385 -36.58 6.07 -7.27
C PHE B 385 -36.17 5.03 -8.31
N ASP B 386 -37.00 4.00 -8.48
CA ASP B 386 -36.81 2.98 -9.50
C ASP B 386 -38.03 2.98 -10.44
N HIS B 387 -37.87 2.41 -11.62
CA HIS B 387 -38.91 2.39 -12.63
C HIS B 387 -39.30 3.82 -13.04
N VAL B 388 -38.28 4.68 -13.17
CA VAL B 388 -38.49 6.04 -13.61
C VAL B 388 -38.56 6.00 -15.14
N THR B 389 -39.57 6.68 -15.71
CA THR B 389 -39.79 6.71 -17.15
C THR B 389 -39.48 8.11 -17.68
N THR B 390 -39.31 8.24 -18.99
CA THR B 390 -38.99 9.52 -19.61
C THR B 390 -40.14 10.53 -19.57
N ASP B 391 -41.36 10.13 -19.15
CA ASP B 391 -42.48 11.06 -19.01
C ASP B 391 -42.42 11.83 -17.65
N MET B 392 -41.53 11.42 -16.72
CA MET B 392 -41.37 12.03 -15.42
C MET B 392 -40.35 13.17 -15.51
N ARG B 393 -40.62 14.27 -14.79
CA ARG B 393 -39.72 15.43 -14.77
C ARG B 393 -38.33 15.04 -14.20
N LEU B 394 -38.31 14.14 -13.20
CA LEU B 394 -37.07 13.70 -12.57
C LEU B 394 -36.12 13.01 -13.55
N ALA B 395 -36.60 12.50 -14.69
CA ALA B 395 -35.73 11.90 -15.70
C ALA B 395 -34.85 12.96 -16.40
N TRP B 396 -35.30 14.23 -16.45
CA TRP B 396 -34.63 15.29 -17.18
C TRP B 396 -34.14 16.49 -16.38
N GLU B 397 -34.95 17.00 -15.44
CA GLU B 397 -34.63 18.22 -14.70
C GLU B 397 -33.57 18.05 -13.61
N GLU B 398 -32.62 18.98 -13.55
CA GLU B 398 -31.55 18.96 -12.55
C GLU B 398 -32.18 19.33 -11.19
N PRO B 399 -32.26 18.41 -10.19
CA PRO B 399 -32.91 18.79 -8.92
C PRO B 399 -32.12 19.70 -8.00
N PHE B 400 -30.79 19.46 -7.87
CA PHE B 400 -29.92 20.12 -6.89
C PHE B 400 -30.47 19.74 -5.47
N GLY B 401 -30.70 18.44 -5.30
CA GLY B 401 -31.25 17.84 -4.10
C GLY B 401 -31.01 16.36 -4.04
N PRO B 402 -31.18 15.72 -2.86
CA PRO B 402 -30.80 14.31 -2.73
C PRO B 402 -31.86 13.36 -3.23
N VAL B 403 -32.05 13.33 -4.55
CA VAL B 403 -33.02 12.46 -5.20
C VAL B 403 -32.36 11.90 -6.46
N LEU B 404 -32.45 10.60 -6.67
CA LEU B 404 -31.83 9.96 -7.82
C LEU B 404 -32.78 9.00 -8.50
N PRO B 405 -33.04 9.16 -9.80
CA PRO B 405 -33.88 8.20 -10.52
C PRO B 405 -33.06 7.07 -11.13
N ILE B 406 -33.63 5.87 -11.19
CA ILE B 406 -33.03 4.72 -11.86
C ILE B 406 -33.99 4.44 -13.02
N ILE B 407 -33.49 4.56 -14.26
CA ILE B 407 -34.21 4.34 -15.51
C ILE B 407 -33.71 3.03 -16.10
N ARG B 408 -34.59 2.10 -16.38
CA ARG B 408 -34.22 0.81 -16.97
C ARG B 408 -34.25 0.90 -18.50
N VAL B 409 -33.26 0.29 -19.16
CA VAL B 409 -33.13 0.26 -20.62
C VAL B 409 -32.92 -1.17 -21.09
N THR B 410 -33.30 -1.48 -22.33
CA THR B 410 -33.19 -2.82 -22.91
C THR B 410 -31.93 -3.00 -23.73
N THR B 411 -31.43 -1.93 -24.37
CA THR B 411 -30.23 -1.96 -25.21
C THR B 411 -29.28 -0.81 -24.86
N VAL B 412 -27.99 -0.93 -25.22
CA VAL B 412 -27.03 0.17 -25.01
C VAL B 412 -27.37 1.35 -25.94
N GLU B 413 -27.92 1.06 -27.14
CA GLU B 413 -28.39 2.08 -28.09
C GLU B 413 -29.46 2.97 -27.41
N GLU B 414 -30.36 2.36 -26.64
CA GLU B 414 -31.40 3.07 -25.90
C GLU B 414 -30.79 3.95 -24.80
N ALA B 415 -29.79 3.41 -24.05
CA ALA B 415 -29.09 4.18 -23.01
C ALA B 415 -28.41 5.41 -23.62
N ILE B 416 -27.72 5.28 -24.79
CA ILE B 416 -27.08 6.39 -25.48
C ILE B 416 -28.13 7.41 -25.92
N LYS B 417 -29.22 6.93 -26.57
CA LYS B 417 -30.30 7.79 -27.02
C LYS B 417 -30.92 8.58 -25.83
N ILE B 418 -31.23 7.92 -24.71
CA ILE B 418 -31.83 8.61 -23.56
C ILE B 418 -30.83 9.58 -22.95
N SER B 419 -29.56 9.16 -22.79
CA SER B 419 -28.51 10.02 -22.27
C SER B 419 -28.40 11.33 -23.10
N ASN B 420 -28.31 11.20 -24.46
CA ASN B 420 -28.18 12.33 -25.40
C ASN B 420 -29.46 13.15 -25.59
N GLU B 421 -30.65 12.62 -25.26
CA GLU B 421 -31.90 13.39 -25.35
C GLU B 421 -31.93 14.58 -24.35
N SER B 422 -31.10 14.53 -23.31
CA SER B 422 -30.99 15.61 -22.33
C SER B 422 -30.40 16.85 -22.97
N GLU B 423 -30.87 18.03 -22.52
CA GLU B 423 -30.34 19.32 -22.98
CA GLU B 423 -30.34 19.31 -22.98
C GLU B 423 -28.94 19.56 -22.38
N TYR B 424 -28.58 18.82 -21.31
CA TYR B 424 -27.30 18.90 -20.63
C TYR B 424 -26.33 17.86 -21.19
N GLY B 425 -25.05 18.13 -21.04
CA GLY B 425 -24.01 17.23 -21.50
C GLY B 425 -22.71 17.53 -20.79
N LEU B 426 -22.71 17.44 -19.46
CA LEU B 426 -21.51 17.76 -18.69
C LEU B 426 -20.58 16.55 -18.68
N GLN B 427 -20.97 15.48 -18.00
CA GLN B 427 -20.18 14.27 -17.92
C GLN B 427 -21.10 13.03 -17.93
N ALA B 428 -20.48 11.86 -18.10
CA ALA B 428 -21.17 10.59 -18.05
C ALA B 428 -20.23 9.56 -17.43
N SER B 429 -20.83 8.53 -16.84
CA SER B 429 -20.11 7.41 -16.26
C SER B 429 -20.55 6.17 -17.03
N ILE B 430 -19.63 5.22 -17.25
CA ILE B 430 -19.95 3.95 -17.90
C ILE B 430 -19.33 2.89 -17.04
N PHE B 431 -20.17 1.98 -16.51
CA PHE B 431 -19.74 0.88 -15.67
CA PHE B 431 -19.72 0.88 -15.68
C PHE B 431 -19.87 -0.39 -16.50
N THR B 432 -18.73 -0.98 -16.83
CA THR B 432 -18.63 -2.19 -17.66
C THR B 432 -17.22 -2.77 -17.56
N THR B 433 -17.06 -4.06 -17.89
CA THR B 433 -15.74 -4.67 -17.95
C THR B 433 -15.19 -4.69 -19.41
N ASN B 434 -15.99 -4.26 -20.42
CA ASN B 434 -15.57 -4.20 -21.83
C ASN B 434 -15.15 -2.74 -22.18
N PHE B 435 -13.87 -2.42 -22.02
CA PHE B 435 -13.37 -1.06 -22.27
CA PHE B 435 -13.31 -1.08 -22.26
C PHE B 435 -13.32 -0.62 -23.76
N PRO B 436 -13.00 -1.49 -24.75
CA PRO B 436 -13.06 -1.04 -26.15
C PRO B 436 -14.49 -0.63 -26.53
N LYS B 437 -15.51 -1.35 -26.00
CA LYS B 437 -16.92 -1.02 -26.20
C LYS B 437 -17.25 0.27 -25.43
N ALA B 438 -16.74 0.42 -24.20
CA ALA B 438 -16.97 1.63 -23.40
C ALA B 438 -16.44 2.87 -24.12
N PHE B 439 -15.31 2.75 -24.81
CA PHE B 439 -14.73 3.84 -25.61
C PHE B 439 -15.62 4.16 -26.82
N GLY B 440 -16.20 3.14 -27.44
CA GLY B 440 -17.12 3.32 -28.55
C GLY B 440 -18.39 4.04 -28.12
N ILE B 441 -18.91 3.70 -26.91
CA ILE B 441 -20.06 4.35 -26.32
C ILE B 441 -19.69 5.81 -25.99
N ALA B 442 -18.54 6.04 -25.33
CA ALA B 442 -18.04 7.37 -24.97
C ALA B 442 -17.97 8.32 -26.16
N GLU B 443 -17.53 7.81 -27.34
CA GLU B 443 -17.50 8.61 -28.58
C GLU B 443 -18.88 9.13 -28.96
N GLN B 444 -19.94 8.33 -28.71
CA GLN B 444 -21.31 8.70 -29.04
C GLN B 444 -22.00 9.60 -28.00
N LEU B 445 -21.53 9.62 -26.74
CA LEU B 445 -22.17 10.43 -25.70
C LEU B 445 -21.83 11.89 -25.90
N GLU B 446 -22.83 12.77 -25.84
CA GLU B 446 -22.67 14.20 -26.05
C GLU B 446 -22.38 14.87 -24.73
N VAL B 447 -21.16 14.64 -24.22
CA VAL B 447 -20.70 15.17 -22.94
C VAL B 447 -19.24 15.64 -23.09
N GLY B 448 -18.76 16.40 -22.11
CA GLY B 448 -17.38 16.84 -22.11
C GLY B 448 -16.42 15.74 -21.69
N THR B 449 -16.72 15.04 -20.57
CA THR B 449 -15.90 13.97 -20.01
C THR B 449 -16.71 12.70 -19.74
N VAL B 450 -16.10 11.53 -19.95
CA VAL B 450 -16.70 10.23 -19.71
C VAL B 450 -15.72 9.52 -18.73
N HIS B 451 -16.20 9.11 -17.54
CA HIS B 451 -15.43 8.40 -16.54
C HIS B 451 -15.78 6.93 -16.69
N LEU B 452 -14.78 6.04 -16.72
CA LEU B 452 -15.02 4.61 -16.86
C LEU B 452 -14.84 3.97 -15.51
N ASN B 453 -15.89 3.22 -15.04
CA ASN B 453 -15.90 2.54 -13.77
C ASN B 453 -15.58 3.47 -12.61
N ASN B 454 -16.15 4.66 -12.66
CA ASN B 454 -15.97 5.67 -11.62
C ASN B 454 -17.03 6.75 -11.79
N LYS B 455 -17.42 7.39 -10.68
CA LYS B 455 -18.40 8.48 -10.70
C LYS B 455 -17.86 9.66 -11.47
N THR B 456 -18.76 10.51 -11.94
CA THR B 456 -18.37 11.72 -12.64
C THR B 456 -17.73 12.67 -11.60
N GLN B 457 -16.79 13.49 -12.04
CA GLN B 457 -16.10 14.43 -11.15
C GLN B 457 -15.27 15.42 -11.96
N ARG B 458 -15.12 16.61 -11.44
CA ARG B 458 -14.35 17.66 -12.09
C ARG B 458 -12.82 17.35 -12.10
N GLY B 459 -12.34 16.77 -11.01
CA GLY B 459 -10.93 16.48 -10.83
C GLY B 459 -10.34 15.38 -11.71
N THR B 460 -9.00 15.30 -11.80
CA THR B 460 -8.08 16.26 -11.15
C THR B 460 -8.15 17.60 -11.90
N ASP B 461 -7.87 18.70 -11.20
CA ASP B 461 -8.02 20.04 -11.76
C ASP B 461 -7.09 20.39 -12.95
N ASN B 462 -6.07 19.56 -13.24
CA ASN B 462 -5.27 19.73 -14.44
C ASN B 462 -6.03 19.20 -15.70
N PHE B 463 -7.01 18.27 -15.52
CA PHE B 463 -7.78 17.70 -16.63
C PHE B 463 -8.79 18.70 -17.20
N PRO B 464 -9.15 18.58 -18.49
CA PRO B 464 -10.17 19.47 -19.03
C PRO B 464 -11.53 19.20 -18.37
N PHE B 465 -12.29 20.28 -18.15
CA PHE B 465 -13.60 20.24 -17.58
C PHE B 465 -14.46 21.09 -18.50
N LEU B 466 -15.44 20.49 -19.15
CA LEU B 466 -16.30 21.22 -20.09
C LEU B 466 -17.63 20.51 -20.22
N GLY B 467 -18.61 21.25 -20.73
CA GLY B 467 -19.92 20.71 -20.98
C GLY B 467 -20.39 21.00 -22.38
N ALA B 468 -20.98 19.98 -23.01
CA ALA B 468 -21.60 20.07 -24.31
C ALA B 468 -23.05 20.63 -24.11
N LYS B 469 -23.71 21.02 -25.21
CA LYS B 469 -25.10 21.48 -25.21
C LYS B 469 -25.31 22.64 -24.17
N LYS B 470 -26.36 22.59 -23.31
CA LYS B 470 -26.64 23.65 -22.35
C LYS B 470 -25.80 23.59 -21.07
N SER B 471 -24.81 22.67 -20.98
CA SER B 471 -23.97 22.57 -19.79
C SER B 471 -22.82 23.57 -19.73
N GLY B 472 -22.55 24.30 -20.81
CA GLY B 472 -21.51 25.32 -20.78
C GLY B 472 -21.01 25.84 -22.10
N ALA B 473 -19.96 26.68 -22.00
CA ALA B 473 -19.23 27.30 -23.09
C ALA B 473 -17.77 27.39 -22.65
N GLY B 474 -16.85 26.96 -23.50
CA GLY B 474 -15.43 26.99 -23.19
C GLY B 474 -14.96 25.77 -22.43
N VAL B 475 -13.63 25.63 -22.31
CA VAL B 475 -13.02 24.51 -21.64
C VAL B 475 -12.28 24.99 -20.41
N GLN B 476 -12.66 24.47 -19.24
CA GLN B 476 -12.02 24.78 -17.97
C GLN B 476 -11.02 23.61 -17.64
N GLY B 477 -10.40 23.62 -16.48
CA GLY B 477 -9.23 22.80 -16.19
C GLY B 477 -8.08 23.80 -16.26
N VAL B 478 -7.09 23.69 -15.37
CA VAL B 478 -6.10 24.76 -15.18
C VAL B 478 -5.49 25.33 -16.50
N LYS B 479 -4.79 24.53 -17.32
CA LYS B 479 -4.15 25.07 -18.54
C LYS B 479 -5.18 25.58 -19.57
N TYR B 480 -6.34 24.95 -19.62
CA TYR B 480 -7.39 25.34 -20.57
C TYR B 480 -7.98 26.69 -20.15
N SER B 481 -8.08 26.94 -18.84
CA SER B 481 -8.53 28.20 -18.28
C SER B 481 -7.61 29.31 -18.71
N ILE B 482 -6.30 29.09 -18.57
CA ILE B 482 -5.29 30.08 -18.89
C ILE B 482 -5.35 30.39 -20.40
N GLU B 483 -5.44 29.36 -21.25
CA GLU B 483 -5.54 29.58 -22.69
C GLU B 483 -6.82 30.39 -23.04
N ALA B 484 -7.94 30.07 -22.39
CA ALA B 484 -9.21 30.75 -22.67
C ALA B 484 -9.16 32.24 -22.34
N MET B 485 -8.54 32.61 -21.21
CA MET B 485 -8.45 34.01 -20.79
C MET B 485 -7.17 34.72 -21.30
N THR B 486 -6.64 34.26 -22.44
CA THR B 486 -5.53 34.90 -23.13
C THR B 486 -5.89 35.01 -24.60
N THR B 487 -5.28 35.99 -25.24
CA THR B 487 -5.38 36.19 -26.65
C THR B 487 -3.92 36.10 -27.18
N VAL B 488 -3.76 36.41 -28.45
CA VAL B 488 -2.52 36.27 -29.16
C VAL B 488 -2.23 37.60 -29.87
N LYS B 489 -0.93 37.97 -29.93
CA LYS B 489 -0.40 39.16 -30.58
C LYS B 489 0.67 38.63 -31.52
N SER B 490 0.47 38.80 -32.81
CA SER B 490 1.39 38.31 -33.83
C SER B 490 2.26 39.47 -34.33
N VAL B 491 3.59 39.30 -34.39
CA VAL B 491 4.48 40.31 -34.94
C VAL B 491 5.16 39.64 -36.12
N VAL B 492 4.89 40.16 -37.34
CA VAL B 492 5.38 39.59 -38.59
C VAL B 492 6.44 40.49 -39.20
N PHE B 493 7.55 39.90 -39.65
CA PHE B 493 8.61 40.65 -40.33
C PHE B 493 9.36 39.72 -41.32
N ASP B 494 10.09 40.32 -42.27
CA ASP B 494 10.87 39.57 -43.24
C ASP B 494 12.33 39.57 -42.83
N ILE B 495 12.96 38.41 -42.92
CA ILE B 495 14.37 38.24 -42.65
C ILE B 495 15.12 38.65 -43.92
N GLN B 496 16.23 39.38 -43.77
CA GLN B 496 17.00 39.89 -44.90
C GLN B 496 18.43 39.33 -44.88
N MET C 22 16.72 -10.50 -67.95
CA MET C 22 16.62 -9.04 -68.06
C MET C 22 17.50 -8.38 -66.99
N ALA C 23 18.73 -8.89 -66.81
CA ALA C 23 19.67 -8.42 -65.78
C ALA C 23 20.40 -7.13 -66.20
N LYS C 24 20.02 -5.98 -65.58
CA LYS C 24 20.58 -4.68 -65.90
C LYS C 24 21.81 -4.31 -65.08
N GLN C 25 22.63 -3.37 -65.57
CA GLN C 25 23.79 -2.88 -64.84
C GLN C 25 23.36 -1.56 -64.19
N TYR C 26 23.10 -1.58 -62.87
CA TYR C 26 22.62 -0.39 -62.16
C TYR C 26 23.74 0.59 -61.79
N LYS C 27 23.36 1.85 -61.60
CA LYS C 27 24.28 2.94 -61.32
C LYS C 27 23.87 3.70 -60.08
N ASN C 28 24.81 4.34 -59.41
CA ASN C 28 24.53 5.14 -58.22
C ASN C 28 24.20 6.57 -58.61
N LEU C 29 23.29 7.20 -57.88
CA LEU C 29 22.93 8.59 -58.10
C LEU C 29 23.94 9.42 -57.33
N VAL C 30 24.78 10.18 -58.02
CA VAL C 30 25.81 10.98 -57.39
C VAL C 30 25.79 12.38 -58.02
N ASN C 31 25.35 13.39 -57.26
CA ASN C 31 25.34 14.77 -57.73
C ASN C 31 24.57 14.97 -59.06
N GLY C 32 23.37 14.41 -59.13
CA GLY C 32 22.53 14.53 -60.32
C GLY C 32 22.96 13.70 -61.50
N GLU C 33 23.99 12.85 -61.35
CA GLU C 33 24.50 12.00 -62.43
C GLU C 33 24.45 10.54 -62.01
N TRP C 34 24.37 9.63 -62.98
CA TRP C 34 24.33 8.20 -62.73
C TRP C 34 25.73 7.64 -62.98
N LYS C 35 26.37 7.13 -61.94
CA LYS C 35 27.74 6.66 -62.04
C LYS C 35 27.93 5.18 -61.81
N LEU C 36 28.71 4.55 -62.67
CA LEU C 36 29.18 3.19 -62.47
C LEU C 36 30.52 3.31 -61.71
N SER C 37 30.98 2.20 -61.13
CA SER C 37 32.29 2.10 -60.50
C SER C 37 33.12 1.09 -61.33
N GLU C 38 34.44 1.05 -61.12
CA GLU C 38 35.30 0.12 -61.83
C GLU C 38 34.90 -1.34 -61.57
N ASN C 39 34.54 -1.66 -60.30
CA ASN C 39 34.08 -2.98 -59.89
C ASN C 39 32.57 -2.92 -59.59
N GLU C 40 31.91 -4.10 -59.62
CA GLU C 40 30.48 -4.21 -59.36
C GLU C 40 30.17 -5.49 -58.57
N ILE C 41 28.95 -5.57 -58.00
CA ILE C 41 28.49 -6.72 -57.23
C ILE C 41 27.24 -7.26 -57.95
N THR C 42 27.24 -8.52 -58.36
CA THR C 42 26.09 -9.13 -59.01
C THR C 42 25.13 -9.61 -57.92
N ILE C 43 23.81 -9.32 -58.12
CA ILE C 43 22.73 -9.66 -57.22
C ILE C 43 21.93 -10.82 -57.80
N TYR C 44 21.66 -11.85 -56.98
CA TYR C 44 20.89 -13.03 -57.37
C TYR C 44 19.64 -13.15 -56.54
N ALA C 45 18.61 -13.78 -57.11
CA ALA C 45 17.35 -13.96 -56.40
C ALA C 45 17.53 -15.03 -55.32
N PRO C 46 17.32 -14.75 -54.01
CA PRO C 46 17.50 -15.81 -53.01
C PRO C 46 16.60 -17.06 -53.20
N ALA C 47 15.43 -16.95 -53.84
CA ALA C 47 14.54 -18.10 -54.03
C ALA C 47 14.87 -19.01 -55.21
N THR C 48 15.41 -18.44 -56.30
CA THR C 48 15.71 -19.17 -57.54
C THR C 48 17.17 -19.16 -57.99
N GLY C 49 17.97 -18.21 -57.51
CA GLY C 49 19.35 -18.05 -57.96
C GLY C 49 19.49 -17.23 -59.24
N GLU C 50 18.38 -16.71 -59.76
CA GLU C 50 18.37 -15.91 -60.99
C GLU C 50 19.21 -14.64 -60.84
N GLU C 51 20.04 -14.32 -61.86
CA GLU C 51 20.81 -13.09 -61.85
C GLU C 51 19.84 -11.93 -62.13
N LEU C 52 19.82 -10.93 -61.24
CA LEU C 52 18.92 -9.77 -61.37
C LEU C 52 19.59 -8.51 -61.91
N GLY C 53 20.92 -8.45 -61.82
CA GLY C 53 21.70 -7.32 -62.26
C GLY C 53 22.88 -7.11 -61.35
N SER C 54 23.54 -5.95 -61.51
CA SER C 54 24.70 -5.62 -60.69
C SER C 54 24.60 -4.19 -60.20
N VAL C 55 25.25 -3.91 -59.08
CA VAL C 55 25.31 -2.56 -58.52
C VAL C 55 26.77 -2.16 -58.39
N PRO C 56 27.11 -0.86 -58.43
CA PRO C 56 28.53 -0.49 -58.31
C PRO C 56 29.15 -0.92 -56.97
N ALA C 57 30.45 -1.21 -57.00
CA ALA C 57 31.23 -1.53 -55.79
C ALA C 57 32.09 -0.30 -55.54
N MET C 58 31.50 0.73 -54.91
CA MET C 58 32.20 1.99 -54.69
C MET C 58 33.45 1.85 -53.86
N THR C 59 34.41 2.72 -54.16
CA THR C 59 35.67 2.87 -53.43
C THR C 59 35.44 3.99 -52.38
N GLN C 60 36.40 4.17 -51.46
CA GLN C 60 36.30 5.22 -50.46
C GLN C 60 36.37 6.61 -51.10
N ALA C 61 37.15 6.76 -52.20
CA ALA C 61 37.25 8.02 -52.94
C ALA C 61 35.89 8.40 -53.59
N GLU C 62 35.12 7.40 -54.04
CA GLU C 62 33.79 7.64 -54.61
C GLU C 62 32.79 7.99 -53.52
N VAL C 63 32.94 7.43 -52.30
CA VAL C 63 32.12 7.80 -51.15
C VAL C 63 32.42 9.28 -50.81
N ASP C 64 33.71 9.69 -50.85
CA ASP C 64 34.13 11.08 -50.62
C ASP C 64 33.45 12.02 -51.60
N ALA C 65 33.33 11.64 -52.89
CA ALA C 65 32.67 12.44 -53.91
C ALA C 65 31.17 12.62 -53.63
N VAL C 66 30.51 11.55 -53.12
CA VAL C 66 29.09 11.59 -52.75
C VAL C 66 28.90 12.60 -51.62
N TYR C 67 29.73 12.52 -50.58
CA TYR C 67 29.61 13.40 -49.42
C TYR C 67 29.99 14.85 -49.73
N ALA C 68 30.99 15.06 -50.61
CA ALA C 68 31.36 16.39 -51.03
C ALA C 68 30.20 17.03 -51.81
N SER C 69 29.55 16.26 -52.69
CA SER C 69 28.40 16.74 -53.47
C SER C 69 27.25 17.14 -52.54
N ALA C 70 26.98 16.31 -51.52
CA ALA C 70 25.90 16.52 -50.58
C ALA C 70 26.14 17.77 -49.74
N LYS C 71 27.36 17.94 -49.18
CA LYS C 71 27.65 19.14 -48.38
C LYS C 71 27.59 20.40 -49.23
N LYS C 72 27.97 20.32 -50.51
CA LYS C 72 27.90 21.47 -51.41
C LYS C 72 26.44 21.81 -51.72
N ALA C 73 25.58 20.80 -51.92
CA ALA C 73 24.18 21.01 -52.19
C ALA C 73 23.36 21.47 -50.97
N LEU C 74 23.88 21.27 -49.75
CA LEU C 74 23.17 21.59 -48.54
C LEU C 74 22.70 23.06 -48.39
N SER C 75 23.59 24.05 -48.66
CA SER C 75 23.19 25.46 -48.49
CA SER C 75 23.22 25.46 -48.51
C SER C 75 22.01 25.88 -49.37
N ASP C 76 21.97 25.50 -50.66
CA ASP C 76 20.84 25.86 -51.52
C ASP C 76 19.58 25.08 -51.20
N TRP C 77 19.71 23.87 -50.62
CA TRP C 77 18.55 23.04 -50.28
C TRP C 77 17.88 23.52 -49.01
N ARG C 78 18.67 23.81 -47.97
CA ARG C 78 18.12 24.29 -46.69
C ARG C 78 17.49 25.68 -46.82
N THR C 79 17.95 26.52 -47.76
CA THR C 79 17.38 27.86 -47.97
C THR C 79 16.09 27.85 -48.82
N LEU C 80 15.76 26.72 -49.47
CA LEU C 80 14.48 26.61 -50.18
C LEU C 80 13.34 26.64 -49.14
N SER C 81 12.14 27.00 -49.59
CA SER C 81 10.99 27.00 -48.69
C SER C 81 10.59 25.54 -48.41
N TYR C 82 9.84 25.33 -47.34
CA TYR C 82 9.31 24.02 -47.02
C TYR C 82 8.39 23.51 -48.14
N VAL C 83 7.58 24.42 -48.74
CA VAL C 83 6.67 24.10 -49.85
C VAL C 83 7.44 23.54 -51.05
N GLU C 84 8.60 24.15 -51.39
CA GLU C 84 9.38 23.70 -52.53
C GLU C 84 9.93 22.31 -52.25
N ARG C 85 10.45 22.08 -51.03
CA ARG C 85 10.99 20.76 -50.69
C ARG C 85 9.89 19.70 -50.68
N ALA C 86 8.69 20.04 -50.18
CA ALA C 86 7.54 19.13 -50.14
C ALA C 86 7.09 18.74 -51.55
N ALA C 87 7.16 19.67 -52.52
CA ALA C 87 6.76 19.40 -53.91
C ALA C 87 7.60 18.29 -54.54
N TYR C 88 8.92 18.28 -54.26
CA TYR C 88 9.79 17.23 -54.78
C TYR C 88 9.42 15.88 -54.22
N LEU C 89 9.15 15.82 -52.90
CA LEU C 89 8.76 14.59 -52.20
C LEU C 89 7.45 14.05 -52.74
N HIS C 90 6.45 14.94 -52.97
CA HIS C 90 5.17 14.52 -53.53
C HIS C 90 5.33 13.99 -54.94
N LYS C 91 6.15 14.67 -55.76
CA LYS C 91 6.40 14.20 -57.13
C LYS C 91 7.05 12.76 -57.09
N ALA C 92 8.07 12.54 -56.23
CA ALA C 92 8.73 11.22 -56.13
C ALA C 92 7.77 10.12 -55.69
N ALA C 93 6.89 10.43 -54.74
CA ALA C 93 5.88 9.47 -54.27
C ALA C 93 4.92 9.11 -55.40
N ASP C 94 4.54 10.08 -56.25
CA ASP C 94 3.66 9.83 -57.41
C ASP C 94 4.33 8.89 -58.41
N ILE C 95 5.63 9.08 -58.65
CA ILE C 95 6.40 8.24 -59.56
C ILE C 95 6.46 6.82 -58.98
N LEU C 96 6.63 6.68 -57.64
CA LEU C 96 6.63 5.36 -57.01
C LEU C 96 5.30 4.62 -57.18
N VAL C 97 4.17 5.34 -57.03
CA VAL C 97 2.85 4.74 -57.21
C VAL C 97 2.70 4.27 -58.66
N ARG C 98 3.11 5.12 -59.61
CA ARG C 98 3.04 4.79 -61.04
C ARG C 98 3.83 3.50 -61.33
N ASP C 99 5.09 3.42 -60.84
CA ASP C 99 5.97 2.28 -61.06
C ASP C 99 5.96 1.23 -59.94
N ALA C 100 4.88 1.14 -59.13
CA ALA C 100 4.83 0.18 -58.03
C ALA C 100 4.94 -1.28 -58.50
N GLU C 101 4.31 -1.63 -59.64
CA GLU C 101 4.38 -2.98 -60.17
C GLU C 101 5.77 -3.28 -60.68
N LYS C 102 6.38 -2.33 -61.40
CA LYS C 102 7.72 -2.46 -61.95
C LYS C 102 8.77 -2.60 -60.82
N ILE C 103 8.67 -1.77 -59.77
CA ILE C 103 9.63 -1.80 -58.66
C ILE C 103 9.39 -3.05 -57.82
N GLY C 104 8.11 -3.30 -57.48
CA GLY C 104 7.68 -4.43 -56.68
C GLY C 104 8.08 -5.76 -57.28
N ALA C 105 8.04 -5.91 -58.62
CA ALA C 105 8.44 -7.16 -59.27
C ALA C 105 9.91 -7.47 -59.04
N ILE C 106 10.79 -6.46 -59.11
CA ILE C 106 12.22 -6.67 -58.90
C ILE C 106 12.50 -6.86 -57.40
N LEU C 107 11.88 -6.03 -56.55
CA LEU C 107 12.00 -6.12 -55.08
C LEU C 107 11.64 -7.53 -54.58
N SER C 108 10.54 -8.09 -55.11
CA SER C 108 10.10 -9.44 -54.80
C SER C 108 11.20 -10.49 -55.04
N LYS C 109 11.84 -10.43 -56.22
CA LYS C 109 12.90 -11.37 -56.55
C LYS C 109 14.16 -11.12 -55.72
N GLU C 110 14.48 -9.85 -55.50
CA GLU C 110 15.72 -9.49 -54.81
C GLU C 110 15.79 -9.96 -53.36
N VAL C 111 14.68 -9.91 -52.61
CA VAL C 111 14.71 -10.31 -51.20
C VAL C 111 13.74 -11.45 -50.89
N ALA C 112 13.30 -12.22 -51.92
CA ALA C 112 12.39 -13.37 -51.79
C ALA C 112 11.14 -13.03 -50.96
N LYS C 113 10.52 -11.92 -51.31
CA LYS C 113 9.30 -11.43 -50.70
C LYS C 113 8.21 -11.70 -51.72
N GLY C 114 7.01 -12.05 -51.25
CA GLY C 114 5.86 -12.31 -52.12
C GLY C 114 5.60 -11.16 -53.07
N HIS C 115 5.24 -11.45 -54.32
CA HIS C 115 5.03 -10.39 -55.32
C HIS C 115 4.06 -9.28 -54.86
N LYS C 116 2.89 -9.64 -54.31
CA LYS C 116 1.91 -8.67 -53.83
C LYS C 116 2.41 -7.90 -52.61
N ALA C 117 3.10 -8.58 -51.70
CA ALA C 117 3.66 -7.92 -50.52
C ALA C 117 4.76 -6.91 -50.92
N ALA C 118 5.54 -7.23 -51.96
CA ALA C 118 6.59 -6.33 -52.45
C ALA C 118 5.98 -5.08 -53.11
N VAL C 119 4.89 -5.25 -53.89
CA VAL C 119 4.20 -4.12 -54.52
C VAL C 119 3.59 -3.25 -53.40
N SER C 120 3.01 -3.88 -52.35
CA SER C 120 2.43 -3.16 -51.21
C SER C 120 3.48 -2.32 -50.52
N GLU C 121 4.71 -2.85 -50.38
CA GLU C 121 5.81 -2.13 -49.76
C GLU C 121 6.11 -0.82 -50.49
N VAL C 122 6.12 -0.85 -51.83
CA VAL C 122 6.39 0.35 -52.64
C VAL C 122 5.24 1.37 -52.47
N ILE C 123 3.98 0.90 -52.39
CA ILE C 123 2.83 1.79 -52.17
C ILE C 123 2.89 2.42 -50.76
N ARG C 124 3.28 1.63 -49.75
CA ARG C 124 3.42 2.13 -48.39
C ARG C 124 4.55 3.17 -48.30
N THR C 125 5.64 3.00 -49.09
CA THR C 125 6.74 3.94 -49.15
C THR C 125 6.24 5.29 -49.68
N ALA C 126 5.43 5.28 -50.74
CA ALA C 126 4.83 6.49 -51.31
C ALA C 126 3.96 7.23 -50.28
N GLU C 127 3.18 6.46 -49.48
CA GLU C 127 2.33 7.01 -48.42
C GLU C 127 3.13 7.72 -47.33
N ILE C 128 4.26 7.11 -46.92
CA ILE C 128 5.15 7.67 -45.90
C ILE C 128 5.84 8.93 -46.44
N ILE C 129 6.24 8.92 -47.72
CA ILE C 129 6.89 10.09 -48.33
C ILE C 129 5.91 11.27 -48.38
N ASN C 130 4.66 11.02 -48.79
CA ASN C 130 3.64 12.06 -48.83
C ASN C 130 3.33 12.59 -47.41
N TYR C 131 3.21 11.69 -46.43
CA TYR C 131 2.88 12.08 -45.06
C TYR C 131 4.02 12.89 -44.44
N ALA C 132 5.29 12.49 -44.67
CA ALA C 132 6.45 13.23 -44.19
C ALA C 132 6.57 14.62 -44.84
N ALA C 133 6.26 14.74 -46.15
CA ALA C 133 6.32 16.03 -46.83
C ALA C 133 5.32 17.02 -46.20
N GLU C 134 4.09 16.54 -45.89
CA GLU C 134 3.09 17.41 -45.27
C GLU C 134 3.30 17.62 -43.76
N GLU C 135 3.90 16.64 -43.06
CA GLU C 135 4.18 16.77 -41.64
C GLU C 135 5.29 17.78 -41.43
N GLY C 136 6.37 17.64 -42.21
CA GLY C 136 7.54 18.49 -42.10
C GLY C 136 7.33 19.93 -42.51
N LEU C 137 6.44 20.21 -43.49
CA LEU C 137 6.21 21.59 -43.91
C LEU C 137 5.49 22.42 -42.85
N ARG C 138 4.78 21.78 -41.91
CA ARG C 138 4.12 22.51 -40.82
C ARG C 138 5.05 22.64 -39.62
N MET C 139 6.38 22.67 -39.85
CA MET C 139 7.41 22.77 -38.83
C MET C 139 7.24 24.08 -38.09
N GLU C 140 7.12 24.01 -36.76
CA GLU C 140 6.93 25.23 -35.97
C GLU C 140 8.04 25.41 -34.96
N GLY C 141 8.25 26.64 -34.58
CA GLY C 141 9.19 27.00 -33.53
C GLY C 141 8.44 27.46 -32.31
N GLU C 142 9.18 27.99 -31.35
CA GLU C 142 8.61 28.47 -30.11
C GLU C 142 9.21 29.80 -29.68
N VAL C 143 8.44 30.58 -28.93
CA VAL C 143 8.88 31.86 -28.40
C VAL C 143 8.84 31.66 -26.90
N LEU C 144 9.99 31.78 -26.25
CA LEU C 144 10.08 31.62 -24.81
C LEU C 144 10.28 32.97 -24.15
N GLU C 145 9.73 33.13 -22.95
CA GLU C 145 9.81 34.37 -22.19
C GLU C 145 10.89 34.28 -21.13
N GLY C 146 11.80 35.24 -21.08
CA GLY C 146 12.79 35.32 -20.02
C GLY C 146 12.15 35.52 -18.66
N GLY C 147 11.00 36.25 -18.64
CA GLY C 147 10.21 36.52 -17.45
C GLY C 147 9.57 35.30 -16.82
N SER C 148 9.56 34.15 -17.52
CA SER C 148 9.09 32.88 -16.96
C SER C 148 10.08 32.40 -15.90
N PHE C 149 11.41 32.73 -16.06
CA PHE C 149 12.45 32.26 -15.16
C PHE C 149 12.88 33.35 -14.17
N GLU C 150 13.10 34.59 -14.62
CA GLU C 150 13.52 35.66 -13.72
C GLU C 150 12.99 37.01 -14.17
N ALA C 151 12.60 37.84 -13.17
CA ALA C 151 12.02 39.17 -13.40
C ALA C 151 12.93 40.11 -14.17
N ALA C 152 14.24 40.08 -13.90
CA ALA C 152 15.20 40.94 -14.59
C ALA C 152 15.28 40.68 -16.11
N SER C 153 14.91 39.45 -16.57
CA SER C 153 14.94 39.11 -18.00
C SER C 153 13.55 39.12 -18.65
N LYS C 154 12.58 39.83 -18.07
CA LYS C 154 11.22 39.84 -18.59
C LYS C 154 11.08 40.42 -20.00
N LYS C 155 12.01 41.31 -20.42
CA LYS C 155 11.98 41.87 -21.78
C LYS C 155 12.76 41.00 -22.79
N LYS C 156 13.40 39.92 -22.36
CA LYS C 156 14.20 39.02 -23.18
C LYS C 156 13.34 37.86 -23.71
N ILE C 157 13.33 37.62 -25.02
CA ILE C 157 12.61 36.50 -25.61
C ILE C 157 13.52 35.69 -26.51
N ALA C 158 13.27 34.37 -26.62
CA ALA C 158 14.06 33.48 -27.49
C ALA C 158 13.14 32.97 -28.63
N ILE C 159 13.49 33.32 -29.89
CA ILE C 159 12.78 32.88 -31.11
C ILE C 159 13.52 31.60 -31.46
N VAL C 160 12.92 30.45 -31.17
CA VAL C 160 13.54 29.14 -31.37
C VAL C 160 12.96 28.50 -32.64
N ARG C 161 13.80 28.27 -33.65
CA ARG C 161 13.36 27.68 -34.91
C ARG C 161 14.14 26.40 -35.21
N ARG C 162 13.52 25.53 -36.00
CA ARG C 162 14.11 24.25 -36.38
C ARG C 162 15.05 24.42 -37.57
N GLU C 163 16.15 23.64 -37.57
CA GLU C 163 17.12 23.64 -38.65
C GLU C 163 17.54 22.20 -38.97
N PRO C 164 17.99 21.91 -40.19
CA PRO C 164 18.47 20.55 -40.48
C PRO C 164 19.77 20.24 -39.70
N VAL C 165 20.06 18.96 -39.47
CA VAL C 165 21.33 18.55 -38.84
C VAL C 165 22.49 18.60 -39.88
N GLY C 166 22.18 18.45 -41.16
CA GLY C 166 23.13 18.53 -42.26
C GLY C 166 23.01 17.36 -43.23
N LEU C 167 24.02 16.50 -43.26
CA LEU C 167 24.05 15.30 -44.10
C LEU C 167 23.61 14.10 -43.26
N VAL C 168 22.55 13.42 -43.71
CA VAL C 168 22.04 12.23 -43.06
C VAL C 168 22.49 11.03 -43.90
N LEU C 169 23.12 10.03 -43.26
CA LEU C 169 23.45 8.78 -43.90
C LEU C 169 22.30 7.86 -43.50
N ALA C 170 21.52 7.37 -44.48
CA ALA C 170 20.41 6.48 -44.24
C ALA C 170 20.84 5.08 -44.70
N ILE C 171 20.72 4.07 -43.82
CA ILE C 171 21.11 2.69 -44.12
C ILE C 171 19.85 1.83 -43.98
N SER C 172 19.28 1.37 -45.12
CA SER C 172 18.07 0.57 -45.10
C SER C 172 18.37 -0.95 -44.92
N PRO C 173 17.38 -1.75 -44.46
CA PRO C 173 17.63 -3.19 -44.26
C PRO C 173 17.19 -4.02 -45.45
N PHE C 174 17.58 -5.31 -45.50
CA PHE C 174 17.21 -6.18 -46.61
C PHE C 174 15.70 -6.47 -46.63
N ASN C 175 15.06 -6.55 -45.46
CA ASN C 175 13.66 -6.96 -45.39
C ASN C 175 12.68 -5.88 -45.84
N TYR C 176 13.05 -4.59 -45.75
CA TYR C 176 12.23 -3.47 -46.22
C TYR C 176 13.17 -2.48 -46.90
N PRO C 177 13.75 -2.86 -48.05
CA PRO C 177 14.77 -2.00 -48.66
C PRO C 177 14.26 -0.73 -49.30
N VAL C 178 12.95 -0.64 -49.60
CA VAL C 178 12.35 0.55 -50.19
C VAL C 178 11.63 1.33 -49.08
N ASN C 179 10.78 0.62 -48.31
CA ASN C 179 10.00 1.23 -47.24
C ASN C 179 10.86 1.80 -46.11
N LEU C 180 11.87 1.06 -45.63
CA LEU C 180 12.74 1.58 -44.58
C LEU C 180 13.98 2.31 -45.12
N ALA C 181 13.91 2.77 -46.39
CA ALA C 181 14.82 3.72 -47.00
C ALA C 181 13.98 5.04 -47.07
N GLY C 182 12.73 4.98 -47.59
CA GLY C 182 11.83 6.13 -47.69
C GLY C 182 11.45 6.72 -46.35
N SER C 183 11.29 5.86 -45.33
CA SER C 183 10.96 6.30 -43.97
C SER C 183 12.12 7.12 -43.33
N LYS C 184 13.34 7.07 -43.91
CA LYS C 184 14.50 7.83 -43.45
C LYS C 184 14.73 9.03 -44.36
N ILE C 185 14.65 8.81 -45.67
CA ILE C 185 14.90 9.84 -46.69
C ILE C 185 13.88 11.01 -46.63
N ALA C 186 12.56 10.73 -46.74
CA ALA C 186 11.58 11.82 -46.80
C ALA C 186 11.57 12.72 -45.53
N PRO C 187 11.56 12.16 -44.30
CA PRO C 187 11.64 13.01 -43.11
C PRO C 187 12.92 13.85 -43.04
N ALA C 188 14.06 13.31 -43.53
CA ALA C 188 15.32 14.07 -43.54
C ALA C 188 15.25 15.18 -44.60
N LEU C 189 14.78 14.85 -45.81
CA LEU C 189 14.70 15.83 -46.90
C LEU C 189 13.77 17.01 -46.64
N ILE C 190 12.58 16.77 -46.09
CA ILE C 190 11.63 17.87 -45.84
C ILE C 190 12.21 18.90 -44.84
N ALA C 191 12.97 18.42 -43.86
CA ALA C 191 13.60 19.27 -42.86
C ALA C 191 14.78 20.12 -43.39
N GLY C 192 15.20 19.91 -44.63
CA GLY C 192 16.30 20.66 -45.23
C GLY C 192 17.63 19.93 -45.19
N ASN C 193 17.65 18.64 -44.80
CA ASN C 193 18.87 17.84 -44.78
C ASN C 193 19.11 17.29 -46.17
N VAL C 194 20.39 16.96 -46.45
CA VAL C 194 20.80 16.26 -47.66
C VAL C 194 21.03 14.80 -47.22
N VAL C 195 20.86 13.86 -48.14
CA VAL C 195 20.88 12.45 -47.80
C VAL C 195 21.77 11.63 -48.72
N ALA C 196 22.36 10.58 -48.15
CA ALA C 196 23.09 9.56 -48.86
C ALA C 196 22.44 8.25 -48.39
N LEU C 197 21.86 7.48 -49.31
CA LEU C 197 21.25 6.21 -49.00
C LEU C 197 22.26 5.12 -49.27
N LYS C 198 22.53 4.29 -48.26
CA LYS C 198 23.36 3.11 -48.41
C LYS C 198 22.41 1.93 -48.24
N PRO C 199 21.89 1.36 -49.34
CA PRO C 199 21.02 0.18 -49.18
C PRO C 199 21.87 -1.04 -48.86
N PRO C 200 21.23 -2.13 -48.37
CA PRO C 200 22.00 -3.37 -48.19
C PRO C 200 22.36 -3.93 -49.57
N THR C 201 23.40 -4.75 -49.68
CA THR C 201 23.79 -5.32 -50.98
C THR C 201 22.61 -6.17 -51.53
N GLN C 202 22.01 -7.02 -50.67
CA GLN C 202 20.82 -7.76 -51.05
C GLN C 202 19.66 -6.80 -50.80
N GLY C 203 19.34 -6.03 -51.81
CA GLY C 203 18.34 -4.97 -51.76
C GLY C 203 18.79 -3.68 -52.41
N SER C 204 20.04 -3.61 -52.93
CA SER C 204 20.59 -2.42 -53.59
C SER C 204 19.93 -2.08 -54.91
N ILE C 205 19.44 -3.06 -55.68
CA ILE C 205 18.73 -2.77 -56.93
C ILE C 205 17.45 -2.00 -56.58
N SER C 206 16.72 -2.44 -55.54
CA SER C 206 15.50 -1.76 -55.10
CA SER C 206 15.50 -1.76 -55.10
C SER C 206 15.78 -0.35 -54.56
N GLY C 207 16.88 -0.20 -53.82
CA GLY C 207 17.27 1.10 -53.28
C GLY C 207 17.61 2.08 -54.40
N LEU C 208 18.24 1.56 -55.49
CA LEU C 208 18.57 2.37 -56.67
C LEU C 208 17.32 2.66 -57.51
N LEU C 209 16.32 1.75 -57.54
CA LEU C 209 15.06 2.02 -58.23
C LEU C 209 14.31 3.11 -57.48
N LEU C 210 14.37 3.13 -56.13
CA LEU C 210 13.78 4.19 -55.31
C LEU C 210 14.49 5.51 -55.64
N ALA C 211 15.81 5.50 -55.80
CA ALA C 211 16.58 6.69 -56.17
C ALA C 211 16.22 7.23 -57.54
N GLU C 212 15.93 6.35 -58.50
CA GLU C 212 15.50 6.77 -59.83
C GLU C 212 14.19 7.57 -59.76
N ALA C 213 13.30 7.26 -58.80
CA ALA C 213 12.05 8.02 -58.64
C ALA C 213 12.35 9.45 -58.15
N PHE C 214 13.28 9.59 -57.20
CA PHE C 214 13.67 10.92 -56.69
C PHE C 214 14.41 11.72 -57.76
N ALA C 215 15.24 11.06 -58.58
CA ALA C 215 15.96 11.72 -59.67
C ALA C 215 14.97 12.19 -60.74
N GLU C 216 13.97 11.33 -61.10
CA GLU C 216 12.94 11.71 -62.08
C GLU C 216 12.09 12.86 -61.54
N ALA C 217 11.84 12.89 -60.22
CA ALA C 217 11.11 14.01 -59.58
C ALA C 217 11.89 15.35 -59.67
N GLY C 218 13.14 15.32 -60.12
CA GLY C 218 13.97 16.50 -60.27
C GLY C 218 14.65 16.94 -59.00
N ILE C 219 14.90 16.01 -58.04
CA ILE C 219 15.58 16.36 -56.77
C ILE C 219 16.94 17.03 -57.10
N PRO C 220 17.25 18.26 -56.60
CA PRO C 220 18.50 18.91 -57.00
C PRO C 220 19.75 18.06 -56.84
N ALA C 221 20.75 18.28 -57.70
CA ALA C 221 21.99 17.52 -57.71
C ALA C 221 22.69 17.61 -56.35
N GLY C 222 23.04 16.44 -55.77
CA GLY C 222 23.71 16.34 -54.48
C GLY C 222 22.78 16.29 -53.29
N VAL C 223 21.50 16.67 -53.46
CA VAL C 223 20.55 16.64 -52.34
C VAL C 223 20.23 15.21 -51.92
N PHE C 224 20.08 14.31 -52.90
CA PHE C 224 19.82 12.91 -52.63
C PHE C 224 20.80 12.11 -53.46
N ASN C 225 21.57 11.21 -52.81
CA ASN C 225 22.57 10.39 -53.46
C ASN C 225 22.51 8.97 -52.93
N THR C 226 23.13 8.01 -53.65
CA THR C 226 23.20 6.63 -53.19
C THR C 226 24.65 6.16 -53.16
N ILE C 227 24.93 5.20 -52.27
CA ILE C 227 26.20 4.54 -52.12
C ILE C 227 25.93 3.05 -52.12
N THR C 228 26.68 2.29 -52.91
CA THR C 228 26.60 0.83 -52.90
C THR C 228 28.05 0.31 -52.87
N GLY C 229 28.27 -0.76 -52.12
CA GLY C 229 29.59 -1.36 -52.04
C GLY C 229 29.73 -2.43 -51.01
N ARG C 230 30.94 -2.98 -50.98
CA ARG C 230 31.33 -4.08 -50.11
C ARG C 230 31.70 -3.54 -48.73
N GLY C 231 31.18 -4.19 -47.69
CA GLY C 231 31.47 -3.80 -46.31
C GLY C 231 32.94 -3.77 -45.99
N SER C 232 33.73 -4.68 -46.59
CA SER C 232 35.18 -4.71 -46.37
C SER C 232 35.91 -3.53 -46.99
N VAL C 233 35.29 -2.84 -47.97
CA VAL C 233 35.91 -1.69 -48.62
C VAL C 233 35.38 -0.37 -48.02
N ILE C 234 34.04 -0.24 -47.82
CA ILE C 234 33.43 1.01 -47.34
C ILE C 234 32.51 0.93 -46.11
N GLY C 235 32.33 -0.25 -45.52
CA GLY C 235 31.43 -0.44 -44.38
C GLY C 235 31.58 0.54 -43.25
N ASP C 236 32.74 0.56 -42.62
CA ASP C 236 33.02 1.50 -41.53
C ASP C 236 33.28 2.90 -42.07
N TYR C 237 33.92 3.01 -43.25
CA TYR C 237 34.24 4.28 -43.88
C TYR C 237 33.04 5.23 -44.03
N ILE C 238 31.89 4.73 -44.51
CA ILE C 238 30.71 5.58 -44.71
C ILE C 238 30.20 6.20 -43.42
N VAL C 239 30.33 5.47 -42.30
CA VAL C 239 29.86 5.97 -41.01
C VAL C 239 30.87 6.93 -40.37
N GLU C 240 32.16 6.52 -40.32
CA GLU C 240 33.24 7.30 -39.73
C GLU C 240 33.46 8.67 -40.34
N HIS C 241 33.16 8.80 -41.64
CA HIS C 241 33.41 10.04 -42.39
C HIS C 241 32.90 11.33 -41.68
N GLU C 242 33.76 12.31 -41.52
CA GLU C 242 33.45 13.57 -40.85
C GLU C 242 32.33 14.40 -41.54
N ALA C 243 32.04 14.15 -42.82
CA ALA C 243 30.97 14.86 -43.51
C ALA C 243 29.58 14.45 -43.00
N VAL C 244 29.44 13.19 -42.53
CA VAL C 244 28.16 12.69 -42.03
C VAL C 244 27.82 13.31 -40.68
N ASN C 245 26.63 13.93 -40.58
CA ASN C 245 26.17 14.58 -39.37
C ASN C 245 25.15 13.74 -38.57
N PHE C 246 24.54 12.71 -39.19
CA PHE C 246 23.54 11.87 -38.57
C PHE C 246 23.54 10.50 -39.25
N ILE C 247 23.39 9.39 -38.50
CA ILE C 247 23.30 8.06 -39.10
C ILE C 247 21.96 7.46 -38.70
N ASN C 248 21.13 7.12 -39.69
CA ASN C 248 19.80 6.55 -39.48
C ASN C 248 19.88 5.11 -40.05
N PHE C 249 19.91 4.10 -39.18
CA PHE C 249 20.13 2.72 -39.58
C PHE C 249 19.09 1.74 -39.08
N THR C 250 18.75 0.75 -39.91
CA THR C 250 17.92 -0.40 -39.55
C THR C 250 18.73 -1.62 -39.95
N GLY C 251 18.84 -2.57 -39.03
CA GLY C 251 19.60 -3.78 -39.24
C GLY C 251 19.85 -4.55 -37.98
N SER C 252 20.87 -5.40 -37.97
CA SER C 252 21.15 -6.24 -36.81
C SER C 252 21.73 -5.45 -35.63
N THR C 253 21.50 -5.97 -34.39
CA THR C 253 21.96 -5.34 -33.17
C THR C 253 23.50 -5.17 -33.13
N PRO C 254 24.30 -6.22 -33.42
CA PRO C 254 25.75 -6.03 -33.39
C PRO C 254 26.24 -4.95 -34.36
N ILE C 255 25.65 -4.84 -35.58
CA ILE C 255 26.05 -3.80 -36.54
C ILE C 255 25.70 -2.42 -35.95
N GLY C 256 24.51 -2.29 -35.38
CA GLY C 256 24.07 -1.05 -34.74
C GLY C 256 24.91 -0.63 -33.55
N GLU C 257 25.40 -1.61 -32.78
CA GLU C 257 26.31 -1.37 -31.65
C GLU C 257 27.61 -0.75 -32.16
N GLY C 258 28.13 -1.26 -33.28
CA GLY C 258 29.33 -0.74 -33.94
C GLY C 258 29.13 0.65 -34.48
N ILE C 259 27.98 0.90 -35.09
CA ILE C 259 27.60 2.22 -35.62
C ILE C 259 27.56 3.23 -34.48
N GLY C 260 27.03 2.86 -33.33
CA GLY C 260 26.98 3.77 -32.18
C GLY C 260 28.37 4.27 -31.78
N LYS C 261 29.36 3.36 -31.80
CA LYS C 261 30.73 3.71 -31.45
C LYS C 261 31.35 4.58 -32.55
N LEU C 262 31.20 4.18 -33.83
CA LEU C 262 31.73 4.95 -34.96
C LEU C 262 31.11 6.34 -35.08
N ALA C 263 29.90 6.54 -34.59
CA ALA C 263 29.24 7.85 -34.62
C ALA C 263 29.91 8.84 -33.67
N GLY C 264 30.53 8.36 -32.60
CA GLY C 264 31.16 9.23 -31.61
C GLY C 264 30.12 10.06 -30.91
N MET C 265 30.18 11.38 -31.02
CA MET C 265 29.18 12.27 -30.42
C MET C 265 28.00 12.56 -31.36
N ARG C 266 28.04 12.12 -32.62
CA ARG C 266 27.03 12.48 -33.60
C ARG C 266 25.69 11.80 -33.37
N PRO C 267 24.57 12.50 -33.65
CA PRO C 267 23.27 11.87 -33.43
C PRO C 267 22.99 10.68 -34.33
N ILE C 268 22.28 9.67 -33.78
CA ILE C 268 21.92 8.44 -34.49
C ILE C 268 20.48 8.02 -34.21
N MET C 269 19.96 7.18 -35.08
CA MET C 269 18.66 6.55 -34.92
C MET C 269 18.92 5.09 -35.34
N LEU C 270 18.66 4.14 -34.44
CA LEU C 270 18.92 2.73 -34.69
C LEU C 270 17.61 1.93 -34.51
N GLU C 271 17.30 1.07 -35.48
CA GLU C 271 16.16 0.16 -35.44
C GLU C 271 16.82 -1.20 -35.53
N LEU C 272 16.87 -1.92 -34.44
CA LEU C 272 17.59 -3.17 -34.35
C LEU C 272 16.64 -4.37 -34.10
N GLY C 273 17.16 -5.48 -33.64
CA GLY C 273 16.37 -6.69 -33.43
C GLY C 273 15.26 -6.57 -32.40
N GLY C 274 14.36 -7.53 -32.49
CA GLY C 274 13.25 -7.69 -31.58
C GLY C 274 13.03 -9.15 -31.24
N LYS C 275 12.44 -9.39 -30.09
CA LYS C 275 12.00 -10.72 -29.70
C LYS C 275 10.61 -10.50 -29.06
N ASP C 276 9.71 -9.83 -29.81
CA ASP C 276 8.39 -9.39 -29.32
C ASP C 276 7.61 -10.50 -28.73
N SER C 277 7.17 -10.32 -27.49
CA SER C 277 6.39 -11.31 -26.79
C SER C 277 4.89 -11.00 -26.93
N ALA C 278 4.09 -12.06 -26.93
CA ALA C 278 2.63 -11.99 -26.99
C ALA C 278 2.16 -12.65 -25.72
N ILE C 279 1.71 -11.83 -24.76
CA ILE C 279 1.25 -12.29 -23.45
C ILE C 279 -0.23 -12.59 -23.57
N VAL C 280 -0.63 -13.87 -23.39
CA VAL C 280 -2.02 -14.28 -23.49
C VAL C 280 -2.52 -14.65 -22.09
N LEU C 281 -3.51 -13.90 -21.58
CA LEU C 281 -4.05 -14.13 -20.25
C LEU C 281 -5.25 -15.11 -20.27
N GLU C 282 -5.67 -15.59 -19.12
CA GLU C 282 -6.79 -16.54 -19.02
C GLU C 282 -8.12 -16.04 -19.61
N ASP C 283 -8.39 -14.73 -19.54
CA ASP C 283 -9.64 -14.19 -20.07
C ASP C 283 -9.55 -13.74 -21.54
N ALA C 284 -8.49 -14.15 -22.27
CA ALA C 284 -8.33 -13.75 -23.67
C ALA C 284 -9.30 -14.46 -24.64
N ASP C 285 -9.56 -13.80 -25.79
CA ASP C 285 -10.32 -14.37 -26.90
C ASP C 285 -9.22 -15.16 -27.63
N LEU C 286 -9.15 -16.48 -27.40
CA LEU C 286 -8.08 -17.32 -27.94
C LEU C 286 -8.05 -17.42 -29.46
N ALA C 287 -9.22 -17.38 -30.14
CA ALA C 287 -9.26 -17.44 -31.60
C ALA C 287 -8.66 -16.16 -32.20
N LEU C 288 -8.97 -15.01 -31.59
CA LEU C 288 -8.42 -13.73 -32.02
C LEU C 288 -6.92 -13.68 -31.71
N ALA C 289 -6.51 -14.18 -30.53
CA ALA C 289 -5.10 -14.22 -30.16
C ALA C 289 -4.33 -15.08 -31.15
N ALA C 290 -4.84 -16.28 -31.51
CA ALA C 290 -4.19 -17.16 -32.47
C ALA C 290 -4.08 -16.52 -33.85
N LYS C 291 -5.14 -15.86 -34.33
CA LYS C 291 -5.15 -15.20 -35.63
C LYS C 291 -4.06 -14.13 -35.72
N ASN C 292 -3.98 -13.26 -34.70
CA ASN C 292 -3.00 -12.19 -34.64
C ASN C 292 -1.58 -12.71 -34.43
N ILE C 293 -1.42 -13.67 -33.52
CA ILE C 293 -0.12 -14.27 -33.25
C ILE C 293 0.46 -14.93 -34.52
N VAL C 294 -0.37 -15.67 -35.32
CA VAL C 294 0.12 -16.33 -36.54
C VAL C 294 0.44 -15.33 -37.66
N ALA C 295 -0.43 -14.32 -37.86
CA ALA C 295 -0.19 -13.30 -38.88
C ALA C 295 1.10 -12.53 -38.59
N GLY C 296 1.30 -12.17 -37.32
CA GLY C 296 2.48 -11.45 -36.88
C GLY C 296 3.76 -12.26 -36.82
N ALA C 297 3.70 -13.50 -36.35
CA ALA C 297 4.89 -14.33 -36.21
C ALA C 297 5.43 -14.85 -37.53
N PHE C 298 4.54 -15.21 -38.47
CA PHE C 298 4.94 -15.84 -39.72
C PHE C 298 4.93 -14.95 -40.96
N GLY C 299 4.63 -13.65 -40.80
CA GLY C 299 4.67 -12.70 -41.91
C GLY C 299 6.08 -12.56 -42.47
N TYR C 300 6.23 -12.69 -43.79
CA TYR C 300 7.52 -12.66 -44.49
C TYR C 300 8.48 -13.71 -43.88
N SER C 301 7.94 -14.91 -43.59
CA SER C 301 8.64 -16.04 -42.98
C SER C 301 9.34 -15.67 -41.66
N GLY C 302 8.77 -14.73 -40.90
CA GLY C 302 9.32 -14.28 -39.64
C GLY C 302 10.54 -13.38 -39.74
N GLN C 303 10.85 -12.85 -40.96
CA GLN C 303 12.02 -11.99 -41.21
C GLN C 303 11.68 -10.50 -40.97
N ARG C 304 11.14 -10.19 -39.77
CA ARG C 304 10.79 -8.81 -39.39
C ARG C 304 11.16 -8.59 -37.94
N CYS C 305 11.70 -7.41 -37.61
CA CYS C 305 12.09 -7.09 -36.25
C CYS C 305 10.88 -6.96 -35.36
N THR C 306 9.80 -6.31 -35.85
CA THR C 306 8.56 -6.16 -35.11
C THR C 306 7.62 -7.26 -35.57
N ALA C 307 7.79 -8.44 -34.99
CA ALA C 307 7.02 -9.65 -35.27
C ALA C 307 6.87 -10.42 -33.97
N VAL C 308 5.73 -11.10 -33.73
CA VAL C 308 5.57 -11.92 -32.52
C VAL C 308 6.62 -13.06 -32.59
N LYS C 309 7.55 -13.08 -31.66
CA LYS C 309 8.61 -14.09 -31.64
C LYS C 309 8.53 -15.04 -30.46
N ARG C 310 7.62 -14.83 -29.51
CA ARG C 310 7.43 -15.76 -28.40
C ARG C 310 6.08 -15.51 -27.77
N VAL C 311 5.36 -16.60 -27.42
CA VAL C 311 4.05 -16.51 -26.80
C VAL C 311 4.23 -16.86 -25.32
N LEU C 312 3.84 -15.94 -24.43
CA LEU C 312 3.91 -16.13 -22.98
C LEU C 312 2.44 -16.30 -22.53
N VAL C 313 1.96 -17.55 -22.50
CA VAL C 313 0.57 -17.88 -22.23
C VAL C 313 0.35 -18.51 -20.88
N MET C 314 -0.74 -18.11 -20.20
CA MET C 314 -1.14 -18.67 -18.89
C MET C 314 -1.49 -20.13 -19.11
N ASP C 315 -0.93 -21.03 -18.28
CA ASP C 315 -1.07 -22.47 -18.47
C ASP C 315 -2.53 -22.97 -18.60
N LYS C 316 -3.49 -22.34 -17.92
CA LYS C 316 -4.90 -22.74 -18.00
C LYS C 316 -5.44 -22.72 -19.44
N VAL C 317 -5.03 -21.74 -20.26
CA VAL C 317 -5.50 -21.60 -21.64
C VAL C 317 -4.45 -22.00 -22.70
N ALA C 318 -3.27 -22.49 -22.29
CA ALA C 318 -2.20 -22.85 -23.21
C ALA C 318 -2.52 -24.01 -24.19
N ASP C 319 -3.20 -25.08 -23.73
CA ASP C 319 -3.52 -26.19 -24.63
C ASP C 319 -4.47 -25.75 -25.74
N GLN C 320 -5.52 -24.99 -25.43
CA GLN C 320 -6.47 -24.54 -26.44
C GLN C 320 -5.83 -23.51 -27.35
N LEU C 321 -5.03 -22.57 -26.82
CA LEU C 321 -4.37 -21.57 -27.66
C LEU C 321 -3.40 -22.26 -28.64
N ALA C 322 -2.57 -23.21 -28.15
CA ALA C 322 -1.62 -23.93 -29.01
C ALA C 322 -2.33 -24.68 -30.13
N ALA C 323 -3.49 -25.28 -29.84
CA ALA C 323 -4.28 -26.01 -30.83
C ALA C 323 -4.80 -25.06 -31.92
N GLU C 324 -5.23 -23.86 -31.53
CA GLU C 324 -5.75 -22.86 -32.46
C GLU C 324 -4.64 -22.25 -33.29
N ILE C 325 -3.45 -22.05 -32.71
CA ILE C 325 -2.29 -21.54 -33.46
C ILE C 325 -1.88 -22.63 -34.46
N LYS C 326 -1.80 -23.89 -34.02
CA LYS C 326 -1.43 -25.01 -34.87
C LYS C 326 -2.31 -25.12 -36.13
N THR C 327 -3.65 -25.07 -35.97
CA THR C 327 -4.56 -25.18 -37.11
C THR C 327 -4.29 -24.08 -38.15
N LEU C 328 -3.99 -22.86 -37.70
CA LEU C 328 -3.68 -21.75 -38.61
C LEU C 328 -2.30 -21.85 -39.25
N VAL C 329 -1.28 -22.32 -38.50
CA VAL C 329 0.07 -22.50 -39.05
C VAL C 329 0.03 -23.58 -40.13
N GLU C 330 -0.76 -24.64 -39.95
CA GLU C 330 -0.87 -25.70 -40.96
C GLU C 330 -1.49 -25.20 -42.28
N LYS C 331 -2.28 -24.11 -42.25
CA LYS C 331 -2.91 -23.53 -43.44
C LYS C 331 -1.97 -22.65 -44.25
N LEU C 332 -0.87 -22.14 -43.64
CA LEU C 332 0.07 -21.27 -44.32
C LEU C 332 0.69 -21.94 -45.55
N SER C 333 0.64 -21.25 -46.71
CA SER C 333 1.26 -21.77 -47.94
C SER C 333 2.76 -21.62 -47.85
N VAL C 334 3.49 -22.61 -48.37
CA VAL C 334 4.96 -22.64 -48.33
C VAL C 334 5.40 -22.79 -49.77
N GLY C 335 6.14 -21.81 -50.29
CA GLY C 335 6.52 -21.83 -51.69
C GLY C 335 7.31 -20.64 -52.15
N MET C 336 7.13 -20.26 -53.42
CA MET C 336 7.90 -19.21 -54.06
C MET C 336 7.27 -17.81 -54.00
N PRO C 337 8.12 -16.76 -54.01
CA PRO C 337 7.59 -15.40 -54.01
C PRO C 337 6.58 -15.11 -55.11
N GLU C 338 6.84 -15.58 -56.35
CA GLU C 338 5.94 -15.32 -57.48
C GLU C 338 4.54 -15.85 -57.24
N ASP C 339 4.40 -16.92 -56.43
CA ASP C 339 3.09 -17.50 -56.12
C ASP C 339 2.46 -16.92 -54.85
N ASP C 340 3.00 -15.78 -54.32
CA ASP C 340 2.50 -15.11 -53.12
C ASP C 340 2.32 -16.04 -51.96
N ALA C 341 3.31 -16.93 -51.75
CA ALA C 341 3.29 -17.86 -50.63
C ALA C 341 3.50 -17.10 -49.33
N ASP C 342 2.88 -17.58 -48.25
CA ASP C 342 3.03 -16.96 -46.94
C ASP C 342 4.47 -17.17 -46.47
N ILE C 343 4.98 -18.41 -46.60
CA ILE C 343 6.34 -18.76 -46.22
C ILE C 343 7.15 -18.93 -47.49
N THR C 344 8.08 -17.99 -47.73
CA THR C 344 8.96 -18.00 -48.90
C THR C 344 10.41 -18.35 -48.46
N PRO C 345 11.33 -18.64 -49.40
CA PRO C 345 12.72 -18.95 -49.00
C PRO C 345 13.40 -17.83 -48.23
N LEU C 346 14.25 -18.18 -47.26
CA LEU C 346 14.96 -17.19 -46.46
C LEU C 346 16.04 -16.48 -47.24
N ILE C 347 16.44 -15.28 -46.76
CA ILE C 347 17.36 -14.38 -47.45
C ILE C 347 18.68 -15.06 -47.92
N ASP C 348 19.22 -16.01 -47.14
CA ASP C 348 20.42 -16.72 -47.54
C ASP C 348 20.61 -18.03 -46.76
N THR C 349 21.58 -18.86 -47.18
CA THR C 349 21.85 -20.17 -46.58
C THR C 349 22.18 -20.04 -45.11
N SER C 350 23.01 -19.06 -44.76
CA SER C 350 23.41 -18.81 -43.39
C SER C 350 22.21 -18.54 -42.48
N ALA C 351 21.23 -17.78 -42.97
CA ALA C 351 20.01 -17.49 -42.20
C ALA C 351 19.20 -18.76 -41.96
N ALA C 352 19.03 -19.62 -42.99
CA ALA C 352 18.31 -20.87 -42.84
C ALA C 352 19.06 -21.87 -41.97
N ASP C 353 20.40 -21.89 -42.02
CA ASP C 353 21.20 -22.77 -41.16
C ASP C 353 21.02 -22.35 -39.70
N PHE C 354 21.01 -21.02 -39.44
CA PHE C 354 20.85 -20.50 -38.09
C PHE C 354 19.47 -20.88 -37.50
N VAL C 355 18.41 -20.77 -38.33
CA VAL C 355 17.06 -21.11 -37.90
C VAL C 355 16.95 -22.60 -37.62
N GLU C 356 17.55 -23.43 -38.47
CA GLU C 356 17.56 -24.88 -38.27
C GLU C 356 18.26 -25.25 -36.95
N GLY C 357 19.32 -24.54 -36.59
CA GLY C 357 20.04 -24.76 -35.33
C GLY C 357 19.18 -24.47 -34.11
N LEU C 358 18.35 -23.41 -34.18
CA LEU C 358 17.44 -23.08 -33.08
C LEU C 358 16.34 -24.14 -32.95
N ILE C 359 15.84 -24.65 -34.08
CA ILE C 359 14.83 -25.72 -34.14
C ILE C 359 15.46 -27.00 -33.54
N LYS C 360 16.70 -27.31 -33.88
CA LYS C 360 17.39 -28.48 -33.35
C LYS C 360 17.58 -28.39 -31.84
N ASP C 361 18.05 -27.22 -31.33
CA ASP C 361 18.25 -27.03 -29.90
C ASP C 361 16.92 -27.23 -29.13
N ALA C 362 15.81 -26.70 -29.65
CA ALA C 362 14.50 -26.84 -29.02
C ALA C 362 14.04 -28.30 -29.02
N THR C 363 14.19 -29.01 -30.15
CA THR C 363 13.83 -30.43 -30.24
C THR C 363 14.67 -31.26 -29.26
N ASP C 364 15.98 -31.04 -29.23
CA ASP C 364 16.87 -31.80 -28.36
C ASP C 364 16.61 -31.52 -26.87
N LYS C 365 16.11 -30.33 -26.53
CA LYS C 365 15.80 -30.01 -25.14
C LYS C 365 14.37 -30.41 -24.71
N GLY C 366 13.62 -31.12 -25.56
CA GLY C 366 12.30 -31.60 -25.21
C GLY C 366 11.08 -30.78 -25.58
N ALA C 367 11.23 -29.73 -26.45
CA ALA C 367 10.05 -28.96 -26.87
C ALA C 367 9.22 -29.81 -27.83
N THR C 368 7.91 -29.59 -27.83
CA THR C 368 6.98 -30.34 -28.67
C THR C 368 6.77 -29.61 -30.01
N ALA C 369 7.17 -30.25 -31.12
CA ALA C 369 6.97 -29.68 -32.43
C ALA C 369 5.53 -29.94 -32.87
N LEU C 370 4.68 -28.92 -32.82
CA LEU C 370 3.28 -29.05 -33.22
C LEU C 370 3.08 -29.06 -34.74
N THR C 371 4.03 -28.47 -35.50
CA THR C 371 4.05 -28.50 -36.96
C THR C 371 5.45 -28.96 -37.37
N ALA C 372 5.53 -29.82 -38.40
CA ALA C 372 6.77 -30.47 -38.79
C ALA C 372 7.82 -29.56 -39.41
N PHE C 373 9.11 -29.85 -39.11
CA PHE C 373 10.21 -29.13 -39.70
C PHE C 373 10.53 -29.77 -41.03
N ASN C 374 10.60 -28.97 -42.08
CA ASN C 374 11.03 -29.44 -43.42
C ASN C 374 11.82 -28.31 -44.06
N ARG C 375 12.90 -28.63 -44.78
CA ARG C 375 13.72 -27.63 -45.45
C ARG C 375 14.05 -28.11 -46.86
N GLU C 376 13.80 -27.25 -47.87
CA GLU C 376 14.13 -27.54 -49.27
C GLU C 376 14.93 -26.33 -49.73
N GLY C 377 16.24 -26.45 -49.79
CA GLY C 377 17.12 -25.33 -50.12
C GLY C 377 17.12 -24.41 -48.91
N ASN C 378 16.68 -23.16 -49.05
CA ASN C 378 16.53 -22.25 -47.90
C ASN C 378 15.05 -21.98 -47.59
N LEU C 379 14.13 -22.88 -48.03
CA LEU C 379 12.71 -22.80 -47.76
C LEU C 379 12.41 -23.71 -46.58
N ILE C 380 12.27 -23.10 -45.39
CA ILE C 380 11.94 -23.82 -44.17
C ILE C 380 10.43 -23.72 -43.96
N SER C 381 9.79 -24.85 -43.68
CA SER C 381 8.36 -24.90 -43.38
C SER C 381 8.12 -24.27 -42.00
N PRO C 382 6.93 -23.70 -41.73
CA PRO C 382 6.73 -23.05 -40.42
C PRO C 382 6.65 -24.02 -39.26
N VAL C 383 7.49 -23.82 -38.26
CA VAL C 383 7.55 -24.71 -37.10
C VAL C 383 6.98 -24.02 -35.87
N LEU C 384 6.02 -24.69 -35.23
CA LEU C 384 5.40 -24.19 -34.01
C LEU C 384 5.87 -25.11 -32.91
N PHE C 385 6.41 -24.55 -31.83
CA PHE C 385 6.89 -25.34 -30.71
C PHE C 385 6.07 -25.01 -29.47
N ASP C 386 5.74 -26.03 -28.68
CA ASP C 386 5.05 -25.89 -27.41
C ASP C 386 5.92 -26.45 -26.32
N HIS C 387 5.65 -26.05 -25.07
CA HIS C 387 6.45 -26.47 -23.93
C HIS C 387 7.90 -26.03 -24.07
N VAL C 388 8.09 -24.82 -24.58
CA VAL C 388 9.41 -24.26 -24.71
C VAL C 388 9.75 -23.71 -23.33
N THR C 389 10.92 -24.09 -22.82
CA THR C 389 11.40 -23.60 -21.54
C THR C 389 12.55 -22.60 -21.83
N THR C 390 12.83 -21.72 -20.88
CA THR C 390 13.77 -20.65 -21.08
C THR C 390 15.26 -21.07 -21.10
N ASP C 391 15.55 -22.36 -20.93
CA ASP C 391 16.91 -22.88 -21.15
C ASP C 391 17.18 -23.13 -22.67
N MET C 392 16.15 -22.99 -23.53
CA MET C 392 16.26 -23.18 -24.95
C MET C 392 16.64 -21.88 -25.60
N ARG C 393 17.49 -21.93 -26.63
CA ARG C 393 17.94 -20.75 -27.35
C ARG C 393 16.76 -20.02 -28.03
N LEU C 394 15.78 -20.79 -28.53
CA LEU C 394 14.61 -20.26 -29.20
C LEU C 394 13.77 -19.35 -28.32
N ALA C 395 13.88 -19.46 -26.98
CA ALA C 395 13.13 -18.58 -26.08
C ALA C 395 13.69 -17.14 -26.13
N TRP C 396 14.97 -16.96 -26.48
CA TRP C 396 15.63 -15.66 -26.45
C TRP C 396 16.15 -15.11 -27.80
N GLU C 397 16.81 -15.95 -28.61
CA GLU C 397 17.46 -15.49 -29.85
C GLU C 397 16.51 -15.19 -30.99
N GLU C 398 16.72 -14.04 -31.68
CA GLU C 398 15.89 -13.62 -32.80
C GLU C 398 16.19 -14.56 -33.99
N PRO C 399 15.27 -15.46 -34.45
CA PRO C 399 15.63 -16.36 -35.54
C PRO C 399 15.70 -15.74 -36.93
N PHE C 400 14.74 -14.83 -37.26
CA PHE C 400 14.56 -14.29 -38.61
C PHE C 400 14.22 -15.50 -39.55
N GLY C 401 13.26 -16.30 -39.08
CA GLY C 401 12.80 -17.52 -39.73
C GLY C 401 11.46 -17.96 -39.21
N PRO C 402 10.76 -18.86 -39.93
CA PRO C 402 9.38 -19.20 -39.54
C PRO C 402 9.29 -20.21 -38.43
N VAL C 403 9.67 -19.80 -37.23
CA VAL C 403 9.64 -20.66 -36.05
C VAL C 403 9.12 -19.81 -34.88
N LEU C 404 8.16 -20.36 -34.13
CA LEU C 404 7.57 -19.66 -33.01
C LEU C 404 7.49 -20.57 -31.78
N PRO C 405 8.10 -20.17 -30.65
CA PRO C 405 7.95 -20.93 -29.42
C PRO C 405 6.72 -20.50 -28.58
N ILE C 406 6.11 -21.44 -27.84
CA ILE C 406 5.04 -21.14 -26.89
C ILE C 406 5.63 -21.49 -25.53
N ILE C 407 5.72 -20.50 -24.62
CA ILE C 407 6.27 -20.65 -23.26
C ILE C 407 5.10 -20.50 -22.29
N ARG C 408 4.82 -21.54 -21.51
CA ARG C 408 3.71 -21.49 -20.55
C ARG C 408 4.13 -20.85 -19.23
N VAL C 409 3.30 -20.00 -18.68
CA VAL C 409 3.55 -19.35 -17.38
C VAL C 409 2.39 -19.62 -16.43
N THR C 410 2.53 -19.33 -15.11
CA THR C 410 1.40 -19.50 -14.18
CA THR C 410 1.45 -19.51 -14.12
C THR C 410 0.92 -18.19 -13.61
N THR C 411 1.73 -17.10 -13.66
CA THR C 411 1.30 -15.77 -13.18
C THR C 411 1.66 -14.67 -14.20
N VAL C 412 0.99 -13.49 -14.13
CA VAL C 412 1.35 -12.38 -15.03
C VAL C 412 2.69 -11.79 -14.58
N GLU C 413 3.06 -11.87 -13.27
CA GLU C 413 4.38 -11.45 -12.79
C GLU C 413 5.47 -12.23 -13.53
N GLU C 414 5.27 -13.55 -13.73
CA GLU C 414 6.19 -14.41 -14.47
C GLU C 414 6.28 -14.02 -15.95
N ALA C 415 5.16 -13.70 -16.59
CA ALA C 415 5.13 -13.28 -17.99
C ALA C 415 5.91 -11.98 -18.15
N ILE C 416 5.71 -11.01 -17.22
CA ILE C 416 6.42 -9.73 -17.29
C ILE C 416 7.91 -9.99 -17.09
N LYS C 417 8.27 -10.79 -16.08
CA LYS C 417 9.68 -11.11 -15.78
C LYS C 417 10.39 -11.76 -16.97
N ILE C 418 9.77 -12.79 -17.58
CA ILE C 418 10.35 -13.47 -18.74
C ILE C 418 10.44 -12.50 -19.94
N SER C 419 9.38 -11.72 -20.18
CA SER C 419 9.40 -10.75 -21.28
C SER C 419 10.54 -9.72 -21.10
N ASN C 420 10.71 -9.16 -19.90
CA ASN C 420 11.76 -8.18 -19.62
C ASN C 420 13.16 -8.75 -19.50
N GLU C 421 13.34 -10.06 -19.29
CA GLU C 421 14.69 -10.61 -19.21
C GLU C 421 15.39 -10.52 -20.58
N SER C 422 14.62 -10.46 -21.69
CA SER C 422 15.19 -10.34 -23.02
C SER C 422 16.03 -9.07 -23.14
N GLU C 423 17.14 -9.14 -23.89
CA GLU C 423 17.97 -7.95 -24.19
C GLU C 423 17.23 -7.00 -25.16
N TYR C 424 16.19 -7.49 -25.86
CA TYR C 424 15.39 -6.74 -26.80
C TYR C 424 14.17 -6.16 -26.10
N GLY C 425 13.64 -5.08 -26.66
CA GLY C 425 12.44 -4.47 -26.14
C GLY C 425 11.78 -3.61 -27.19
N LEU C 426 11.41 -4.21 -28.31
CA LEU C 426 10.83 -3.46 -29.41
C LEU C 426 9.34 -3.19 -29.12
N GLN C 427 8.51 -4.24 -29.19
CA GLN C 427 7.10 -4.15 -28.91
C GLN C 427 6.65 -5.41 -28.13
N ALA C 428 5.41 -5.39 -27.65
CA ALA C 428 4.76 -6.50 -26.99
C ALA C 428 3.26 -6.46 -27.31
N SER C 429 2.62 -7.60 -27.22
CA SER C 429 1.18 -7.76 -27.43
C SER C 429 0.60 -8.33 -26.14
N ILE C 430 -0.63 -7.90 -25.78
CA ILE C 430 -1.31 -8.43 -24.61
C ILE C 430 -2.70 -8.79 -25.07
N PHE C 431 -3.08 -10.05 -24.93
CA PHE C 431 -4.41 -10.52 -25.28
C PHE C 431 -5.16 -10.80 -23.98
N THR C 432 -6.19 -9.97 -23.72
CA THR C 432 -7.00 -10.02 -22.52
C THR C 432 -8.28 -9.17 -22.72
N THR C 433 -9.30 -9.42 -21.91
CA THR C 433 -10.49 -8.58 -21.92
C THR C 433 -10.43 -7.52 -20.80
N ASN C 434 -9.41 -7.56 -19.89
CA ASN C 434 -9.26 -6.61 -18.79
C ASN C 434 -8.25 -5.52 -19.18
N PHE C 435 -8.74 -4.40 -19.74
CA PHE C 435 -7.84 -3.33 -20.20
C PHE C 435 -7.16 -2.51 -19.09
N PRO C 436 -7.79 -2.17 -17.94
CA PRO C 436 -7.05 -1.47 -16.89
C PRO C 436 -5.84 -2.29 -16.41
N LYS C 437 -6.00 -3.61 -16.33
CA LYS C 437 -4.92 -4.54 -15.98
C LYS C 437 -3.88 -4.60 -17.11
N ALA C 438 -4.35 -4.67 -18.37
CA ALA C 438 -3.45 -4.67 -19.54
C ALA C 438 -2.58 -3.41 -19.57
N PHE C 439 -3.15 -2.25 -19.20
CA PHE C 439 -2.41 -0.99 -19.12
C PHE C 439 -1.37 -1.03 -18.00
N GLY C 440 -1.69 -1.67 -16.89
CA GLY C 440 -0.78 -1.82 -15.78
C GLY C 440 0.40 -2.71 -16.16
N ILE C 441 0.12 -3.79 -16.91
CA ILE C 441 1.13 -4.72 -17.41
C ILE C 441 2.01 -3.95 -18.39
N ALA C 442 1.38 -3.22 -19.35
CA ALA C 442 2.09 -2.41 -20.36
C ALA C 442 3.09 -1.45 -19.74
N GLU C 443 2.74 -0.79 -18.63
CA GLU C 443 3.64 0.12 -17.94
C GLU C 443 4.92 -0.59 -17.47
N GLN C 444 4.82 -1.88 -17.09
CA GLN C 444 5.94 -2.68 -16.60
C GLN C 444 6.79 -3.30 -17.70
N LEU C 445 6.24 -3.46 -18.91
CA LEU C 445 7.00 -4.07 -20.01
C LEU C 445 8.03 -3.10 -20.55
N GLU C 446 9.26 -3.55 -20.72
CA GLU C 446 10.37 -2.74 -21.19
C GLU C 446 10.43 -2.79 -22.71
N VAL C 447 9.46 -2.14 -23.34
CA VAL C 447 9.32 -2.08 -24.79
C VAL C 447 8.95 -0.64 -25.21
N GLY C 448 9.03 -0.36 -26.50
CA GLY C 448 8.62 0.94 -27.02
C GLY C 448 7.11 1.03 -27.13
N THR C 449 6.47 -0.04 -27.69
CA THR C 449 5.04 -0.09 -27.93
C THR C 449 4.39 -1.37 -27.46
N VAL C 450 3.15 -1.26 -26.91
CA VAL C 450 2.38 -2.40 -26.46
C VAL C 450 1.03 -2.35 -27.23
N HIS C 451 0.72 -3.44 -27.96
CA HIS C 451 -0.55 -3.56 -28.70
C HIS C 451 -1.49 -4.41 -27.86
N LEU C 452 -2.73 -3.92 -27.62
CA LEU C 452 -3.73 -4.66 -26.86
C LEU C 452 -4.65 -5.38 -27.83
N ASN C 453 -4.75 -6.71 -27.71
CA ASN C 453 -5.60 -7.55 -28.56
C ASN C 453 -5.29 -7.39 -30.03
N ASN C 454 -4.02 -7.31 -30.34
CA ASN C 454 -3.55 -7.21 -31.72
C ASN C 454 -2.08 -7.55 -31.79
N LYS C 455 -1.63 -8.04 -32.95
CA LYS C 455 -0.23 -8.37 -33.17
C LYS C 455 0.61 -7.07 -33.11
N THR C 456 1.90 -7.24 -32.81
CA THR C 456 2.83 -6.12 -32.82
C THR C 456 3.00 -5.68 -34.29
N GLN C 457 3.18 -4.39 -34.50
CA GLN C 457 3.35 -3.84 -35.84
C GLN C 457 3.91 -2.43 -35.75
N ARG C 458 4.62 -2.02 -36.79
CA ARG C 458 5.20 -0.67 -36.86
C ARG C 458 4.09 0.39 -37.08
N GLY C 459 3.09 0.05 -37.90
CA GLY C 459 2.03 0.97 -38.26
C GLY C 459 1.08 1.37 -37.15
N THR C 460 0.28 2.43 -37.37
CA THR C 460 0.33 3.28 -38.56
C THR C 460 1.60 4.13 -38.47
N ASP C 461 2.14 4.54 -39.62
CA ASP C 461 3.44 5.21 -39.68
C ASP C 461 3.49 6.59 -39.03
N ASN C 462 2.33 7.14 -38.64
CA ASN C 462 2.30 8.39 -37.89
C ASN C 462 2.61 8.12 -36.38
N PHE C 463 2.40 6.88 -35.89
CA PHE C 463 2.63 6.50 -34.49
C PHE C 463 4.12 6.37 -34.18
N PRO C 464 4.54 6.61 -32.92
CA PRO C 464 5.96 6.41 -32.59
C PRO C 464 6.33 4.93 -32.74
N PHE C 465 7.57 4.70 -33.19
CA PHE C 465 8.12 3.38 -33.36
C PHE C 465 9.52 3.44 -32.74
N LEU C 466 9.73 2.72 -31.65
CA LEU C 466 11.01 2.74 -30.95
C LEU C 466 11.23 1.46 -30.21
N GLY C 467 12.47 1.23 -29.83
CA GLY C 467 12.83 0.05 -29.07
C GLY C 467 13.64 0.41 -27.85
N ALA C 468 13.30 -0.22 -26.72
CA ALA C 468 14.02 -0.11 -25.47
C ALA C 468 15.23 -1.10 -25.53
N LYS C 469 16.18 -0.99 -24.59
CA LYS C 469 17.32 -1.89 -24.45
C LYS C 469 18.10 -2.03 -25.80
N LYS C 470 18.44 -3.24 -26.27
CA LYS C 470 19.21 -3.43 -27.49
C LYS C 470 18.39 -3.35 -28.78
N SER C 471 17.11 -2.99 -28.72
CA SER C 471 16.28 -2.88 -29.92
C SER C 471 16.43 -1.58 -30.67
N GLY C 472 17.11 -0.58 -30.10
CA GLY C 472 17.32 0.67 -30.82
C GLY C 472 17.76 1.87 -30.01
N ALA C 473 17.85 3.01 -30.74
CA ALA C 473 18.20 4.32 -30.25
C ALA C 473 17.34 5.32 -31.02
N GLY C 474 16.70 6.25 -30.34
CA GLY C 474 15.86 7.25 -30.98
C GLY C 474 14.44 6.77 -31.21
N VAL C 475 13.56 7.70 -31.62
CA VAL C 475 12.15 7.41 -31.86
C VAL C 475 11.82 7.68 -33.32
N GLN C 476 11.30 6.65 -33.99
CA GLN C 476 10.87 6.70 -35.38
C GLN C 476 9.33 6.96 -35.42
N GLY C 477 8.73 6.89 -36.58
CA GLY C 477 7.36 7.35 -36.77
C GLY C 477 7.54 8.69 -37.45
N VAL C 478 6.72 9.02 -38.42
CA VAL C 478 6.97 10.18 -39.29
C VAL C 478 7.38 11.50 -38.51
N LYS C 479 6.52 12.07 -37.62
CA LYS C 479 6.89 13.33 -36.95
C LYS C 479 8.10 13.20 -36.04
N TYR C 480 8.27 12.03 -35.42
CA TYR C 480 9.39 11.76 -34.53
C TYR C 480 10.70 11.69 -35.29
N SER C 481 10.68 11.12 -36.52
CA SER C 481 11.82 11.05 -37.41
C SER C 481 12.24 12.46 -37.83
N ILE C 482 11.26 13.34 -38.12
CA ILE C 482 11.52 14.70 -38.52
C ILE C 482 12.19 15.44 -37.35
N GLU C 483 11.65 15.30 -36.14
CA GLU C 483 12.21 15.93 -34.96
C GLU C 483 13.63 15.44 -34.67
N ALA C 484 13.88 14.13 -34.83
CA ALA C 484 15.20 13.57 -34.57
C ALA C 484 16.28 14.11 -35.50
N MET C 485 15.95 14.28 -36.79
CA MET C 485 16.89 14.77 -37.80
C MET C 485 16.83 16.30 -37.99
N THR C 486 16.44 17.01 -36.93
CA THR C 486 16.48 18.47 -36.89
C THR C 486 17.10 18.89 -35.57
N THR C 487 17.66 20.07 -35.58
CA THR C 487 18.20 20.71 -34.42
C THR C 487 17.41 22.01 -34.23
N VAL C 488 17.87 22.86 -33.33
CA VAL C 488 17.22 24.09 -32.96
C VAL C 488 18.26 25.23 -33.01
N LYS C 489 17.83 26.41 -33.44
CA LYS C 489 18.62 27.63 -33.53
C LYS C 489 17.80 28.65 -32.75
N SER C 490 18.34 29.14 -31.66
CA SER C 490 17.67 30.12 -30.81
C SER C 490 18.21 31.50 -31.11
N VAL C 491 17.35 32.50 -31.31
CA VAL C 491 17.78 33.89 -31.51
C VAL C 491 17.15 34.67 -30.36
N VAL C 492 17.98 35.22 -29.48
CA VAL C 492 17.54 35.91 -28.28
C VAL C 492 17.80 37.41 -28.41
N PHE C 493 16.82 38.24 -28.04
CA PHE C 493 16.96 39.70 -28.06
C PHE C 493 16.04 40.33 -26.99
N ASP C 494 16.33 41.58 -26.61
CA ASP C 494 15.57 42.31 -25.63
C ASP C 494 14.63 43.27 -26.33
N ILE C 495 13.39 43.30 -25.87
CA ILE C 495 12.37 44.22 -26.36
C ILE C 495 12.59 45.54 -25.62
N GLN C 496 12.51 46.67 -26.35
CA GLN C 496 12.74 47.98 -25.76
C GLN C 496 11.49 48.84 -25.87
N MET D 22 38.52 22.57 10.40
CA MET D 22 38.49 23.44 9.22
C MET D 22 38.44 22.57 7.93
N ALA D 23 39.50 21.81 7.61
CA ALA D 23 39.53 20.90 6.46
C ALA D 23 38.85 19.57 6.86
N LYS D 24 37.62 19.34 6.38
CA LYS D 24 36.84 18.13 6.68
C LYS D 24 37.17 16.96 5.76
N GLN D 25 36.85 15.74 6.18
CA GLN D 25 37.00 14.53 5.38
C GLN D 25 35.58 14.22 4.82
N TYR D 26 35.36 14.50 3.53
CA TYR D 26 34.05 14.31 2.91
C TYR D 26 33.79 12.88 2.50
N LYS D 27 32.51 12.53 2.39
CA LYS D 27 32.05 11.17 2.07
C LYS D 27 31.10 11.17 0.89
N ASN D 28 30.98 10.01 0.22
CA ASN D 28 30.05 9.88 -0.90
C ASN D 28 28.67 9.41 -0.43
N LEU D 29 27.62 9.92 -1.08
CA LEU D 29 26.27 9.49 -0.80
C LEU D 29 26.04 8.22 -1.62
N VAL D 30 25.89 7.07 -0.94
CA VAL D 30 25.72 5.79 -1.61
C VAL D 30 24.56 5.05 -0.94
N ASN D 31 23.40 4.94 -1.62
CA ASN D 31 22.26 4.22 -1.11
C ASN D 31 21.81 4.69 0.28
N GLY D 32 21.66 6.01 0.43
CA GLY D 32 21.22 6.60 1.68
C GLY D 32 22.24 6.63 2.79
N GLU D 33 23.48 6.20 2.53
CA GLU D 33 24.55 6.16 3.53
C GLU D 33 25.73 6.99 3.05
N TRP D 34 26.53 7.50 3.99
CA TRP D 34 27.70 8.31 3.68
C TRP D 34 28.93 7.41 3.82
N LYS D 35 29.63 7.17 2.71
CA LYS D 35 30.76 6.25 2.68
C LYS D 35 32.11 6.88 2.37
N LEU D 36 33.13 6.50 3.15
CA LEU D 36 34.51 6.84 2.85
C LEU D 36 35.06 5.67 2.00
N SER D 37 36.20 5.91 1.33
CA SER D 37 36.93 4.88 0.58
C SER D 37 38.28 4.70 1.28
N GLU D 38 39.01 3.62 0.94
CA GLU D 38 40.31 3.35 1.57
C GLU D 38 41.31 4.49 1.27
N ASN D 39 41.29 5.02 0.04
CA ASN D 39 42.12 6.13 -0.39
C ASN D 39 41.26 7.38 -0.57
N GLU D 40 41.89 8.56 -0.52
CA GLU D 40 41.21 9.84 -0.67
C GLU D 40 42.08 10.84 -1.47
N ILE D 41 41.45 11.92 -1.94
CA ILE D 41 42.11 12.96 -2.72
C ILE D 41 41.97 14.27 -1.94
N THR D 42 43.08 14.90 -1.57
CA THR D 42 43.04 16.16 -0.85
C THR D 42 42.85 17.28 -1.86
N ILE D 43 41.93 18.21 -1.56
CA ILE D 43 41.62 19.33 -2.43
C ILE D 43 42.15 20.61 -1.80
N TYR D 44 42.83 21.43 -2.63
CA TYR D 44 43.43 22.67 -2.22
C TYR D 44 42.79 23.83 -2.95
N ALA D 45 42.81 25.02 -2.34
CA ALA D 45 42.27 26.21 -2.96
C ALA D 45 43.22 26.66 -4.09
N PRO D 46 42.80 26.73 -5.37
CA PRO D 46 43.74 27.16 -6.42
C PRO D 46 44.39 28.54 -6.24
N ALA D 47 43.74 29.47 -5.51
CA ALA D 47 44.27 30.82 -5.33
C ALA D 47 45.33 30.95 -4.24
N THR D 48 45.20 30.16 -3.15
CA THR D 48 46.07 30.25 -1.99
C THR D 48 46.85 28.98 -1.63
N GLY D 49 46.41 27.83 -2.11
CA GLY D 49 47.01 26.55 -1.74
C GLY D 49 46.48 25.99 -0.43
N GLU D 50 45.47 26.64 0.19
CA GLU D 50 44.88 26.20 1.45
C GLU D 50 44.21 24.82 1.29
N GLU D 51 44.42 23.91 2.26
CA GLU D 51 43.78 22.61 2.26
C GLU D 51 42.31 22.80 2.63
N LEU D 52 41.40 22.33 1.80
CA LEU D 52 39.95 22.46 2.05
C LEU D 52 39.28 21.20 2.59
N GLY D 53 39.92 20.05 2.39
CA GLY D 53 39.42 18.77 2.81
C GLY D 53 39.80 17.69 1.82
N SER D 54 39.19 16.52 1.97
CA SER D 54 39.46 15.40 1.07
C SER D 54 38.16 14.75 0.64
N VAL D 55 38.17 14.10 -0.53
CA VAL D 55 37.02 13.37 -1.03
C VAL D 55 37.44 11.92 -1.26
N PRO D 56 36.53 10.93 -1.17
CA PRO D 56 36.96 9.54 -1.40
C PRO D 56 37.52 9.30 -2.79
N ALA D 57 38.45 8.35 -2.89
CA ALA D 57 39.03 7.94 -4.15
C ALA D 57 38.42 6.56 -4.43
N MET D 58 37.21 6.55 -4.98
CA MET D 58 36.49 5.30 -5.21
C MET D 58 37.19 4.35 -6.14
N THR D 59 37.00 3.07 -5.87
CA THR D 59 37.46 1.96 -6.70
C THR D 59 36.30 1.61 -7.67
N GLN D 60 36.58 0.72 -8.66
CA GLN D 60 35.56 0.29 -9.60
C GLN D 60 34.48 -0.54 -8.88
N ALA D 61 34.85 -1.31 -7.86
CA ALA D 61 33.90 -2.09 -7.05
C ALA D 61 32.92 -1.16 -6.30
N GLU D 62 33.41 -0.01 -5.84
CA GLU D 62 32.56 0.98 -5.15
C GLU D 62 31.64 1.69 -6.15
N VAL D 63 32.08 1.89 -7.40
CA VAL D 63 31.24 2.43 -8.46
C VAL D 63 30.12 1.41 -8.76
N ASP D 64 30.46 0.10 -8.80
CA ASP D 64 29.47 -0.97 -8.99
C ASP D 64 28.39 -0.93 -7.92
N ALA D 65 28.78 -0.69 -6.64
CA ALA D 65 27.83 -0.60 -5.54
C ALA D 65 26.88 0.57 -5.71
N VAL D 66 27.38 1.71 -6.21
CA VAL D 66 26.57 2.91 -6.46
C VAL D 66 25.51 2.59 -7.51
N TYR D 67 25.93 1.97 -8.63
CA TYR D 67 25.03 1.65 -9.74
C TYR D 67 24.03 0.56 -9.39
N ALA D 68 24.46 -0.44 -8.59
CA ALA D 68 23.55 -1.49 -8.13
C ALA D 68 22.46 -0.87 -7.25
N SER D 69 22.82 0.06 -6.35
CA SER D 69 21.85 0.72 -5.50
CA SER D 69 21.83 0.70 -5.49
C SER D 69 20.86 1.57 -6.28
N ALA D 70 21.33 2.27 -7.32
CA ALA D 70 20.51 3.12 -8.16
C ALA D 70 19.52 2.29 -8.97
N LYS D 71 19.97 1.20 -9.61
CA LYS D 71 19.04 0.34 -10.38
C LYS D 71 18.01 -0.31 -9.47
N LYS D 72 18.39 -0.65 -8.23
CA LYS D 72 17.44 -1.23 -7.28
C LYS D 72 16.40 -0.19 -6.85
N ALA D 73 16.82 1.05 -6.62
CA ALA D 73 15.91 2.14 -6.24
C ALA D 73 15.00 2.64 -7.38
N LEU D 74 15.33 2.34 -8.64
CA LEU D 74 14.60 2.84 -9.79
C LEU D 74 13.12 2.46 -9.82
N SER D 75 12.77 1.19 -9.53
CA SER D 75 11.39 0.74 -9.59
C SER D 75 10.44 1.51 -8.63
N ASP D 76 10.82 1.71 -7.37
CA ASP D 76 10.00 2.46 -6.43
C ASP D 76 9.99 3.97 -6.71
N TRP D 77 11.03 4.50 -7.35
CA TRP D 77 11.11 5.94 -7.65
C TRP D 77 10.25 6.29 -8.85
N ARG D 78 10.32 5.50 -9.93
CA ARG D 78 9.53 5.77 -11.13
C ARG D 78 8.04 5.57 -10.91
N THR D 79 7.64 4.70 -9.95
CA THR D 79 6.23 4.46 -9.66
C THR D 79 5.63 5.53 -8.73
N LEU D 80 6.46 6.40 -8.09
CA LEU D 80 5.93 7.52 -7.31
C LEU D 80 5.22 8.49 -8.25
N SER D 81 4.32 9.31 -7.73
CA SER D 81 3.66 10.34 -8.54
C SER D 81 4.65 11.45 -8.85
N TYR D 82 4.37 12.26 -9.87
CA TYR D 82 5.19 13.41 -10.20
C TYR D 82 5.23 14.41 -9.03
N VAL D 83 4.09 14.59 -8.34
CA VAL D 83 3.97 15.48 -7.17
CA VAL D 83 4.06 15.54 -7.21
C VAL D 83 4.96 15.07 -6.08
N GLU D 84 5.03 13.75 -5.80
CA GLU D 84 5.90 13.27 -4.73
C GLU D 84 7.36 13.53 -5.08
N ARG D 85 7.75 13.28 -6.34
CA ARG D 85 9.11 13.54 -6.78
C ARG D 85 9.44 15.04 -6.77
N ALA D 86 8.48 15.90 -7.18
CA ALA D 86 8.66 17.35 -7.16
C ALA D 86 8.85 17.88 -5.74
N ALA D 87 8.16 17.31 -4.75
CA ALA D 87 8.26 17.72 -3.35
C ALA D 87 9.68 17.54 -2.80
N TYR D 88 10.37 16.45 -3.16
CA TYR D 88 11.78 16.23 -2.75
C TYR D 88 12.70 17.29 -3.33
N LEU D 89 12.54 17.59 -4.64
CA LEU D 89 13.37 18.58 -5.31
C LEU D 89 13.15 19.96 -4.71
N HIS D 90 11.88 20.34 -4.42
CA HIS D 90 11.59 21.64 -3.78
C HIS D 90 12.25 21.71 -2.39
N LYS D 91 12.20 20.61 -1.65
CA LYS D 91 12.81 20.54 -0.34
C LYS D 91 14.35 20.68 -0.46
N ALA D 92 14.97 20.03 -1.47
CA ALA D 92 16.42 20.16 -1.68
C ALA D 92 16.83 21.61 -2.01
N ALA D 93 16.06 22.29 -2.87
CA ALA D 93 16.31 23.66 -3.29
C ALA D 93 16.18 24.63 -2.10
N ASP D 94 15.24 24.39 -1.18
CA ASP D 94 15.07 25.22 0.01
C ASP D 94 16.28 25.12 0.91
N ILE D 95 16.84 23.91 1.06
CA ILE D 95 18.02 23.67 1.88
C ILE D 95 19.22 24.38 1.24
N LEU D 96 19.33 24.36 -0.11
CA LEU D 96 20.41 25.08 -0.79
C LEU D 96 20.32 26.59 -0.56
N VAL D 97 19.12 27.18 -0.60
CA VAL D 97 18.95 28.61 -0.35
C VAL D 97 19.36 28.93 1.08
N ARG D 98 18.94 28.10 2.05
CA ARG D 98 19.29 28.28 3.45
C ARG D 98 20.83 28.27 3.63
N ASP D 99 21.52 27.26 3.04
CA ASP D 99 22.96 27.12 3.15
C ASP D 99 23.75 27.72 1.99
N ALA D 100 23.20 28.71 1.25
CA ALA D 100 23.92 29.31 0.12
C ALA D 100 25.25 29.96 0.53
N GLU D 101 25.29 30.65 1.69
CA GLU D 101 26.51 31.29 2.16
C GLU D 101 27.54 30.25 2.59
N LYS D 102 27.11 29.21 3.30
CA LYS D 102 27.99 28.13 3.74
C LYS D 102 28.58 27.34 2.54
N ILE D 103 27.75 26.99 1.53
CA ILE D 103 28.23 26.25 0.35
C ILE D 103 29.03 27.16 -0.56
N GLY D 104 28.55 28.38 -0.77
CA GLY D 104 29.22 29.39 -1.59
C GLY D 104 30.60 29.74 -1.10
N ALA D 105 30.80 29.80 0.24
CA ALA D 105 32.12 30.10 0.80
C ALA D 105 33.14 29.00 0.43
N ILE D 106 32.74 27.72 0.49
CA ILE D 106 33.65 26.62 0.17
C ILE D 106 33.85 26.56 -1.34
N LEU D 107 32.76 26.69 -2.11
CA LEU D 107 32.80 26.67 -3.59
C LEU D 107 33.79 27.74 -4.12
N SER D 108 33.72 28.95 -3.54
CA SER D 108 34.61 30.06 -3.88
C SER D 108 36.08 29.67 -3.74
N LYS D 109 36.46 29.04 -2.63
CA LYS D 109 37.84 28.63 -2.41
C LYS D 109 38.20 27.46 -3.31
N GLU D 110 37.29 26.51 -3.50
CA GLU D 110 37.57 25.30 -4.26
C GLU D 110 37.90 25.52 -5.73
N VAL D 111 37.24 26.48 -6.39
CA VAL D 111 37.49 26.71 -7.82
C VAL D 111 37.92 28.17 -8.11
N ALA D 112 38.43 28.90 -7.08
CA ALA D 112 38.92 30.28 -7.20
C ALA D 112 37.93 31.19 -7.93
N LYS D 113 36.67 31.11 -7.49
CA LYS D 113 35.57 31.92 -7.99
C LYS D 113 35.29 32.96 -6.92
N GLY D 114 34.93 34.18 -7.32
CA GLY D 114 34.60 35.26 -6.38
C GLY D 114 33.56 34.83 -5.36
N HIS D 115 33.71 35.26 -4.09
CA HIS D 115 32.80 34.84 -3.04
C HIS D 115 31.31 35.07 -3.38
N LYS D 116 30.96 36.28 -3.84
CA LYS D 116 29.59 36.61 -4.20
C LYS D 116 29.11 35.81 -5.40
N ALA D 117 29.98 35.62 -6.42
CA ALA D 117 29.63 34.86 -7.60
C ALA D 117 29.38 33.39 -7.26
N ALA D 118 30.13 32.84 -6.28
CA ALA D 118 29.97 31.46 -5.83
C ALA D 118 28.63 31.28 -5.06
N VAL D 119 28.25 32.25 -4.21
CA VAL D 119 26.98 32.23 -3.50
C VAL D 119 25.84 32.34 -4.53
N SER D 120 26.00 33.19 -5.57
CA SER D 120 25.01 33.35 -6.63
C SER D 120 24.79 32.05 -7.37
N GLU D 121 25.87 31.29 -7.61
CA GLU D 121 25.79 30.02 -8.28
C GLU D 121 24.89 29.03 -7.52
N VAL D 122 25.01 28.99 -6.19
CA VAL D 122 24.20 28.09 -5.36
C VAL D 122 22.72 28.54 -5.41
N ILE D 123 22.44 29.86 -5.40
CA ILE D 123 21.08 30.38 -5.51
C ILE D 123 20.49 30.05 -6.89
N ARG D 124 21.28 30.18 -7.96
CA ARG D 124 20.83 29.85 -9.30
C ARG D 124 20.52 28.35 -9.44
N THR D 125 21.29 27.49 -8.73
CA THR D 125 21.06 26.05 -8.73
C THR D 125 19.70 25.75 -8.12
N ALA D 126 19.37 26.38 -6.97
CA ALA D 126 18.08 26.22 -6.32
C ALA D 126 16.94 26.62 -7.26
N GLU D 127 17.12 27.71 -8.02
CA GLU D 127 16.12 28.19 -8.98
C GLU D 127 15.88 27.17 -10.09
N ILE D 128 16.95 26.55 -10.61
CA ILE D 128 16.86 25.56 -11.67
C ILE D 128 16.20 24.30 -11.14
N ILE D 129 16.52 23.88 -9.89
CA ILE D 129 15.90 22.70 -9.29
C ILE D 129 14.37 22.92 -9.14
N ASN D 130 13.97 24.09 -8.64
CA ASN D 130 12.56 24.41 -8.49
C ASN D 130 11.85 24.46 -9.86
N TYR D 131 12.48 25.07 -10.86
CA TYR D 131 11.88 25.21 -12.18
C TYR D 131 11.73 23.83 -12.85
N ALA D 132 12.73 22.94 -12.72
CA ALA D 132 12.66 21.58 -13.29
C ALA D 132 11.61 20.75 -12.58
N ALA D 133 11.44 20.90 -11.24
CA ALA D 133 10.41 20.16 -10.50
C ALA D 133 9.01 20.52 -11.02
N GLU D 134 8.76 21.82 -11.27
CA GLU D 134 7.46 22.25 -11.77
C GLU D 134 7.28 22.03 -13.28
N GLU D 135 8.37 22.05 -14.07
CA GLU D 135 8.29 21.80 -15.51
C GLU D 135 8.00 20.32 -15.74
N GLY D 136 8.73 19.46 -15.04
CA GLY D 136 8.61 18.02 -15.20
C GLY D 136 7.31 17.44 -14.73
N LEU D 137 6.68 18.01 -13.67
CA LEU D 137 5.43 17.46 -13.19
C LEU D 137 4.27 17.69 -14.16
N ARG D 138 4.38 18.67 -15.08
CA ARG D 138 3.33 18.92 -16.09
C ARG D 138 3.62 18.10 -17.35
N MET D 139 4.28 16.93 -17.20
CA MET D 139 4.66 16.04 -18.28
C MET D 139 3.39 15.54 -18.95
N GLU D 140 3.28 15.71 -20.26
CA GLU D 140 2.09 15.27 -20.99
C GLU D 140 2.45 14.27 -22.07
N GLY D 141 1.48 13.47 -22.43
CA GLY D 141 1.58 12.53 -23.53
C GLY D 141 0.73 13.00 -24.69
N GLU D 142 0.57 12.13 -25.68
CA GLU D 142 -0.23 12.42 -26.86
C GLU D 142 -1.09 11.23 -27.27
N VAL D 143 -2.20 11.52 -27.94
CA VAL D 143 -3.10 10.50 -28.45
C VAL D 143 -3.06 10.70 -29.95
N LEU D 144 -2.65 9.68 -30.68
CA LEU D 144 -2.56 9.75 -32.13
C LEU D 144 -3.63 8.91 -32.75
N GLU D 145 -4.14 9.34 -33.90
CA GLU D 145 -5.24 8.68 -34.60
C GLU D 145 -4.72 7.85 -35.75
N GLY D 146 -5.09 6.58 -35.82
CA GLY D 146 -4.72 5.73 -36.94
C GLY D 146 -5.33 6.23 -38.25
N GLY D 147 -6.52 6.84 -38.14
CA GLY D 147 -7.25 7.43 -39.25
C GLY D 147 -6.59 8.64 -39.88
N SER D 148 -5.55 9.20 -39.24
CA SER D 148 -4.74 10.27 -39.82
C SER D 148 -3.90 9.70 -40.99
N PHE D 149 -3.52 8.41 -40.92
CA PHE D 149 -2.66 7.77 -41.91
C PHE D 149 -3.44 6.88 -42.88
N GLU D 150 -4.36 6.03 -42.38
CA GLU D 150 -5.14 5.17 -43.25
C GLU D 150 -6.54 4.93 -42.71
N ALA D 151 -7.53 4.88 -43.62
CA ALA D 151 -8.94 4.72 -43.29
C ALA D 151 -9.25 3.43 -42.54
N ALA D 152 -8.58 2.32 -42.91
CA ALA D 152 -8.80 1.03 -42.27
C ALA D 152 -8.42 1.03 -40.79
N SER D 153 -7.52 1.92 -40.34
CA SER D 153 -7.09 2.01 -38.95
C SER D 153 -7.72 3.17 -38.20
N LYS D 154 -8.88 3.69 -38.67
CA LYS D 154 -9.51 4.83 -38.03
C LYS D 154 -9.96 4.58 -36.59
N LYS D 155 -10.24 3.32 -36.21
CA LYS D 155 -10.62 2.99 -34.84
C LYS D 155 -9.39 2.70 -33.94
N LYS D 156 -8.17 2.74 -34.48
CA LYS D 156 -6.94 2.48 -33.74
C LYS D 156 -6.32 3.78 -33.21
N ILE D 157 -6.02 3.86 -31.91
CA ILE D 157 -5.39 5.04 -31.31
C ILE D 157 -4.16 4.64 -30.51
N ALA D 158 -3.19 5.55 -30.41
CA ALA D 158 -1.97 5.32 -29.64
C ALA D 158 -1.95 6.28 -28.44
N ILE D 159 -1.90 5.74 -27.22
CA ILE D 159 -1.80 6.53 -25.97
C ILE D 159 -0.30 6.55 -25.71
N VAL D 160 0.36 7.66 -26.00
CA VAL D 160 1.81 7.81 -25.89
C VAL D 160 2.16 8.58 -24.63
N ARG D 161 2.85 7.95 -23.68
CA ARG D 161 3.21 8.57 -22.41
C ARG D 161 4.74 8.54 -22.22
N ARG D 162 5.22 9.48 -21.42
CA ARG D 162 6.64 9.63 -21.13
C ARG D 162 7.06 8.69 -20.02
N GLU D 163 8.29 8.17 -20.10
CA GLU D 163 8.88 7.29 -19.09
C GLU D 163 10.35 7.68 -18.87
N PRO D 164 10.93 7.41 -17.68
CA PRO D 164 12.37 7.69 -17.51
C PRO D 164 13.24 6.78 -18.37
N VAL D 165 14.48 7.23 -18.70
CA VAL D 165 15.44 6.39 -19.43
C VAL D 165 16.09 5.34 -18.47
N GLY D 166 16.16 5.64 -17.17
CA GLY D 166 16.70 4.74 -16.15
C GLY D 166 17.70 5.42 -15.25
N LEU D 167 18.97 5.02 -15.31
CA LEU D 167 20.05 5.59 -14.54
C LEU D 167 20.76 6.63 -15.39
N VAL D 168 20.82 7.89 -14.90
CA VAL D 168 21.54 8.97 -15.56
C VAL D 168 22.85 9.19 -14.81
N LEU D 169 23.97 9.21 -15.53
CA LEU D 169 25.27 9.55 -14.97
C LEU D 169 25.43 11.02 -15.32
N ALA D 170 25.49 11.90 -14.30
CA ALA D 170 25.67 13.35 -14.49
C ALA D 170 27.12 13.69 -14.12
N ILE D 171 27.84 14.36 -15.02
CA ILE D 171 29.23 14.75 -14.82
C ILE D 171 29.30 16.27 -14.90
N SER D 172 29.50 16.95 -13.76
CA SER D 172 29.55 18.40 -13.72
C SER D 172 30.97 18.94 -13.98
N PRO D 173 31.12 20.21 -14.42
CA PRO D 173 32.45 20.76 -14.69
C PRO D 173 33.03 21.55 -13.50
N PHE D 174 34.34 21.87 -13.53
CA PHE D 174 34.96 22.61 -12.41
C PHE D 174 34.43 24.02 -12.30
N ASN D 175 34.09 24.65 -13.43
CA ASN D 175 33.70 26.07 -13.40
C ASN D 175 32.31 26.31 -12.85
N TYR D 176 31.39 25.33 -12.90
CA TYR D 176 30.03 25.41 -12.34
C TYR D 176 29.72 24.07 -11.69
N PRO D 177 30.44 23.72 -10.61
CA PRO D 177 30.28 22.38 -10.03
C PRO D 177 28.97 22.12 -9.30
N VAL D 178 28.26 23.18 -8.89
CA VAL D 178 26.97 23.03 -8.22
C VAL D 178 25.87 23.27 -9.26
N ASN D 179 25.97 24.39 -9.99
CA ASN D 179 24.97 24.78 -10.97
C ASN D 179 24.83 23.79 -12.12
N LEU D 180 25.96 23.35 -12.72
CA LEU D 180 25.87 22.39 -13.81
C LEU D 180 25.93 20.93 -13.34
N ALA D 181 25.60 20.69 -12.05
CA ALA D 181 25.31 19.39 -11.46
C ALA D 181 23.75 19.41 -11.28
N GLY D 182 23.20 20.47 -10.65
CA GLY D 182 21.77 20.63 -10.46
C GLY D 182 20.96 20.71 -11.74
N SER D 183 21.52 21.35 -12.78
CA SER D 183 20.89 21.43 -14.10
C SER D 183 20.75 20.04 -14.80
N LYS D 184 21.45 19.01 -14.29
CA LYS D 184 21.38 17.65 -14.81
C LYS D 184 20.54 16.80 -13.87
N ILE D 185 20.80 16.91 -12.56
CA ILE D 185 20.12 16.12 -11.52
C ILE D 185 18.61 16.37 -11.44
N ALA D 186 18.16 17.62 -11.25
CA ALA D 186 16.73 17.88 -11.08
C ALA D 186 15.87 17.48 -12.30
N PRO D 187 16.25 17.84 -13.55
CA PRO D 187 15.47 17.37 -14.71
C PRO D 187 15.41 15.84 -14.83
N ALA D 188 16.50 15.13 -14.47
CA ALA D 188 16.51 13.68 -14.52
C ALA D 188 15.61 13.10 -13.39
N LEU D 189 15.72 13.64 -12.16
CA LEU D 189 14.95 13.13 -11.03
C LEU D 189 13.43 13.33 -11.17
N ILE D 190 12.97 14.48 -11.66
CA ILE D 190 11.52 14.71 -11.80
C ILE D 190 10.88 13.72 -12.77
N ALA D 191 11.62 13.36 -13.83
CA ALA D 191 11.13 12.43 -14.84
C ALA D 191 11.06 10.96 -14.37
N GLY D 192 11.57 10.66 -13.17
CA GLY D 192 11.55 9.31 -12.63
C GLY D 192 12.86 8.56 -12.78
N ASN D 193 13.93 9.25 -13.23
CA ASN D 193 15.25 8.63 -13.36
C ASN D 193 15.95 8.64 -12.02
N VAL D 194 16.91 7.74 -11.86
CA VAL D 194 17.82 7.71 -10.72
C VAL D 194 19.14 8.31 -11.23
N VAL D 195 19.92 8.91 -10.34
CA VAL D 195 21.11 9.64 -10.74
C VAL D 195 22.34 9.27 -9.93
N ALA D 196 23.50 9.34 -10.58
CA ALA D 196 24.81 9.24 -9.97
C ALA D 196 25.54 10.50 -10.44
N LEU D 197 25.95 11.37 -9.52
CA LEU D 197 26.69 12.57 -9.84
C LEU D 197 28.18 12.28 -9.68
N LYS D 198 28.96 12.54 -10.74
CA LYS D 198 30.40 12.45 -10.71
C LYS D 198 30.86 13.89 -10.85
N PRO D 199 31.16 14.60 -9.75
CA PRO D 199 31.70 15.95 -9.90
C PRO D 199 33.18 15.88 -10.31
N PRO D 200 33.72 17.00 -10.81
CA PRO D 200 35.16 17.03 -11.10
C PRO D 200 35.93 16.97 -9.77
N THR D 201 37.18 16.50 -9.78
CA THR D 201 37.97 16.42 -8.53
C THR D 201 38.12 17.83 -7.92
N GLN D 202 38.48 18.83 -8.75
CA GLN D 202 38.52 20.21 -8.31
C GLN D 202 37.06 20.69 -8.45
N GLY D 203 36.31 20.51 -7.39
CA GLY D 203 34.89 20.82 -7.33
C GLY D 203 34.07 19.72 -6.66
N SER D 204 34.71 18.61 -6.22
CA SER D 204 34.03 17.49 -5.58
C SER D 204 33.50 17.80 -4.18
N ILE D 205 34.14 18.70 -3.41
CA ILE D 205 33.61 19.10 -2.10
C ILE D 205 32.27 19.81 -2.33
N SER D 206 32.19 20.69 -3.32
CA SER D 206 30.95 21.40 -3.69
C SER D 206 29.85 20.43 -4.17
N GLY D 207 30.21 19.46 -4.98
CA GLY D 207 29.29 18.46 -5.46
C GLY D 207 28.73 17.62 -4.33
N LEU D 208 29.57 17.29 -3.32
CA LEU D 208 29.15 16.54 -2.15
C LEU D 208 28.32 17.42 -1.19
N LEU D 209 28.56 18.73 -1.14
CA LEU D 209 27.73 19.64 -0.37
C LEU D 209 26.34 19.73 -1.02
N LEU D 210 26.26 19.72 -2.37
CA LEU D 210 25.00 19.69 -3.09
C LEU D 210 24.27 18.39 -2.74
N ALA D 211 25.00 17.25 -2.68
CA ALA D 211 24.41 15.97 -2.33
C ALA D 211 23.87 15.93 -0.91
N GLU D 212 24.54 16.61 0.03
CA GLU D 212 24.05 16.70 1.41
C GLU D 212 22.67 17.37 1.44
N ALA D 213 22.39 18.35 0.55
CA ALA D 213 21.09 19.01 0.53
C ALA D 213 19.98 18.04 0.06
N PHE D 214 20.29 17.18 -0.94
CA PHE D 214 19.33 16.18 -1.41
C PHE D 214 19.12 15.10 -0.35
N ALA D 215 20.18 14.71 0.37
CA ALA D 215 20.08 13.71 1.43
C ALA D 215 19.25 14.26 2.59
N GLU D 216 19.48 15.54 2.99
CA GLU D 216 18.71 16.17 4.05
C GLU D 216 17.23 16.32 3.63
N ALA D 217 16.96 16.56 2.34
CA ALA D 217 15.59 16.60 1.81
C ALA D 217 14.88 15.22 1.89
N GLY D 218 15.61 14.16 2.23
CA GLY D 218 15.05 12.83 2.38
C GLY D 218 14.92 12.10 1.07
N ILE D 219 15.75 12.41 0.06
CA ILE D 219 15.72 11.70 -1.24
C ILE D 219 15.87 10.18 -0.98
N PRO D 220 14.96 9.30 -1.47
CA PRO D 220 15.09 7.86 -1.13
C PRO D 220 16.46 7.27 -1.42
N ALA D 221 16.87 6.28 -0.62
CA ALA D 221 18.18 5.63 -0.75
C ALA D 221 18.36 5.05 -2.14
N GLY D 222 19.49 5.39 -2.79
CA GLY D 222 19.80 4.92 -4.14
C GLY D 222 19.26 5.79 -5.26
N VAL D 223 18.28 6.68 -5.00
CA VAL D 223 17.73 7.55 -6.06
C VAL D 223 18.74 8.62 -6.47
N PHE D 224 19.50 9.14 -5.52
CA PHE D 224 20.55 10.09 -5.82
C PHE D 224 21.83 9.63 -5.11
N ASN D 225 22.91 9.50 -5.84
CA ASN D 225 24.21 9.03 -5.31
C ASN D 225 25.34 9.86 -5.91
N THR D 226 26.52 9.82 -5.28
CA THR D 226 27.70 10.51 -5.79
C THR D 226 28.85 9.53 -5.95
N ILE D 227 29.73 9.86 -6.90
CA ILE D 227 30.96 9.12 -7.18
C ILE D 227 32.07 10.15 -7.20
N THR D 228 33.18 9.88 -6.51
CA THR D 228 34.37 10.71 -6.57
C THR D 228 35.57 9.77 -6.74
N GLY D 229 36.54 10.20 -7.55
CA GLY D 229 37.73 9.41 -7.76
C GLY D 229 38.62 9.91 -8.86
N ARG D 230 39.75 9.21 -9.01
CA ARG D 230 40.76 9.54 -10.01
C ARG D 230 40.34 9.00 -11.36
N GLY D 231 40.52 9.82 -12.39
CA GLY D 231 40.25 9.42 -13.76
C GLY D 231 41.00 8.18 -14.19
N SER D 232 42.24 7.99 -13.69
CA SER D 232 43.02 6.79 -14.04
C SER D 232 42.43 5.50 -13.45
N VAL D 233 41.64 5.61 -12.36
CA VAL D 233 41.04 4.43 -11.72
C VAL D 233 39.61 4.18 -12.22
N ILE D 234 38.78 5.24 -12.31
CA ILE D 234 37.36 5.11 -12.67
C ILE D 234 36.84 5.99 -13.83
N GLY D 235 37.68 6.78 -14.47
CA GLY D 235 37.28 7.69 -15.54
C GLY D 235 36.45 7.08 -16.64
N ASP D 236 37.00 6.09 -17.36
CA ASP D 236 36.26 5.39 -18.41
C ASP D 236 35.25 4.43 -17.82
N TYR D 237 35.59 3.78 -16.68
CA TYR D 237 34.73 2.82 -16.02
C TYR D 237 33.30 3.32 -15.74
N ILE D 238 33.17 4.52 -15.20
CA ILE D 238 31.85 5.07 -14.87
C ILE D 238 30.95 5.23 -16.11
N VAL D 239 31.53 5.55 -17.28
CA VAL D 239 30.78 5.74 -18.53
C VAL D 239 30.49 4.41 -19.23
N GLU D 240 31.47 3.50 -19.31
CA GLU D 240 31.33 2.19 -19.95
C GLU D 240 30.32 1.27 -19.29
N HIS D 241 30.14 1.40 -17.96
CA HIS D 241 29.29 0.51 -17.18
C HIS D 241 27.87 0.30 -17.80
N GLU D 242 27.47 -0.98 -17.96
CA GLU D 242 26.17 -1.40 -18.53
CA GLU D 242 26.18 -1.30 -18.59
C GLU D 242 24.97 -0.84 -17.77
N ALA D 243 25.14 -0.52 -16.46
CA ALA D 243 24.03 -0.01 -15.65
C ALA D 243 23.61 1.40 -16.07
N VAL D 244 24.56 2.20 -16.59
CA VAL D 244 24.27 3.57 -17.01
C VAL D 244 23.45 3.60 -18.30
N ASN D 245 22.30 4.28 -18.28
CA ASN D 245 21.40 4.39 -19.43
C ASN D 245 21.51 5.72 -20.18
N PHE D 246 22.13 6.73 -19.57
CA PHE D 246 22.26 8.06 -20.16
C PHE D 246 23.47 8.77 -19.53
N ILE D 247 24.28 9.48 -20.33
CA ILE D 247 25.42 10.23 -19.80
C ILE D 247 25.21 11.69 -20.11
N ASN D 248 25.24 12.55 -19.09
CA ASN D 248 25.02 13.98 -19.21
C ASN D 248 26.30 14.63 -18.68
N PHE D 249 27.12 15.17 -19.57
CA PHE D 249 28.41 15.74 -19.24
C PHE D 249 28.64 17.16 -19.75
N THR D 250 29.37 17.94 -18.93
CA THR D 250 29.89 19.23 -19.29
C THR D 250 31.39 19.16 -19.00
N GLY D 251 32.17 19.55 -19.99
CA GLY D 251 33.62 19.50 -19.87
C GLY D 251 34.29 19.77 -21.19
N SER D 252 35.56 19.37 -21.30
CA SER D 252 36.35 19.61 -22.51
C SER D 252 35.90 18.75 -23.70
N THR D 253 36.15 19.26 -24.90
CA THR D 253 35.77 18.58 -26.15
C THR D 253 36.43 17.19 -26.29
N PRO D 254 37.76 17.04 -26.09
CA PRO D 254 38.35 15.70 -26.20
C PRO D 254 37.72 14.69 -25.23
N ILE D 255 37.42 15.08 -23.96
CA ILE D 255 36.79 14.16 -23.01
C ILE D 255 35.38 13.78 -23.54
N GLY D 256 34.64 14.75 -24.02
CA GLY D 256 33.31 14.54 -24.58
C GLY D 256 33.31 13.60 -25.76
N GLU D 257 34.32 13.74 -26.64
CA GLU D 257 34.49 12.87 -27.81
C GLU D 257 34.68 11.42 -27.36
N GLY D 258 35.48 11.21 -26.32
CA GLY D 258 35.68 9.89 -25.73
C GLY D 258 34.40 9.32 -25.12
N ILE D 259 33.64 10.16 -24.41
CA ILE D 259 32.38 9.75 -23.81
C ILE D 259 31.39 9.31 -24.89
N GLY D 260 31.34 10.00 -26.02
CA GLY D 260 30.47 9.64 -27.13
C GLY D 260 30.72 8.22 -27.64
N LYS D 261 32.00 7.79 -27.77
CA LYS D 261 32.28 6.42 -28.22
C LYS D 261 32.04 5.42 -27.09
N LEU D 262 32.40 5.76 -25.83
CA LEU D 262 32.15 4.85 -24.70
C LEU D 262 30.64 4.65 -24.46
N ALA D 263 29.80 5.62 -24.84
CA ALA D 263 28.35 5.50 -24.71
C ALA D 263 27.78 4.45 -25.66
N GLY D 264 28.43 4.20 -26.81
CA GLY D 264 27.94 3.27 -27.80
C GLY D 264 26.64 3.75 -28.38
N MET D 265 25.56 2.99 -28.21
CA MET D 265 24.23 3.40 -28.68
C MET D 265 23.46 4.21 -27.65
N ARG D 266 23.94 4.34 -26.40
CA ARG D 266 23.17 4.98 -25.33
C ARG D 266 23.05 6.47 -25.49
N PRO D 267 21.89 7.06 -25.13
CA PRO D 267 21.72 8.51 -25.27
C PRO D 267 22.66 9.34 -24.40
N ILE D 268 23.11 10.48 -24.95
CA ILE D 268 24.03 11.39 -24.26
C ILE D 268 23.59 12.84 -24.45
N MET D 269 24.08 13.72 -23.57
CA MET D 269 23.98 15.16 -23.64
C MET D 269 25.40 15.65 -23.33
N LEU D 270 26.01 16.41 -24.25
CA LEU D 270 27.37 16.91 -24.07
C LEU D 270 27.37 18.43 -24.21
N GLU D 271 28.05 19.09 -23.28
CA GLU D 271 28.22 20.54 -23.28
CA GLU D 271 28.21 20.52 -23.28
C GLU D 271 29.72 20.69 -23.25
N LEU D 272 30.31 21.07 -24.39
CA LEU D 272 31.75 21.12 -24.56
C LEU D 272 32.27 22.57 -24.79
N GLY D 273 33.47 22.72 -25.33
CA GLY D 273 34.07 24.02 -25.52
C GLY D 273 33.32 24.96 -26.46
N GLY D 274 33.68 26.22 -26.36
CA GLY D 274 33.16 27.27 -27.20
C GLY D 274 34.27 28.23 -27.60
N LYS D 275 34.08 28.91 -28.71
CA LYS D 275 34.95 30.01 -29.13
C LYS D 275 33.97 31.08 -29.66
N ASP D 276 32.99 31.47 -28.82
CA ASP D 276 31.89 32.36 -29.21
C ASP D 276 32.40 33.66 -29.80
N SER D 277 31.90 33.99 -30.98
CA SER D 277 32.27 35.23 -31.65
C SER D 277 31.23 36.30 -31.39
N ALA D 278 31.67 37.56 -31.39
CA ALA D 278 30.83 38.73 -31.19
C ALA D 278 31.04 39.57 -32.43
N ILE D 279 30.09 39.51 -33.36
CA ILE D 279 30.17 40.20 -34.63
C ILE D 279 29.67 41.62 -34.42
N VAL D 280 30.51 42.62 -34.64
CA VAL D 280 30.15 44.02 -34.45
C VAL D 280 30.08 44.71 -35.82
N LEU D 281 28.87 45.15 -36.23
CA LEU D 281 28.69 45.79 -37.52
C LEU D 281 28.88 47.31 -37.43
N GLU D 282 28.96 47.99 -38.58
CA GLU D 282 29.19 49.43 -38.63
C GLU D 282 28.12 50.26 -37.92
N ASP D 283 26.85 49.81 -37.91
CA ASP D 283 25.76 50.54 -37.27
C ASP D 283 25.54 50.15 -35.79
N ALA D 284 26.50 49.44 -35.16
CA ALA D 284 26.36 49.04 -33.77
C ALA D 284 26.54 50.18 -32.75
N ASP D 285 25.93 50.01 -31.56
CA ASP D 285 26.11 50.89 -30.42
C ASP D 285 27.44 50.34 -29.81
N LEU D 286 28.56 51.00 -30.10
CA LEU D 286 29.87 50.51 -29.69
C LEU D 286 30.10 50.48 -28.17
N ALA D 287 29.51 51.41 -27.40
CA ALA D 287 29.64 51.40 -25.95
C ALA D 287 28.92 50.18 -25.36
N LEU D 288 27.73 49.88 -25.89
CA LEU D 288 26.95 48.71 -25.45
C LEU D 288 27.67 47.43 -25.87
N ALA D 289 28.23 47.41 -27.10
CA ALA D 289 28.99 46.26 -27.58
C ALA D 289 30.21 46.01 -26.68
N ALA D 290 30.98 47.05 -26.35
CA ALA D 290 32.16 46.93 -25.48
C ALA D 290 31.79 46.44 -24.08
N LYS D 291 30.69 46.98 -23.51
CA LYS D 291 30.22 46.59 -22.18
C LYS D 291 29.89 45.08 -22.12
N ASN D 292 29.14 44.61 -23.12
CA ASN D 292 28.73 43.22 -23.20
C ASN D 292 29.89 42.30 -23.51
N ILE D 293 30.74 42.67 -24.47
CA ILE D 293 31.92 41.90 -24.84
C ILE D 293 32.87 41.75 -23.62
N VAL D 294 33.11 42.82 -22.83
CA VAL D 294 34.02 42.71 -21.69
C VAL D 294 33.41 41.88 -20.55
N ALA D 295 32.13 42.06 -20.25
CA ALA D 295 31.46 41.30 -19.19
C ALA D 295 31.44 39.80 -19.57
N GLY D 296 31.15 39.51 -20.84
CA GLY D 296 31.11 38.14 -21.34
C GLY D 296 32.46 37.48 -21.48
N ALA D 297 33.47 38.21 -21.99
CA ALA D 297 34.79 37.64 -22.23
C ALA D 297 35.57 37.39 -20.97
N PHE D 298 35.47 38.32 -20.00
CA PHE D 298 36.29 38.27 -18.80
C PHE D 298 35.61 37.75 -17.55
N GLY D 299 34.33 37.36 -17.63
CA GLY D 299 33.61 36.80 -16.50
C GLY D 299 34.28 35.52 -16.03
N TYR D 300 34.58 35.43 -14.73
CA TYR D 300 35.29 34.30 -14.12
C TYR D 300 36.64 34.05 -14.83
N SER D 301 37.35 35.16 -15.13
CA SER D 301 38.62 35.18 -15.84
C SER D 301 38.58 34.42 -17.19
N GLY D 302 37.45 34.45 -17.87
CA GLY D 302 37.27 33.77 -19.14
C GLY D 302 37.15 32.25 -19.07
N GLN D 303 36.92 31.68 -17.87
CA GLN D 303 36.84 30.23 -17.67
C GLN D 303 35.40 29.73 -17.81
N ARG D 304 34.78 30.05 -18.96
CA ARG D 304 33.40 29.67 -19.25
C ARG D 304 33.30 29.28 -20.71
N CYS D 305 32.56 28.20 -21.03
CA CYS D 305 32.37 27.74 -22.40
CA CYS D 305 32.41 27.76 -22.41
C CYS D 305 31.58 28.76 -23.22
N THR D 306 30.56 29.36 -22.60
CA THR D 306 29.67 30.31 -23.27
C THR D 306 30.15 31.77 -23.16
N ALA D 307 31.44 32.00 -23.06
CA ALA D 307 32.04 33.34 -23.00
C ALA D 307 32.32 33.91 -24.38
N VAL D 308 32.34 35.26 -24.50
CA VAL D 308 32.73 35.91 -25.75
C VAL D 308 34.27 35.68 -25.90
N LYS D 309 34.72 34.94 -26.93
CA LYS D 309 36.12 34.59 -27.08
C LYS D 309 36.83 35.21 -28.30
N ARG D 310 36.11 35.95 -29.13
CA ARG D 310 36.73 36.65 -30.27
C ARG D 310 35.78 37.72 -30.79
N VAL D 311 36.32 38.93 -31.06
CA VAL D 311 35.52 40.03 -31.58
C VAL D 311 35.77 40.08 -33.07
N LEU D 312 34.71 39.97 -33.89
CA LEU D 312 34.82 40.02 -35.35
C LEU D 312 34.17 41.34 -35.70
N VAL D 313 34.97 42.42 -35.82
CA VAL D 313 34.47 43.78 -36.02
C VAL D 313 34.80 44.35 -37.39
N MET D 314 33.82 45.09 -37.98
CA MET D 314 33.99 45.78 -39.27
C MET D 314 35.08 46.85 -39.09
N ASP D 315 36.05 46.91 -40.01
CA ASP D 315 37.20 47.80 -39.89
C ASP D 315 36.86 49.28 -39.65
N LYS D 316 35.75 49.78 -40.23
CA LYS D 316 35.35 51.18 -40.06
C LYS D 316 35.16 51.57 -38.58
N VAL D 317 34.63 50.64 -37.76
CA VAL D 317 34.38 50.91 -36.33
C VAL D 317 35.34 50.20 -35.38
N ALA D 318 36.35 49.49 -35.91
CA ALA D 318 37.30 48.74 -35.09
C ALA D 318 38.18 49.58 -34.14
N ASP D 319 38.71 50.72 -34.59
CA ASP D 319 39.56 51.56 -33.73
C ASP D 319 38.78 52.08 -32.51
N GLN D 320 37.55 52.59 -32.71
CA GLN D 320 36.75 53.10 -31.60
C GLN D 320 36.28 51.96 -30.69
N LEU D 321 35.85 50.81 -31.25
CA LEU D 321 35.43 49.69 -30.43
C LEU D 321 36.60 49.18 -29.56
N ALA D 322 37.81 49.02 -30.15
CA ALA D 322 38.99 48.55 -29.40
C ALA D 322 39.33 49.49 -28.27
N ALA D 323 39.20 50.80 -28.48
CA ALA D 323 39.49 51.81 -27.46
C ALA D 323 38.50 51.70 -26.30
N GLU D 324 37.21 51.45 -26.61
CA GLU D 324 36.16 51.31 -25.60
C GLU D 324 36.31 50.00 -24.82
N ILE D 325 36.69 48.91 -25.50
CA ILE D 325 36.93 47.63 -24.82
C ILE D 325 38.17 47.82 -23.90
N LYS D 326 39.24 48.45 -24.40
CA LYS D 326 40.46 48.69 -23.62
C LYS D 326 40.18 49.44 -22.32
N THR D 327 39.44 50.56 -22.37
CA THR D 327 39.13 51.34 -21.16
C THR D 327 38.42 50.49 -20.10
N LEU D 328 37.50 49.61 -20.52
CA LEU D 328 36.78 48.75 -19.61
C LEU D 328 37.65 47.61 -19.07
N VAL D 329 38.52 47.03 -19.90
CA VAL D 329 39.42 45.96 -19.46
C VAL D 329 40.40 46.52 -18.42
N GLU D 330 40.86 47.77 -18.58
CA GLU D 330 41.77 48.40 -17.62
C GLU D 330 41.11 48.61 -16.24
N LYS D 331 39.78 48.69 -16.17
CA LYS D 331 39.06 48.89 -14.92
C LYS D 331 38.87 47.57 -14.15
N LEU D 332 38.96 46.41 -14.80
CA LEU D 332 38.71 45.14 -14.15
C LEU D 332 39.66 44.91 -12.99
N SER D 333 39.12 44.54 -11.80
CA SER D 333 39.96 44.25 -10.64
C SER D 333 40.61 42.89 -10.82
N VAL D 334 41.86 42.76 -10.37
CA VAL D 334 42.65 41.55 -10.51
C VAL D 334 43.10 41.20 -9.12
N GLY D 335 42.68 40.04 -8.60
CA GLY D 335 43.01 39.67 -7.23
C GLY D 335 42.44 38.35 -6.77
N MET D 336 42.11 38.27 -5.48
CA MET D 336 41.66 37.04 -4.85
C MET D 336 40.14 36.84 -4.82
N PRO D 337 39.68 35.56 -4.84
CA PRO D 337 38.24 35.30 -4.75
C PRO D 337 37.54 35.94 -3.55
N GLU D 338 38.20 35.96 -2.36
CA GLU D 338 37.58 36.56 -1.16
C GLU D 338 37.28 38.05 -1.32
N ASP D 339 38.05 38.75 -2.16
CA ASP D 339 37.85 40.17 -2.42
C ASP D 339 36.94 40.45 -3.62
N ASP D 340 36.23 39.42 -4.15
CA ASP D 340 35.30 39.53 -5.28
C ASP D 340 35.92 40.19 -6.49
N ALA D 341 37.18 39.84 -6.78
CA ALA D 341 37.87 40.39 -7.93
C ALA D 341 37.25 39.86 -9.22
N ASP D 342 37.27 40.67 -10.27
CA ASP D 342 36.74 40.26 -11.58
C ASP D 342 37.65 39.16 -12.15
N ILE D 343 38.96 39.37 -12.09
CA ILE D 343 39.94 38.41 -12.57
C ILE D 343 40.59 37.77 -11.35
N THR D 344 40.31 36.49 -11.14
CA THR D 344 40.86 35.69 -10.04
C THR D 344 41.91 34.67 -10.59
N PRO D 345 42.69 34.01 -9.72
CA PRO D 345 43.66 33.01 -10.23
C PRO D 345 43.01 31.87 -10.99
N LEU D 346 43.69 31.38 -12.04
CA LEU D 346 43.15 30.30 -12.85
C LEU D 346 43.16 28.97 -12.12
N ILE D 347 42.33 28.04 -12.58
CA ILE D 347 42.08 26.75 -11.90
C ILE D 347 43.37 25.98 -11.56
N ASP D 348 44.40 26.04 -12.41
CA ASP D 348 45.69 25.38 -12.12
C ASP D 348 46.84 25.98 -12.96
N THR D 349 48.08 25.57 -12.65
CA THR D 349 49.28 26.05 -13.34
C THR D 349 49.23 25.73 -14.83
N SER D 350 48.79 24.53 -15.17
CA SER D 350 48.69 24.12 -16.57
C SER D 350 47.78 25.04 -17.37
N ALA D 351 46.67 25.44 -16.80
CA ALA D 351 45.73 26.35 -17.46
C ALA D 351 46.40 27.72 -17.69
N ALA D 352 47.14 28.20 -16.69
CA ALA D 352 47.83 29.48 -16.77
C ALA D 352 48.96 29.45 -17.81
N ASP D 353 49.69 28.33 -17.86
CA ASP D 353 50.78 28.13 -18.82
C ASP D 353 50.22 28.13 -20.24
N PHE D 354 49.07 27.46 -20.45
CA PHE D 354 48.44 27.38 -21.75
C PHE D 354 48.00 28.77 -22.25
N VAL D 355 47.43 29.57 -21.36
CA VAL D 355 46.99 30.93 -21.70
C VAL D 355 48.19 31.80 -22.03
N GLU D 356 49.27 31.69 -21.26
CA GLU D 356 50.50 32.44 -21.51
C GLU D 356 51.10 32.10 -22.90
N GLY D 357 51.01 30.84 -23.31
CA GLY D 357 51.47 30.39 -24.62
C GLY D 357 50.68 31.02 -25.76
N LEU D 358 49.36 31.17 -25.60
CA LEU D 358 48.52 31.81 -26.62
C LEU D 358 48.87 33.30 -26.73
N ILE D 359 49.11 33.95 -25.57
CA ILE D 359 49.51 35.36 -25.50
C ILE D 359 50.87 35.54 -26.21
N LYS D 360 51.81 34.61 -25.96
CA LYS D 360 53.13 34.67 -26.59
C LYS D 360 53.04 34.49 -28.11
N ASP D 361 52.25 33.52 -28.59
CA ASP D 361 52.07 33.29 -30.03
C ASP D 361 51.52 34.55 -30.72
N ALA D 362 50.52 35.20 -30.10
CA ALA D 362 49.90 36.42 -30.65
C ALA D 362 50.90 37.57 -30.68
N THR D 363 51.68 37.77 -29.60
CA THR D 363 52.68 38.82 -29.54
C THR D 363 53.76 38.59 -30.62
N ASP D 364 54.27 37.36 -30.72
CA ASP D 364 55.30 37.04 -31.69
C ASP D 364 54.84 37.18 -33.13
N LYS D 365 53.54 36.98 -33.39
CA LYS D 365 53.01 37.12 -34.75
C LYS D 365 52.54 38.54 -35.08
N GLY D 366 52.80 39.53 -34.22
CA GLY D 366 52.50 40.92 -34.50
C GLY D 366 51.20 41.51 -34.01
N ALA D 367 50.45 40.81 -33.12
CA ALA D 367 49.22 41.38 -32.57
C ALA D 367 49.58 42.49 -31.58
N THR D 368 48.71 43.49 -31.48
CA THR D 368 48.93 44.64 -30.62
C THR D 368 48.31 44.40 -29.23
N ALA D 369 49.15 44.34 -28.18
CA ALA D 369 48.66 44.16 -26.84
C ALA D 369 48.14 45.51 -26.31
N LEU D 370 46.82 45.68 -26.26
CA LEU D 370 46.21 46.92 -25.76
C LEU D 370 46.22 47.03 -24.23
N THR D 371 46.30 45.90 -23.52
CA THR D 371 46.44 45.86 -22.07
C THR D 371 47.60 44.91 -21.77
N ALA D 372 48.44 45.26 -20.78
CA ALA D 372 49.66 44.54 -20.47
C ALA D 372 49.48 43.15 -19.87
N PHE D 373 50.39 42.22 -20.23
CA PHE D 373 50.37 40.88 -19.65
C PHE D 373 51.20 40.92 -18.39
N ASN D 374 50.67 40.37 -17.31
CA ASN D 374 51.36 40.24 -16.03
C ASN D 374 50.86 38.96 -15.39
N ARG D 375 51.77 38.18 -14.75
CA ARG D 375 51.40 36.93 -14.11
C ARG D 375 52.07 36.81 -12.74
N GLU D 376 51.27 36.53 -11.71
CA GLU D 376 51.75 36.35 -10.34
CA GLU D 376 51.74 36.34 -10.33
C GLU D 376 51.12 35.03 -9.88
N GLY D 377 51.92 33.96 -9.86
CA GLY D 377 51.43 32.63 -9.54
C GLY D 377 50.64 32.19 -10.77
N ASN D 378 49.33 31.89 -10.59
CA ASN D 378 48.39 31.58 -11.68
C ASN D 378 47.36 32.74 -11.89
N LEU D 379 47.66 33.96 -11.39
CA LEU D 379 46.85 35.15 -11.55
C LEU D 379 47.45 35.92 -12.75
N ILE D 380 46.79 35.78 -13.91
CA ILE D 380 47.14 36.42 -15.16
C ILE D 380 46.24 37.65 -15.29
N SER D 381 46.81 38.82 -15.56
CA SER D 381 46.07 40.05 -15.76
C SER D 381 45.33 39.97 -17.10
N PRO D 382 44.21 40.69 -17.26
CA PRO D 382 43.47 40.59 -18.52
C PRO D 382 44.18 41.22 -19.72
N VAL D 383 44.37 40.43 -20.78
CA VAL D 383 45.07 40.87 -21.97
C VAL D 383 44.09 41.04 -23.13
N LEU D 384 44.09 42.23 -23.74
CA LEU D 384 43.28 42.52 -24.89
C LEU D 384 44.22 42.65 -26.07
N PHE D 385 43.95 41.95 -27.16
CA PHE D 385 44.78 42.01 -28.35
C PHE D 385 43.99 42.57 -29.53
N ASP D 386 44.63 43.43 -30.34
CA ASP D 386 44.04 43.99 -31.56
C ASP D 386 44.90 43.59 -32.74
N HIS D 387 44.33 43.66 -33.94
CA HIS D 387 45.02 43.25 -35.17
C HIS D 387 45.38 41.76 -35.11
N VAL D 388 44.44 40.95 -34.62
CA VAL D 388 44.63 39.52 -34.54
C VAL D 388 44.25 38.94 -35.88
N THR D 389 45.08 38.05 -36.41
CA THR D 389 44.85 37.44 -37.71
C THR D 389 44.56 35.96 -37.53
N THR D 390 44.00 35.32 -38.56
CA THR D 390 43.65 33.89 -38.51
C THR D 390 44.86 32.95 -38.43
N ASP D 391 46.09 33.46 -38.61
CA ASP D 391 47.29 32.63 -38.48
C ASP D 391 47.73 32.46 -36.99
N MET D 392 47.11 33.24 -36.07
CA MET D 392 47.42 33.19 -34.65
C MET D 392 46.55 32.15 -33.97
N ARG D 393 47.12 31.40 -33.02
CA ARG D 393 46.38 30.36 -32.28
C ARG D 393 45.21 30.95 -31.49
N LEU D 394 45.40 32.18 -30.96
CA LEU D 394 44.37 32.87 -30.19
C LEU D 394 43.10 33.14 -31.01
N ALA D 395 43.17 33.14 -32.34
CA ALA D 395 41.97 33.32 -33.17
C ALA D 395 41.04 32.10 -33.09
N TRP D 396 41.58 30.90 -32.78
CA TRP D 396 40.82 29.64 -32.81
C TRP D 396 40.71 28.88 -31.50
N GLU D 397 41.81 28.76 -30.75
CA GLU D 397 41.85 27.93 -29.55
C GLU D 397 41.17 28.54 -28.34
N GLU D 398 40.35 27.73 -27.62
CA GLU D 398 39.65 28.16 -26.41
C GLU D 398 40.70 28.35 -25.28
N PRO D 399 40.98 29.58 -24.79
CA PRO D 399 42.02 29.72 -23.77
C PRO D 399 41.64 29.26 -22.36
N PHE D 400 40.41 29.57 -21.92
CA PHE D 400 39.94 29.39 -20.55
C PHE D 400 40.86 30.29 -19.64
N GLY D 401 41.00 31.54 -20.07
CA GLY D 401 41.84 32.55 -19.43
C GLY D 401 41.47 33.95 -19.88
N PRO D 402 41.93 34.98 -19.15
CA PRO D 402 41.48 36.35 -19.45
C PRO D 402 42.25 37.00 -20.59
N VAL D 403 42.02 36.50 -21.81
CA VAL D 403 42.64 37.03 -23.01
C VAL D 403 41.58 37.07 -24.11
N LEU D 404 41.48 38.19 -24.81
CA LEU D 404 40.48 38.35 -25.86
C LEU D 404 41.09 38.93 -27.13
N PRO D 405 40.97 38.25 -28.28
CA PRO D 405 41.44 38.83 -29.53
C PRO D 405 40.37 39.66 -30.25
N ILE D 406 40.77 40.70 -30.99
CA ILE D 406 39.91 41.48 -31.87
C ILE D 406 40.45 41.21 -33.27
N ILE D 407 39.60 40.73 -34.16
CA ILE D 407 39.95 40.38 -35.54
C ILE D 407 39.14 41.33 -36.42
N ARG D 408 39.83 42.17 -37.20
CA ARG D 408 39.16 43.12 -38.08
C ARG D 408 38.75 42.44 -39.39
N VAL D 409 37.55 42.75 -39.88
CA VAL D 409 36.98 42.19 -41.10
C VAL D 409 36.49 43.34 -41.98
N THR D 410 36.45 43.11 -43.29
CA THR D 410 36.03 44.10 -44.28
C THR D 410 34.55 43.96 -44.65
N THR D 411 34.00 42.73 -44.63
CA THR D 411 32.60 42.46 -44.99
C THR D 411 31.94 41.57 -43.94
N VAL D 412 30.59 41.56 -43.90
CA VAL D 412 29.86 40.68 -42.97
C VAL D 412 30.02 39.22 -43.43
N GLU D 413 30.15 38.97 -44.75
CA GLU D 413 30.40 37.64 -45.31
C GLU D 413 31.70 37.07 -44.72
N GLU D 414 32.74 37.93 -44.56
CA GLU D 414 34.02 37.53 -43.98
C GLU D 414 33.84 37.19 -42.51
N ALA D 415 33.04 37.99 -41.76
CA ALA D 415 32.78 37.74 -40.35
C ALA D 415 32.08 36.39 -40.17
N ILE D 416 31.07 36.06 -41.02
CA ILE D 416 30.36 34.77 -40.98
C ILE D 416 31.32 33.64 -41.31
N LYS D 417 32.14 33.83 -42.36
CA LYS D 417 33.10 32.83 -42.81
C LYS D 417 34.08 32.49 -41.69
N ILE D 418 34.66 33.51 -41.04
CA ILE D 418 35.65 33.31 -39.98
C ILE D 418 34.96 32.66 -38.77
N SER D 419 33.77 33.14 -38.42
CA SER D 419 33.01 32.58 -37.31
C SER D 419 32.75 31.05 -37.50
N ASN D 420 32.25 30.65 -38.71
CA ASN D 420 31.95 29.26 -39.06
C ASN D 420 33.18 28.39 -39.28
N GLU D 421 34.36 28.96 -39.57
CA GLU D 421 35.60 28.17 -39.75
C GLU D 421 36.03 27.47 -38.44
N SER D 422 35.55 27.96 -37.28
CA SER D 422 35.83 27.35 -35.99
C SER D 422 35.21 25.96 -35.89
N GLU D 423 35.88 25.03 -35.21
CA GLU D 423 35.33 23.71 -34.93
C GLU D 423 34.18 23.79 -33.87
N TYR D 424 34.12 24.90 -33.11
CA TYR D 424 33.12 25.15 -32.09
C TYR D 424 31.95 25.92 -32.67
N GLY D 425 30.80 25.77 -32.04
CA GLY D 425 29.60 26.48 -32.45
C GLY D 425 28.60 26.53 -31.31
N LEU D 426 29.01 27.12 -30.19
CA LEU D 426 28.14 27.19 -29.03
C LEU D 426 27.14 28.35 -29.20
N GLN D 427 27.62 29.59 -29.14
CA GLN D 427 26.80 30.75 -29.30
C GLN D 427 27.55 31.84 -30.06
N ALA D 428 26.81 32.87 -30.49
CA ALA D 428 27.37 34.04 -31.15
C ALA D 428 26.57 35.26 -30.73
N SER D 429 27.19 36.42 -30.80
CA SER D 429 26.58 37.70 -30.50
C SER D 429 26.66 38.54 -31.77
N ILE D 430 25.62 39.35 -32.03
CA ILE D 430 25.61 40.24 -33.18
C ILE D 430 25.20 41.58 -32.64
N PHE D 431 26.07 42.60 -32.78
CA PHE D 431 25.80 43.96 -32.35
C PHE D 431 25.53 44.78 -33.59
N THR D 432 24.28 45.21 -33.74
CA THR D 432 23.80 45.98 -34.88
C THR D 432 22.43 46.59 -34.59
N THR D 433 22.04 47.64 -35.32
CA THR D 433 20.69 48.19 -35.21
C THR D 433 19.74 47.59 -36.28
N ASN D 434 20.27 46.83 -37.27
CA ASN D 434 19.47 46.24 -38.35
C ASN D 434 19.12 44.80 -38.00
N PHE D 435 17.94 44.58 -37.37
CA PHE D 435 17.53 43.23 -36.93
C PHE D 435 17.13 42.26 -38.06
N PRO D 436 16.44 42.68 -39.15
CA PRO D 436 16.17 41.71 -40.23
C PRO D 436 17.45 41.14 -40.82
N LYS D 437 18.51 41.99 -40.93
CA LYS D 437 19.82 41.58 -41.39
C LYS D 437 20.49 40.69 -40.33
N ALA D 438 20.38 41.06 -39.04
CA ALA D 438 20.93 40.27 -37.94
C ALA D 438 20.34 38.86 -37.92
N PHE D 439 19.04 38.74 -38.22
CA PHE D 439 18.37 37.43 -38.30
C PHE D 439 18.88 36.62 -39.47
N GLY D 440 19.16 37.28 -40.60
CA GLY D 440 19.71 36.63 -41.78
C GLY D 440 21.11 36.12 -41.51
N ILE D 441 21.91 36.90 -40.76
CA ILE D 441 23.27 36.52 -40.36
C ILE D 441 23.17 35.33 -39.41
N ALA D 442 22.27 35.42 -38.40
CA ALA D 442 22.03 34.35 -37.41
C ALA D 442 21.71 33.01 -38.07
N GLU D 443 20.90 33.00 -39.14
CA GLU D 443 20.57 31.79 -39.89
C GLU D 443 21.81 31.12 -40.45
N GLN D 444 22.81 31.92 -40.88
CA GLN D 444 24.05 31.42 -41.47
C GLN D 444 25.09 30.98 -40.42
N LEU D 445 25.03 31.49 -39.19
CA LEU D 445 26.01 31.12 -38.15
C LEU D 445 25.75 29.72 -37.65
N GLU D 446 26.79 28.89 -37.58
CA GLU D 446 26.69 27.51 -37.16
C GLU D 446 26.87 27.42 -35.66
N VAL D 447 25.86 27.88 -34.94
CA VAL D 447 25.85 27.93 -33.46
C VAL D 447 24.47 27.48 -32.96
N GLY D 448 24.36 27.20 -31.67
CA GLY D 448 23.08 26.86 -31.06
C GLY D 448 22.22 28.09 -30.84
N THR D 449 22.80 29.15 -30.24
CA THR D 449 22.09 30.39 -29.91
C THR D 449 22.82 31.61 -30.43
N VAL D 450 22.07 32.62 -30.87
CA VAL D 450 22.60 33.89 -31.33
C VAL D 450 21.93 34.97 -30.49
N HIS D 451 22.72 35.80 -29.77
CA HIS D 451 22.21 36.90 -28.96
C HIS D 451 22.37 38.18 -29.73
N LEU D 452 21.28 38.96 -29.88
CA LEU D 452 21.31 40.23 -30.59
C LEU D 452 21.48 41.36 -29.59
N ASN D 453 22.57 42.15 -29.73
CA ASN D 453 22.89 43.27 -28.86
C ASN D 453 23.03 42.86 -27.40
N ASN D 454 23.67 41.73 -27.18
CA ASN D 454 23.89 41.20 -25.83
CA ASN D 454 23.93 41.23 -25.82
C ASN D 454 25.00 40.15 -25.88
N LYS D 455 25.75 39.98 -24.78
CA LYS D 455 26.78 38.97 -24.69
C LYS D 455 26.15 37.58 -24.78
N THR D 456 26.94 36.60 -25.16
CA THR D 456 26.47 35.22 -25.19
C THR D 456 26.30 34.76 -23.72
N GLN D 457 25.30 33.94 -23.48
CA GLN D 457 25.00 33.47 -22.14
C GLN D 457 24.09 32.25 -22.19
N ARG D 458 24.19 31.40 -21.19
CA ARG D 458 23.36 30.21 -21.10
C ARG D 458 21.91 30.60 -20.76
N GLY D 459 21.74 31.59 -19.89
CA GLY D 459 20.41 31.99 -19.42
C GLY D 459 19.50 32.65 -20.44
N THR D 460 18.19 32.76 -20.13
CA THR D 460 17.58 32.21 -18.91
C THR D 460 17.51 30.69 -19.05
N ASP D 461 17.55 29.98 -17.90
CA ASP D 461 17.66 28.52 -17.90
C ASP D 461 16.46 27.79 -18.49
N ASN D 462 15.35 28.49 -18.76
CA ASN D 462 14.20 27.90 -19.45
C ASN D 462 14.47 27.84 -20.99
N PHE D 463 15.36 28.69 -21.52
CA PHE D 463 15.71 28.74 -22.95
C PHE D 463 16.56 27.54 -23.37
N PRO D 464 16.49 27.12 -24.65
CA PRO D 464 17.37 26.03 -25.09
C PRO D 464 18.84 26.47 -25.05
N PHE D 465 19.70 25.51 -24.70
CA PHE D 465 21.13 25.73 -24.62
C PHE D 465 21.77 24.55 -25.32
N LEU D 466 22.42 24.78 -26.47
CA LEU D 466 23.00 23.73 -27.26
C LEU D 466 24.17 24.26 -28.07
N GLY D 467 25.01 23.33 -28.54
CA GLY D 467 26.15 23.66 -29.35
C GLY D 467 26.17 22.83 -30.62
N ALA D 468 26.47 23.49 -31.73
CA ALA D 468 26.67 22.88 -33.03
C ALA D 468 28.13 22.38 -33.10
N LYS D 469 28.45 21.53 -34.10
CA LYS D 469 29.82 21.06 -34.35
C LYS D 469 30.44 20.43 -33.07
N LYS D 470 31.69 20.76 -32.68
CA LYS D 470 32.33 20.15 -31.53
C LYS D 470 31.93 20.76 -30.18
N SER D 471 30.95 21.67 -30.14
CA SER D 471 30.52 22.27 -28.88
C SER D 471 29.53 21.42 -28.08
N GLY D 472 28.99 20.33 -28.65
CA GLY D 472 28.08 19.48 -27.91
C GLY D 472 27.21 18.53 -28.69
N ALA D 473 26.35 17.84 -27.93
CA ALA D 473 25.36 16.86 -28.41
C ALA D 473 24.10 17.03 -27.55
N GLY D 474 22.93 17.10 -28.17
CA GLY D 474 21.68 17.25 -27.45
C GLY D 474 21.35 18.69 -27.13
N VAL D 475 20.15 18.92 -26.62
CA VAL D 475 19.66 20.26 -26.27
C VAL D 475 19.39 20.34 -24.76
N GLN D 476 20.02 21.30 -24.10
CA GLN D 476 19.88 21.58 -22.68
C GLN D 476 18.86 22.75 -22.53
N GLY D 477 18.70 23.26 -21.31
CA GLY D 477 17.62 24.18 -21.00
C GLY D 477 16.62 23.29 -20.28
N VAL D 478 15.99 23.79 -19.23
CA VAL D 478 15.20 22.94 -18.34
C VAL D 478 14.22 21.94 -19.08
N LYS D 479 13.24 22.39 -19.90
CA LYS D 479 12.30 21.46 -20.53
C LYS D 479 12.96 20.52 -21.54
N TYR D 480 14.00 21.00 -22.22
CA TYR D 480 14.73 20.22 -23.20
C TYR D 480 15.54 19.12 -22.54
N SER D 481 16.09 19.39 -21.35
CA SER D 481 16.85 18.41 -20.56
C SER D 481 15.92 17.31 -20.09
N ILE D 482 14.65 17.68 -19.68
CA ILE D 482 13.65 16.73 -19.24
C ILE D 482 13.28 15.84 -20.42
N GLU D 483 13.01 16.43 -21.59
CA GLU D 483 12.65 15.65 -22.78
C GLU D 483 13.77 14.69 -23.20
N ALA D 484 15.03 15.14 -23.14
CA ALA D 484 16.17 14.33 -23.52
C ALA D 484 16.34 13.12 -22.60
N MET D 485 16.11 13.26 -21.30
CA MET D 485 16.25 12.16 -20.33
C MET D 485 14.93 11.40 -20.07
N THR D 486 14.04 11.40 -21.07
CA THR D 486 12.82 10.62 -21.03
C THR D 486 12.68 9.91 -22.36
N THR D 487 11.98 8.81 -22.34
CA THR D 487 11.64 8.07 -23.51
C THR D 487 10.07 8.05 -23.59
N VAL D 488 9.54 7.26 -24.49
CA VAL D 488 8.13 7.19 -24.77
C VAL D 488 7.70 5.70 -24.73
N LYS D 489 6.48 5.45 -24.24
CA LYS D 489 5.84 4.14 -24.16
C LYS D 489 4.49 4.35 -24.85
N SER D 490 4.27 3.67 -25.95
CA SER D 490 3.03 3.77 -26.71
C SER D 490 2.13 2.57 -26.42
N VAL D 491 0.85 2.80 -26.13
CA VAL D 491 -0.10 1.71 -25.90
C VAL D 491 -1.17 1.90 -26.98
N VAL D 492 -1.28 0.92 -27.88
CA VAL D 492 -2.18 0.97 -29.03
C VAL D 492 -3.32 -0.02 -28.86
N PHE D 493 -4.57 0.42 -29.13
CA PHE D 493 -5.74 -0.45 -29.07
C PHE D 493 -6.83 0.05 -30.05
N ASP D 494 -7.78 -0.83 -30.39
CA ASP D 494 -8.88 -0.50 -31.29
C ASP D 494 -10.13 -0.23 -30.49
N ILE D 495 -10.81 0.84 -30.85
CA ILE D 495 -12.08 1.22 -30.25
C ILE D 495 -13.14 0.38 -30.94
N GLN D 496 -14.11 -0.15 -30.17
CA GLN D 496 -15.17 -1.00 -30.71
C GLN D 496 -16.52 -0.34 -30.51
N MET E 22 3.54 -73.09 39.77
CA MET E 22 3.24 -71.70 40.13
C MET E 22 4.24 -70.71 39.46
N ALA E 23 5.49 -71.15 39.22
CA ALA E 23 6.53 -70.34 38.57
C ALA E 23 6.42 -70.46 37.04
N LYS E 24 5.90 -69.41 36.38
CA LYS E 24 5.74 -69.36 34.92
C LYS E 24 7.03 -68.90 34.19
N GLN E 25 7.14 -69.21 32.89
CA GLN E 25 8.21 -68.75 32.02
C GLN E 25 7.63 -67.57 31.22
N TYR E 26 8.01 -66.33 31.60
CA TYR E 26 7.47 -65.12 30.97
C TYR E 26 8.17 -64.78 29.67
N LYS E 27 7.46 -64.04 28.81
CA LYS E 27 7.89 -63.68 27.47
C LYS E 27 7.79 -62.17 27.25
N ASN E 28 8.59 -61.65 26.34
CA ASN E 28 8.56 -60.24 26.00
C ASN E 28 7.54 -59.97 24.91
N LEU E 29 6.86 -58.82 24.97
CA LEU E 29 5.93 -58.40 23.92
C LEU E 29 6.74 -57.72 22.85
N VAL E 30 6.85 -58.34 21.67
CA VAL E 30 7.65 -57.81 20.56
C VAL E 30 6.80 -57.86 19.30
N ASN E 31 6.39 -56.70 18.79
CA ASN E 31 5.63 -56.61 17.54
C ASN E 31 4.36 -57.49 17.55
N GLY E 32 3.57 -57.39 18.61
CA GLY E 32 2.33 -58.14 18.74
C GLY E 32 2.47 -59.62 19.02
N GLU E 33 3.70 -60.10 19.25
CA GLU E 33 3.98 -61.50 19.52
C GLU E 33 4.68 -61.61 20.86
N TRP E 34 4.56 -62.78 21.51
CA TRP E 34 5.20 -63.05 22.77
C TRP E 34 6.43 -63.89 22.50
N LYS E 35 7.62 -63.34 22.78
CA LYS E 35 8.88 -64.01 22.47
C LYS E 35 9.72 -64.41 23.65
N LEU E 36 10.21 -65.65 23.63
CA LEU E 36 11.22 -66.10 24.59
C LEU E 36 12.59 -65.79 23.92
N SER E 37 13.63 -65.80 24.73
CA SER E 37 15.01 -65.66 24.25
C SER E 37 15.69 -67.00 24.52
N GLU E 38 16.89 -67.23 23.95
CA GLU E 38 17.61 -68.48 24.17
C GLU E 38 17.92 -68.65 25.67
N ASN E 39 18.35 -67.57 26.33
CA ASN E 39 18.67 -67.57 27.76
C ASN E 39 17.58 -66.81 28.53
N GLU E 40 17.50 -67.07 29.84
CA GLU E 40 16.52 -66.45 30.72
C GLU E 40 17.11 -66.14 32.11
N ILE E 41 16.44 -65.29 32.88
CA ILE E 41 16.83 -64.89 34.23
C ILE E 41 15.73 -65.34 35.17
N THR E 42 16.04 -66.19 36.15
CA THR E 42 15.06 -66.63 37.13
C THR E 42 14.95 -65.56 38.22
N ILE E 43 13.71 -65.23 38.60
CA ILE E 43 13.44 -64.21 39.61
C ILE E 43 12.91 -64.90 40.86
N TYR E 44 13.45 -64.49 42.01
CA TYR E 44 13.09 -65.02 43.31
C TYR E 44 12.49 -63.92 44.18
N ALA E 45 11.62 -64.30 45.11
CA ALA E 45 11.00 -63.36 46.01
C ALA E 45 12.07 -62.87 47.01
N PRO E 46 12.40 -61.55 47.11
CA PRO E 46 13.43 -61.13 48.08
C PRO E 46 13.17 -61.50 49.54
N ALA E 47 11.90 -61.66 49.95
CA ALA E 47 11.57 -61.96 51.34
C ALA E 47 11.67 -63.43 51.73
N THR E 48 11.35 -64.34 50.81
CA THR E 48 11.30 -65.78 51.08
C THR E 48 12.26 -66.64 50.25
N GLY E 49 12.73 -66.14 49.12
CA GLY E 49 13.56 -66.93 48.22
C GLY E 49 12.75 -67.80 47.26
N GLU E 50 11.41 -67.68 47.28
CA GLU E 50 10.52 -68.46 46.41
C GLU E 50 10.76 -68.13 44.94
N GLU E 51 10.85 -69.16 44.08
CA GLU E 51 11.00 -68.95 42.64
C GLU E 51 9.66 -68.45 42.09
N LEU E 52 9.66 -67.31 41.42
CA LEU E 52 8.44 -66.72 40.86
C LEU E 52 8.26 -66.94 39.36
N GLY E 53 9.36 -67.25 38.67
CA GLY E 53 9.37 -67.47 37.24
C GLY E 53 10.65 -66.97 36.63
N SER E 54 10.67 -66.87 35.31
CA SER E 54 11.83 -66.38 34.58
C SER E 54 11.42 -65.38 33.52
N VAL E 55 12.34 -64.49 33.15
CA VAL E 55 12.10 -63.52 32.08
C VAL E 55 13.18 -63.71 31.02
N PRO E 56 12.92 -63.38 29.73
CA PRO E 56 13.98 -63.55 28.74
C PRO E 56 15.24 -62.73 29.01
N ALA E 57 16.40 -63.24 28.60
CA ALA E 57 17.67 -62.55 28.70
C ALA E 57 18.01 -62.12 27.28
N MET E 58 17.41 -61.01 26.82
CA MET E 58 17.58 -60.57 25.45
C MET E 58 19.01 -60.27 25.09
N THR E 59 19.32 -60.50 23.80
CA THR E 59 20.58 -60.18 23.18
C THR E 59 20.40 -58.80 22.51
N GLN E 60 21.52 -58.20 22.03
CA GLN E 60 21.46 -56.92 21.35
C GLN E 60 20.69 -57.03 20.03
N ALA E 61 20.77 -58.17 19.33
CA ALA E 61 20.04 -58.41 18.09
C ALA E 61 18.52 -58.42 18.34
N GLU E 62 18.08 -58.96 19.49
CA GLU E 62 16.67 -58.97 19.86
C GLU E 62 16.19 -57.56 20.25
N VAL E 63 17.07 -56.73 20.85
CA VAL E 63 16.77 -55.34 21.14
C VAL E 63 16.58 -54.61 19.79
N ASP E 64 17.44 -54.90 18.80
CA ASP E 64 17.32 -54.32 17.46
C ASP E 64 15.96 -54.64 16.83
N ALA E 65 15.46 -55.88 16.99
CA ALA E 65 14.17 -56.29 16.46
C ALA E 65 13.01 -55.52 17.12
N VAL E 66 13.11 -55.26 18.43
CA VAL E 66 12.12 -54.50 19.19
C VAL E 66 12.06 -53.08 18.62
N TYR E 67 13.22 -52.44 18.44
CA TYR E 67 13.28 -51.06 17.95
C TYR E 67 12.88 -50.94 16.47
N ALA E 68 13.22 -51.94 15.65
CA ALA E 68 12.82 -51.95 14.25
C ALA E 68 11.29 -52.06 14.15
N SER E 69 10.68 -52.91 15.00
CA SER E 69 9.21 -53.08 15.06
C SER E 69 8.53 -51.78 15.46
N ALA E 70 9.09 -51.08 16.46
CA ALA E 70 8.52 -49.86 16.98
C ALA E 70 8.60 -48.74 15.96
N LYS E 71 9.77 -48.55 15.30
CA LYS E 71 9.88 -47.50 14.27
C LYS E 71 8.96 -47.78 13.09
N LYS E 72 8.76 -49.06 12.75
CA LYS E 72 7.85 -49.40 11.67
C LYS E 72 6.39 -49.12 12.05
N ALA E 73 6.01 -49.39 13.30
CA ALA E 73 4.66 -49.15 13.78
C ALA E 73 4.35 -47.65 14.01
N LEU E 74 5.38 -46.81 14.14
CA LEU E 74 5.22 -45.39 14.45
C LEU E 74 4.34 -44.59 13.47
N SER E 75 4.52 -44.77 12.13
CA SER E 75 3.76 -44.02 11.14
C SER E 75 2.26 -44.22 11.23
N ASP E 76 1.78 -45.46 11.36
CA ASP E 76 0.34 -45.73 11.47
C ASP E 76 -0.21 -45.33 12.84
N TRP E 77 0.62 -45.32 13.89
CA TRP E 77 0.16 -44.99 15.24
C TRP E 77 -0.01 -43.48 15.39
N ARG E 78 0.96 -42.70 14.92
CA ARG E 78 0.88 -41.24 15.02
C ARG E 78 -0.23 -40.64 14.14
N THR E 79 -0.60 -41.31 13.04
CA THR E 79 -1.68 -40.83 12.15
C THR E 79 -3.09 -41.20 12.67
N LEU E 80 -3.19 -42.09 13.69
CA LEU E 80 -4.50 -42.38 14.31
C LEU E 80 -4.97 -41.13 15.03
N SER E 81 -6.28 -41.01 15.24
CA SER E 81 -6.83 -39.88 15.98
C SER E 81 -6.43 -40.03 17.47
N TYR E 82 -6.51 -38.95 18.22
CA TYR E 82 -6.28 -38.99 19.66
C TYR E 82 -7.31 -39.87 20.33
N VAL E 83 -8.59 -39.84 19.89
CA VAL E 83 -9.64 -40.67 20.46
C VAL E 83 -9.34 -42.16 20.30
N GLU E 84 -8.80 -42.57 19.14
CA GLU E 84 -8.48 -43.97 18.92
C GLU E 84 -7.36 -44.41 19.86
N ARG E 85 -6.33 -43.58 20.03
CA ARG E 85 -5.23 -43.89 20.94
C ARG E 85 -5.70 -43.93 22.41
N ALA E 86 -6.60 -43.00 22.80
CA ALA E 86 -7.14 -42.96 24.15
C ALA E 86 -7.97 -44.19 24.47
N ALA E 87 -8.72 -44.73 23.48
CA ALA E 87 -9.53 -45.92 23.66
C ALA E 87 -8.68 -47.13 24.07
N TYR E 88 -7.49 -47.29 23.47
CA TYR E 88 -6.58 -48.39 23.83
C TYR E 88 -6.10 -48.25 25.28
N LEU E 89 -5.77 -47.01 25.70
CA LEU E 89 -5.31 -46.75 27.06
C LEU E 89 -6.40 -47.03 28.07
N HIS E 90 -7.65 -46.61 27.78
CA HIS E 90 -8.77 -46.88 28.67
C HIS E 90 -9.00 -48.39 28.79
N LYS E 91 -8.92 -49.12 27.65
CA LYS E 91 -9.08 -50.57 27.64
C LYS E 91 -8.03 -51.24 28.54
N ALA E 92 -6.74 -50.84 28.40
CA ALA E 92 -5.64 -51.39 29.19
C ALA E 92 -5.82 -51.11 30.70
N ALA E 93 -6.27 -49.91 31.07
CA ALA E 93 -6.50 -49.55 32.46
C ALA E 93 -7.62 -50.38 33.07
N ASP E 94 -8.70 -50.67 32.28
CA ASP E 94 -9.81 -51.51 32.75
C ASP E 94 -9.34 -52.93 33.02
N ILE E 95 -8.47 -53.46 32.17
CA ILE E 95 -7.91 -54.81 32.36
C ILE E 95 -7.04 -54.83 33.62
N LEU E 96 -6.27 -53.75 33.88
CA LEU E 96 -5.45 -53.68 35.09
C LEU E 96 -6.33 -53.66 36.36
N VAL E 97 -7.46 -52.94 36.35
CA VAL E 97 -8.36 -52.91 37.50
C VAL E 97 -8.95 -54.30 37.72
N ARG E 98 -9.37 -54.97 36.64
CA ARG E 98 -9.91 -56.32 36.72
C ARG E 98 -8.89 -57.28 37.36
N ASP E 99 -7.64 -57.25 36.89
CA ASP E 99 -6.59 -58.14 37.38
C ASP E 99 -5.69 -57.52 38.46
N ALA E 100 -6.16 -56.50 39.19
CA ALA E 100 -5.33 -55.87 40.22
C ALA E 100 -4.88 -56.84 41.31
N GLU E 101 -5.76 -57.76 41.75
CA GLU E 101 -5.38 -58.74 42.77
C GLU E 101 -4.35 -59.73 42.23
N LYS E 102 -4.56 -60.22 41.00
CA LYS E 102 -3.66 -61.17 40.35
C LYS E 102 -2.29 -60.52 40.10
N ILE E 103 -2.24 -59.27 39.61
CA ILE E 103 -0.95 -58.60 39.37
C ILE E 103 -0.29 -58.23 40.71
N GLY E 104 -1.07 -57.64 41.59
CA GLY E 104 -0.61 -57.21 42.91
C GLY E 104 -0.01 -58.33 43.73
N ALA E 105 -0.59 -59.54 43.65
CA ALA E 105 -0.05 -60.68 44.38
C ALA E 105 1.37 -61.02 43.93
N ILE E 106 1.63 -61.00 42.61
CA ILE E 106 2.96 -61.32 42.09
C ILE E 106 3.92 -60.16 42.37
N LEU E 107 3.48 -58.93 42.14
CA LEU E 107 4.27 -57.72 42.40
C LEU E 107 4.75 -57.68 43.86
N SER E 108 3.86 -58.00 44.80
CA SER E 108 4.17 -58.07 46.23
C SER E 108 5.36 -59.00 46.51
N LYS E 109 5.33 -60.23 45.93
CA LYS E 109 6.40 -61.19 46.12
C LYS E 109 7.66 -60.76 45.41
N GLU E 110 7.54 -60.22 44.19
CA GLU E 110 8.70 -59.86 43.39
C GLU E 110 9.59 -58.76 43.98
N VAL E 111 9.01 -57.74 44.65
CA VAL E 111 9.82 -56.66 45.20
C VAL E 111 9.62 -56.49 46.73
N ALA E 112 9.12 -57.56 47.44
CA ALA E 112 8.86 -57.58 48.88
C ALA E 112 8.10 -56.34 49.38
N LYS E 113 7.02 -56.03 48.68
CA LYS E 113 6.13 -54.93 48.99
C LYS E 113 4.90 -55.56 49.61
N GLY E 114 4.29 -54.91 50.60
CA GLY E 114 3.09 -55.42 51.24
C GLY E 114 1.99 -55.76 50.25
N HIS E 115 1.27 -56.89 50.46
CA HIS E 115 0.26 -57.33 49.52
C HIS E 115 -0.77 -56.23 49.13
N LYS E 116 -1.32 -55.54 50.14
CA LYS E 116 -2.30 -54.47 49.90
C LYS E 116 -1.67 -53.27 49.19
N ALA E 117 -0.44 -52.90 49.56
CA ALA E 117 0.25 -51.78 48.92
C ALA E 117 0.56 -52.10 47.45
N ALA E 118 0.87 -53.38 47.13
CA ALA E 118 1.15 -53.83 45.77
C ALA E 118 -0.13 -53.79 44.92
N VAL E 119 -1.28 -54.20 45.47
CA VAL E 119 -2.57 -54.14 44.75
C VAL E 119 -2.92 -52.65 44.52
N SER E 120 -2.67 -51.77 45.53
CA SER E 120 -2.94 -50.34 45.40
C SER E 120 -2.10 -49.74 44.29
N GLU E 121 -0.84 -50.19 44.12
CA GLU E 121 0.04 -49.71 43.08
C GLU E 121 -0.57 -49.98 41.69
N VAL E 122 -1.16 -51.18 41.48
CA VAL E 122 -1.76 -51.52 40.20
C VAL E 122 -3.02 -50.65 39.96
N ILE E 123 -3.80 -50.37 41.00
CA ILE E 123 -4.99 -49.50 40.87
C ILE E 123 -4.58 -48.06 40.55
N ARG E 124 -3.50 -47.57 41.19
CA ARG E 124 -2.97 -46.24 40.93
C ARG E 124 -2.44 -46.13 39.50
N THR E 125 -1.86 -47.21 38.95
CA THR E 125 -1.37 -47.24 37.58
C THR E 125 -2.55 -47.07 36.62
N ALA E 126 -3.64 -47.79 36.83
CA ALA E 126 -4.85 -47.67 36.01
C ALA E 126 -5.39 -46.23 36.02
N GLU E 127 -5.37 -45.56 37.18
CA GLU E 127 -5.82 -44.18 37.34
C GLU E 127 -4.97 -43.21 36.50
N ILE E 128 -3.62 -43.41 36.52
CA ILE E 128 -2.70 -42.59 35.78
C ILE E 128 -2.88 -42.81 34.28
N ILE E 129 -3.08 -44.08 33.85
CA ILE E 129 -3.31 -44.40 32.44
C ILE E 129 -4.58 -43.71 31.93
N ASN E 130 -5.66 -43.79 32.69
CA ASN E 130 -6.92 -43.14 32.32
C ASN E 130 -6.76 -41.62 32.28
N TYR E 131 -6.08 -41.04 33.28
CA TYR E 131 -5.91 -39.59 33.35
C TYR E 131 -5.05 -39.08 32.18
N ALA E 132 -3.97 -39.81 31.83
CA ALA E 132 -3.09 -39.45 30.71
C ALA E 132 -3.84 -39.59 29.37
N ALA E 133 -4.70 -40.60 29.20
CA ALA E 133 -5.48 -40.75 27.97
C ALA E 133 -6.40 -39.55 27.76
N GLU E 134 -7.07 -39.07 28.81
CA GLU E 134 -7.98 -37.91 28.69
C GLU E 134 -7.24 -36.58 28.67
N GLU E 135 -6.05 -36.50 29.29
CA GLU E 135 -5.25 -35.28 29.28
C GLU E 135 -4.72 -35.09 27.88
N GLY E 136 -4.07 -36.13 27.36
CA GLY E 136 -3.40 -36.09 26.07
C GLY E 136 -4.31 -35.86 24.89
N LEU E 137 -5.57 -36.37 24.94
CA LEU E 137 -6.47 -36.18 23.81
C LEU E 137 -6.91 -34.75 23.66
N ARG E 138 -6.82 -33.90 24.73
CA ARG E 138 -7.19 -32.47 24.63
C ARG E 138 -5.98 -31.62 24.25
N MET E 139 -5.00 -32.22 23.52
CA MET E 139 -3.76 -31.60 23.09
C MET E 139 -4.13 -30.44 22.17
N GLU E 140 -3.60 -29.24 22.46
CA GLU E 140 -3.88 -28.07 21.65
C GLU E 140 -2.60 -27.46 21.10
N GLY E 141 -2.75 -26.76 19.99
CA GLY E 141 -1.68 -26.00 19.39
C GLY E 141 -1.90 -24.52 19.58
N GLU E 142 -1.10 -23.72 18.90
CA GLU E 142 -1.18 -22.27 18.98
C GLU E 142 -1.03 -21.60 17.63
N VAL E 143 -1.61 -20.44 17.49
CA VAL E 143 -1.54 -19.66 16.27
C VAL E 143 -0.83 -18.39 16.70
N LEU E 144 0.32 -18.12 16.11
CA LEU E 144 1.10 -16.94 16.44
C LEU E 144 1.01 -15.94 15.30
N GLU E 145 1.03 -14.66 15.65
CA GLU E 145 0.91 -13.57 14.71
C GLU E 145 2.29 -12.97 14.41
N GLY E 146 2.63 -12.84 13.13
CA GLY E 146 3.85 -12.18 12.75
C GLY E 146 3.82 -10.70 13.13
N GLY E 147 2.63 -10.11 13.11
CA GLY E 147 2.38 -8.71 13.49
C GLY E 147 2.61 -8.40 14.96
N SER E 148 2.77 -9.43 15.81
CA SER E 148 3.16 -9.24 17.21
C SER E 148 4.63 -8.76 17.28
N PHE E 149 5.47 -9.17 16.32
CA PHE E 149 6.89 -8.87 16.31
C PHE E 149 7.25 -7.74 15.35
N GLU E 150 6.72 -7.76 14.10
CA GLU E 150 7.01 -6.69 13.14
C GLU E 150 5.83 -6.44 12.20
N ALA E 151 5.59 -5.17 11.88
CA ALA E 151 4.47 -4.73 11.03
C ALA E 151 4.50 -5.36 9.64
N ALA E 152 5.69 -5.50 9.04
CA ALA E 152 5.83 -6.08 7.69
C ALA E 152 5.33 -7.55 7.61
N SER E 153 5.35 -8.29 8.74
CA SER E 153 4.91 -9.69 8.78
C SER E 153 3.51 -9.85 9.38
N LYS E 154 2.68 -8.81 9.37
CA LYS E 154 1.35 -8.89 9.96
C LYS E 154 0.43 -9.91 9.29
N LYS E 155 0.64 -10.22 8.01
CA LYS E 155 -0.19 -11.23 7.32
C LYS E 155 0.37 -12.66 7.48
N LYS E 156 1.53 -12.83 8.16
CA LYS E 156 2.17 -14.12 8.37
C LYS E 156 1.72 -14.74 9.70
N ILE E 157 1.27 -16.00 9.69
CA ILE E 157 0.85 -16.69 10.90
C ILE E 157 1.52 -18.06 10.97
N ALA E 158 1.72 -18.56 12.20
CA ALA E 158 2.31 -19.87 12.43
C ALA E 158 1.25 -20.75 13.08
N ILE E 159 0.90 -21.89 12.43
CA ILE E 159 -0.03 -22.89 12.97
C ILE E 159 0.91 -23.90 13.62
N VAL E 160 1.00 -23.86 14.95
CA VAL E 160 1.93 -24.68 15.72
C VAL E 160 1.15 -25.85 16.34
N ARG E 161 1.48 -27.09 15.97
CA ARG E 161 0.80 -28.27 16.47
C ARG E 161 1.80 -29.22 17.13
N ARG E 162 1.31 -30.02 18.08
CA ARG E 162 2.13 -30.98 18.81
C ARG E 162 2.29 -32.26 18.00
N GLU E 163 3.46 -32.88 18.09
CA GLU E 163 3.78 -34.12 17.42
C GLU E 163 4.54 -35.02 18.39
N PRO E 164 4.50 -36.35 18.20
CA PRO E 164 5.32 -37.23 19.06
C PRO E 164 6.82 -37.06 18.79
N VAL E 165 7.66 -37.37 19.77
CA VAL E 165 9.12 -37.37 19.59
C VAL E 165 9.59 -38.61 18.78
N GLY E 166 8.85 -39.70 18.85
CA GLY E 166 9.12 -40.94 18.11
C GLY E 166 9.06 -42.16 19.01
N LEU E 167 10.20 -42.80 19.22
CA LEU E 167 10.33 -43.98 20.07
C LEU E 167 10.80 -43.53 21.44
N VAL E 168 10.04 -43.86 22.48
CA VAL E 168 10.39 -43.58 23.85
C VAL E 168 10.86 -44.88 24.49
N LEU E 169 12.06 -44.85 25.12
CA LEU E 169 12.53 -45.97 25.91
C LEU E 169 12.14 -45.59 27.34
N ALA E 170 11.27 -46.38 27.98
CA ALA E 170 10.83 -46.17 29.35
C ALA E 170 11.52 -47.21 30.24
N ILE E 171 12.20 -46.76 31.29
CA ILE E 171 12.93 -47.64 32.21
C ILE E 171 12.31 -47.45 33.60
N SER E 172 11.56 -48.45 34.08
CA SER E 172 10.89 -48.36 35.38
C SER E 172 11.82 -48.84 36.52
N PRO E 173 11.55 -48.42 37.78
CA PRO E 173 12.41 -48.84 38.89
C PRO E 173 11.86 -50.05 39.63
N PHE E 174 12.66 -50.68 40.49
CA PHE E 174 12.22 -51.88 41.24
C PHE E 174 11.12 -51.54 42.24
N ASN E 175 11.16 -50.34 42.84
CA ASN E 175 10.23 -49.99 43.91
C ASN E 175 8.82 -49.71 43.41
N TYR E 176 8.63 -49.27 42.16
CA TYR E 176 7.31 -49.04 41.55
C TYR E 176 7.37 -49.55 40.12
N PRO E 177 7.50 -50.88 39.95
CA PRO E 177 7.70 -51.44 38.61
C PRO E 177 6.49 -51.39 37.68
N VAL E 178 5.28 -51.25 38.22
CA VAL E 178 4.07 -51.14 37.41
C VAL E 178 3.68 -49.66 37.33
N ASN E 179 3.61 -48.98 38.48
CA ASN E 179 3.21 -47.58 38.56
C ASN E 179 4.16 -46.64 37.81
N LEU E 180 5.49 -46.79 38.02
CA LEU E 180 6.43 -45.92 37.31
C LEU E 180 6.90 -46.50 35.97
N ALA E 181 6.11 -47.43 35.41
CA ALA E 181 6.20 -47.91 34.04
C ALA E 181 4.96 -47.24 33.33
N GLY E 182 3.76 -47.36 33.91
CA GLY E 182 2.53 -46.76 33.38
C GLY E 182 2.57 -45.24 33.32
N SER E 183 3.24 -44.61 34.30
CA SER E 183 3.40 -43.15 34.34
C SER E 183 4.30 -42.63 33.15
N LYS E 184 5.01 -43.52 32.46
CA LYS E 184 5.85 -43.19 31.34
C LYS E 184 5.15 -43.64 30.05
N ILE E 185 4.62 -44.86 30.04
CA ILE E 185 3.97 -45.46 28.88
C ILE E 185 2.71 -44.69 28.41
N ALA E 186 1.72 -44.47 29.28
CA ALA E 186 0.46 -43.83 28.85
C ALA E 186 0.67 -42.40 28.32
N PRO E 187 1.41 -41.50 29.02
CA PRO E 187 1.66 -40.17 28.47
C PRO E 187 2.39 -40.19 27.11
N ALA E 188 3.31 -41.16 26.91
CA ALA E 188 4.02 -41.29 25.63
C ALA E 188 3.06 -41.81 24.55
N LEU E 189 2.28 -42.85 24.84
CA LEU E 189 1.37 -43.44 23.87
C LEU E 189 0.26 -42.50 23.39
N ILE E 190 -0.35 -41.72 24.29
CA ILE E 190 -1.46 -40.83 23.89
C ILE E 190 -0.97 -39.76 22.89
N ALA E 191 0.26 -39.30 23.08
CA ALA E 191 0.87 -38.30 22.22
C ALA E 191 1.25 -38.81 20.81
N GLY E 192 1.14 -40.12 20.56
CA GLY E 192 1.47 -40.72 19.28
C GLY E 192 2.85 -41.35 19.23
N ASN E 193 3.54 -41.46 20.39
CA ASN E 193 4.85 -42.11 20.44
C ASN E 193 4.65 -43.61 20.54
N VAL E 194 5.69 -44.34 20.15
CA VAL E 194 5.77 -45.79 20.33
C VAL E 194 6.70 -45.97 21.52
N VAL E 195 6.55 -47.10 22.23
CA VAL E 195 7.28 -47.30 23.47
C VAL E 195 7.92 -48.68 23.54
N ALA E 196 9.07 -48.73 24.22
CA ALA E 196 9.76 -49.96 24.59
C ALA E 196 9.95 -49.79 26.10
N LEU E 197 9.37 -50.71 26.89
CA LEU E 197 9.52 -50.71 28.33
C LEU E 197 10.66 -51.65 28.69
N LYS E 198 11.64 -51.15 29.44
CA LYS E 198 12.71 -51.95 29.99
C LYS E 198 12.46 -51.94 31.49
N PRO E 199 11.80 -52.95 32.06
CA PRO E 199 11.64 -52.97 33.52
C PRO E 199 12.95 -53.41 34.18
N PRO E 200 13.08 -53.18 35.49
CA PRO E 200 14.27 -53.70 36.19
C PRO E 200 14.17 -55.23 36.25
N THR E 201 15.30 -55.94 36.39
CA THR E 201 15.27 -57.41 36.45
C THR E 201 14.41 -57.87 37.67
N GLN E 202 14.64 -57.25 38.84
CA GLN E 202 13.81 -57.49 40.00
C GLN E 202 12.60 -56.55 39.82
N GLY E 203 11.60 -57.06 39.15
CA GLY E 203 10.40 -56.31 38.77
C GLY E 203 9.96 -56.56 37.34
N SER E 204 10.72 -57.38 36.57
CA SER E 204 10.41 -57.68 35.17
C SER E 204 9.16 -58.53 34.98
N ILE E 205 8.81 -59.42 35.94
CA ILE E 205 7.57 -60.19 35.83
C ILE E 205 6.39 -59.22 35.89
N SER E 206 6.43 -58.23 36.81
CA SER E 206 5.41 -57.21 36.97
C SER E 206 5.28 -56.32 35.71
N GLY E 207 6.42 -55.92 35.15
CA GLY E 207 6.45 -55.13 33.93
C GLY E 207 5.85 -55.88 32.77
N LEU E 208 6.11 -57.21 32.68
CA LEU E 208 5.53 -58.05 31.63
C LEU E 208 4.03 -58.31 31.88
N LEU E 209 3.57 -58.34 33.14
CA LEU E 209 2.15 -58.47 33.45
C LEU E 209 1.43 -57.19 33.02
N LEU E 210 2.08 -56.01 33.20
CA LEU E 210 1.54 -54.74 32.74
C LEU E 210 1.44 -54.76 31.21
N ALA E 211 2.45 -55.32 30.53
CA ALA E 211 2.42 -55.44 29.08
C ALA E 211 1.32 -56.35 28.57
N GLU E 212 1.00 -57.42 29.31
CA GLU E 212 -0.10 -58.32 28.95
C GLU E 212 -1.43 -57.56 28.93
N ALA E 213 -1.61 -56.56 29.81
CA ALA E 213 -2.85 -55.78 29.83
C ALA E 213 -2.96 -54.91 28.57
N PHE E 214 -1.85 -54.30 28.12
CA PHE E 214 -1.82 -53.50 26.89
C PHE E 214 -2.02 -54.39 25.66
N ALA E 215 -1.43 -55.59 25.66
CA ALA E 215 -1.61 -56.55 24.56
C ALA E 215 -3.06 -57.02 24.50
N GLU E 216 -3.69 -57.35 25.65
CA GLU E 216 -5.09 -57.76 25.68
C GLU E 216 -6.00 -56.61 25.24
N ALA E 217 -5.65 -55.35 25.56
CA ALA E 217 -6.39 -54.18 25.09
C ALA E 217 -6.31 -54.00 23.55
N GLY E 218 -5.48 -54.79 22.88
CA GLY E 218 -5.34 -54.76 21.42
C GLY E 218 -4.42 -53.68 20.93
N ILE E 219 -3.43 -53.25 21.74
CA ILE E 219 -2.45 -52.22 21.31
C ILE E 219 -1.78 -52.69 20.00
N PRO E 220 -1.77 -51.90 18.90
CA PRO E 220 -1.20 -52.41 17.63
C PRO E 220 0.22 -52.95 17.76
N ALA E 221 0.55 -53.95 16.95
CA ALA E 221 1.86 -54.61 16.95
C ALA E 221 2.99 -53.58 16.75
N GLY E 222 3.98 -53.60 17.64
CA GLY E 222 5.13 -52.70 17.58
C GLY E 222 4.91 -51.37 18.30
N VAL E 223 3.65 -50.98 18.59
CA VAL E 223 3.39 -49.71 19.27
C VAL E 223 3.90 -49.76 20.71
N PHE E 224 3.69 -50.90 21.39
CA PHE E 224 4.15 -51.09 22.76
C PHE E 224 4.89 -52.40 22.78
N ASN E 225 6.14 -52.39 23.27
CA ASN E 225 7.02 -53.57 23.36
C ASN E 225 7.76 -53.59 24.68
N THR E 226 8.31 -54.74 25.06
CA THR E 226 9.12 -54.86 26.27
C THR E 226 10.49 -55.44 25.96
N ILE E 227 11.46 -55.08 26.79
CA ILE E 227 12.83 -55.56 26.72
C ILE E 227 13.20 -56.03 28.12
N THR E 228 13.77 -57.23 28.25
CA THR E 228 14.28 -57.72 29.53
C THR E 228 15.67 -58.32 29.26
N GLY E 229 16.58 -58.11 30.18
CA GLY E 229 17.93 -58.65 30.05
C GLY E 229 18.90 -58.16 31.07
N ARG E 230 20.11 -58.67 30.97
CA ARG E 230 21.19 -58.31 31.87
C ARG E 230 21.84 -56.99 31.46
N GLY E 231 22.12 -56.15 32.44
CA GLY E 231 22.79 -54.88 32.20
C GLY E 231 24.14 -55.04 31.53
N SER E 232 24.87 -56.14 31.82
CA SER E 232 26.17 -56.37 31.17
C SER E 232 26.04 -56.70 29.68
N VAL E 233 24.87 -57.18 29.21
CA VAL E 233 24.66 -57.55 27.81
C VAL E 233 23.98 -56.41 27.04
N ILE E 234 22.94 -55.78 27.62
CA ILE E 234 22.15 -54.76 26.91
C ILE E 234 21.95 -53.41 27.65
N GLY E 235 22.52 -53.23 28.84
CA GLY E 235 22.37 -52.02 29.63
C GLY E 235 22.61 -50.73 28.90
N ASP E 236 23.83 -50.52 28.40
CA ASP E 236 24.17 -49.32 27.63
C ASP E 236 23.58 -49.39 26.23
N TYR E 237 23.55 -50.59 25.62
CA TYR E 237 23.04 -50.81 24.27
C TYR E 237 21.62 -50.24 24.04
N ILE E 238 20.68 -50.48 24.98
CA ILE E 238 19.31 -50.00 24.82
C ILE E 238 19.23 -48.48 24.76
N VAL E 239 20.12 -47.77 25.50
CA VAL E 239 20.12 -46.30 25.56
C VAL E 239 20.86 -45.68 24.38
N GLU E 240 22.02 -46.24 24.02
CA GLU E 240 22.85 -45.75 22.92
C GLU E 240 22.18 -45.87 21.56
N HIS E 241 21.33 -46.87 21.37
CA HIS E 241 20.71 -47.17 20.07
C HIS E 241 20.10 -45.94 19.38
N GLU E 242 20.48 -45.68 18.13
CA GLU E 242 20.02 -44.53 17.37
C GLU E 242 18.50 -44.53 17.09
N ALA E 243 17.81 -45.68 17.24
CA ALA E 243 16.35 -45.72 17.04
C ALA E 243 15.62 -44.98 18.19
N VAL E 244 16.20 -44.99 19.41
CA VAL E 244 15.59 -44.34 20.55
C VAL E 244 15.64 -42.81 20.42
N ASN E 245 14.48 -42.15 20.51
CA ASN E 245 14.38 -40.69 20.41
C ASN E 245 14.25 -39.98 21.76
N PHE E 246 13.90 -40.72 22.83
CA PHE E 246 13.69 -40.16 24.16
C PHE E 246 13.92 -41.26 25.21
N ILE E 247 14.60 -40.95 26.33
CA ILE E 247 14.80 -41.93 27.40
C ILE E 247 14.15 -41.40 28.63
N ASN E 248 13.24 -42.17 29.21
CA ASN E 248 12.46 -41.80 30.36
C ASN E 248 12.83 -42.82 31.42
N PHE E 249 13.59 -42.41 32.44
CA PHE E 249 14.15 -43.33 33.42
C PHE E 249 13.92 -42.91 34.86
N THR E 250 13.68 -43.91 35.75
CA THR E 250 13.63 -43.76 37.20
C THR E 250 14.59 -44.79 37.76
N GLY E 251 15.46 -44.35 38.65
CA GLY E 251 16.48 -45.22 39.23
C GLY E 251 17.55 -44.45 39.95
N SER E 252 18.73 -45.06 40.15
CA SER E 252 19.80 -44.42 40.92
C SER E 252 20.47 -43.28 40.17
N THR E 253 21.05 -42.33 40.92
CA THR E 253 21.72 -41.16 40.37
C THR E 253 22.90 -41.53 39.46
N PRO E 254 23.83 -42.41 39.88
CA PRO E 254 24.94 -42.78 38.98
C PRO E 254 24.46 -43.38 37.66
N ILE E 255 23.40 -44.23 37.66
CA ILE E 255 22.88 -44.79 36.40
C ILE E 255 22.30 -43.66 35.53
N GLY E 256 21.56 -42.74 36.15
CA GLY E 256 21.00 -41.59 35.47
C GLY E 256 22.03 -40.69 34.83
N GLU E 257 23.15 -40.48 35.55
CA GLU E 257 24.27 -39.68 35.08
C GLU E 257 24.85 -40.32 33.79
N GLY E 258 24.98 -41.64 33.78
CA GLY E 258 25.44 -42.37 32.61
C GLY E 258 24.47 -42.28 31.45
N ILE E 259 23.18 -42.39 31.74
CA ILE E 259 22.13 -42.27 30.72
C ILE E 259 22.17 -40.89 30.07
N GLY E 260 22.40 -39.83 30.86
CA GLY E 260 22.50 -38.48 30.34
C GLY E 260 23.59 -38.34 29.29
N LYS E 261 24.76 -38.96 29.54
CA LYS E 261 25.86 -38.94 28.59
C LYS E 261 25.57 -39.81 27.36
N LEU E 262 25.01 -41.03 27.56
CA LEU E 262 24.67 -41.92 26.45
C LEU E 262 23.55 -41.34 25.56
N ALA E 263 22.69 -40.48 26.11
CA ALA E 263 21.63 -39.85 25.34
C ALA E 263 22.19 -38.84 24.32
N GLY E 264 23.36 -38.23 24.60
CA GLY E 264 23.95 -37.24 23.74
C GLY E 264 23.06 -36.01 23.69
N MET E 265 22.56 -35.66 22.50
CA MET E 265 21.66 -34.52 22.35
C MET E 265 20.19 -34.90 22.52
N ARG E 266 19.85 -36.19 22.66
CA ARG E 266 18.46 -36.61 22.70
C ARG E 266 17.76 -36.24 24.00
N PRO E 267 16.45 -35.89 23.94
CA PRO E 267 15.74 -35.53 25.17
C PRO E 267 15.60 -36.68 26.17
N ILE E 268 15.67 -36.35 27.47
CA ILE E 268 15.56 -37.30 28.56
C ILE E 268 14.68 -36.77 29.70
N MET E 269 14.20 -37.69 30.53
CA MET E 269 13.48 -37.41 31.75
C MET E 269 14.11 -38.38 32.78
N LEU E 270 14.69 -37.83 33.85
CA LEU E 270 15.36 -38.63 34.87
C LEU E 270 14.72 -38.38 36.22
N GLU E 271 14.38 -39.44 36.95
CA GLU E 271 13.85 -39.39 38.31
C GLU E 271 14.88 -40.17 39.09
N LEU E 272 15.68 -39.47 39.86
CA LEU E 272 16.81 -40.08 40.56
C LEU E 272 16.65 -40.00 42.09
N GLY E 273 17.72 -40.16 42.85
CA GLY E 273 17.65 -40.17 44.29
C GLY E 273 17.17 -38.90 44.93
N GLY E 274 16.80 -39.04 46.19
CA GLY E 274 16.39 -37.94 47.03
C GLY E 274 16.95 -38.09 48.43
N LYS E 275 17.09 -36.99 49.14
CA LYS E 275 17.45 -36.99 50.55
C LYS E 275 16.53 -35.93 51.17
N ASP E 276 15.20 -36.08 50.95
CA ASP E 276 14.20 -35.09 51.33
C ASP E 276 14.28 -34.71 52.79
N SER E 277 14.38 -33.42 53.06
CA SER E 277 14.44 -32.94 54.43
C SER E 277 13.06 -32.49 54.90
N ALA E 278 12.84 -32.62 56.21
CA ALA E 278 11.64 -32.19 56.90
C ALA E 278 12.10 -31.14 57.91
N ILE E 279 11.77 -29.88 57.63
CA ILE E 279 12.15 -28.76 58.48
C ILE E 279 11.04 -28.52 59.49
N VAL E 280 11.29 -28.84 60.77
CA VAL E 280 10.32 -28.66 61.85
C VAL E 280 10.69 -27.39 62.64
N LEU E 281 9.86 -26.34 62.54
CA LEU E 281 10.11 -25.06 63.24
C LEU E 281 9.52 -25.08 64.65
N GLU E 282 9.85 -24.08 65.48
CA GLU E 282 9.40 -24.02 66.87
C GLU E 282 7.88 -24.00 67.03
N ASP E 283 7.14 -23.38 66.10
CA ASP E 283 5.68 -23.29 66.20
C ASP E 283 4.94 -24.45 65.53
N ALA E 284 5.64 -25.56 65.20
CA ALA E 284 5.02 -26.70 64.53
C ALA E 284 4.12 -27.54 65.46
N ASP E 285 3.14 -28.23 64.87
CA ASP E 285 2.29 -29.18 65.57
C ASP E 285 3.17 -30.44 65.57
N LEU E 286 3.86 -30.72 66.67
CA LEU E 286 4.84 -31.81 66.73
C LEU E 286 4.26 -33.23 66.55
N ALA E 287 3.03 -33.47 67.01
CA ALA E 287 2.40 -34.78 66.82
C ALA E 287 2.08 -35.01 65.33
N LEU E 288 1.60 -33.96 64.64
CA LEU E 288 1.31 -34.02 63.20
C LEU E 288 2.63 -34.18 62.45
N ALA E 289 3.68 -33.45 62.85
CA ALA E 289 4.98 -33.55 62.20
C ALA E 289 5.54 -34.98 62.35
N ALA E 290 5.44 -35.59 63.55
CA ALA E 290 5.95 -36.95 63.79
C ALA E 290 5.18 -37.97 62.98
N LYS E 291 3.85 -37.81 62.89
CA LYS E 291 3.00 -38.73 62.14
C LYS E 291 3.39 -38.73 60.66
N ASN E 292 3.54 -37.54 60.06
CA ASN E 292 3.89 -37.39 58.65
C ASN E 292 5.32 -37.83 58.38
N ILE E 293 6.26 -37.46 59.26
CA ILE E 293 7.66 -37.83 59.09
C ILE E 293 7.81 -39.35 59.14
N VAL E 294 7.16 -40.05 60.08
CA VAL E 294 7.28 -41.50 60.19
C VAL E 294 6.60 -42.22 59.01
N ALA E 295 5.43 -41.77 58.58
CA ALA E 295 4.72 -42.38 57.45
C ALA E 295 5.56 -42.21 56.18
N GLY E 296 6.14 -41.01 55.99
CA GLY E 296 6.97 -40.72 54.82
C GLY E 296 8.34 -41.39 54.85
N ALA E 297 9.01 -41.40 56.01
CA ALA E 297 10.34 -41.97 56.13
C ALA E 297 10.40 -43.50 56.06
N PHE E 298 9.40 -44.17 56.65
CA PHE E 298 9.42 -45.62 56.76
C PHE E 298 8.47 -46.35 55.80
N GLY E 299 7.78 -45.64 54.91
CA GLY E 299 6.92 -46.25 53.90
C GLY E 299 7.74 -47.13 52.97
N TYR E 300 7.33 -48.40 52.81
CA TYR E 300 8.03 -49.39 52.01
C TYR E 300 9.50 -49.53 52.48
N SER E 301 9.69 -49.55 53.81
CA SER E 301 10.99 -49.63 54.48
C SER E 301 11.99 -48.55 54.03
N GLY E 302 11.49 -47.38 53.66
CA GLY E 302 12.32 -46.28 53.20
C GLY E 302 12.89 -46.43 51.79
N GLN E 303 12.42 -47.42 51.01
CA GLN E 303 12.92 -47.65 49.66
C GLN E 303 12.12 -46.84 48.64
N ARG E 304 12.09 -45.50 48.82
CA ARG E 304 11.39 -44.55 47.94
C ARG E 304 12.24 -43.29 47.81
N CYS E 305 12.32 -42.72 46.61
CA CYS E 305 13.11 -41.51 46.36
C CYS E 305 12.49 -40.30 47.05
N THR E 306 11.15 -40.22 47.07
CA THR E 306 10.40 -39.11 47.68
C THR E 306 10.02 -39.40 49.14
N ALA E 307 10.91 -40.00 49.88
CA ALA E 307 10.70 -40.29 51.30
C ALA E 307 11.35 -39.20 52.14
N VAL E 308 10.85 -38.92 53.34
CA VAL E 308 11.52 -37.99 54.26
C VAL E 308 12.77 -38.77 54.74
N LYS E 309 13.96 -38.24 54.46
CA LYS E 309 15.21 -38.91 54.79
C LYS E 309 16.07 -38.19 55.81
N ARG E 310 15.68 -37.01 56.25
CA ARG E 310 16.39 -36.32 57.31
C ARG E 310 15.47 -35.26 57.92
N VAL E 311 15.47 -35.18 59.24
CA VAL E 311 14.63 -34.23 59.97
C VAL E 311 15.61 -33.15 60.45
N LEU E 312 15.36 -31.88 60.08
CA LEU E 312 16.17 -30.73 60.47
C LEU E 312 15.25 -29.96 61.40
N VAL E 313 15.44 -30.14 62.71
CA VAL E 313 14.54 -29.58 63.72
C VAL E 313 15.19 -28.50 64.58
N MET E 314 14.42 -27.44 64.93
CA MET E 314 14.88 -26.37 65.80
C MET E 314 15.11 -26.97 67.19
N ASP E 315 16.27 -26.71 67.80
CA ASP E 315 16.66 -27.31 69.08
C ASP E 315 15.60 -27.19 70.20
N LYS E 316 14.88 -26.08 70.27
CA LYS E 316 13.85 -25.88 71.31
C LYS E 316 12.78 -26.99 71.30
N VAL E 317 12.39 -27.49 70.09
CA VAL E 317 11.37 -28.55 69.97
C VAL E 317 11.95 -29.94 69.62
N ALA E 318 13.28 -30.08 69.55
CA ALA E 318 13.90 -31.33 69.17
C ALA E 318 13.69 -32.51 70.14
N ASP E 319 13.79 -32.30 71.45
CA ASP E 319 13.61 -33.38 72.42
C ASP E 319 12.19 -33.95 72.36
N GLN E 320 11.16 -33.08 72.30
CA GLN E 320 9.77 -33.54 72.24
C GLN E 320 9.48 -34.19 70.89
N LEU E 321 9.98 -33.61 69.77
CA LEU E 321 9.75 -34.21 68.46
C LEU E 321 10.38 -35.61 68.37
N ALA E 322 11.64 -35.76 68.86
CA ALA E 322 12.33 -37.04 68.82
C ALA E 322 11.58 -38.09 69.63
N ALA E 323 11.02 -37.70 70.78
CA ALA E 323 10.25 -38.62 71.63
C ALA E 323 8.97 -39.08 70.93
N GLU E 324 8.31 -38.18 70.19
CA GLU E 324 7.10 -38.49 69.44
C GLU E 324 7.39 -39.35 68.20
N ILE E 325 8.52 -39.11 67.50
CA ILE E 325 8.89 -39.94 66.35
C ILE E 325 9.23 -41.35 66.90
N LYS E 326 10.01 -41.41 68.01
CA LYS E 326 10.39 -42.68 68.63
C LYS E 326 9.18 -43.57 68.96
N THR E 327 8.16 -43.01 69.63
CA THR E 327 6.98 -43.79 70.00
C THR E 327 6.27 -44.38 68.77
N LEU E 328 6.22 -43.63 67.67
CA LEU E 328 5.61 -44.11 66.44
C LEU E 328 6.47 -45.13 65.70
N VAL E 329 7.81 -44.94 65.67
CA VAL E 329 8.72 -45.87 65.02
C VAL E 329 8.69 -47.23 65.74
N GLU E 330 8.54 -47.23 67.08
CA GLU E 330 8.45 -48.48 67.87
C GLU E 330 7.21 -49.31 67.56
N LYS E 331 6.10 -48.69 67.10
CA LYS E 331 4.90 -49.48 66.83
CA LYS E 331 4.84 -49.36 66.77
C LYS E 331 4.86 -50.03 65.41
N LEU E 332 5.75 -49.59 64.50
CA LEU E 332 5.76 -50.12 63.12
C LEU E 332 5.96 -51.64 63.12
N SER E 333 5.11 -52.37 62.38
CA SER E 333 5.23 -53.82 62.27
C SER E 333 6.42 -54.13 61.38
N VAL E 334 7.17 -55.18 61.73
CA VAL E 334 8.35 -55.62 61.01
C VAL E 334 8.11 -57.07 60.65
N GLY E 335 8.04 -57.38 59.36
CA GLY E 335 7.72 -58.73 58.94
C GLY E 335 7.66 -58.95 57.44
N MET E 336 6.78 -59.87 57.02
CA MET E 336 6.69 -60.30 55.63
C MET E 336 5.65 -59.55 54.79
N PRO E 337 5.88 -59.41 53.47
CA PRO E 337 4.90 -58.70 52.62
C PRO E 337 3.47 -59.25 52.64
N GLU E 338 3.31 -60.58 52.73
CA GLU E 338 2.00 -61.25 52.79
C GLU E 338 1.21 -60.82 54.03
N ASP E 339 1.91 -60.49 55.13
CA ASP E 339 1.26 -60.02 56.35
C ASP E 339 1.10 -58.48 56.38
N ASP E 340 1.31 -57.78 55.25
CA ASP E 340 1.16 -56.34 55.15
C ASP E 340 1.93 -55.57 56.22
N ALA E 341 3.16 -56.02 56.49
CA ALA E 341 4.00 -55.36 57.47
C ALA E 341 4.46 -53.99 56.96
N ASP E 342 4.66 -53.03 57.87
CA ASP E 342 5.14 -51.70 57.52
C ASP E 342 6.59 -51.80 57.01
N ILE E 343 7.43 -52.53 57.75
CA ILE E 343 8.82 -52.75 57.39
C ILE E 343 8.96 -54.18 56.90
N THR E 344 9.23 -54.34 55.59
CA THR E 344 9.40 -55.63 54.94
C THR E 344 10.90 -55.83 54.56
N PRO E 345 11.33 -57.06 54.16
CA PRO E 345 12.73 -57.25 53.79
C PRO E 345 13.17 -56.37 52.62
N LEU E 346 14.42 -55.90 52.65
CA LEU E 346 14.95 -55.05 51.60
C LEU E 346 15.17 -55.82 50.31
N ILE E 347 15.23 -55.07 49.20
CA ILE E 347 15.27 -55.63 47.86
C ILE E 347 16.37 -56.69 47.65
N ASP E 348 17.55 -56.51 48.27
CA ASP E 348 18.63 -57.49 48.18
C ASP E 348 19.64 -57.34 49.30
N THR E 349 20.58 -58.30 49.41
CA THR E 349 21.60 -58.32 50.47
C THR E 349 22.46 -57.08 50.43
N SER E 350 22.88 -56.67 49.23
CA SER E 350 23.70 -55.47 49.04
C SER E 350 23.03 -54.22 49.62
N ALA E 351 21.71 -54.08 49.43
CA ALA E 351 20.97 -52.93 49.93
C ALA E 351 20.96 -52.94 51.46
N ALA E 352 20.72 -54.10 52.08
CA ALA E 352 20.72 -54.22 53.54
C ALA E 352 22.12 -54.04 54.13
N ASP E 353 23.17 -54.51 53.44
CA ASP E 353 24.55 -54.31 53.90
C ASP E 353 24.87 -52.81 53.89
N PHE E 354 24.45 -52.09 52.84
CA PHE E 354 24.69 -50.65 52.71
C PHE E 354 24.01 -49.86 53.83
N VAL E 355 22.77 -50.23 54.15
CA VAL E 355 22.01 -49.57 55.23
C VAL E 355 22.67 -49.84 56.58
N GLU E 356 23.11 -51.08 56.81
CA GLU E 356 23.81 -51.43 58.04
C GLU E 356 25.09 -50.62 58.22
N GLY E 357 25.80 -50.36 57.12
CA GLY E 357 27.02 -49.56 57.14
C GLY E 357 26.76 -48.11 57.55
N LEU E 358 25.65 -47.53 57.10
CA LEU E 358 25.28 -46.16 57.48
C LEU E 358 24.92 -46.09 58.97
N ILE E 359 24.20 -47.13 59.46
CA ILE E 359 23.83 -47.25 60.87
C ILE E 359 25.11 -47.38 61.72
N LYS E 360 26.08 -48.19 61.26
CA LYS E 360 27.33 -48.36 61.98
C LYS E 360 28.13 -47.05 62.05
N ASP E 361 28.25 -46.32 60.92
CA ASP E 361 28.97 -45.04 60.88
C ASP E 361 28.36 -44.05 61.88
N ALA E 362 27.02 -43.96 61.92
CA ALA E 362 26.32 -43.05 62.83
C ALA E 362 26.56 -43.44 64.30
N THR E 363 26.48 -44.74 64.62
CA THR E 363 26.71 -45.22 65.98
C THR E 363 28.16 -44.92 66.41
N ASP E 364 29.14 -45.23 65.55
CA ASP E 364 30.55 -45.01 65.85
C ASP E 364 30.90 -43.54 65.99
N LYS E 365 30.16 -42.64 65.32
CA LYS E 365 30.41 -41.20 65.44
C LYS E 365 29.62 -40.53 66.57
N GLY E 366 28.94 -41.29 67.42
CA GLY E 366 28.25 -40.74 68.58
C GLY E 366 26.78 -40.38 68.44
N ALA E 367 26.08 -40.80 67.36
CA ALA E 367 24.64 -40.53 67.26
C ALA E 367 23.90 -41.42 68.25
N THR E 368 22.76 -40.94 68.75
CA THR E 368 21.97 -41.65 69.73
C THR E 368 20.92 -42.52 69.04
N ALA E 369 21.01 -43.85 69.17
CA ALA E 369 20.03 -44.75 68.58
C ALA E 369 18.80 -44.78 69.48
N LEU E 370 17.72 -44.12 69.05
CA LEU E 370 16.49 -44.08 69.82
C LEU E 370 15.66 -45.35 69.67
N THR E 371 15.85 -46.11 68.57
CA THR E 371 15.23 -47.42 68.35
C THR E 371 16.34 -48.38 67.95
N ALA E 372 16.29 -49.62 68.46
CA ALA E 372 17.35 -50.60 68.28
C ALA E 372 17.49 -51.16 66.87
N PHE E 373 18.75 -51.41 66.49
CA PHE E 373 19.08 -52.01 65.20
C PHE E 373 19.00 -53.52 65.35
N ASN E 374 18.26 -54.17 64.46
CA ASN E 374 18.19 -55.63 64.40
C ASN E 374 18.06 -56.03 62.92
N ARG E 375 18.71 -57.13 62.52
CA ARG E 375 18.65 -57.59 61.14
C ARG E 375 18.48 -59.12 61.12
N GLU E 376 17.49 -59.61 60.37
CA GLU E 376 17.23 -61.05 60.20
C GLU E 376 17.15 -61.25 58.69
N GLY E 377 18.22 -61.75 58.10
CA GLY E 377 18.30 -61.89 56.65
C GLY E 377 18.50 -60.50 56.09
N ASN E 378 17.57 -60.03 55.25
CA ASN E 378 17.60 -58.64 54.76
C ASN E 378 16.46 -57.81 55.37
N LEU E 379 15.89 -58.25 56.52
CA LEU E 379 14.84 -57.55 57.24
C LEU E 379 15.49 -56.76 58.35
N ILE E 380 15.66 -55.44 58.12
CA ILE E 380 16.25 -54.53 59.10
C ILE E 380 15.11 -53.86 59.84
N SER E 381 15.19 -53.83 61.17
CA SER E 381 14.20 -53.15 62.00
C SER E 381 14.39 -51.64 61.83
N PRO E 382 13.34 -50.82 62.01
CA PRO E 382 13.50 -49.38 61.81
C PRO E 382 14.35 -48.69 62.87
N VAL E 383 15.39 -47.98 62.41
CA VAL E 383 16.32 -47.29 63.31
C VAL E 383 16.13 -45.78 63.23
N LEU E 384 15.92 -45.14 64.36
CA LEU E 384 15.82 -43.70 64.44
C LEU E 384 17.06 -43.23 65.19
N PHE E 385 17.72 -42.21 64.66
CA PHE E 385 18.93 -41.65 65.25
C PHE E 385 18.70 -40.18 65.61
N ASP E 386 19.22 -39.74 66.76
CA ASP E 386 19.17 -38.36 67.22
C ASP E 386 20.59 -37.85 67.41
N HIS E 387 20.76 -36.53 67.44
CA HIS E 387 22.07 -35.92 67.56
C HIS E 387 22.98 -36.31 66.41
N VAL E 388 22.40 -36.39 65.19
CA VAL E 388 23.17 -36.70 63.99
C VAL E 388 23.83 -35.39 63.58
N THR E 389 25.08 -35.47 63.19
CA THR E 389 25.84 -34.31 62.77
C THR E 389 26.18 -34.44 61.29
N THR E 390 26.60 -33.35 60.65
CA THR E 390 26.95 -33.33 59.24
C THR E 390 28.23 -34.13 58.89
N ASP E 391 29.00 -34.59 59.90
CA ASP E 391 30.18 -35.44 59.62
C ASP E 391 29.80 -36.94 59.46
N MET E 392 28.53 -37.31 59.72
CA MET E 392 28.04 -38.67 59.58
C MET E 392 27.52 -38.88 58.17
N ARG E 393 27.78 -40.07 57.59
CA ARG E 393 27.32 -40.41 56.25
C ARG E 393 25.78 -40.37 56.15
N LEU E 394 25.09 -40.79 57.23
CA LEU E 394 23.63 -40.83 57.28
C LEU E 394 22.99 -39.44 57.11
N ALA E 395 23.74 -38.35 57.37
CA ALA E 395 23.21 -37.00 57.16
C ALA E 395 23.02 -36.70 55.65
N TRP E 396 23.82 -37.36 54.77
CA TRP E 396 23.83 -37.06 53.33
C TRP E 396 23.43 -38.19 52.38
N GLU E 397 23.90 -39.40 52.62
CA GLU E 397 23.67 -40.52 51.71
C GLU E 397 22.26 -41.11 51.76
N GLU E 398 21.65 -41.35 50.58
CA GLU E 398 20.33 -41.95 50.46
C GLU E 398 20.43 -43.43 50.88
N PRO E 399 19.84 -43.88 52.02
CA PRO E 399 20.00 -45.29 52.41
C PRO E 399 19.21 -46.31 51.61
N PHE E 400 17.93 -45.99 51.29
CA PHE E 400 16.97 -46.93 50.70
C PHE E 400 16.78 -48.09 51.72
N GLY E 401 16.53 -47.69 52.97
CA GLY E 401 16.36 -48.57 54.12
C GLY E 401 15.70 -47.87 55.27
N PRO E 402 15.20 -48.62 56.29
CA PRO E 402 14.42 -47.99 57.35
C PRO E 402 15.29 -47.37 58.43
N VAL E 403 15.95 -46.28 58.09
CA VAL E 403 16.79 -45.55 59.02
C VAL E 403 16.57 -44.05 58.77
N LEU E 404 16.38 -43.29 59.85
CA LEU E 404 16.12 -41.87 59.74
C LEU E 404 16.95 -41.11 60.73
N PRO E 405 17.73 -40.10 60.27
CA PRO E 405 18.48 -39.24 61.20
C PRO E 405 17.69 -37.97 61.58
N ILE E 406 17.88 -37.50 62.83
CA ILE E 406 17.36 -36.24 63.34
C ILE E 406 18.62 -35.39 63.54
N ILE E 407 18.63 -34.18 62.93
CA ILE E 407 19.76 -33.24 62.97
C ILE E 407 19.21 -31.97 63.58
N ARG E 408 19.74 -31.55 64.72
CA ARG E 408 19.27 -30.35 65.42
C ARG E 408 19.92 -29.11 64.84
N VAL E 409 19.15 -28.02 64.72
CA VAL E 409 19.61 -26.74 64.18
C VAL E 409 19.19 -25.61 65.14
N THR E 410 19.94 -24.51 65.14
CA THR E 410 19.66 -23.36 66.01
C THR E 410 18.83 -22.29 65.30
N THR E 411 18.99 -22.12 63.99
CA THR E 411 18.27 -21.11 63.20
C THR E 411 17.66 -21.73 61.95
N VAL E 412 16.65 -21.06 61.35
CA VAL E 412 16.06 -21.54 60.10
C VAL E 412 17.07 -21.39 58.95
N GLU E 413 17.96 -20.37 59.02
CA GLU E 413 19.03 -20.15 58.05
C GLU E 413 19.94 -21.38 57.99
N GLU E 414 20.24 -21.98 59.17
CA GLU E 414 21.05 -23.18 59.28
C GLU E 414 20.32 -24.39 58.66
N ALA E 415 19.00 -24.52 58.90
CA ALA E 415 18.19 -25.59 58.32
C ALA E 415 18.21 -25.51 56.79
N ILE E 416 18.04 -24.28 56.20
CA ILE E 416 18.08 -24.06 54.75
C ILE E 416 19.46 -24.41 54.22
N LYS E 417 20.51 -23.92 54.88
CA LYS E 417 21.90 -24.17 54.47
C LYS E 417 22.19 -25.68 54.43
N ILE E 418 21.84 -26.42 55.51
CA ILE E 418 22.08 -27.86 55.58
C ILE E 418 21.25 -28.60 54.53
N SER E 419 19.98 -28.20 54.34
CA SER E 419 19.11 -28.79 53.33
C SER E 419 19.72 -28.65 51.91
N ASN E 420 20.13 -27.42 51.55
CA ASN E 420 20.70 -27.12 50.24
C ASN E 420 22.13 -27.66 50.03
N GLU E 421 22.88 -27.97 51.11
CA GLU E 421 24.23 -28.56 50.96
C GLU E 421 24.18 -29.98 50.33
N SER E 422 23.02 -30.65 50.36
CA SER E 422 22.82 -31.95 49.74
C SER E 422 22.94 -31.83 48.21
N GLU E 423 23.51 -32.87 47.57
CA GLU E 423 23.56 -32.95 46.10
C GLU E 423 22.15 -33.22 45.51
N TYR E 424 21.21 -33.72 46.34
CA TYR E 424 19.84 -34.02 45.96
C TYR E 424 18.93 -32.84 46.23
N GLY E 425 17.83 -32.77 45.50
CA GLY E 425 16.85 -31.72 45.66
C GLY E 425 15.52 -32.14 45.09
N LEU E 426 14.96 -33.23 45.61
CA LEU E 426 13.71 -33.74 45.09
C LEU E 426 12.55 -32.97 45.71
N GLN E 427 12.31 -33.15 47.00
CA GLN E 427 11.25 -32.47 47.71
C GLN E 427 11.69 -32.12 49.13
N ALA E 428 10.91 -31.27 49.79
CA ALA E 428 11.13 -30.89 51.17
C ALA E 428 9.78 -30.71 51.85
N SER E 429 9.76 -30.86 53.17
CA SER E 429 8.57 -30.68 54.00
C SER E 429 8.90 -29.56 55.00
N ILE E 430 7.94 -28.72 55.30
CA ILE E 430 8.12 -27.66 56.29
C ILE E 430 6.94 -27.77 57.21
N PHE E 431 7.18 -28.00 58.51
CA PHE E 431 6.15 -28.09 59.52
C PHE E 431 6.23 -26.82 60.35
N THR E 432 5.19 -25.99 60.23
CA THR E 432 5.08 -24.70 60.90
C THR E 432 3.65 -24.17 60.80
N THR E 433 3.26 -23.24 61.69
CA THR E 433 1.96 -22.56 61.59
C THR E 433 2.08 -21.22 60.83
N ASN E 434 3.32 -20.73 60.53
CA ASN E 434 3.56 -19.47 59.85
C ASN E 434 3.76 -19.72 58.35
N PHE E 435 2.68 -19.65 57.55
CA PHE E 435 2.77 -19.93 56.11
C PHE E 435 3.48 -18.88 55.26
N PRO E 436 3.35 -17.54 55.51
CA PRO E 436 4.13 -16.58 54.70
C PRO E 436 5.63 -16.83 54.85
N LYS E 437 6.08 -17.21 56.07
CA LYS E 437 7.47 -17.56 56.35
C LYS E 437 7.80 -18.89 55.67
N ALA E 438 6.91 -19.88 55.74
CA ALA E 438 7.11 -21.18 55.09
C ALA E 438 7.29 -21.02 53.59
N PHE E 439 6.55 -20.09 52.97
CA PHE E 439 6.67 -19.80 51.54
C PHE E 439 8.03 -19.14 51.22
N GLY E 440 8.51 -18.29 52.13
CA GLY E 440 9.80 -17.64 51.99
C GLY E 440 10.92 -18.65 52.09
N ILE E 441 10.79 -19.62 53.00
CA ILE E 441 11.75 -20.72 53.16
C ILE E 441 11.71 -21.58 51.89
N ALA E 442 10.50 -21.95 51.42
CA ALA E 442 10.29 -22.76 50.21
C ALA E 442 10.98 -22.18 48.98
N GLU E 443 10.93 -20.84 48.81
CA GLU E 443 11.63 -20.16 47.72
C GLU E 443 13.14 -20.39 47.76
N GLN E 444 13.73 -20.49 48.96
CA GLN E 444 15.17 -20.69 49.14
C GLN E 444 15.60 -22.16 49.04
N LEU E 445 14.70 -23.13 49.25
CA LEU E 445 15.04 -24.55 49.18
C LEU E 445 15.22 -24.96 47.72
N GLU E 446 16.33 -25.67 47.44
CA GLU E 446 16.67 -26.10 46.09
C GLU E 446 16.06 -27.47 45.85
N VAL E 447 14.74 -27.49 45.70
CA VAL E 447 13.97 -28.72 45.49
C VAL E 447 12.88 -28.48 44.41
N GLY E 448 12.28 -29.55 43.90
CA GLY E 448 11.20 -29.43 42.94
C GLY E 448 9.89 -29.04 43.60
N THR E 449 9.53 -29.74 44.71
CA THR E 449 8.28 -29.53 45.46
C THR E 449 8.53 -29.35 46.94
N VAL E 450 7.75 -28.48 47.58
CA VAL E 450 7.80 -28.24 49.02
C VAL E 450 6.38 -28.50 49.55
N HIS E 451 6.22 -29.43 50.51
CA HIS E 451 4.94 -29.75 51.13
C HIS E 451 4.87 -29.04 52.47
N LEU E 452 3.80 -28.28 52.73
CA LEU E 452 3.62 -27.57 54.00
C LEU E 452 2.74 -28.39 54.92
N ASN E 453 3.26 -28.76 56.11
CA ASN E 453 2.55 -29.54 57.11
C ASN E 453 2.10 -30.89 56.58
N ASN E 454 2.96 -31.52 55.81
CA ASN E 454 2.70 -32.85 55.27
C ASN E 454 3.98 -33.48 54.78
N LYS E 455 4.03 -34.80 54.74
CA LYS E 455 5.20 -35.52 54.24
C LYS E 455 5.37 -35.26 52.73
N THR E 456 6.58 -35.46 52.26
CA THR E 456 6.88 -35.33 50.84
C THR E 456 6.20 -36.52 50.12
N GLN E 457 5.72 -36.29 48.90
CA GLN E 457 5.04 -37.32 48.13
C GLN E 457 4.96 -36.92 46.68
N ARG E 458 4.93 -37.91 45.81
CA ARG E 458 4.82 -37.68 44.38
C ARG E 458 3.42 -37.11 44.02
N GLY E 459 2.37 -37.66 44.63
CA GLY E 459 0.98 -37.32 44.33
C GLY E 459 0.51 -35.93 44.69
N THR E 460 -0.68 -35.51 44.19
CA THR E 460 -1.49 -36.28 43.23
C THR E 460 -0.79 -36.28 41.87
N ASP E 461 -1.03 -37.33 41.07
CA ASP E 461 -0.31 -37.53 39.81
C ASP E 461 -0.56 -36.48 38.73
N ASN E 462 -1.54 -35.58 38.92
CA ASN E 462 -1.72 -34.45 38.01
C ASN E 462 -0.71 -33.30 38.34
N PHE E 463 -0.15 -33.28 39.57
CA PHE E 463 0.81 -32.24 40.01
C PHE E 463 2.19 -32.45 39.40
N PRO E 464 3.00 -31.37 39.23
CA PRO E 464 4.37 -31.59 38.73
C PRO E 464 5.21 -32.34 39.75
N PHE E 465 6.09 -33.18 39.23
CA PHE E 465 7.00 -33.97 40.03
C PHE E 465 8.37 -33.82 39.37
N LEU E 466 9.32 -33.18 40.06
CA LEU E 466 10.64 -32.95 39.50
C LEU E 466 11.68 -32.82 40.62
N GLY E 467 12.93 -32.93 40.23
CA GLY E 467 14.04 -32.79 41.17
C GLY E 467 15.09 -31.84 40.65
N ALA E 468 15.56 -30.97 41.54
CA ALA E 468 16.65 -30.05 41.29
C ALA E 468 18.00 -30.83 41.51
N LYS E 469 19.13 -30.23 41.08
CA LYS E 469 20.46 -30.78 41.28
C LYS E 469 20.56 -32.26 40.78
N LYS E 470 21.12 -33.23 41.56
CA LYS E 470 21.26 -34.60 41.11
C LYS E 470 20.00 -35.47 41.24
N SER E 471 18.86 -34.89 41.61
CA SER E 471 17.62 -35.65 41.75
C SER E 471 16.87 -35.89 40.44
N GLY E 472 17.27 -35.24 39.34
CA GLY E 472 16.63 -35.48 38.07
C GLY E 472 16.82 -34.47 36.98
N ALA E 473 16.13 -34.73 35.85
CA ALA E 473 16.10 -33.92 34.65
C ALA E 473 14.66 -33.99 34.11
N GLY E 474 14.07 -32.85 33.77
CA GLY E 474 12.72 -32.80 33.25
C GLY E 474 11.65 -32.79 34.32
N VAL E 475 10.39 -32.53 33.91
CA VAL E 475 9.27 -32.43 34.82
C VAL E 475 8.28 -33.52 34.51
N GLN E 476 7.94 -34.32 35.55
CA GLN E 476 6.98 -35.40 35.51
C GLN E 476 5.63 -34.88 36.07
N GLY E 477 4.63 -35.74 36.23
CA GLY E 477 3.26 -35.35 36.51
C GLY E 477 2.59 -35.50 35.16
N VAL E 478 1.35 -35.99 35.13
CA VAL E 478 0.71 -36.41 33.87
C VAL E 478 0.86 -35.37 32.70
N LYS E 479 0.33 -34.16 32.87
CA LYS E 479 0.41 -33.10 31.84
C LYS E 479 1.84 -32.83 31.38
N TYR E 480 2.75 -32.73 32.35
CA TYR E 480 4.15 -32.39 32.13
C TYR E 480 4.88 -33.48 31.39
N SER E 481 4.55 -34.74 31.68
CA SER E 481 5.13 -35.88 30.98
C SER E 481 4.71 -35.85 29.50
N ILE E 482 3.43 -35.51 29.22
CA ILE E 482 2.91 -35.45 27.87
C ILE E 482 3.67 -34.36 27.10
N GLU E 483 3.81 -33.17 27.71
CA GLU E 483 4.55 -32.08 27.08
C GLU E 483 6.01 -32.45 26.79
N ALA E 484 6.67 -33.11 27.74
CA ALA E 484 8.07 -33.49 27.59
C ALA E 484 8.28 -34.47 26.45
N MET E 485 7.37 -35.44 26.27
CA MET E 485 7.51 -36.44 25.20
C MET E 485 6.76 -36.04 23.92
N THR E 486 6.63 -34.73 23.68
CA THR E 486 6.09 -34.20 22.44
C THR E 486 7.02 -33.07 21.98
N THR E 487 7.00 -32.84 20.68
CA THR E 487 7.70 -31.75 20.06
C THR E 487 6.63 -30.89 19.36
N VAL E 488 7.07 -29.95 18.56
CA VAL E 488 6.20 -29.01 17.90
C VAL E 488 6.56 -28.99 16.40
N LYS E 489 5.54 -28.79 15.54
CA LYS E 489 5.64 -28.70 14.09
C LYS E 489 4.93 -27.40 13.75
N SER E 490 5.66 -26.42 13.23
CA SER E 490 5.13 -25.12 12.87
C SER E 490 4.89 -25.05 11.38
N VAL E 491 3.70 -24.60 10.94
CA VAL E 491 3.43 -24.42 9.52
C VAL E 491 3.13 -22.93 9.35
N VAL E 492 4.00 -22.22 8.61
CA VAL E 492 3.90 -20.77 8.45
C VAL E 492 3.45 -20.43 7.03
N PHE E 493 2.51 -19.49 6.89
CA PHE E 493 2.04 -19.03 5.58
C PHE E 493 1.53 -17.60 5.69
N ASP E 494 1.43 -16.92 4.54
CA ASP E 494 0.93 -15.55 4.49
C ASP E 494 -0.53 -15.55 4.05
N ILE E 495 -1.33 -14.76 4.71
CA ILE E 495 -2.74 -14.57 4.37
C ILE E 495 -2.77 -13.54 3.25
N GLN E 496 -3.61 -13.76 2.23
CA GLN E 496 -3.71 -12.90 1.07
C GLN E 496 -5.12 -12.30 0.98
N ALA F 23 42.74 -0.77 15.38
CA ALA F 23 42.73 -2.10 15.99
C ALA F 23 42.92 -1.99 17.53
N LYS F 24 41.81 -2.10 18.27
CA LYS F 24 41.78 -2.03 19.73
C LYS F 24 42.12 -3.39 20.40
N GLN F 25 42.52 -3.34 21.68
CA GLN F 25 42.78 -4.53 22.48
C GLN F 25 41.52 -4.71 23.35
N TYR F 26 40.66 -5.67 23.00
CA TYR F 26 39.41 -5.90 23.72
C TYR F 26 39.58 -6.70 25.00
N LYS F 27 38.63 -6.54 25.92
CA LYS F 27 38.66 -7.15 27.25
C LYS F 27 37.36 -7.88 27.51
N ASN F 28 37.41 -8.88 28.40
CA ASN F 28 36.23 -9.64 28.79
C ASN F 28 35.55 -8.99 29.98
N LEU F 29 34.21 -9.03 30.00
CA LEU F 29 33.42 -8.52 31.11
C LEU F 29 33.37 -9.64 32.13
N VAL F 30 33.93 -9.44 33.32
CA VAL F 30 33.91 -10.47 34.35
C VAL F 30 33.71 -9.79 35.70
N ASN F 31 32.50 -9.94 36.26
CA ASN F 31 32.10 -9.38 37.55
C ASN F 31 32.13 -7.84 37.58
N GLY F 32 31.56 -7.21 36.56
CA GLY F 32 31.51 -5.76 36.49
C GLY F 32 32.81 -5.06 36.14
N GLU F 33 33.87 -5.83 35.83
CA GLU F 33 35.17 -5.30 35.48
C GLU F 33 35.59 -5.80 34.09
N TRP F 34 36.46 -5.04 33.43
CA TRP F 34 36.97 -5.39 32.11
C TRP F 34 38.37 -5.97 32.29
N LYS F 35 38.55 -7.27 31.98
CA LYS F 35 39.81 -7.98 32.23
C LYS F 35 40.51 -8.52 30.97
N LEU F 36 41.82 -8.22 30.83
CA LEU F 36 42.68 -8.78 29.80
C LEU F 36 43.22 -10.12 30.36
N SER F 37 43.77 -10.97 29.47
CA SER F 37 44.43 -12.20 29.85
C SER F 37 45.93 -12.09 29.48
N GLU F 38 46.78 -13.00 29.97
CA GLU F 38 48.21 -12.99 29.67
C GLU F 38 48.45 -13.11 28.16
N ASN F 39 47.69 -13.97 27.49
CA ASN F 39 47.75 -14.17 26.04
C ASN F 39 46.47 -13.61 25.39
N GLU F 40 46.54 -13.34 24.08
CA GLU F 40 45.41 -12.82 23.32
C GLU F 40 45.38 -13.43 21.90
N ILE F 41 44.24 -13.28 21.21
CA ILE F 41 44.03 -13.78 19.86
C ILE F 41 43.76 -12.60 18.97
N THR F 42 44.58 -12.39 17.95
CA THR F 42 44.39 -11.29 17.00
C THR F 42 43.32 -11.72 15.99
N ILE F 43 42.33 -10.86 15.74
CA ILE F 43 41.26 -11.16 14.80
C ILE F 43 41.50 -10.35 13.53
N TYR F 44 41.36 -11.01 12.37
CA TYR F 44 41.53 -10.39 11.06
C TYR F 44 40.23 -10.46 10.27
N ALA F 45 39.97 -9.47 9.42
CA ALA F 45 38.76 -9.42 8.60
C ALA F 45 38.89 -10.49 7.49
N PRO F 46 38.02 -11.51 7.42
CA PRO F 46 38.21 -12.57 6.39
C PRO F 46 38.23 -12.13 4.92
N ALA F 47 37.62 -10.99 4.59
CA ALA F 47 37.57 -10.53 3.21
C ALA F 47 38.83 -9.75 2.75
N THR F 48 39.51 -9.08 3.68
CA THR F 48 40.65 -8.23 3.38
C THR F 48 41.96 -8.57 4.11
N GLY F 49 41.88 -9.29 5.22
CA GLY F 49 43.04 -9.58 6.05
C GLY F 49 43.35 -8.47 7.04
N GLU F 50 42.53 -7.41 7.10
CA GLU F 50 42.75 -6.27 7.99
C GLU F 50 42.74 -6.69 9.45
N GLU F 51 43.69 -6.21 10.25
CA GLU F 51 43.70 -6.49 11.69
C GLU F 51 42.60 -5.65 12.36
N LEU F 52 41.70 -6.28 13.11
CA LEU F 52 40.59 -5.59 13.79
C LEU F 52 40.78 -5.41 15.30
N GLY F 53 41.82 -6.00 15.85
CA GLY F 53 42.12 -5.97 17.27
C GLY F 53 42.37 -7.35 17.79
N SER F 54 42.33 -7.49 19.12
CA SER F 54 42.56 -8.76 19.78
C SER F 54 41.58 -8.99 20.91
N VAL F 55 41.33 -10.25 21.25
CA VAL F 55 40.47 -10.62 22.36
C VAL F 55 41.28 -11.48 23.33
N PRO F 56 40.96 -11.48 24.65
CA PRO F 56 41.76 -12.30 25.57
C PRO F 56 41.72 -13.80 25.25
N ALA F 57 42.81 -14.50 25.56
CA ALA F 57 42.89 -15.94 25.40
C ALA F 57 42.81 -16.51 26.82
N MET F 58 41.59 -16.63 27.35
CA MET F 58 41.41 -17.06 28.73
C MET F 58 41.96 -18.44 29.04
N THR F 59 42.41 -18.59 30.28
CA THR F 59 42.85 -19.84 30.84
C THR F 59 41.64 -20.48 31.59
N GLN F 60 41.78 -21.73 32.02
CA GLN F 60 40.71 -22.40 32.75
C GLN F 60 40.47 -21.73 34.11
N ALA F 61 41.53 -21.21 34.75
CA ALA F 61 41.41 -20.48 36.02
C ALA F 61 40.59 -19.19 35.85
N GLU F 62 40.72 -18.52 34.71
CA GLU F 62 39.95 -17.31 34.43
C GLU F 62 38.48 -17.65 34.12
N VAL F 63 38.22 -18.83 33.52
CA VAL F 63 36.86 -19.31 33.30
C VAL F 63 36.24 -19.58 34.68
N ASP F 64 37.00 -20.19 35.62
CA ASP F 64 36.55 -20.43 36.99
C ASP F 64 36.12 -19.13 37.67
N ALA F 65 36.89 -18.04 37.48
CA ALA F 65 36.58 -16.73 38.08
C ALA F 65 35.28 -16.15 37.53
N VAL F 66 35.01 -16.36 36.23
CA VAL F 66 33.78 -15.91 35.57
C VAL F 66 32.59 -16.64 36.21
N TYR F 67 32.69 -17.96 36.34
CA TYR F 67 31.60 -18.78 36.90
C TYR F 67 31.39 -18.55 38.38
N ALA F 68 32.46 -18.31 39.14
CA ALA F 68 32.34 -18.00 40.57
C ALA F 68 31.61 -16.66 40.74
N SER F 69 31.91 -15.67 39.89
CA SER F 69 31.27 -14.36 39.92
C SER F 69 29.77 -14.47 39.61
N ALA F 70 29.43 -15.30 38.61
CA ALA F 70 28.06 -15.50 38.18
C ALA F 70 27.24 -16.20 39.25
N LYS F 71 27.76 -17.29 39.85
CA LYS F 71 27.01 -17.98 40.91
C LYS F 71 26.83 -17.08 42.14
N LYS F 72 27.80 -16.21 42.44
CA LYS F 72 27.68 -15.29 43.56
C LYS F 72 26.60 -14.25 43.27
N ALA F 73 26.55 -13.74 42.03
CA ALA F 73 25.56 -12.73 41.63
C ALA F 73 24.13 -13.28 41.47
N LEU F 74 23.98 -14.62 41.36
CA LEU F 74 22.69 -15.24 41.11
C LEU F 74 21.61 -14.96 42.18
N SER F 75 21.96 -15.04 43.48
CA SER F 75 20.99 -14.82 44.56
C SER F 75 20.33 -13.44 44.52
N ASP F 76 21.10 -12.36 44.36
CA ASP F 76 20.53 -11.00 44.30
C ASP F 76 19.80 -10.74 42.98
N TRP F 77 20.16 -11.44 41.90
CA TRP F 77 19.54 -11.22 40.59
C TRP F 77 18.18 -11.90 40.53
N ARG F 78 18.09 -13.17 40.98
CA ARG F 78 16.82 -13.88 40.97
C ARG F 78 15.78 -13.23 41.89
N THR F 79 16.23 -12.66 43.02
CA THR F 79 15.30 -12.03 43.96
C THR F 79 14.80 -10.64 43.50
N LEU F 80 15.40 -10.04 42.46
CA LEU F 80 14.88 -8.79 41.90
C LEU F 80 13.52 -9.06 41.27
N SER F 81 12.70 -8.02 41.12
CA SER F 81 11.42 -8.18 40.45
C SER F 81 11.64 -8.39 38.93
N TYR F 82 10.62 -8.93 38.22
CA TYR F 82 10.69 -9.07 36.77
C TYR F 82 10.82 -7.70 36.11
N VAL F 83 10.14 -6.67 36.65
CA VAL F 83 10.20 -5.29 36.13
C VAL F 83 11.63 -4.75 36.20
N GLU F 84 12.35 -4.98 37.30
CA GLU F 84 13.71 -4.48 37.44
C GLU F 84 14.62 -5.15 36.43
N ARG F 85 14.49 -6.47 36.25
CA ARG F 85 15.31 -7.18 35.27
C ARG F 85 14.99 -6.74 33.83
N ALA F 86 13.70 -6.51 33.52
CA ALA F 86 13.27 -6.03 32.20
C ALA F 86 13.84 -4.64 31.90
N ALA F 87 13.94 -3.75 32.91
CA ALA F 87 14.47 -2.41 32.72
C ALA F 87 15.92 -2.42 32.24
N TYR F 88 16.76 -3.34 32.77
CA TYR F 88 18.16 -3.47 32.32
C TYR F 88 18.21 -3.90 30.86
N LEU F 89 17.35 -4.87 30.46
CA LEU F 89 17.30 -5.37 29.09
C LEU F 89 16.87 -4.26 28.13
N HIS F 90 15.86 -3.47 28.51
CA HIS F 90 15.42 -2.36 27.67
C HIS F 90 16.56 -1.32 27.50
N LYS F 91 17.31 -1.04 28.57
CA LYS F 91 18.46 -0.14 28.51
C LYS F 91 19.56 -0.68 27.55
N ALA F 92 19.87 -1.98 27.62
CA ALA F 92 20.87 -2.57 26.75
C ALA F 92 20.45 -2.51 25.27
N ALA F 93 19.16 -2.73 25.01
CA ALA F 93 18.64 -2.68 23.66
C ALA F 93 18.69 -1.26 23.08
N ASP F 94 18.40 -0.23 23.91
CA ASP F 94 18.46 1.18 23.48
C ASP F 94 19.89 1.58 23.12
N ILE F 95 20.87 1.12 23.91
CA ILE F 95 22.27 1.39 23.64
C ILE F 95 22.68 0.71 22.33
N LEU F 96 22.19 -0.53 22.07
CA LEU F 96 22.50 -1.22 20.81
C LEU F 96 21.94 -0.45 19.60
N VAL F 97 20.70 0.09 19.69
CA VAL F 97 20.12 0.86 18.59
C VAL F 97 20.96 2.11 18.35
N ARG F 98 21.36 2.79 19.43
CA ARG F 98 22.19 4.00 19.33
C ARG F 98 23.51 3.68 18.60
N ASP F 99 24.20 2.60 19.01
CA ASP F 99 25.48 2.21 18.42
C ASP F 99 25.38 1.14 17.32
N ALA F 100 24.23 1.02 16.64
CA ALA F 100 24.08 0.00 15.60
C ALA F 100 25.07 0.19 14.43
N GLU F 101 25.34 1.43 14.01
CA GLU F 101 26.30 1.68 12.92
C GLU F 101 27.73 1.35 13.37
N LYS F 102 28.09 1.77 14.59
CA LYS F 102 29.42 1.52 15.15
C LYS F 102 29.67 0.02 15.33
N ILE F 103 28.70 -0.73 15.88
CA ILE F 103 28.82 -2.17 16.11
C ILE F 103 28.74 -2.94 14.77
N GLY F 104 27.85 -2.50 13.89
CA GLY F 104 27.65 -3.11 12.58
C GLY F 104 28.85 -2.97 11.67
N ALA F 105 29.55 -1.84 11.72
CA ALA F 105 30.76 -1.64 10.91
C ALA F 105 31.86 -2.62 11.31
N ILE F 106 31.99 -2.93 12.61
CA ILE F 106 33.02 -3.84 13.11
C ILE F 106 32.61 -5.29 12.82
N LEU F 107 31.33 -5.64 13.06
CA LEU F 107 30.75 -6.97 12.79
C LEU F 107 30.91 -7.32 11.31
N SER F 108 30.56 -6.38 10.41
CA SER F 108 30.71 -6.55 8.97
C SER F 108 32.13 -7.01 8.56
N LYS F 109 33.16 -6.35 9.11
CA LYS F 109 34.55 -6.69 8.82
C LYS F 109 34.91 -8.02 9.46
N GLU F 110 34.51 -8.23 10.73
CA GLU F 110 34.85 -9.44 11.47
C GLU F 110 34.37 -10.76 10.86
N VAL F 111 33.12 -10.83 10.39
CA VAL F 111 32.58 -12.07 9.87
C VAL F 111 32.31 -11.99 8.36
N ALA F 112 32.90 -11.01 7.65
CA ALA F 112 32.75 -10.83 6.19
C ALA F 112 31.27 -10.82 5.75
N LYS F 113 30.44 -10.11 6.52
CA LYS F 113 29.00 -9.95 6.27
C LYS F 113 28.80 -8.54 5.71
N GLY F 114 27.86 -8.36 4.77
CA GLY F 114 27.57 -7.07 4.15
C GLY F 114 27.33 -5.98 5.18
N HIS F 115 27.84 -4.76 4.96
CA HIS F 115 27.73 -3.67 5.94
C HIS F 115 26.29 -3.43 6.41
N LYS F 116 25.33 -3.34 5.48
CA LYS F 116 23.92 -3.12 5.82
C LYS F 116 23.32 -4.30 6.55
N ALA F 117 23.65 -5.52 6.14
CA ALA F 117 23.16 -6.73 6.78
C ALA F 117 23.68 -6.83 8.22
N ALA F 118 24.94 -6.40 8.45
CA ALA F 118 25.53 -6.40 9.80
C ALA F 118 24.86 -5.37 10.71
N VAL F 119 24.54 -4.18 10.20
CA VAL F 119 23.83 -3.15 10.98
C VAL F 119 22.42 -3.66 11.29
N SER F 120 21.75 -4.32 10.31
CA SER F 120 20.42 -4.89 10.52
C SER F 120 20.43 -5.94 11.61
N GLU F 121 21.50 -6.75 11.68
CA GLU F 121 21.64 -7.78 12.70
C GLU F 121 21.63 -7.16 14.10
N VAL F 122 22.32 -6.03 14.29
CA VAL F 122 22.37 -5.35 15.59
C VAL F 122 20.97 -4.79 15.94
N ILE F 123 20.25 -4.25 14.95
CA ILE F 123 18.90 -3.73 15.19
C ILE F 123 17.93 -4.88 15.53
N ARG F 124 18.07 -6.03 14.85
CA ARG F 124 17.24 -7.20 15.14
C ARG F 124 17.53 -7.74 16.55
N THR F 125 18.79 -7.65 17.01
CA THR F 125 19.17 -8.09 18.36
C THR F 125 18.45 -7.23 19.38
N ALA F 126 18.45 -5.91 19.20
CA ALA F 126 17.75 -4.97 20.10
C ALA F 126 16.25 -5.31 20.17
N GLU F 127 15.63 -5.65 19.03
CA GLU F 127 14.22 -6.04 18.95
C GLU F 127 13.92 -7.31 19.76
N ILE F 128 14.81 -8.31 19.67
CA ILE F 128 14.68 -9.57 20.39
C ILE F 128 14.87 -9.33 21.87
N ILE F 129 15.82 -8.47 22.27
CA ILE F 129 16.06 -8.18 23.68
C ILE F 129 14.82 -7.52 24.29
N ASN F 130 14.25 -6.53 23.59
CA ASN F 130 13.04 -5.87 24.05
C ASN F 130 11.86 -6.84 24.13
N TYR F 131 11.70 -7.70 23.12
CA TYR F 131 10.58 -8.64 23.09
C TYR F 131 10.70 -9.67 24.21
N ALA F 132 11.93 -10.18 24.47
CA ALA F 132 12.18 -11.12 25.57
C ALA F 132 11.95 -10.49 26.95
N ALA F 133 12.33 -9.21 27.12
CA ALA F 133 12.13 -8.51 28.39
C ALA F 133 10.64 -8.41 28.70
N GLU F 134 9.80 -8.09 27.69
CA GLU F 134 8.35 -7.99 27.90
C GLU F 134 7.65 -9.36 27.92
N GLU F 135 8.15 -10.36 27.22
CA GLU F 135 7.57 -11.71 27.22
C GLU F 135 7.84 -12.36 28.59
N GLY F 136 9.08 -12.26 29.07
CA GLY F 136 9.48 -12.88 30.31
C GLY F 136 8.84 -12.28 31.54
N LEU F 137 8.58 -10.96 31.56
CA LEU F 137 7.98 -10.35 32.74
C LEU F 137 6.52 -10.79 32.95
N ARG F 138 5.82 -11.28 31.92
CA ARG F 138 4.44 -11.79 32.06
C ARG F 138 4.43 -13.30 32.38
N MET F 139 5.50 -13.78 33.05
CA MET F 139 5.72 -15.16 33.46
C MET F 139 4.61 -15.53 34.42
N GLU F 140 3.87 -16.62 34.15
CA GLU F 140 2.80 -17.06 35.02
C GLU F 140 3.04 -18.48 35.54
N GLY F 141 2.45 -18.76 36.68
CA GLY F 141 2.42 -20.08 37.28
C GLY F 141 1.04 -20.69 37.14
N GLU F 142 0.84 -21.81 37.83
CA GLU F 142 -0.43 -22.51 37.79
C GLU F 142 -0.83 -23.04 39.16
N VAL F 143 -2.13 -23.20 39.36
CA VAL F 143 -2.68 -23.73 40.59
C VAL F 143 -3.38 -25.00 40.16
N LEU F 144 -2.95 -26.13 40.68
CA LEU F 144 -3.54 -27.41 40.34
C LEU F 144 -4.35 -27.92 41.51
N GLU F 145 -5.45 -28.61 41.19
CA GLU F 145 -6.38 -29.16 42.16
C GLU F 145 -6.13 -30.64 42.36
N GLY F 146 -5.99 -31.07 43.59
CA GLY F 146 -5.86 -32.49 43.91
C GLY F 146 -7.15 -33.24 43.56
N GLY F 147 -8.30 -32.55 43.68
CA GLY F 147 -9.62 -33.06 43.35
C GLY F 147 -9.85 -33.34 41.87
N SER F 148 -8.95 -32.89 40.99
CA SER F 148 -8.97 -33.25 39.57
C SER F 148 -8.62 -34.74 39.40
N PHE F 149 -7.75 -35.28 40.29
CA PHE F 149 -7.26 -36.65 40.19
C PHE F 149 -7.98 -37.59 41.16
N GLU F 150 -8.18 -37.20 42.43
CA GLU F 150 -8.87 -38.06 43.39
C GLU F 150 -9.65 -37.25 44.42
N ALA F 151 -10.83 -37.76 44.80
CA ALA F 151 -11.73 -37.10 45.74
C ALA F 151 -11.12 -36.85 47.12
N ALA F 152 -10.32 -37.81 47.63
CA ALA F 152 -9.68 -37.68 48.93
C ALA F 152 -8.69 -36.49 49.01
N SER F 153 -8.14 -36.04 47.86
CA SER F 153 -7.20 -34.92 47.83
C SER F 153 -7.83 -33.62 47.33
N LYS F 154 -9.15 -33.48 47.42
CA LYS F 154 -9.83 -32.29 46.91
C LYS F 154 -9.45 -30.98 47.63
N LYS F 155 -9.01 -31.06 48.90
CA LYS F 155 -8.55 -29.88 49.62
C LYS F 155 -7.06 -29.57 49.39
N LYS F 156 -6.37 -30.38 48.56
CA LYS F 156 -4.97 -30.18 48.28
C LYS F 156 -4.80 -29.39 46.99
N ILE F 157 -3.97 -28.34 47.01
CA ILE F 157 -3.63 -27.56 45.84
C ILE F 157 -2.11 -27.41 45.77
N ALA F 158 -1.62 -27.21 44.51
CA ALA F 158 -0.20 -26.97 44.20
C ALA F 158 -0.07 -25.57 43.60
N ILE F 159 0.72 -24.68 44.23
CA ILE F 159 1.03 -23.34 43.71
C ILE F 159 2.35 -23.55 42.96
N VAL F 160 2.29 -23.60 41.64
CA VAL F 160 3.45 -23.90 40.79
C VAL F 160 3.97 -22.60 40.18
N ARG F 161 5.21 -22.21 40.51
CA ARG F 161 5.81 -20.97 40.01
C ARG F 161 7.09 -21.25 39.29
N ARG F 162 7.45 -20.35 38.35
CA ARG F 162 8.66 -20.47 37.54
C ARG F 162 9.87 -19.96 38.32
N GLU F 163 11.03 -20.59 38.11
CA GLU F 163 12.29 -20.19 38.72
C GLU F 163 13.41 -20.29 37.68
N PRO F 164 14.49 -19.51 37.80
CA PRO F 164 15.62 -19.68 36.87
C PRO F 164 16.31 -21.05 37.06
N VAL F 165 16.98 -21.54 36.01
CA VAL F 165 17.76 -22.77 36.12
C VAL F 165 19.12 -22.50 36.85
N GLY F 166 19.63 -21.26 36.76
CA GLY F 166 20.86 -20.84 37.42
C GLY F 166 21.79 -20.10 36.48
N LEU F 167 22.95 -20.71 36.19
CA LEU F 167 23.93 -20.15 35.27
C LEU F 167 23.73 -20.76 33.89
N VAL F 168 23.51 -19.90 32.89
CA VAL F 168 23.36 -20.31 31.50
C VAL F 168 24.67 -19.97 30.76
N LEU F 169 25.24 -20.94 30.07
CA LEU F 169 26.39 -20.72 29.22
C LEU F 169 25.77 -20.55 27.83
N ALA F 170 25.93 -19.37 27.22
CA ALA F 170 25.42 -19.08 25.89
C ALA F 170 26.60 -19.08 24.92
N ILE F 171 26.54 -19.86 23.85
CA ILE F 171 27.60 -19.97 22.86
C ILE F 171 27.02 -19.53 21.52
N SER F 172 27.42 -18.33 21.04
CA SER F 172 26.89 -17.80 19.80
C SER F 172 27.72 -18.28 18.58
N PRO F 173 27.14 -18.26 17.36
CA PRO F 173 27.89 -18.72 16.18
C PRO F 173 28.56 -17.56 15.43
N PHE F 174 29.47 -17.88 14.50
CA PHE F 174 30.17 -16.84 13.73
C PHE F 174 29.23 -16.08 12.80
N ASN F 175 28.20 -16.74 12.26
CA ASN F 175 27.35 -16.13 11.25
C ASN F 175 26.37 -15.10 11.83
N TYR F 176 25.99 -15.23 13.12
CA TYR F 176 25.12 -14.27 13.81
C TYR F 176 25.68 -14.08 15.22
N PRO F 177 26.86 -13.46 15.33
CA PRO F 177 27.52 -13.36 16.64
C PRO F 177 26.89 -12.40 17.63
N VAL F 178 26.07 -11.46 17.16
CA VAL F 178 25.37 -10.51 18.04
C VAL F 178 23.93 -11.00 18.22
N ASN F 179 23.26 -11.29 17.11
CA ASN F 179 21.86 -11.72 17.11
C ASN F 179 21.65 -13.04 17.84
N LEU F 180 22.47 -14.06 17.55
CA LEU F 180 22.30 -15.35 18.23
C LEU F 180 23.13 -15.45 19.53
N ALA F 181 23.52 -14.30 20.09
CA ALA F 181 24.07 -14.14 21.43
C ALA F 181 22.89 -13.49 22.24
N GLY F 182 22.29 -12.40 21.72
CA GLY F 182 21.15 -11.73 22.34
C GLY F 182 19.91 -12.60 22.45
N SER F 183 19.70 -13.51 21.48
CA SER F 183 18.59 -14.45 21.50
C SER F 183 18.70 -15.51 22.61
N LYS F 184 19.89 -15.65 23.23
CA LYS F 184 20.14 -16.55 24.34
C LYS F 184 20.24 -15.73 25.65
N ILE F 185 20.94 -14.60 25.61
CA ILE F 185 21.14 -13.76 26.79
C ILE F 185 19.84 -13.14 27.36
N ALA F 186 19.06 -12.41 26.54
CA ALA F 186 17.87 -11.73 27.07
C ALA F 186 16.81 -12.69 27.64
N PRO F 187 16.45 -13.80 26.93
CA PRO F 187 15.50 -14.76 27.53
C PRO F 187 16.01 -15.39 28.83
N ALA F 188 17.33 -15.64 28.95
CA ALA F 188 17.90 -16.20 30.18
C ALA F 188 17.89 -15.13 31.31
N LEU F 189 18.30 -13.90 31.00
CA LEU F 189 18.35 -12.84 32.00
C LEU F 189 16.99 -12.45 32.58
N ILE F 190 15.94 -12.33 31.74
CA ILE F 190 14.61 -11.92 32.24
C ILE F 190 14.05 -12.95 33.24
N ALA F 191 14.32 -14.22 33.00
CA ALA F 191 13.88 -15.30 33.89
C ALA F 191 14.61 -15.37 35.25
N GLY F 192 15.68 -14.58 35.44
CA GLY F 192 16.43 -14.55 36.68
C GLY F 192 17.71 -15.37 36.64
N ASN F 193 18.11 -15.84 35.45
CA ASN F 193 19.37 -16.57 35.30
C ASN F 193 20.51 -15.59 35.14
N VAL F 194 21.73 -16.07 35.46
CA VAL F 194 22.97 -15.33 35.23
C VAL F 194 23.57 -15.99 33.98
N VAL F 195 24.35 -15.21 33.21
CA VAL F 195 24.84 -15.66 31.91
C VAL F 195 26.33 -15.45 31.74
N ALA F 196 26.96 -16.36 31.00
CA ALA F 196 28.32 -16.26 30.54
C ALA F 196 28.23 -16.47 29.03
N LEU F 197 28.61 -15.46 28.25
CA LEU F 197 28.59 -15.53 26.80
C LEU F 197 29.98 -15.97 26.32
N LYS F 198 30.03 -17.04 25.54
CA LYS F 198 31.24 -17.50 24.89
C LYS F 198 30.99 -17.26 23.41
N PRO F 199 31.43 -16.12 22.84
CA PRO F 199 31.28 -15.93 21.40
C PRO F 199 32.33 -16.77 20.65
N PRO F 200 32.11 -16.97 19.34
CA PRO F 200 33.13 -17.67 18.55
C PRO F 200 34.37 -16.77 18.44
N THR F 201 35.56 -17.34 18.19
CA THR F 201 36.77 -16.50 18.06
C THR F 201 36.61 -15.52 16.87
N GLN F 202 36.17 -16.03 15.73
CA GLN F 202 35.85 -15.16 14.59
C GLN F 202 34.41 -14.68 14.89
N GLY F 203 34.35 -13.60 15.65
CA GLY F 203 33.11 -13.02 16.14
C GLY F 203 33.16 -12.54 17.58
N SER F 204 34.28 -12.78 18.30
CA SER F 204 34.44 -12.36 19.69
C SER F 204 34.47 -10.86 19.87
N ILE F 205 34.99 -10.08 18.89
CA ILE F 205 34.98 -8.62 19.01
C ILE F 205 33.52 -8.14 19.03
N SER F 206 32.64 -8.72 18.20
CA SER F 206 31.21 -8.35 18.16
C SER F 206 30.50 -8.74 19.43
N GLY F 207 30.83 -9.90 19.98
CA GLY F 207 30.27 -10.40 21.22
C GLY F 207 30.64 -9.51 22.40
N LEU F 208 31.88 -9.00 22.41
CA LEU F 208 32.35 -8.09 23.45
C LEU F 208 31.75 -6.69 23.29
N LEU F 209 31.44 -6.27 22.05
CA LEU F 209 30.75 -5.00 21.82
C LEU F 209 29.31 -5.11 22.33
N LEU F 210 28.66 -6.27 22.16
CA LEU F 210 27.33 -6.54 22.71
C LEU F 210 27.40 -6.47 24.24
N ALA F 211 28.47 -7.02 24.85
CA ALA F 211 28.65 -6.99 26.28
C ALA F 211 28.83 -5.59 26.82
N GLU F 212 29.51 -4.71 26.06
CA GLU F 212 29.69 -3.32 26.47
C GLU F 212 28.34 -2.61 26.59
N ALA F 213 27.33 -2.98 25.76
CA ALA F 213 26.01 -2.38 25.85
C ALA F 213 25.32 -2.80 27.14
N PHE F 214 25.43 -4.07 27.54
CA PHE F 214 24.85 -4.55 28.80
C PHE F 214 25.57 -3.94 30.01
N ALA F 215 26.90 -3.77 29.93
CA ALA F 215 27.68 -3.14 30.99
C ALA F 215 27.29 -1.66 31.13
N GLU F 216 27.15 -0.93 30.00
CA GLU F 216 26.72 0.48 30.03
C GLU F 216 25.30 0.59 30.57
N ALA F 217 24.42 -0.38 30.27
CA ALA F 217 23.06 -0.42 30.84
C ALA F 217 23.05 -0.60 32.38
N GLY F 218 24.21 -0.89 32.98
CA GLY F 218 24.34 -1.07 34.41
C GLY F 218 23.97 -2.45 34.88
N ILE F 219 24.11 -3.50 34.04
CA ILE F 219 23.79 -4.88 34.45
C ILE F 219 24.62 -5.23 35.70
N PRO F 220 24.01 -5.70 36.84
CA PRO F 220 24.83 -5.93 38.04
C PRO F 220 26.06 -6.84 37.81
N ALA F 221 27.14 -6.57 38.56
CA ALA F 221 28.39 -7.31 38.45
C ALA F 221 28.17 -8.83 38.61
N GLY F 222 28.66 -9.62 37.66
CA GLY F 222 28.53 -11.08 37.68
C GLY F 222 27.27 -11.60 37.02
N VAL F 223 26.24 -10.75 36.82
CA VAL F 223 25.00 -11.20 36.20
C VAL F 223 25.21 -11.54 34.72
N PHE F 224 26.02 -10.74 34.03
CA PHE F 224 26.35 -10.99 32.63
C PHE F 224 27.88 -10.89 32.51
N ASN F 225 28.50 -11.97 32.03
CA ASN F 225 29.94 -12.03 31.84
C ASN F 225 30.25 -12.62 30.45
N THR F 226 31.52 -12.43 29.96
CA THR F 226 31.98 -13.00 28.70
C THR F 226 33.24 -13.84 28.90
N ILE F 227 33.40 -14.83 28.04
CA ILE F 227 34.56 -15.72 27.99
C ILE F 227 35.04 -15.74 26.54
N THR F 228 36.35 -15.56 26.33
CA THR F 228 36.96 -15.68 25.01
C THR F 228 38.21 -16.52 25.15
N GLY F 229 38.44 -17.38 24.17
CA GLY F 229 39.62 -18.21 24.15
C GLY F 229 39.61 -19.27 23.07
N ARG F 230 40.71 -20.02 23.02
CA ARG F 230 40.86 -21.09 22.05
C ARG F 230 40.18 -22.34 22.57
N GLY F 231 39.58 -23.08 21.66
CA GLY F 231 38.92 -24.34 21.94
C GLY F 231 39.84 -25.39 22.54
N SER F 232 41.12 -25.40 22.15
CA SER F 232 42.08 -26.36 22.70
C SER F 232 42.38 -26.11 24.19
N VAL F 233 42.20 -24.87 24.68
CA VAL F 233 42.49 -24.54 26.08
C VAL F 233 41.24 -24.60 26.95
N ILE F 234 40.09 -24.05 26.46
CA ILE F 234 38.87 -23.98 27.26
C ILE F 234 37.59 -24.53 26.60
N GLY F 235 37.66 -25.07 25.39
CA GLY F 235 36.50 -25.58 24.65
C GLY F 235 35.58 -26.51 25.44
N ASP F 236 36.12 -27.66 25.86
CA ASP F 236 35.35 -28.62 26.65
C ASP F 236 35.20 -28.12 28.09
N TYR F 237 36.22 -27.46 28.63
CA TYR F 237 36.22 -26.94 30.00
C TYR F 237 35.00 -26.08 30.34
N ILE F 238 34.64 -25.13 29.47
CA ILE F 238 33.51 -24.24 29.73
C ILE F 238 32.19 -25.00 29.85
N VAL F 239 32.04 -26.09 29.06
CA VAL F 239 30.83 -26.92 29.05
C VAL F 239 30.77 -27.88 30.25
N GLU F 240 31.87 -28.61 30.52
CA GLU F 240 32.00 -29.59 31.61
C GLU F 240 31.84 -29.01 33.00
N HIS F 241 32.21 -27.73 33.18
CA HIS F 241 32.24 -27.09 34.50
C HIS F 241 30.92 -27.26 35.29
N GLU F 242 31.02 -27.75 36.54
CA GLU F 242 29.87 -28.00 37.40
C GLU F 242 29.06 -26.75 37.74
N ALA F 243 29.62 -25.53 37.58
CA ALA F 243 28.88 -24.30 37.85
C ALA F 243 27.79 -24.06 36.79
N VAL F 244 28.01 -24.52 35.54
CA VAL F 244 27.05 -24.33 34.46
C VAL F 244 25.82 -25.22 34.65
N ASN F 245 24.64 -24.61 34.65
CA ASN F 245 23.37 -25.32 34.83
C ASN F 245 22.61 -25.55 33.53
N PHE F 246 22.97 -24.84 32.45
CA PHE F 246 22.30 -24.93 31.15
C PHE F 246 23.28 -24.50 30.06
N ILE F 247 23.34 -25.22 28.95
CA ILE F 247 24.19 -24.85 27.83
C ILE F 247 23.29 -24.58 26.63
N ASN F 248 23.23 -23.32 26.20
CA ASN F 248 22.48 -22.86 25.04
C ASN F 248 23.53 -22.58 23.94
N PHE F 249 23.54 -23.38 22.85
CA PHE F 249 24.56 -23.30 21.79
C PHE F 249 24.01 -23.31 20.36
N THR F 250 24.65 -22.53 19.47
CA THR F 250 24.40 -22.53 18.03
C THR F 250 25.74 -22.76 17.38
N GLY F 251 25.80 -23.71 16.45
CA GLY F 251 27.03 -24.06 15.78
C GLY F 251 26.92 -25.38 15.04
N SER F 252 28.05 -26.02 14.76
CA SER F 252 28.06 -27.24 13.96
C SER F 252 27.52 -28.45 14.72
N THR F 253 26.97 -29.42 13.96
CA THR F 253 26.40 -30.64 14.54
C THR F 253 27.43 -31.44 15.35
N PRO F 254 28.64 -31.72 14.84
CA PRO F 254 29.61 -32.47 15.65
C PRO F 254 29.92 -31.79 16.99
N ILE F 255 30.07 -30.45 17.02
CA ILE F 255 30.33 -29.74 18.29
C ILE F 255 29.11 -29.90 19.23
N GLY F 256 27.90 -29.75 18.68
CA GLY F 256 26.67 -29.93 19.44
C GLY F 256 26.53 -31.32 20.03
N GLU F 257 26.92 -32.34 19.26
CA GLU F 257 26.89 -33.74 19.69
C GLU F 257 27.80 -33.92 20.91
N GLY F 258 28.99 -33.31 20.87
CA GLY F 258 29.93 -33.33 21.97
C GLY F 258 29.40 -32.61 23.19
N ILE F 259 28.77 -31.44 23.00
CA ILE F 259 28.17 -30.66 24.09
C ILE F 259 27.04 -31.46 24.78
N GLY F 260 26.26 -32.22 24.01
CA GLY F 260 25.23 -33.06 24.57
C GLY F 260 25.78 -34.10 25.55
N LYS F 261 26.92 -34.71 25.19
CA LYS F 261 27.58 -35.70 26.04
C LYS F 261 28.19 -35.02 27.28
N LEU F 262 28.91 -33.91 27.09
CA LEU F 262 29.54 -33.16 28.19
C LEU F 262 28.52 -32.56 29.16
N ALA F 263 27.29 -32.28 28.69
CA ALA F 263 26.23 -31.75 29.55
C ALA F 263 25.76 -32.79 30.59
N GLY F 264 25.88 -34.08 30.28
CA GLY F 264 25.44 -35.14 31.18
C GLY F 264 23.93 -35.09 31.32
N MET F 265 23.44 -34.86 32.55
CA MET F 265 22.00 -34.72 32.78
C MET F 265 21.50 -33.28 32.66
N ARG F 266 22.39 -32.29 32.50
CA ARG F 266 21.98 -30.89 32.50
C ARG F 266 21.20 -30.47 31.27
N PRO F 267 20.23 -29.56 31.42
CA PRO F 267 19.43 -29.13 30.24
C PRO F 267 20.23 -28.36 29.21
N ILE F 268 19.91 -28.58 27.92
CA ILE F 268 20.60 -27.93 26.81
C ILE F 268 19.61 -27.43 25.76
N MET F 269 20.07 -26.48 24.94
CA MET F 269 19.36 -25.97 23.78
C MET F 269 20.41 -25.93 22.68
N LEU F 270 20.22 -26.71 21.58
CA LEU F 270 21.18 -26.80 20.49
C LEU F 270 20.52 -26.39 19.18
N GLU F 271 21.20 -25.50 18.44
CA GLU F 271 20.78 -25.04 17.11
C GLU F 271 21.94 -25.47 16.22
N LEU F 272 21.75 -26.52 15.45
CA LEU F 272 22.82 -27.12 14.66
C LEU F 272 22.56 -26.97 13.15
N GLY F 273 23.22 -27.77 12.34
CA GLY F 273 23.10 -27.68 10.90
C GLY F 273 21.71 -27.96 10.36
N GLY F 274 21.54 -27.56 9.13
CA GLY F 274 20.31 -27.77 8.37
C GLY F 274 20.69 -28.06 6.94
N LYS F 275 19.83 -28.79 6.26
CA LYS F 275 19.94 -29.04 4.82
C LYS F 275 18.51 -28.84 4.29
N ASP F 276 17.94 -27.65 4.57
CA ASP F 276 16.54 -27.35 4.28
C ASP F 276 16.19 -27.59 2.84
N SER F 277 15.14 -28.37 2.62
CA SER F 277 14.70 -28.68 1.27
C SER F 277 13.54 -27.75 0.87
N ALA F 278 13.47 -27.42 -0.44
CA ALA F 278 12.40 -26.62 -1.02
C ALA F 278 11.73 -27.55 -2.01
N ILE F 279 10.56 -28.08 -1.63
CA ILE F 279 9.78 -29.01 -2.43
C ILE F 279 8.92 -28.17 -3.37
N VAL F 280 9.13 -28.30 -4.69
CA VAL F 280 8.38 -27.55 -5.68
C VAL F 280 7.48 -28.53 -6.44
N LEU F 281 6.15 -28.36 -6.32
CA LEU F 281 5.18 -29.23 -6.99
C LEU F 281 4.80 -28.71 -8.37
N GLU F 282 4.13 -29.53 -9.17
CA GLU F 282 3.73 -29.16 -10.54
C GLU F 282 2.85 -27.92 -10.61
N ASP F 283 2.06 -27.62 -9.58
CA ASP F 283 1.19 -26.45 -9.59
C ASP F 283 1.83 -25.22 -8.92
N ALA F 284 3.14 -25.21 -8.68
CA ALA F 284 3.79 -24.05 -8.06
C ALA F 284 3.86 -22.80 -8.98
N ASP F 285 3.95 -21.63 -8.36
CA ASP F 285 4.21 -20.35 -9.00
C ASP F 285 5.75 -20.38 -9.11
N LEU F 286 6.28 -20.72 -10.30
CA LEU F 286 7.72 -20.90 -10.47
C LEU F 286 8.55 -19.61 -10.33
N ALA F 287 7.98 -18.44 -10.67
CA ALA F 287 8.71 -17.18 -10.50
C ALA F 287 8.86 -16.89 -9.00
N LEU F 288 7.78 -17.12 -8.21
CA LEU F 288 7.75 -17.00 -6.76
C LEU F 288 8.76 -18.01 -6.16
N ALA F 289 8.65 -19.31 -6.54
CA ALA F 289 9.54 -20.37 -6.05
C ALA F 289 11.00 -20.02 -6.29
N ALA F 290 11.35 -19.61 -7.53
CA ALA F 290 12.73 -19.24 -7.89
C ALA F 290 13.24 -18.04 -7.08
N LYS F 291 12.41 -17.01 -6.88
CA LYS F 291 12.78 -15.82 -6.11
C LYS F 291 13.12 -16.19 -4.66
N ASN F 292 12.26 -17.00 -4.03
CA ASN F 292 12.44 -17.40 -2.64
C ASN F 292 13.59 -18.36 -2.46
N ILE F 293 13.74 -19.34 -3.37
CA ILE F 293 14.83 -20.30 -3.34
C ILE F 293 16.19 -19.55 -3.44
N VAL F 294 16.33 -18.60 -4.38
CA VAL F 294 17.59 -17.90 -4.54
C VAL F 294 17.90 -16.97 -3.35
N ALA F 295 16.90 -16.22 -2.85
CA ALA F 295 17.12 -15.34 -1.70
C ALA F 295 17.53 -16.17 -0.46
N GLY F 296 16.84 -17.29 -0.24
CA GLY F 296 17.11 -18.16 0.88
C GLY F 296 18.37 -18.97 0.77
N ALA F 297 18.67 -19.49 -0.42
CA ALA F 297 19.85 -20.32 -0.64
C ALA F 297 21.13 -19.53 -0.63
N PHE F 298 21.13 -18.32 -1.19
CA PHE F 298 22.36 -17.55 -1.37
C PHE F 298 22.55 -16.36 -0.39
N GLY F 299 21.65 -16.21 0.57
CA GLY F 299 21.79 -15.18 1.58
C GLY F 299 23.02 -15.40 2.44
N TYR F 300 23.87 -14.37 2.56
CA TYR F 300 25.13 -14.44 3.30
C TYR F 300 26.02 -15.59 2.75
N SER F 301 26.04 -15.70 1.40
CA SER F 301 26.77 -16.73 0.66
C SER F 301 26.46 -18.15 1.11
N GLY F 302 25.21 -18.39 1.53
CA GLY F 302 24.76 -19.70 2.01
C GLY F 302 25.27 -20.11 3.38
N GLN F 303 25.85 -19.17 4.17
CA GLN F 303 26.41 -19.45 5.49
C GLN F 303 25.36 -19.29 6.59
N ARG F 304 24.25 -19.98 6.45
CA ARG F 304 23.16 -19.95 7.41
C ARG F 304 22.60 -21.34 7.57
N CYS F 305 22.25 -21.75 8.81
CA CYS F 305 21.67 -23.07 9.09
CA CYS F 305 21.66 -23.08 9.04
C CYS F 305 20.26 -23.17 8.45
N THR F 306 19.50 -22.05 8.53
CA THR F 306 18.15 -21.95 8.00
C THR F 306 18.25 -21.33 6.61
N ALA F 307 18.39 -22.17 5.62
CA ALA F 307 18.54 -21.72 4.23
C ALA F 307 18.13 -22.83 3.29
N VAL F 308 17.59 -22.49 2.11
CA VAL F 308 17.26 -23.52 1.11
C VAL F 308 18.59 -24.11 0.64
N LYS F 309 18.86 -25.36 1.02
CA LYS F 309 20.09 -26.06 0.64
C LYS F 309 19.88 -27.15 -0.41
N ARG F 310 18.64 -27.40 -0.85
CA ARG F 310 18.38 -28.38 -1.89
C ARG F 310 16.96 -28.22 -2.40
N VAL F 311 16.79 -28.29 -3.71
CA VAL F 311 15.48 -28.16 -4.32
C VAL F 311 15.05 -29.55 -4.73
N LEU F 312 13.85 -29.99 -4.29
CA LEU F 312 13.29 -31.27 -4.65
C LEU F 312 12.10 -30.90 -5.53
N VAL F 313 12.32 -30.88 -6.84
CA VAL F 313 11.32 -30.42 -7.80
C VAL F 313 10.76 -31.54 -8.66
N MET F 314 9.44 -31.50 -8.94
CA MET F 314 8.75 -32.46 -9.80
C MET F 314 9.31 -32.29 -11.21
N ASP F 315 9.70 -33.40 -11.87
CA ASP F 315 10.35 -33.36 -13.17
C ASP F 315 9.61 -32.54 -14.24
N LYS F 316 8.28 -32.55 -14.25
CA LYS F 316 7.50 -31.81 -15.23
C LYS F 316 7.84 -30.30 -15.24
N VAL F 317 8.09 -29.70 -14.07
CA VAL F 317 8.40 -28.27 -13.96
C VAL F 317 9.91 -27.98 -13.68
N ALA F 318 10.77 -29.00 -13.62
CA ALA F 318 12.17 -28.82 -13.28
C ALA F 318 12.99 -27.99 -14.28
N ASP F 319 12.79 -28.18 -15.60
CA ASP F 319 13.56 -27.41 -16.61
C ASP F 319 13.26 -25.93 -16.51
N GLN F 320 11.98 -25.54 -16.38
CA GLN F 320 11.62 -24.15 -16.28
C GLN F 320 12.06 -23.56 -14.93
N LEU F 321 11.90 -24.30 -13.83
CA LEU F 321 12.29 -23.77 -12.52
C LEU F 321 13.81 -23.51 -12.50
N ALA F 322 14.60 -24.47 -12.95
CA ALA F 322 16.07 -24.35 -13.00
C ALA F 322 16.54 -23.18 -13.89
N ALA F 323 15.82 -22.89 -14.99
CA ALA F 323 16.13 -21.77 -15.87
C ALA F 323 15.85 -20.43 -15.17
N GLU F 324 14.74 -20.33 -14.41
CA GLU F 324 14.40 -19.09 -13.69
C GLU F 324 15.32 -18.87 -12.46
N ILE F 325 15.77 -19.96 -11.78
CA ILE F 325 16.71 -19.86 -10.68
C ILE F 325 18.05 -19.38 -11.26
N LYS F 326 18.49 -19.98 -12.39
CA LYS F 326 19.73 -19.60 -13.08
C LYS F 326 19.77 -18.10 -13.39
N THR F 327 18.71 -17.54 -14.02
CA THR F 327 18.70 -16.11 -14.34
CA THR F 327 18.63 -16.11 -14.34
C THR F 327 18.87 -15.23 -13.11
N LEU F 328 18.28 -15.61 -11.98
CA LEU F 328 18.41 -14.87 -10.73
C LEU F 328 19.78 -15.04 -10.10
N VAL F 329 20.38 -16.26 -10.14
CA VAL F 329 21.72 -16.50 -9.58
C VAL F 329 22.75 -15.69 -10.37
N GLU F 330 22.57 -15.56 -11.68
CA GLU F 330 23.50 -14.79 -12.52
C GLU F 330 23.48 -13.28 -12.20
N LYS F 331 22.38 -12.77 -11.59
CA LYS F 331 22.25 -11.37 -11.21
C LYS F 331 22.92 -11.05 -9.86
N LEU F 332 23.15 -12.06 -9.00
CA LEU F 332 23.74 -11.83 -7.69
C LEU F 332 25.11 -11.18 -7.78
N SER F 333 25.35 -10.10 -7.02
CA SER F 333 26.65 -9.44 -6.99
C SER F 333 27.62 -10.28 -6.18
N VAL F 334 28.88 -10.32 -6.61
CA VAL F 334 29.93 -11.10 -5.97
C VAL F 334 31.03 -10.11 -5.67
N GLY F 335 31.35 -9.93 -4.39
CA GLY F 335 32.33 -8.92 -4.01
C GLY F 335 32.57 -8.79 -2.53
N MET F 336 32.87 -7.57 -2.07
CA MET F 336 33.25 -7.29 -0.69
C MET F 336 32.13 -6.87 0.24
N PRO F 337 32.25 -7.22 1.57
CA PRO F 337 31.24 -6.78 2.54
C PRO F 337 30.94 -5.28 2.53
N GLU F 338 31.97 -4.42 2.42
CA GLU F 338 31.77 -2.95 2.42
C GLU F 338 30.88 -2.48 1.27
N ASP F 339 30.85 -3.23 0.15
CA ASP F 339 30.03 -2.88 -1.01
C ASP F 339 28.66 -3.58 -1.00
N ASP F 340 28.25 -4.18 0.14
CA ASP F 340 26.96 -4.86 0.31
C ASP F 340 26.70 -5.87 -0.79
N ALA F 341 27.72 -6.65 -1.16
CA ALA F 341 27.58 -7.69 -2.17
C ALA F 341 26.71 -8.82 -1.62
N ASP F 342 25.97 -9.49 -2.52
CA ASP F 342 25.13 -10.62 -2.14
C ASP F 342 26.03 -11.78 -1.73
N ILE F 343 27.06 -12.06 -2.54
CA ILE F 343 28.02 -13.13 -2.28
C ILE F 343 29.32 -12.48 -1.85
N THR F 344 29.67 -12.64 -0.57
CA THR F 344 30.90 -12.10 0.02
C THR F 344 31.90 -13.26 0.31
N PRO F 345 33.18 -12.96 0.63
CA PRO F 345 34.12 -14.04 0.94
C PRO F 345 33.68 -14.90 2.11
N LEU F 346 33.96 -16.20 2.03
CA LEU F 346 33.61 -17.12 3.10
C LEU F 346 34.44 -16.85 4.35
N ILE F 347 33.99 -17.42 5.48
CA ILE F 347 34.53 -17.12 6.79
C ILE F 347 36.03 -17.45 6.95
N ASP F 348 36.50 -18.52 6.31
CA ASP F 348 37.90 -18.92 6.34
C ASP F 348 38.22 -19.84 5.16
N THR F 349 39.52 -20.08 4.92
CA THR F 349 40.04 -20.89 3.81
C THR F 349 39.49 -22.28 3.85
N SER F 350 39.47 -22.89 5.05
CA SER F 350 38.96 -24.25 5.24
C SER F 350 37.50 -24.38 4.76
N ALA F 351 36.67 -23.37 5.03
CA ALA F 351 35.28 -23.35 4.61
C ALA F 351 35.18 -23.32 3.08
N ALA F 352 35.98 -22.46 2.41
CA ALA F 352 35.98 -22.38 0.96
C ALA F 352 36.56 -23.65 0.31
N ASP F 353 37.57 -24.27 0.92
CA ASP F 353 38.13 -25.52 0.42
C ASP F 353 37.07 -26.63 0.48
N PHE F 354 36.30 -26.67 1.59
CA PHE F 354 35.23 -27.67 1.77
C PHE F 354 34.14 -27.52 0.71
N VAL F 355 33.74 -26.28 0.42
CA VAL F 355 32.72 -25.99 -0.58
C VAL F 355 33.21 -26.37 -1.96
N GLU F 356 34.48 -26.06 -2.27
CA GLU F 356 35.07 -26.43 -3.55
C GLU F 356 35.09 -27.97 -3.73
N GLY F 357 35.31 -28.72 -2.66
CA GLY F 357 35.31 -30.18 -2.69
C GLY F 357 33.93 -30.75 -3.02
N LEU F 358 32.86 -30.13 -2.51
CA LEU F 358 31.49 -30.55 -2.81
C LEU F 358 31.14 -30.25 -4.27
N ILE F 359 31.61 -29.09 -4.78
CA ILE F 359 31.43 -28.68 -6.18
C ILE F 359 32.16 -29.68 -7.10
N LYS F 360 33.39 -30.08 -6.71
CA LYS F 360 34.16 -31.03 -7.47
C LYS F 360 33.48 -32.40 -7.52
N ASP F 361 33.01 -32.92 -6.36
CA ASP F 361 32.33 -34.21 -6.30
C ASP F 361 31.10 -34.24 -7.22
N ALA F 362 30.31 -33.15 -7.21
CA ALA F 362 29.11 -33.04 -8.05
C ALA F 362 29.48 -33.00 -9.53
N THR F 363 30.51 -32.22 -9.91
CA THR F 363 30.95 -32.16 -11.30
C THR F 363 31.45 -33.54 -11.77
N ASP F 364 32.29 -34.19 -10.96
CA ASP F 364 32.84 -35.50 -11.31
C ASP F 364 31.79 -36.59 -11.42
N LYS F 365 30.68 -36.46 -10.68
CA LYS F 365 29.59 -37.44 -10.75
C LYS F 365 28.51 -37.12 -11.81
N GLY F 366 28.75 -36.12 -12.66
CA GLY F 366 27.85 -35.80 -13.77
C GLY F 366 26.78 -34.74 -13.57
N ALA F 367 26.82 -33.96 -12.46
CA ALA F 367 25.82 -32.89 -12.28
C ALA F 367 26.11 -31.77 -13.29
N THR F 368 25.05 -31.07 -13.77
CA THR F 368 25.24 -30.01 -14.76
C THR F 368 25.33 -28.66 -14.03
N ALA F 369 26.47 -27.97 -14.17
CA ALA F 369 26.73 -26.67 -13.58
C ALA F 369 26.04 -25.60 -14.42
N LEU F 370 24.93 -25.04 -13.92
CA LEU F 370 24.20 -24.00 -14.64
C LEU F 370 24.84 -22.62 -14.53
N THR F 371 25.63 -22.37 -13.46
CA THR F 371 26.39 -21.15 -13.28
C THR F 371 27.81 -21.60 -12.94
N ALA F 372 28.82 -20.93 -13.52
CA ALA F 372 30.21 -21.35 -13.42
C ALA F 372 30.84 -21.17 -12.04
N PHE F 373 31.75 -22.09 -11.72
CA PHE F 373 32.51 -22.03 -10.49
C PHE F 373 33.74 -21.14 -10.70
N ASN F 374 33.92 -20.17 -9.83
CA ASN F 374 35.11 -19.30 -9.83
C ASN F 374 35.46 -19.02 -8.37
N ARG F 375 36.75 -18.97 -8.05
CA ARG F 375 37.19 -18.68 -6.70
C ARG F 375 38.36 -17.70 -6.74
N GLU F 376 38.27 -16.63 -5.95
CA GLU F 376 39.32 -15.61 -5.81
CA GLU F 376 39.33 -15.62 -5.82
C GLU F 376 39.56 -15.45 -4.33
N GLY F 377 40.60 -16.10 -3.80
CA GLY F 377 40.85 -16.10 -2.37
C GLY F 377 39.82 -17.03 -1.76
N ASN F 378 38.99 -16.54 -0.86
CA ASN F 378 37.87 -17.33 -0.31
C ASN F 378 36.51 -16.82 -0.84
N LEU F 379 36.51 -16.07 -1.98
CA LEU F 379 35.31 -15.57 -2.62
C LEU F 379 34.94 -16.53 -3.73
N ILE F 380 33.95 -17.40 -3.44
CA ILE F 380 33.45 -18.38 -4.40
C ILE F 380 32.22 -17.77 -5.07
N SER F 381 32.15 -17.83 -6.39
CA SER F 381 30.99 -17.35 -7.15
C SER F 381 29.84 -18.32 -6.90
N PRO F 382 28.57 -17.88 -7.01
CA PRO F 382 27.45 -18.80 -6.75
C PRO F 382 27.25 -19.88 -7.79
N VAL F 383 27.28 -21.14 -7.38
CA VAL F 383 27.17 -22.28 -8.28
C VAL F 383 25.82 -22.94 -8.14
N LEU F 384 25.12 -23.09 -9.26
CA LEU F 384 23.83 -23.75 -9.29
C LEU F 384 24.04 -25.06 -10.04
N PHE F 385 23.62 -26.18 -9.46
CA PHE F 385 23.78 -27.49 -10.08
C PHE F 385 22.39 -28.08 -10.35
N ASP F 386 22.21 -28.73 -11.48
CA ASP F 386 20.98 -29.43 -11.82
C ASP F 386 21.34 -30.89 -12.11
N HIS F 387 20.35 -31.75 -12.06
CA HIS F 387 20.55 -33.19 -12.23
C HIS F 387 21.45 -33.74 -11.11
N VAL F 388 21.25 -33.24 -9.87
CA VAL F 388 21.99 -33.72 -8.70
C VAL F 388 21.29 -34.99 -8.20
N THR F 389 22.05 -36.08 -8.03
CA THR F 389 21.52 -37.37 -7.61
C THR F 389 21.90 -37.60 -6.16
N THR F 390 21.24 -38.57 -5.51
CA THR F 390 21.51 -38.87 -4.11
C THR F 390 22.89 -39.51 -3.84
N ASP F 391 23.64 -39.88 -4.90
CA ASP F 391 24.98 -40.43 -4.73
C ASP F 391 26.05 -39.32 -4.57
N MET F 392 25.67 -38.03 -4.81
CA MET F 392 26.56 -36.89 -4.70
C MET F 392 26.53 -36.35 -3.29
N ARG F 393 27.70 -35.95 -2.76
CA ARG F 393 27.81 -35.39 -1.41
C ARG F 393 26.97 -34.12 -1.25
N LEU F 394 26.88 -33.30 -2.31
CA LEU F 394 26.13 -32.05 -2.30
C LEU F 394 24.62 -32.28 -2.06
N ALA F 395 24.10 -33.48 -2.30
CA ALA F 395 22.68 -33.78 -2.00
C ALA F 395 22.41 -33.81 -0.48
N TRP F 396 23.44 -34.13 0.33
CA TRP F 396 23.27 -34.33 1.77
C TRP F 396 24.06 -33.38 2.68
N GLU F 397 25.34 -33.13 2.38
CA GLU F 397 26.20 -32.34 3.25
C GLU F 397 25.94 -30.84 3.23
N GLU F 398 25.90 -30.23 4.44
CA GLU F 398 25.68 -28.78 4.58
C GLU F 398 26.97 -28.06 4.09
N PRO F 399 26.96 -27.30 2.95
CA PRO F 399 28.20 -26.66 2.51
C PRO F 399 28.66 -25.45 3.30
N PHE F 400 27.72 -24.57 3.69
CA PHE F 400 28.02 -23.26 4.28
C PHE F 400 28.83 -22.44 3.21
N GLY F 401 28.28 -22.45 2.00
CA GLY F 401 28.85 -21.81 0.81
C GLY F 401 27.82 -21.61 -0.27
N PRO F 402 28.12 -20.76 -1.29
CA PRO F 402 27.09 -20.43 -2.29
C PRO F 402 26.97 -21.47 -3.38
N VAL F 403 26.47 -22.64 -3.02
CA VAL F 403 26.25 -23.72 -3.96
C VAL F 403 24.89 -24.34 -3.64
N LEU F 404 24.06 -24.56 -4.67
CA LEU F 404 22.74 -25.10 -4.48
C LEU F 404 22.48 -26.22 -5.47
N PRO F 405 22.14 -27.43 -4.99
CA PRO F 405 21.77 -28.52 -5.91
C PRO F 405 20.27 -28.54 -6.23
N ILE F 406 19.91 -28.97 -7.45
CA ILE F 406 18.53 -29.19 -7.86
C ILE F 406 18.46 -30.69 -8.14
N ILE F 407 17.60 -31.38 -7.36
CA ILE F 407 17.33 -32.82 -7.42
C ILE F 407 15.94 -32.99 -8.00
N ARG F 408 15.81 -33.70 -9.12
CA ARG F 408 14.50 -33.95 -9.77
C ARG F 408 13.83 -35.19 -9.19
N VAL F 409 12.53 -35.11 -8.96
CA VAL F 409 11.72 -36.21 -8.40
C VAL F 409 10.50 -36.45 -9.29
N THR F 410 10.00 -37.68 -9.29
CA THR F 410 8.84 -38.08 -10.11
C THR F 410 7.53 -37.99 -9.34
N THR F 411 7.54 -38.22 -8.02
CA THR F 411 6.35 -38.19 -7.17
C THR F 411 6.59 -37.35 -5.91
N VAL F 412 5.50 -36.89 -5.24
CA VAL F 412 5.65 -36.15 -3.98
C VAL F 412 6.13 -37.10 -2.87
N GLU F 413 5.75 -38.41 -2.94
CA GLU F 413 6.22 -39.45 -2.01
C GLU F 413 7.76 -39.52 -2.05
N GLU F 414 8.34 -39.43 -3.26
CA GLU F 414 9.79 -39.45 -3.45
C GLU F 414 10.42 -38.19 -2.83
N ALA F 415 9.79 -37.01 -3.02
CA ALA F 415 10.29 -35.75 -2.45
C ALA F 415 10.31 -35.84 -0.91
N ILE F 416 9.24 -36.38 -0.29
CA ILE F 416 9.17 -36.56 1.17
C ILE F 416 10.24 -37.55 1.62
N LYS F 417 10.36 -38.69 0.94
CA LYS F 417 11.35 -39.71 1.27
C LYS F 417 12.78 -39.14 1.21
N ILE F 418 13.14 -38.41 0.13
CA ILE F 418 14.47 -37.83 -0.01
C ILE F 418 14.67 -36.75 1.04
N SER F 419 13.68 -35.90 1.27
CA SER F 419 13.77 -34.85 2.29
C SER F 419 14.06 -35.45 3.68
N ASN F 420 13.27 -36.49 4.10
CA ASN F 420 13.42 -37.17 5.39
C ASN F 420 14.66 -38.07 5.52
N GLU F 421 15.27 -38.50 4.38
CA GLU F 421 16.50 -39.32 4.44
C GLU F 421 17.68 -38.51 5.04
N SER F 422 17.60 -37.18 5.01
CA SER F 422 18.63 -36.31 5.58
C SER F 422 18.71 -36.48 7.10
N GLU F 423 19.92 -36.44 7.66
CA GLU F 423 20.12 -36.48 9.11
C GLU F 423 19.63 -35.16 9.77
N TYR F 424 19.48 -34.08 8.97
CA TYR F 424 19.02 -32.79 9.40
C TYR F 424 17.50 -32.66 9.24
N GLY F 425 16.91 -31.79 10.04
CA GLY F 425 15.49 -31.53 9.96
C GLY F 425 15.16 -30.19 10.57
N LEU F 426 15.75 -29.13 10.04
CA LEU F 426 15.54 -27.80 10.59
C LEU F 426 14.21 -27.23 10.07
N GLN F 427 14.16 -26.90 8.78
CA GLN F 427 12.96 -26.38 8.15
C GLN F 427 12.82 -26.92 6.73
N ALA F 428 11.65 -26.72 6.14
CA ALA F 428 11.37 -27.09 4.78
C ALA F 428 10.43 -26.04 4.17
N SER F 429 10.46 -25.92 2.85
CA SER F 429 9.61 -25.02 2.09
C SER F 429 8.81 -25.89 1.12
N ILE F 430 7.55 -25.52 0.89
CA ILE F 430 6.71 -26.24 -0.04
C ILE F 430 6.11 -25.17 -0.92
N PHE F 431 6.35 -25.24 -2.23
CA PHE F 431 5.80 -24.31 -3.21
C PHE F 431 4.73 -25.06 -4.00
N THR F 432 3.49 -24.65 -3.78
CA THR F 432 2.30 -25.26 -4.40
C THR F 432 1.09 -24.34 -4.25
N THR F 433 0.06 -24.51 -5.08
CA THR F 433 -1.20 -23.79 -4.91
C THR F 433 -2.25 -24.64 -4.16
N ASN F 434 -1.96 -25.92 -3.82
CA ASN F 434 -2.87 -26.80 -3.09
C ASN F 434 -2.44 -26.84 -1.61
N PHE F 435 -3.04 -25.97 -0.79
CA PHE F 435 -2.67 -25.86 0.63
CA PHE F 435 -2.71 -25.82 0.64
C PHE F 435 -3.12 -27.03 1.53
N PRO F 436 -4.32 -27.65 1.34
CA PRO F 436 -4.66 -28.83 2.17
C PRO F 436 -3.65 -29.97 1.95
N LYS F 437 -3.18 -30.14 0.69
CA LYS F 437 -2.17 -31.14 0.34
C LYS F 437 -0.82 -30.72 0.95
N ALA F 438 -0.47 -29.42 0.89
CA ALA F 438 0.77 -28.90 1.46
C ALA F 438 0.83 -29.17 2.97
N PHE F 439 -0.31 -29.05 3.66
CA PHE F 439 -0.40 -29.36 5.08
C PHE F 439 -0.21 -30.85 5.36
N GLY F 440 -0.73 -31.69 4.48
CA GLY F 440 -0.56 -33.14 4.58
C GLY F 440 0.89 -33.53 4.39
N ILE F 441 1.57 -32.88 3.44
CA ILE F 441 2.99 -33.09 3.18
C ILE F 441 3.79 -32.61 4.42
N ALA F 442 3.49 -31.39 4.93
CA ALA F 442 4.12 -30.81 6.11
C ALA F 442 4.09 -31.74 7.32
N GLU F 443 2.95 -32.42 7.55
CA GLU F 443 2.82 -33.38 8.63
C GLU F 443 3.82 -34.54 8.52
N GLN F 444 4.15 -34.96 7.28
CA GLN F 444 5.09 -36.04 7.01
C GLN F 444 6.57 -35.62 7.05
N LEU F 445 6.88 -34.33 6.86
CA LEU F 445 8.27 -33.85 6.84
C LEU F 445 8.81 -33.81 8.25
N GLU F 446 10.01 -34.35 8.47
CA GLU F 446 10.65 -34.43 9.77
C GLU F 446 11.50 -33.18 9.99
N VAL F 447 10.82 -32.06 10.21
CA VAL F 447 11.44 -30.74 10.39
C VAL F 447 10.71 -30.00 11.53
N GLY F 448 11.31 -28.92 12.02
CA GLY F 448 10.68 -28.09 13.04
C GLY F 448 9.60 -27.20 12.44
N THR F 449 9.93 -26.48 11.35
CA THR F 449 9.02 -25.53 10.69
C THR F 449 8.92 -25.81 9.19
N VAL F 450 7.72 -25.63 8.61
CA VAL F 450 7.48 -25.78 7.19
C VAL F 450 6.88 -24.44 6.72
N HIS F 451 7.52 -23.78 5.73
CA HIS F 451 7.05 -22.52 5.15
C HIS F 451 6.34 -22.83 3.86
N LEU F 452 5.09 -22.35 3.69
CA LEU F 452 4.33 -22.56 2.46
C LEU F 452 4.49 -21.35 1.55
N ASN F 453 4.99 -21.57 0.32
CA ASN F 453 5.20 -20.53 -0.68
C ASN F 453 6.11 -19.44 -0.19
N ASN F 454 7.16 -19.82 0.52
CA ASN F 454 8.15 -18.89 1.01
C ASN F 454 9.41 -19.63 1.43
N LYS F 455 10.55 -18.94 1.37
CA LYS F 455 11.82 -19.52 1.78
C LYS F 455 11.79 -19.83 3.28
N THR F 456 12.66 -20.77 3.69
CA THR F 456 12.80 -21.10 5.10
C THR F 456 13.46 -19.88 5.80
N GLN F 457 13.09 -19.63 7.04
CA GLN F 457 13.63 -18.51 7.81
C GLN F 457 13.33 -18.69 9.29
N ARG F 458 14.17 -18.14 10.13
CA ARG F 458 13.99 -18.21 11.58
C ARG F 458 12.79 -17.34 12.03
N GLY F 459 12.60 -16.21 11.38
CA GLY F 459 11.60 -15.23 11.75
C GLY F 459 10.14 -15.59 11.52
N THR F 460 9.22 -14.85 12.14
CA THR F 460 9.52 -13.78 13.13
C THR F 460 10.01 -14.41 14.43
N ASP F 461 10.81 -13.68 15.21
CA ASP F 461 11.45 -14.24 16.41
C ASP F 461 10.50 -14.64 17.54
N ASN F 462 9.22 -14.30 17.45
CA ASN F 462 8.23 -14.79 18.40
C ASN F 462 7.80 -16.26 18.06
N PHE F 463 7.97 -16.68 16.78
CA PHE F 463 7.61 -18.02 16.33
C PHE F 463 8.57 -19.09 16.84
N PRO F 464 8.10 -20.34 17.03
CA PRO F 464 9.05 -21.39 17.47
C PRO F 464 10.08 -21.65 16.41
N PHE F 465 11.30 -21.91 16.84
CA PHE F 465 12.41 -22.21 15.97
C PHE F 465 13.09 -23.44 16.56
N LEU F 466 12.99 -24.57 15.88
CA LEU F 466 13.55 -25.82 16.38
C LEU F 466 13.94 -26.72 15.21
N GLY F 467 14.73 -27.72 15.52
CA GLY F 467 15.16 -28.69 14.54
C GLY F 467 14.95 -30.10 15.03
N ALA F 468 14.44 -30.95 14.16
CA ALA F 468 14.27 -32.38 14.38
C ALA F 468 15.62 -33.09 14.09
N LYS F 469 15.76 -34.36 14.48
CA LYS F 469 16.95 -35.19 14.18
C LYS F 469 18.28 -34.48 14.62
N LYS F 470 19.34 -34.40 13.77
CA LYS F 470 20.61 -33.80 14.14
C LYS F 470 20.63 -32.27 14.03
N SER F 471 19.48 -31.61 13.75
CA SER F 471 19.45 -30.16 13.65
C SER F 471 19.34 -29.42 14.98
N GLY F 472 19.08 -30.13 16.07
CA GLY F 472 19.02 -29.48 17.36
C GLY F 472 18.35 -30.24 18.49
N ALA F 473 18.26 -29.55 19.62
CA ALA F 473 17.64 -30.01 20.87
C ALA F 473 16.95 -28.81 21.52
N GLY F 474 15.69 -28.97 21.87
CA GLY F 474 14.89 -27.90 22.46
C GLY F 474 14.23 -27.02 21.42
N VAL F 475 13.42 -26.06 21.87
CA VAL F 475 12.70 -25.15 20.99
C VAL F 475 13.07 -23.70 21.34
N GLN F 476 13.41 -22.91 20.34
CA GLN F 476 13.75 -21.51 20.49
C GLN F 476 12.57 -20.68 19.94
N GLY F 477 12.75 -19.39 19.71
CA GLY F 477 11.65 -18.48 19.55
C GLY F 477 11.58 -17.89 20.95
N VAL F 478 11.35 -16.58 21.04
CA VAL F 478 11.47 -15.87 22.31
C VAL F 478 10.75 -16.59 23.54
N LYS F 479 9.43 -16.83 23.51
CA LYS F 479 8.76 -17.45 24.67
C LYS F 479 9.23 -18.89 24.98
N TYR F 480 9.51 -19.69 23.95
CA TYR F 480 9.96 -21.07 24.13
C TYR F 480 11.34 -21.09 24.77
N SER F 481 12.22 -20.13 24.38
CA SER F 481 13.56 -19.99 24.96
C SER F 481 13.44 -19.70 26.46
N ILE F 482 12.52 -18.78 26.85
CA ILE F 482 12.30 -18.41 28.25
C ILE F 482 11.83 -19.65 29.02
N GLU F 483 10.86 -20.39 28.47
CA GLU F 483 10.36 -21.62 29.10
C GLU F 483 11.47 -22.64 29.26
N ALA F 484 12.33 -22.81 28.26
CA ALA F 484 13.42 -23.79 28.31
C ALA F 484 14.43 -23.47 29.42
N MET F 485 14.77 -22.19 29.62
CA MET F 485 15.74 -21.80 30.63
C MET F 485 15.11 -21.45 31.99
N THR F 486 13.96 -22.04 32.29
CA THR F 486 13.29 -21.91 33.57
C THR F 486 12.88 -23.30 34.03
N THR F 487 12.76 -23.45 35.32
CA THR F 487 12.28 -24.66 35.95
C THR F 487 11.01 -24.25 36.74
N VAL F 488 10.50 -25.17 37.54
CA VAL F 488 9.28 -25.01 38.27
C VAL F 488 9.56 -25.40 39.75
N LYS F 489 8.89 -24.67 40.67
CA LYS F 489 8.93 -24.88 42.12
C LYS F 489 7.47 -25.00 42.52
N SER F 490 7.09 -26.16 43.04
CA SER F 490 5.72 -26.42 43.45
C SER F 490 5.61 -26.32 44.95
N VAL F 491 4.62 -25.56 45.46
CA VAL F 491 4.38 -25.49 46.91
C VAL F 491 2.98 -26.07 47.13
N VAL F 492 2.93 -27.20 47.85
CA VAL F 492 1.70 -27.95 48.06
C VAL F 492 1.24 -27.88 49.53
N PHE F 493 -0.05 -27.56 49.74
CA PHE F 493 -0.65 -27.49 51.07
C PHE F 493 -2.14 -27.87 51.00
N ASP F 494 -2.73 -28.24 52.15
CA ASP F 494 -4.13 -28.60 52.23
C ASP F 494 -4.89 -27.44 52.83
N ILE F 495 -6.04 -27.13 52.21
CA ILE F 495 -6.97 -26.08 52.62
C ILE F 495 -7.78 -26.70 53.75
N GLN F 496 -7.97 -25.98 54.87
CA GLN F 496 -8.71 -26.47 56.04
C GLN F 496 -9.93 -25.59 56.23
N MET G 22 -51.50 -44.87 24.30
CA MET G 22 -50.45 -45.07 25.30
C MET G 22 -49.53 -43.85 25.41
N ALA G 23 -50.16 -42.68 25.64
CA ALA G 23 -49.50 -41.39 25.81
C ALA G 23 -49.31 -41.16 27.34
N LYS G 24 -48.04 -41.19 27.82
CA LYS G 24 -47.73 -41.10 29.23
C LYS G 24 -47.96 -39.67 29.76
N GLN G 25 -48.15 -39.55 31.08
CA GLN G 25 -48.24 -38.28 31.78
C GLN G 25 -46.84 -38.02 32.41
N TYR G 26 -46.05 -37.13 31.80
CA TYR G 26 -44.69 -36.86 32.27
C TYR G 26 -44.66 -35.90 33.45
N LYS G 27 -43.57 -35.97 34.22
CA LYS G 27 -43.37 -35.20 35.45
C LYS G 27 -42.04 -34.46 35.41
N ASN G 28 -41.93 -33.37 36.14
CA ASN G 28 -40.69 -32.61 36.23
C ASN G 28 -39.81 -33.13 37.38
N LEU G 29 -38.48 -33.06 37.23
CA LEU G 29 -37.57 -33.47 38.31
C LEU G 29 -37.36 -32.24 39.17
N VAL G 30 -37.77 -32.26 40.43
CA VAL G 30 -37.67 -31.13 41.34
C VAL G 30 -37.13 -31.66 42.67
N ASN G 31 -35.87 -31.34 42.98
CA ASN G 31 -35.25 -31.74 44.23
C ASN G 31 -35.26 -33.24 44.45
N GLY G 32 -34.82 -33.98 43.42
CA GLY G 32 -34.76 -35.43 43.48
C GLY G 32 -36.09 -36.16 43.51
N GLU G 33 -37.20 -35.46 43.20
CA GLU G 33 -38.54 -36.07 43.16
C GLU G 33 -39.18 -35.78 41.81
N TRP G 34 -40.16 -36.60 41.41
CA TRP G 34 -40.89 -36.38 40.18
C TRP G 34 -42.20 -35.70 40.53
N LYS G 35 -42.51 -34.59 39.88
CA LYS G 35 -43.70 -33.82 40.20
C LYS G 35 -44.62 -33.49 39.04
N LEU G 36 -45.93 -33.72 39.24
CA LEU G 36 -46.98 -33.29 38.33
C LEU G 36 -47.37 -31.86 38.79
N SER G 37 -48.11 -31.14 37.96
CA SER G 37 -48.71 -29.86 38.32
C SER G 37 -50.24 -30.04 38.17
N GLU G 38 -51.04 -29.07 38.67
CA GLU G 38 -52.48 -29.19 38.59
CA GLU G 38 -52.48 -29.16 38.58
C GLU G 38 -52.92 -29.15 37.13
N ASN G 39 -52.27 -28.31 36.30
CA ASN G 39 -52.56 -28.23 34.87
C ASN G 39 -51.41 -28.87 34.08
N GLU G 40 -51.68 -29.29 32.85
CA GLU G 40 -50.70 -29.92 31.98
C GLU G 40 -50.87 -29.47 30.51
N ILE G 41 -49.85 -29.72 29.68
CA ILE G 41 -49.86 -29.39 28.26
C ILE G 41 -49.74 -30.69 27.49
N THR G 42 -50.73 -31.05 26.64
CA THR G 42 -50.64 -32.24 25.81
C THR G 42 -49.78 -31.92 24.59
N ILE G 43 -48.86 -32.83 24.28
CA ILE G 43 -47.95 -32.68 23.15
C ILE G 43 -48.37 -33.66 22.08
N TYR G 44 -48.41 -33.17 20.84
CA TYR G 44 -48.78 -33.94 19.67
C TYR G 44 -47.62 -34.00 18.69
N ALA G 45 -47.56 -35.08 17.90
CA ALA G 45 -46.53 -35.25 16.90
C ALA G 45 -46.80 -34.26 15.76
N PRO G 46 -45.89 -33.30 15.41
CA PRO G 46 -46.17 -32.39 14.30
C PRO G 46 -46.44 -33.05 12.94
N ALA G 47 -45.89 -34.25 12.70
CA ALA G 47 -46.08 -34.93 11.43
C ALA G 47 -47.43 -35.59 11.25
N THR G 48 -48.00 -36.20 12.32
CA THR G 48 -49.23 -37.01 12.29
C THR G 48 -50.37 -36.54 13.17
N GLY G 49 -50.10 -35.69 14.16
CA GLY G 49 -51.11 -35.26 15.11
C GLY G 49 -51.32 -36.25 16.26
N GLU G 50 -50.52 -37.32 16.33
CA GLU G 50 -50.61 -38.33 17.39
C GLU G 50 -50.33 -37.73 18.76
N GLU G 51 -51.15 -38.04 19.77
CA GLU G 51 -50.92 -37.59 21.13
C GLU G 51 -49.74 -38.38 21.70
N LEU G 52 -48.69 -37.69 22.17
CA LEU G 52 -47.49 -38.35 22.72
C LEU G 52 -47.44 -38.38 24.25
N GLY G 53 -48.22 -37.54 24.88
CA GLY G 53 -48.27 -37.44 26.33
C GLY G 53 -48.46 -36.00 26.75
N SER G 54 -48.29 -35.75 28.04
CA SER G 54 -48.44 -34.41 28.57
C SER G 54 -47.29 -34.08 29.49
N VAL G 55 -46.99 -32.79 29.63
CA VAL G 55 -45.96 -32.32 30.55
C VAL G 55 -46.61 -31.34 31.52
N PRO G 56 -46.09 -31.20 32.75
CA PRO G 56 -46.73 -30.26 33.69
C PRO G 56 -46.74 -28.82 33.19
N ALA G 57 -47.77 -28.07 33.58
CA ALA G 57 -47.86 -26.64 33.27
C ALA G 57 -47.55 -25.93 34.59
N MET G 58 -46.27 -25.84 34.93
CA MET G 58 -45.87 -25.27 36.21
C MET G 58 -46.35 -23.83 36.42
N THR G 59 -46.61 -23.49 37.70
CA THR G 59 -46.97 -22.14 38.14
C THR G 59 -45.66 -21.43 38.56
N GLN G 60 -45.73 -20.11 38.83
CA GLN G 60 -44.56 -19.35 39.29
C GLN G 60 -44.09 -19.84 40.66
N ALA G 61 -45.03 -20.24 41.53
CA ALA G 61 -44.70 -20.77 42.86
C ALA G 61 -43.92 -22.12 42.74
N GLU G 62 -44.24 -22.92 41.71
CA GLU G 62 -43.52 -24.18 41.47
C GLU G 62 -42.14 -23.94 40.88
N VAL G 63 -41.97 -22.83 40.10
CA VAL G 63 -40.66 -22.39 39.59
C VAL G 63 -39.83 -21.94 40.80
N ASP G 64 -40.43 -21.20 41.76
CA ASP G 64 -39.76 -20.78 42.99
C ASP G 64 -39.21 -22.00 43.77
N ALA G 65 -40.00 -23.10 43.87
CA ALA G 65 -39.59 -24.32 44.55
C ALA G 65 -38.38 -24.97 43.86
N VAL G 66 -38.34 -24.95 42.52
CA VAL G 66 -37.24 -25.49 41.74
C VAL G 66 -35.96 -24.72 42.07
N TYR G 67 -36.04 -23.37 42.04
CA TYR G 67 -34.89 -22.53 42.29
C TYR G 67 -34.43 -22.56 43.75
N ALA G 68 -35.38 -22.67 44.69
CA ALA G 68 -35.02 -22.79 46.11
C ALA G 68 -34.27 -24.11 46.35
N SER G 69 -34.72 -25.21 45.70
CA SER G 69 -34.07 -26.52 45.78
C SER G 69 -32.65 -26.47 45.24
N ALA G 70 -32.47 -25.78 44.10
CA ALA G 70 -31.18 -25.67 43.43
C ALA G 70 -30.20 -24.85 44.25
N LYS G 71 -30.61 -23.67 44.77
CA LYS G 71 -29.71 -22.87 45.61
C LYS G 71 -29.34 -23.60 46.89
N LYS G 72 -30.25 -24.41 47.45
CA LYS G 72 -29.94 -25.20 48.65
C LYS G 72 -28.93 -26.31 48.33
N ALA G 73 -29.07 -26.96 47.16
CA ALA G 73 -28.17 -28.01 46.75
C ALA G 73 -26.78 -27.50 46.31
N LEU G 74 -26.65 -26.21 46.00
CA LEU G 74 -25.42 -25.64 45.48
C LEU G 74 -24.19 -25.82 46.39
N SER G 75 -24.31 -25.55 47.69
CA SER G 75 -23.17 -25.65 48.62
C SER G 75 -22.54 -27.05 48.69
N ASP G 76 -23.34 -28.11 48.79
CA ASP G 76 -22.80 -29.47 48.84
C ASP G 76 -22.29 -29.94 47.48
N TRP G 77 -22.81 -29.39 46.37
CA TRP G 77 -22.39 -29.78 45.02
C TRP G 77 -21.06 -29.15 44.65
N ARG G 78 -20.91 -27.84 44.89
CA ARG G 78 -19.68 -27.14 44.55
C ARG G 78 -18.50 -27.62 45.43
N THR G 79 -18.75 -28.13 46.66
CA THR G 79 -17.67 -28.63 47.54
C THR G 79 -17.24 -30.08 47.20
N LEU G 80 -18.01 -30.79 46.35
CA LEU G 80 -17.58 -32.12 45.88
C LEU G 80 -16.33 -31.93 45.02
N SER G 81 -15.52 -32.99 44.87
CA SER G 81 -14.36 -32.94 44.01
C SER G 81 -14.83 -32.94 42.54
N TYR G 82 -13.95 -32.53 41.63
CA TYR G 82 -14.24 -32.58 40.20
C TYR G 82 -14.47 -34.01 39.74
N VAL G 83 -13.68 -34.98 40.29
CA VAL G 83 -13.82 -36.39 39.99
C VAL G 83 -15.21 -36.91 40.32
N GLU G 84 -15.76 -36.52 41.49
CA GLU G 84 -17.08 -36.99 41.89
C GLU G 84 -18.14 -36.44 40.95
N ARG G 85 -18.05 -35.15 40.58
CA ARG G 85 -19.01 -34.54 39.66
C ARG G 85 -18.91 -35.17 38.27
N ALA G 86 -17.70 -35.47 37.79
CA ALA G 86 -17.48 -36.13 36.50
C ALA G 86 -18.08 -37.52 36.45
N ALA G 87 -18.02 -38.28 37.57
CA ALA G 87 -18.59 -39.63 37.66
C ALA G 87 -20.10 -39.64 37.40
N TYR G 88 -20.83 -38.64 37.91
CA TYR G 88 -22.28 -38.54 37.66
C TYR G 88 -22.56 -38.29 36.19
N LEU G 89 -21.79 -37.40 35.55
CA LEU G 89 -21.94 -37.09 34.13
C LEU G 89 -21.67 -38.30 33.26
N HIS G 90 -20.61 -39.06 33.57
CA HIS G 90 -20.30 -40.29 32.83
C HIS G 90 -21.43 -41.32 32.96
N LYS G 91 -21.97 -41.49 34.18
CA LYS G 91 -23.07 -42.41 34.43
C LYS G 91 -24.35 -41.99 33.62
N ALA G 92 -24.68 -40.69 33.61
CA ALA G 92 -25.83 -40.20 32.84
C ALA G 92 -25.65 -40.44 31.34
N ALA G 93 -24.44 -40.22 30.80
CA ALA G 93 -24.14 -40.43 29.39
C ALA G 93 -24.28 -41.92 29.01
N ASP G 94 -23.86 -42.84 29.91
CA ASP G 94 -24.00 -44.29 29.68
C ASP G 94 -25.47 -44.69 29.60
N ILE G 95 -26.31 -44.12 30.46
CA ILE G 95 -27.74 -44.39 30.46
C ILE G 95 -28.35 -43.88 29.15
N LEU G 96 -27.90 -42.71 28.65
CA LEU G 96 -28.41 -42.18 27.39
C LEU G 96 -28.06 -43.11 26.23
N VAL G 97 -26.83 -43.65 26.19
CA VAL G 97 -26.42 -44.57 25.13
C VAL G 97 -27.29 -45.82 25.19
N ARG G 98 -27.51 -46.36 26.39
CA ARG G 98 -28.34 -47.55 26.59
C ARG G 98 -29.77 -47.31 26.06
N ASP G 99 -30.39 -46.17 26.43
CA ASP G 99 -31.74 -45.84 26.01
C ASP G 99 -31.82 -44.94 24.78
N ALA G 100 -30.79 -44.90 23.92
CA ALA G 100 -30.82 -44.04 22.74
C ALA G 100 -32.00 -44.34 21.78
N GLU G 101 -32.34 -45.64 21.58
CA GLU G 101 -33.44 -46.01 20.70
C GLU G 101 -34.78 -45.60 21.32
N LYS G 102 -34.95 -45.86 22.63
CA LYS G 102 -36.18 -45.52 23.35
C LYS G 102 -36.39 -43.98 23.36
N ILE G 103 -35.32 -43.21 23.62
CA ILE G 103 -35.44 -41.76 23.67
C ILE G 103 -35.62 -41.21 22.26
N GLY G 104 -34.77 -41.66 21.34
CA GLY G 104 -34.77 -41.24 19.95
C GLY G 104 -36.09 -41.48 19.27
N ALA G 105 -36.75 -42.60 19.58
CA ALA G 105 -38.07 -42.92 19.02
C ALA G 105 -39.12 -41.86 19.42
N ILE G 106 -39.07 -41.35 20.66
CA ILE G 106 -40.03 -40.33 21.12
C ILE G 106 -39.64 -38.93 20.60
N LEU G 107 -38.36 -38.61 20.67
CA LEU G 107 -37.80 -37.36 20.13
C LEU G 107 -38.16 -37.17 18.65
N SER G 108 -38.07 -38.24 17.87
CA SER G 108 -38.45 -38.22 16.47
C SER G 108 -39.93 -37.78 16.28
N LYS G 109 -40.89 -38.41 17.00
CA LYS G 109 -42.30 -38.03 16.86
C LYS G 109 -42.53 -36.63 17.40
N GLU G 110 -41.90 -36.30 18.52
CA GLU G 110 -42.10 -35.03 19.16
C GLU G 110 -41.81 -33.83 18.26
N VAL G 111 -40.69 -33.84 17.52
CA VAL G 111 -40.30 -32.70 16.70
C VAL G 111 -40.16 -33.03 15.20
N ALA G 112 -40.77 -34.13 14.72
CA ALA G 112 -40.76 -34.58 13.32
C ALA G 112 -39.39 -34.57 12.69
N LYS G 113 -38.43 -35.14 13.43
CA LYS G 113 -37.07 -35.37 13.02
C LYS G 113 -37.02 -36.83 12.63
N GLY G 114 -36.26 -37.17 11.60
CA GLY G 114 -36.10 -38.57 11.16
C GLY G 114 -35.71 -39.49 12.29
N HIS G 115 -36.28 -40.71 12.34
CA HIS G 115 -36.00 -41.64 13.44
C HIS G 115 -34.49 -41.87 13.69
N LYS G 116 -33.71 -42.14 12.63
CA LYS G 116 -32.26 -42.37 12.75
C LYS G 116 -31.51 -41.11 13.19
N ALA G 117 -31.92 -39.93 12.67
CA ALA G 117 -31.31 -38.65 13.04
C ALA G 117 -31.61 -38.33 14.51
N ALA G 118 -32.79 -38.68 15.01
CA ALA G 118 -33.17 -38.46 16.41
C ALA G 118 -32.36 -39.37 17.36
N VAL G 119 -32.13 -40.64 16.97
CA VAL G 119 -31.30 -41.55 17.76
C VAL G 119 -29.86 -41.02 17.77
N SER G 120 -29.36 -40.51 16.62
CA SER G 120 -28.01 -39.95 16.52
C SER G 120 -27.85 -38.77 17.44
N GLU G 121 -28.89 -37.92 17.56
CA GLU G 121 -28.86 -36.78 18.46
C GLU G 121 -28.63 -37.20 19.91
N VAL G 122 -29.29 -38.28 20.36
CA VAL G 122 -29.14 -38.77 21.73
C VAL G 122 -27.69 -39.31 21.93
N ILE G 123 -27.13 -39.99 20.92
CA ILE G 123 -25.75 -40.50 21.00
C ILE G 123 -24.76 -39.33 21.04
N ARG G 124 -24.99 -38.27 20.23
CA ARG G 124 -24.13 -37.10 20.22
C ARG G 124 -24.19 -36.37 21.58
N THR G 125 -25.35 -36.37 22.25
CA THR G 125 -25.52 -35.75 23.56
C THR G 125 -24.63 -36.48 24.57
N ALA G 126 -24.66 -37.83 24.56
CA ALA G 126 -23.83 -38.65 25.46
C ALA G 126 -22.32 -38.32 25.26
N GLU G 127 -21.89 -38.13 23.98
CA GLU G 127 -20.52 -37.78 23.64
C GLU G 127 -20.10 -36.43 24.23
N ILE G 128 -20.99 -35.43 24.15
CA ILE G 128 -20.76 -34.09 24.68
C ILE G 128 -20.71 -34.13 26.19
N ILE G 129 -21.60 -34.92 26.84
CA ILE G 129 -21.60 -35.04 28.30
C ILE G 129 -20.29 -35.64 28.80
N ASN G 130 -19.83 -36.71 28.15
CA ASN G 130 -18.56 -37.34 28.51
C ASN G 130 -17.37 -36.38 28.28
N TYR G 131 -17.37 -35.67 27.15
CA TYR G 131 -16.27 -34.77 26.83
C TYR G 131 -16.22 -33.60 27.84
N ALA G 132 -17.38 -33.02 28.20
CA ALA G 132 -17.46 -31.94 29.19
C ALA G 132 -17.02 -32.40 30.57
N ALA G 133 -17.37 -33.63 30.97
CA ALA G 133 -16.96 -34.17 32.28
C ALA G 133 -15.43 -34.24 32.37
N GLU G 134 -14.76 -34.72 31.29
CA GLU G 134 -13.30 -34.81 31.30
C GLU G 134 -12.59 -33.46 31.04
N GLU G 135 -13.23 -32.55 30.31
CA GLU G 135 -12.65 -31.23 30.04
C GLU G 135 -12.68 -30.39 31.32
N GLY G 136 -13.83 -30.41 32.00
CA GLY G 136 -14.04 -29.64 33.19
C GLY G 136 -13.22 -30.08 34.38
N LEU G 137 -12.94 -31.39 34.52
CA LEU G 137 -12.18 -31.85 35.68
C LEU G 137 -10.73 -31.42 35.63
N ARG G 138 -10.17 -31.06 34.44
CA ARG G 138 -8.79 -30.58 34.31
C ARG G 138 -8.73 -29.06 34.42
N MET G 139 -9.66 -28.46 35.18
CA MET G 139 -9.72 -27.02 35.32
C MET G 139 -8.51 -26.55 36.11
N GLU G 140 -7.79 -25.58 35.57
CA GLU G 140 -6.59 -25.06 36.21
C GLU G 140 -6.72 -23.60 36.50
N GLY G 141 -5.98 -23.16 37.50
CA GLY G 141 -5.89 -21.77 37.87
C GLY G 141 -4.56 -21.20 37.45
N GLU G 142 -4.28 -19.98 37.89
CA GLU G 142 -3.06 -19.30 37.57
C GLU G 142 -2.47 -18.61 38.77
N VAL G 143 -1.15 -18.46 38.77
CA VAL G 143 -0.43 -17.78 39.84
C VAL G 143 0.19 -16.59 39.14
N LEU G 144 -0.17 -15.39 39.55
CA LEU G 144 0.35 -14.17 38.95
C LEU G 144 1.33 -13.51 39.91
N GLU G 145 2.35 -12.88 39.36
CA GLU G 145 3.40 -12.24 40.11
C GLU G 145 3.17 -10.73 40.18
N GLY G 146 3.20 -10.16 41.38
CA GLY G 146 3.10 -8.72 41.54
C GLY G 146 4.28 -8.02 40.92
N GLY G 147 5.45 -8.67 40.95
CA GLY G 147 6.70 -8.19 40.36
C GLY G 147 6.69 -8.07 38.85
N SER G 148 5.68 -8.64 38.16
CA SER G 148 5.49 -8.46 36.73
C SER G 148 5.07 -7.00 36.45
N PHE G 149 4.36 -6.35 37.39
CA PHE G 149 3.83 -5.01 37.20
C PHE G 149 4.64 -3.95 37.93
N GLU G 150 5.02 -4.20 39.20
CA GLU G 150 5.81 -3.22 39.95
C GLU G 150 6.75 -3.90 40.95
N ALA G 151 7.96 -3.35 41.08
CA ALA G 151 9.01 -3.87 41.96
C ALA G 151 8.61 -3.94 43.42
N ALA G 152 7.88 -2.94 43.92
CA ALA G 152 7.45 -2.94 45.33
C ALA G 152 6.53 -4.13 45.69
N SER G 153 5.78 -4.70 44.74
CA SER G 153 4.89 -5.84 45.00
C SER G 153 5.52 -7.17 44.56
N LYS G 154 6.85 -7.24 44.43
CA LYS G 154 7.53 -8.42 43.94
C LYS G 154 7.27 -9.68 44.77
N LYS G 155 7.01 -9.55 46.09
CA LYS G 155 6.70 -10.69 46.97
C LYS G 155 5.21 -11.03 47.04
N LYS G 156 4.35 -10.29 46.33
CA LYS G 156 2.91 -10.47 46.30
C LYS G 156 2.50 -11.38 45.15
N ILE G 157 1.74 -12.43 45.43
CA ILE G 157 1.25 -13.34 44.38
C ILE G 157 -0.25 -13.51 44.49
N ALA G 158 -0.91 -13.80 43.35
CA ALA G 158 -2.34 -14.04 43.30
C ALA G 158 -2.56 -15.49 42.90
N ILE G 159 -3.24 -16.28 43.76
CA ILE G 159 -3.63 -17.66 43.47
C ILE G 159 -5.05 -17.50 42.91
N VAL G 160 -5.18 -17.57 41.59
CA VAL G 160 -6.46 -17.39 40.90
C VAL G 160 -7.07 -18.77 40.56
N ARG G 161 -8.24 -19.09 41.10
CA ARG G 161 -8.90 -20.37 40.86
C ARG G 161 -10.31 -20.14 40.29
N ARG G 162 -10.82 -21.14 39.57
CA ARG G 162 -12.15 -21.09 38.97
C ARG G 162 -13.22 -21.48 40.02
N GLU G 163 -14.41 -20.90 39.89
CA GLU G 163 -15.56 -21.21 40.75
C GLU G 163 -16.83 -21.22 39.91
N PRO G 164 -17.88 -21.96 40.33
CA PRO G 164 -19.15 -21.90 39.57
C PRO G 164 -19.81 -20.51 39.69
N VAL G 165 -20.64 -20.15 38.71
CA VAL G 165 -21.42 -18.90 38.77
C VAL G 165 -22.62 -19.05 39.74
N GLY G 166 -23.13 -20.28 39.92
CA GLY G 166 -24.22 -20.60 40.82
C GLY G 166 -25.29 -21.43 40.15
N LEU G 167 -26.48 -20.86 39.95
CA LEU G 167 -27.60 -21.53 39.30
C LEU G 167 -27.63 -21.10 37.82
N VAL G 168 -27.56 -22.09 36.92
CA VAL G 168 -27.64 -21.87 35.49
C VAL G 168 -29.04 -22.27 35.04
N LEU G 169 -29.73 -21.38 34.30
CA LEU G 169 -31.01 -21.70 33.68
C LEU G 169 -30.60 -22.05 32.25
N ALA G 170 -30.86 -23.30 31.82
CA ALA G 170 -30.56 -23.77 30.48
C ALA G 170 -31.89 -23.88 29.72
N ILE G 171 -31.99 -23.23 28.55
CA ILE G 171 -33.21 -23.23 27.74
C ILE G 171 -32.85 -23.86 26.39
N SER G 172 -33.32 -25.09 26.15
CA SER G 172 -32.99 -25.80 24.91
C SER G 172 -33.97 -25.48 23.79
N PRO G 173 -33.60 -25.67 22.50
CA PRO G 173 -34.52 -25.35 21.40
C PRO G 173 -35.29 -26.58 20.92
N PHE G 174 -36.34 -26.37 20.12
CA PHE G 174 -37.16 -27.50 19.62
C PHE G 174 -36.35 -28.40 18.67
N ASN G 175 -35.44 -27.83 17.87
CA ASN G 175 -34.74 -28.60 16.84
C ASN G 175 -33.69 -29.54 17.39
N TYR G 176 -33.12 -29.28 18.58
CA TYR G 176 -32.14 -30.14 19.26
C TYR G 176 -32.48 -30.13 20.74
N PRO G 177 -33.63 -30.71 21.12
CA PRO G 177 -34.08 -30.61 22.51
C PRO G 177 -33.29 -31.45 23.51
N VAL G 178 -32.54 -32.45 23.05
CA VAL G 178 -31.71 -33.28 23.92
C VAL G 178 -30.26 -32.80 23.80
N ASN G 179 -29.77 -32.68 22.57
CA ASN G 179 -28.39 -32.29 22.30
C ASN G 179 -28.07 -30.87 22.79
N LEU G 180 -28.94 -29.88 22.50
CA LEU G 180 -28.68 -28.52 22.97
C LEU G 180 -29.30 -28.23 24.35
N ALA G 181 -29.59 -29.30 25.13
CA ALA G 181 -29.90 -29.27 26.55
C ALA G 181 -28.60 -29.82 27.23
N GLY G 182 -28.09 -30.98 26.78
CA GLY G 182 -26.86 -31.59 27.29
C GLY G 182 -25.63 -30.74 27.11
N SER G 183 -25.55 -30.01 25.99
CA SER G 183 -24.43 -29.11 25.71
C SER G 183 -24.37 -27.91 26.70
N LYS G 184 -25.46 -27.67 27.46
CA LYS G 184 -25.55 -26.60 28.46
C LYS G 184 -25.42 -27.21 29.86
N ILE G 185 -26.15 -28.32 30.10
CA ILE G 185 -26.17 -28.99 31.39
C ILE G 185 -24.78 -29.56 31.83
N ALA G 186 -24.14 -30.42 31.01
CA ALA G 186 -22.88 -31.04 31.43
C ALA G 186 -21.74 -30.03 31.70
N PRO G 187 -21.49 -29.04 30.81
CA PRO G 187 -20.46 -28.02 31.12
C PRO G 187 -20.75 -27.21 32.39
N ALA G 188 -22.03 -26.94 32.68
CA ALA G 188 -22.42 -26.21 33.90
C ALA G 188 -22.21 -27.11 35.13
N LEU G 189 -22.66 -28.37 35.06
CA LEU G 189 -22.56 -29.29 36.19
C LEU G 189 -21.12 -29.63 36.60
N ILE G 190 -20.22 -29.88 35.63
CA ILE G 190 -18.83 -30.23 35.98
C ILE G 190 -18.12 -29.10 36.74
N ALA G 191 -18.43 -27.86 36.37
CA ALA G 191 -17.86 -26.68 37.01
C ALA G 191 -18.36 -26.41 38.45
N GLY G 192 -19.36 -27.16 38.92
CA GLY G 192 -19.92 -27.00 40.26
C GLY G 192 -21.20 -26.19 40.29
N ASN G 193 -21.79 -25.86 39.13
CA ASN G 193 -23.06 -25.14 39.08
C ASN G 193 -24.21 -26.11 39.24
N VAL G 194 -25.36 -25.58 39.68
CA VAL G 194 -26.62 -26.32 39.74
C VAL G 194 -27.43 -25.82 38.52
N VAL G 195 -28.31 -26.67 38.00
CA VAL G 195 -29.00 -26.37 36.75
C VAL G 195 -30.50 -26.60 36.85
N ALA G 196 -31.25 -25.77 36.09
CA ALA G 196 -32.67 -25.91 35.87
C ALA G 196 -32.79 -25.91 34.33
N LEU G 197 -33.31 -26.99 33.76
CA LEU G 197 -33.52 -27.10 32.34
C LEU G 197 -34.96 -26.70 32.05
N LYS G 198 -35.14 -25.73 31.15
CA LYS G 198 -36.47 -25.35 30.66
C LYS G 198 -36.46 -25.78 29.21
N PRO G 199 -36.99 -26.97 28.88
CA PRO G 199 -37.05 -27.34 27.46
C PRO G 199 -38.19 -26.59 26.77
N PRO G 200 -38.18 -26.55 25.43
CA PRO G 200 -39.32 -25.96 24.72
C PRO G 200 -40.54 -26.86 24.93
N THR G 201 -41.77 -26.32 24.81
CA THR G 201 -42.98 -27.13 24.99
C THR G 201 -42.99 -28.26 23.93
N GLN G 202 -42.67 -27.94 22.68
CA GLN G 202 -42.54 -28.94 21.64
C GLN G 202 -41.08 -29.40 21.75
N GLY G 203 -40.87 -30.37 22.62
CA GLY G 203 -39.56 -30.92 22.98
C GLY G 203 -39.40 -31.10 24.49
N SER G 204 -40.49 -30.88 25.30
CA SER G 204 -40.44 -31.06 26.75
C SER G 204 -40.41 -32.52 27.16
N ILE G 205 -41.04 -33.43 26.39
CA ILE G 205 -40.98 -34.86 26.70
C ILE G 205 -39.53 -35.34 26.58
N SER G 206 -38.84 -34.94 25.51
CA SER G 206 -37.44 -35.30 25.29
C SER G 206 -36.53 -34.74 26.39
N GLY G 207 -36.75 -33.50 26.80
CA GLY G 207 -35.99 -32.88 27.87
C GLY G 207 -36.22 -33.57 29.20
N LEU G 208 -37.46 -34.08 29.43
CA LEU G 208 -37.76 -34.84 30.65
C LEU G 208 -37.18 -36.26 30.58
N LEU G 209 -37.08 -36.86 29.38
CA LEU G 209 -36.43 -38.15 29.21
C LEU G 209 -34.93 -38.00 29.48
N LEU G 210 -34.32 -36.88 29.05
CA LEU G 210 -32.92 -36.57 29.34
C LEU G 210 -32.75 -36.43 30.85
N ALA G 211 -33.68 -35.78 31.53
CA ALA G 211 -33.64 -35.63 32.99
C ALA G 211 -33.76 -36.96 33.73
N GLU G 212 -34.54 -37.91 33.21
CA GLU G 212 -34.64 -39.24 33.80
C GLU G 212 -33.27 -39.95 33.79
N ALA G 213 -32.42 -39.70 32.77
CA ALA G 213 -31.08 -40.30 32.72
C ALA G 213 -30.18 -39.73 33.82
N PHE G 214 -30.26 -38.41 34.07
CA PHE G 214 -29.47 -37.79 35.13
C PHE G 214 -29.97 -38.23 36.52
N ALA G 215 -31.30 -38.39 36.68
CA ALA G 215 -31.89 -38.87 37.93
C ALA G 215 -31.47 -40.32 38.18
N GLU G 216 -31.51 -41.19 37.15
CA GLU G 216 -31.08 -42.58 37.29
C GLU G 216 -29.57 -42.66 37.60
N ALA G 217 -28.76 -41.73 37.06
CA ALA G 217 -27.33 -41.64 37.38
C ALA G 217 -27.08 -41.26 38.86
N GLY G 218 -28.13 -40.88 39.60
CA GLY G 218 -28.03 -40.54 41.00
C GLY G 218 -27.59 -39.11 41.25
N ILE G 219 -27.87 -38.17 40.29
CA ILE G 219 -27.50 -36.76 40.46
C ILE G 219 -28.13 -36.24 41.78
N PRO G 220 -27.38 -35.63 42.72
CA PRO G 220 -28.00 -35.23 43.99
C PRO G 220 -29.23 -34.36 43.85
N ALA G 221 -30.17 -34.47 44.80
CA ALA G 221 -31.44 -33.75 44.77
C ALA G 221 -31.19 -32.22 44.70
N GLY G 222 -31.84 -31.54 43.76
CA GLY G 222 -31.73 -30.11 43.57
C GLY G 222 -30.59 -29.69 42.65
N VAL G 223 -29.61 -30.61 42.40
CA VAL G 223 -28.48 -30.32 41.52
C VAL G 223 -28.93 -30.11 40.08
N PHE G 224 -29.81 -30.97 39.64
CA PHE G 224 -30.36 -30.90 38.29
C PHE G 224 -31.88 -30.98 38.42
N ASN G 225 -32.59 -30.00 37.84
CA ASN G 225 -34.05 -29.91 37.90
C ASN G 225 -34.61 -29.53 36.53
N THR G 226 -35.92 -29.73 36.32
CA THR G 226 -36.56 -29.31 35.09
C THR G 226 -37.76 -28.42 35.39
N ILE G 227 -38.08 -27.55 34.43
CA ILE G 227 -39.21 -26.67 34.47
C ILE G 227 -39.94 -26.84 33.15
N THR G 228 -41.26 -27.01 33.17
CA THR G 228 -42.08 -27.05 31.96
C THR G 228 -43.30 -26.18 32.22
N GLY G 229 -43.71 -25.44 31.21
CA GLY G 229 -44.88 -24.58 31.33
C GLY G 229 -45.12 -23.67 30.17
N ARG G 230 -46.23 -22.93 30.30
CA ARG G 230 -46.70 -21.99 29.29
CA ARG G 230 -46.69 -22.01 29.28
C ARG G 230 -45.94 -20.70 29.41
N GLY G 231 -45.51 -20.15 28.28
CA GLY G 231 -44.80 -18.87 28.25
C GLY G 231 -45.60 -17.74 28.88
N SER G 232 -46.94 -17.75 28.71
CA SER G 232 -47.77 -16.69 29.31
C SER G 232 -47.82 -16.76 30.83
N VAL G 233 -47.50 -17.93 31.44
CA VAL G 233 -47.53 -18.09 32.89
C VAL G 233 -46.13 -17.93 33.48
N ILE G 234 -45.09 -18.55 32.87
CA ILE G 234 -43.72 -18.53 33.43
C ILE G 234 -42.58 -18.08 32.49
N GLY G 235 -42.89 -17.70 31.25
CA GLY G 235 -41.87 -17.32 30.27
C GLY G 235 -40.83 -16.32 30.74
N ASP G 236 -41.27 -15.11 31.10
CA ASP G 236 -40.37 -14.08 31.60
C ASP G 236 -39.96 -14.39 33.03
N TYR G 237 -40.88 -14.96 33.84
CA TYR G 237 -40.65 -15.27 35.24
C TYR G 237 -39.37 -16.11 35.48
N ILE G 238 -39.16 -17.17 34.70
CA ILE G 238 -37.98 -18.03 34.87
C ILE G 238 -36.67 -17.27 34.67
N VAL G 239 -36.63 -16.28 33.76
CA VAL G 239 -35.43 -15.50 33.46
C VAL G 239 -35.22 -14.38 34.46
N GLU G 240 -36.28 -13.63 34.80
CA GLU G 240 -36.23 -12.50 35.73
C GLU G 240 -35.84 -12.90 37.15
N HIS G 241 -36.17 -14.13 37.58
CA HIS G 241 -35.95 -14.59 38.95
C HIS G 241 -34.53 -14.34 39.46
N GLU G 242 -34.41 -13.69 40.63
CA GLU G 242 -33.15 -13.35 41.25
C GLU G 242 -32.28 -14.55 41.61
N ALA G 243 -32.86 -15.77 41.73
CA ALA G 243 -32.08 -16.96 42.04
C ALA G 243 -31.18 -17.38 40.86
N VAL G 244 -31.60 -17.07 39.62
CA VAL G 244 -30.84 -17.42 38.44
C VAL G 244 -29.59 -16.53 38.30
N ASN G 245 -28.41 -17.15 38.20
CA ASN G 245 -27.14 -16.45 38.08
C ASN G 245 -26.59 -16.41 36.64
N PHE G 246 -27.12 -17.26 35.73
CA PHE G 246 -26.67 -17.35 34.35
C PHE G 246 -27.80 -17.90 33.48
N ILE G 247 -28.02 -17.35 32.28
CA ILE G 247 -29.03 -17.89 31.38
C ILE G 247 -28.31 -18.35 30.11
N ASN G 248 -28.40 -19.64 29.80
CA ASN G 248 -27.82 -20.25 28.62
C ASN G 248 -29.02 -20.63 27.74
N PHE G 249 -29.23 -19.93 26.61
CA PHE G 249 -30.40 -20.12 25.74
C PHE G 249 -30.07 -20.31 24.27
N THR G 250 -30.85 -21.18 23.59
CA THR G 250 -30.81 -21.39 22.14
C THR G 250 -32.26 -21.22 21.68
N GLY G 251 -32.45 -20.40 20.67
CA GLY G 251 -33.77 -20.11 20.13
C GLY G 251 -33.77 -18.92 19.19
N SER G 252 -34.94 -18.32 18.97
CA SER G 252 -35.04 -17.21 18.03
C SER G 252 -34.39 -15.92 18.53
N THR G 253 -33.95 -15.07 17.58
CA THR G 253 -33.29 -13.81 17.88
C THR G 253 -34.17 -12.87 18.73
N PRO G 254 -35.45 -12.61 18.37
CA PRO G 254 -36.27 -11.74 19.22
C PRO G 254 -36.39 -12.24 20.66
N ILE G 255 -36.56 -13.57 20.89
CA ILE G 255 -36.63 -14.11 22.26
C ILE G 255 -35.29 -13.87 22.98
N GLY G 256 -34.18 -14.10 22.29
CA GLY G 256 -32.85 -13.86 22.82
C GLY G 256 -32.61 -12.42 23.22
N GLU G 257 -33.12 -11.49 22.40
CA GLU G 257 -33.02 -10.06 22.66
C GLU G 257 -33.74 -9.72 23.96
N GLY G 258 -34.91 -10.32 24.18
CA GLY G 258 -35.68 -10.14 25.40
C GLY G 258 -34.98 -10.72 26.61
N ILE G 259 -34.39 -11.90 26.47
CA ILE G 259 -33.61 -12.55 27.53
C ILE G 259 -32.42 -11.65 27.95
N GLY G 260 -31.74 -11.04 26.98
CA GLY G 260 -30.63 -10.13 27.27
C GLY G 260 -31.03 -8.99 28.19
N LYS G 261 -32.23 -8.40 27.95
CA LYS G 261 -32.75 -7.30 28.75
C LYS G 261 -33.16 -7.81 30.13
N LEU G 262 -33.92 -8.93 30.20
CA LEU G 262 -34.35 -9.51 31.48
C LEU G 262 -33.18 -10.00 32.33
N ALA G 263 -32.04 -10.33 31.73
CA ALA G 263 -30.85 -10.75 32.48
C ALA G 263 -30.23 -9.60 33.27
N GLY G 264 -30.41 -8.36 32.81
CA GLY G 264 -29.83 -7.21 33.48
C GLY G 264 -28.32 -7.25 33.40
N MET G 265 -27.63 -7.32 34.54
CA MET G 265 -26.16 -7.43 34.57
C MET G 265 -25.69 -8.88 34.57
N ARG G 266 -26.58 -9.88 34.65
CA ARG G 266 -26.17 -11.27 34.80
C ARG G 266 -25.60 -11.86 33.53
N PRO G 267 -24.59 -12.74 33.63
CA PRO G 267 -24.01 -13.35 32.43
C PRO G 267 -24.99 -14.23 31.65
N ILE G 268 -24.86 -14.20 30.30
CA ILE G 268 -25.70 -14.98 29.40
C ILE G 268 -24.87 -15.61 28.28
N MET G 269 -25.47 -16.58 27.62
CA MET G 269 -24.93 -17.25 26.44
C MET G 269 -26.18 -17.43 25.55
N LEU G 270 -26.14 -16.85 24.36
CA LEU G 270 -27.26 -16.90 23.45
C LEU G 270 -26.82 -17.51 22.12
N GLU G 271 -27.59 -18.48 21.61
CA GLU G 271 -27.37 -19.11 20.32
C GLU G 271 -28.65 -18.80 19.56
N LEU G 272 -28.58 -17.87 18.63
CA LEU G 272 -29.75 -17.36 17.93
C LEU G 272 -29.74 -17.72 16.43
N GLY G 273 -30.52 -17.02 15.62
CA GLY G 273 -30.64 -17.32 14.21
C GLY G 273 -29.36 -17.14 13.41
N GLY G 274 -29.39 -17.75 12.23
CA GLY G 274 -28.33 -17.66 11.27
C GLY G 274 -28.89 -17.50 9.87
N LYS G 275 -28.10 -16.94 8.99
CA LYS G 275 -28.42 -16.87 7.56
C LYS G 275 -27.07 -17.17 6.87
N ASP G 276 -26.45 -18.31 7.22
CA ASP G 276 -25.12 -18.70 6.77
C ASP G 276 -24.98 -18.67 5.26
N SER G 277 -23.99 -17.96 4.77
CA SER G 277 -23.75 -17.85 3.33
C SER G 277 -22.67 -18.83 2.87
N ALA G 278 -22.82 -19.33 1.65
CA ALA G 278 -21.85 -20.19 1.04
C ALA G 278 -21.31 -19.39 -0.10
N ILE G 279 -20.06 -18.94 -0.01
CA ILE G 279 -19.41 -18.15 -1.05
C ILE G 279 -18.70 -19.13 -1.97
N VAL G 280 -19.12 -19.20 -3.24
CA VAL G 280 -18.52 -20.11 -4.22
C VAL G 280 -17.73 -19.28 -5.24
N LEU G 281 -16.38 -19.46 -5.29
CA LEU G 281 -15.53 -18.72 -6.20
C LEU G 281 -15.34 -19.46 -7.54
N GLU G 282 -14.80 -18.77 -8.56
CA GLU G 282 -14.63 -19.36 -9.89
C GLU G 282 -13.77 -20.64 -9.91
N ASP G 283 -12.77 -20.75 -9.01
CA ASP G 283 -11.89 -21.93 -8.99
C ASP G 283 -12.38 -23.05 -8.07
N ALA G 284 -13.66 -23.01 -7.64
CA ALA G 284 -14.22 -24.02 -6.75
C ALA G 284 -14.51 -25.35 -7.46
N ASP G 285 -14.51 -26.44 -6.68
CA ASP G 285 -14.92 -27.76 -7.15
C ASP G 285 -16.45 -27.69 -7.03
N LEU G 286 -17.18 -27.49 -8.13
CA LEU G 286 -18.62 -27.23 -8.09
C LEU G 286 -19.48 -28.40 -7.65
N ALA G 287 -19.05 -29.64 -7.90
CA ALA G 287 -19.79 -30.83 -7.45
C ALA G 287 -19.67 -31.00 -5.92
N LEU G 288 -18.49 -30.76 -5.37
CA LEU G 288 -18.26 -30.82 -3.93
C LEU G 288 -18.98 -29.65 -3.25
N ALA G 289 -18.98 -28.44 -3.85
CA ALA G 289 -19.73 -27.29 -3.33
C ALA G 289 -21.24 -27.60 -3.33
N ALA G 290 -21.78 -28.20 -4.41
CA ALA G 290 -23.21 -28.54 -4.50
C ALA G 290 -23.63 -29.58 -3.46
N LYS G 291 -22.76 -30.59 -3.24
CA LYS G 291 -23.00 -31.67 -2.26
C LYS G 291 -23.07 -31.10 -0.84
N ASN G 292 -22.12 -30.24 -0.47
CA ASN G 292 -22.06 -29.63 0.86
C ASN G 292 -23.16 -28.64 1.06
N ILE G 293 -23.42 -27.84 0.04
CA ILE G 293 -24.49 -26.83 0.09
C ILE G 293 -25.86 -27.52 0.32
N VAL G 294 -26.18 -28.59 -0.43
CA VAL G 294 -27.46 -29.27 -0.25
C VAL G 294 -27.56 -29.99 1.11
N ALA G 295 -26.50 -30.71 1.53
CA ALA G 295 -26.52 -31.41 2.82
C ALA G 295 -26.72 -30.41 3.98
N GLY G 296 -26.04 -29.27 3.92
CA GLY G 296 -26.15 -28.23 4.92
C GLY G 296 -27.46 -27.44 4.88
N ALA G 297 -27.94 -27.08 3.69
CA ALA G 297 -29.19 -26.30 3.53
C ALA G 297 -30.46 -27.04 3.88
N PHE G 298 -30.56 -28.30 3.48
CA PHE G 298 -31.78 -29.07 3.60
C PHE G 298 -31.79 -30.10 4.73
N GLY G 299 -30.72 -30.16 5.55
CA GLY G 299 -30.69 -31.04 6.70
C GLY G 299 -31.79 -30.65 7.69
N TYR G 300 -32.62 -31.63 8.07
CA TYR G 300 -33.76 -31.42 8.96
C TYR G 300 -34.72 -30.36 8.38
N SER G 301 -34.96 -30.45 7.06
CA SER G 301 -35.79 -29.51 6.29
C SER G 301 -35.39 -28.04 6.48
N GLY G 302 -34.10 -27.77 6.68
CA GLY G 302 -33.60 -26.42 6.89
C GLY G 302 -33.89 -25.82 8.25
N GLN G 303 -34.34 -26.63 9.24
CA GLN G 303 -34.70 -26.13 10.57
C GLN G 303 -33.49 -26.16 11.51
N ARG G 304 -32.42 -25.49 11.11
CA ARG G 304 -31.17 -25.42 11.89
C ARG G 304 -30.58 -24.03 11.77
N CYS G 305 -30.08 -23.46 12.87
CA CYS G 305 -29.47 -22.12 12.84
C CYS G 305 -28.17 -22.13 12.02
N THR G 306 -27.38 -23.20 12.17
CA THR G 306 -26.14 -23.40 11.42
C THR G 306 -26.45 -24.28 10.25
N ALA G 307 -26.89 -23.68 9.18
CA ALA G 307 -27.27 -24.31 7.94
C ALA G 307 -26.94 -23.34 6.81
N VAL G 308 -26.54 -23.84 5.63
CA VAL G 308 -26.31 -22.95 4.49
C VAL G 308 -27.70 -22.38 4.08
N LYS G 309 -27.89 -21.07 4.23
CA LYS G 309 -29.16 -20.43 3.92
C LYS G 309 -29.12 -19.52 2.70
N ARG G 310 -27.95 -19.27 2.12
CA ARG G 310 -27.86 -18.49 0.89
C ARG G 310 -26.56 -18.81 0.18
N VAL G 311 -26.61 -18.90 -1.16
CA VAL G 311 -25.43 -19.19 -1.97
C VAL G 311 -25.05 -17.89 -2.64
N LEU G 312 -23.79 -17.46 -2.48
CA LEU G 312 -23.23 -16.25 -3.10
C LEU G 312 -22.21 -16.80 -4.07
N VAL G 313 -22.58 -16.89 -5.35
CA VAL G 313 -21.72 -17.51 -6.35
C VAL G 313 -21.28 -16.53 -7.39
N MET G 314 -20.03 -16.67 -7.85
CA MET G 314 -19.48 -15.86 -8.93
C MET G 314 -20.24 -16.23 -10.21
N ASP G 315 -20.73 -15.23 -10.95
CA ASP G 315 -21.58 -15.46 -12.12
C ASP G 315 -21.01 -16.44 -13.17
N LYS G 316 -19.68 -16.48 -13.37
CA LYS G 316 -19.06 -17.37 -14.34
C LYS G 316 -19.39 -18.84 -14.08
N VAL G 317 -19.47 -19.26 -12.80
CA VAL G 317 -19.75 -20.65 -12.44
C VAL G 317 -21.18 -20.89 -11.91
N ALA G 318 -22.03 -19.85 -11.87
CA ALA G 318 -23.38 -19.94 -11.33
C ALA G 318 -24.33 -20.89 -12.06
N ASP G 319 -24.33 -20.91 -13.41
CA ASP G 319 -25.23 -21.81 -14.15
C ASP G 319 -24.93 -23.28 -13.89
N GLN G 320 -23.64 -23.66 -13.87
CA GLN G 320 -23.21 -25.04 -13.61
CA GLN G 320 -23.27 -25.05 -13.62
C GLN G 320 -23.48 -25.40 -12.14
N LEU G 321 -23.19 -24.46 -11.20
CA LEU G 321 -23.42 -24.73 -9.78
C LEU G 321 -24.92 -24.92 -9.53
N ALA G 322 -25.77 -24.04 -10.09
CA ALA G 322 -27.22 -24.17 -9.96
C ALA G 322 -27.70 -25.55 -10.48
N ALA G 323 -27.19 -25.99 -11.64
CA ALA G 323 -27.55 -27.28 -12.21
C ALA G 323 -27.18 -28.42 -11.25
N GLU G 324 -25.97 -28.39 -10.68
CA GLU G 324 -25.51 -29.42 -9.76
C GLU G 324 -26.31 -29.43 -8.47
N ILE G 325 -26.72 -28.26 -7.96
CA ILE G 325 -27.53 -28.18 -6.73
C ILE G 325 -28.94 -28.73 -7.07
N LYS G 326 -29.51 -28.32 -8.21
CA LYS G 326 -30.84 -28.74 -8.65
C LYS G 326 -30.97 -30.26 -8.70
N THR G 327 -30.00 -30.94 -9.34
CA THR G 327 -30.06 -32.39 -9.51
C THR G 327 -30.07 -33.10 -8.13
N LEU G 328 -29.34 -32.55 -7.15
CA LEU G 328 -29.33 -33.08 -5.79
C LEU G 328 -30.63 -32.82 -5.02
N VAL G 329 -31.19 -31.60 -5.11
CA VAL G 329 -32.42 -31.24 -4.42
C VAL G 329 -33.58 -32.09 -4.97
N GLU G 330 -33.60 -32.40 -6.28
CA GLU G 330 -34.66 -33.24 -6.88
C GLU G 330 -34.67 -34.66 -6.34
N LYS G 331 -33.55 -35.16 -5.85
CA LYS G 331 -33.46 -36.52 -5.34
C LYS G 331 -33.78 -36.64 -3.86
N LEU G 332 -33.89 -35.53 -3.11
CA LEU G 332 -34.19 -35.57 -1.69
C LEU G 332 -35.55 -36.22 -1.46
N SER G 333 -35.64 -37.17 -0.51
CA SER G 333 -36.91 -37.80 -0.17
C SER G 333 -37.74 -36.83 0.64
N VAL G 334 -39.05 -36.82 0.40
CA VAL G 334 -40.00 -35.94 1.07
C VAL G 334 -41.05 -36.83 1.70
N GLY G 335 -41.16 -36.80 3.03
CA GLY G 335 -42.08 -37.69 3.72
C GLY G 335 -42.03 -37.67 5.23
N MET G 336 -42.34 -38.83 5.83
CA MET G 336 -42.48 -38.95 7.27
C MET G 336 -41.21 -39.25 8.07
N PRO G 337 -41.09 -38.72 9.31
CA PRO G 337 -39.93 -39.06 10.14
C PRO G 337 -39.74 -40.55 10.38
N GLU G 338 -40.84 -41.35 10.44
CA GLU G 338 -40.78 -42.81 10.61
CA GLU G 338 -40.75 -42.80 10.62
C GLU G 338 -39.96 -43.45 9.46
N ASP G 339 -40.06 -42.87 8.24
CA ASP G 339 -39.37 -43.35 7.03
C ASP G 339 -38.00 -42.73 6.78
N ASP G 340 -37.47 -41.94 7.72
CA ASP G 340 -36.15 -41.33 7.59
C ASP G 340 -36.05 -40.45 6.36
N ALA G 341 -37.15 -39.73 6.04
CA ALA G 341 -37.14 -38.81 4.92
C ALA G 341 -36.12 -37.66 5.15
N ASP G 342 -35.56 -37.12 4.06
CA ASP G 342 -34.65 -35.98 4.14
C ASP G 342 -35.46 -34.75 4.54
N ILE G 343 -36.62 -34.55 3.86
CA ILE G 343 -37.53 -33.45 4.12
C ILE G 343 -38.74 -34.00 4.83
N THR G 344 -38.89 -33.66 6.12
CA THR G 344 -40.01 -34.06 6.96
C THR G 344 -40.95 -32.86 7.23
N PRO G 345 -42.15 -33.08 7.77
CA PRO G 345 -43.05 -31.94 8.05
C PRO G 345 -42.44 -30.93 9.01
N LEU G 346 -42.72 -29.65 8.78
CA LEU G 346 -42.20 -28.59 9.64
C LEU G 346 -42.85 -28.60 11.03
N ILE G 347 -42.18 -27.95 12.02
CA ILE G 347 -42.56 -28.00 13.43
C ILE G 347 -44.02 -27.58 13.68
N ASP G 348 -44.57 -26.64 12.90
CA ASP G 348 -45.97 -26.25 13.05
C ASP G 348 -46.51 -25.50 11.81
N THR G 349 -47.83 -25.23 11.78
CA THR G 349 -48.49 -24.56 10.66
C THR G 349 -47.92 -23.18 10.42
N SER G 350 -47.70 -22.43 11.49
CA SER G 350 -47.14 -21.09 11.41
C SER G 350 -45.76 -21.07 10.70
N ALA G 351 -44.92 -22.05 11.00
CA ALA G 351 -43.60 -22.18 10.38
C ALA G 351 -43.74 -22.45 8.88
N ALA G 352 -44.62 -23.37 8.48
CA ALA G 352 -44.84 -23.67 7.07
C ALA G 352 -45.50 -22.49 6.32
N ASP G 353 -46.42 -21.75 6.97
CA ASP G 353 -47.02 -20.57 6.38
C ASP G 353 -45.94 -19.51 6.10
N PHE G 354 -45.02 -19.32 7.07
CA PHE G 354 -43.95 -18.34 6.93
C PHE G 354 -43.02 -18.68 5.75
N VAL G 355 -42.67 -19.97 5.61
CA VAL G 355 -41.81 -20.43 4.54
C VAL G 355 -42.51 -20.26 3.20
N GLU G 356 -43.79 -20.58 3.11
CA GLU G 356 -44.57 -20.39 1.89
C GLU G 356 -44.59 -18.92 1.46
N GLY G 357 -44.68 -17.99 2.43
CA GLY G 357 -44.67 -16.56 2.16
C GLY G 357 -43.35 -16.10 1.55
N LEU G 358 -42.22 -16.65 2.01
CA LEU G 358 -40.91 -16.30 1.46
C LEU G 358 -40.77 -16.81 0.02
N ILE G 359 -41.29 -18.02 -0.23
CA ILE G 359 -41.30 -18.63 -1.56
C ILE G 359 -42.16 -17.77 -2.48
N LYS G 360 -43.33 -17.32 -2.01
CA LYS G 360 -44.21 -16.49 -2.81
C LYS G 360 -43.57 -15.15 -3.15
N ASP G 361 -42.93 -14.48 -2.17
CA ASP G 361 -42.26 -13.20 -2.40
C ASP G 361 -41.17 -13.34 -3.48
N ALA G 362 -40.38 -14.43 -3.43
CA ALA G 362 -39.32 -14.68 -4.39
C ALA G 362 -39.90 -14.93 -5.78
N THR G 363 -40.96 -15.75 -5.90
CA THR G 363 -41.61 -16.03 -7.18
C THR G 363 -42.18 -14.72 -7.79
N ASP G 364 -42.89 -13.93 -6.98
CA ASP G 364 -43.48 -12.68 -7.45
C ASP G 364 -42.45 -11.64 -7.86
N LYS G 365 -41.26 -11.66 -7.27
CA LYS G 365 -40.19 -10.73 -7.64
C LYS G 365 -39.28 -11.24 -8.78
N GLY G 366 -39.62 -12.37 -9.43
CA GLY G 366 -38.90 -12.86 -10.58
C GLY G 366 -37.82 -13.90 -10.38
N ALA G 367 -37.73 -14.55 -9.21
CA ALA G 367 -36.73 -15.59 -8.98
C ALA G 367 -37.15 -16.86 -9.73
N THR G 368 -36.15 -17.61 -10.23
CA THR G 368 -36.40 -18.83 -11.01
C THR G 368 -36.49 -20.03 -10.09
N ALA G 369 -37.68 -20.66 -10.01
CA ALA G 369 -37.86 -21.86 -9.20
C ALA G 369 -37.27 -23.06 -9.95
N LEU G 370 -36.11 -23.53 -9.54
CA LEU G 370 -35.46 -24.67 -10.16
C LEU G 370 -36.09 -26.00 -9.73
N THR G 371 -36.69 -26.06 -8.52
CA THR G 371 -37.42 -27.23 -8.05
C THR G 371 -38.80 -26.74 -7.65
N ALA G 372 -39.83 -27.56 -7.91
CA ALA G 372 -41.22 -27.16 -7.70
C ALA G 372 -41.68 -27.10 -6.24
N PHE G 373 -42.48 -26.07 -5.93
CA PHE G 373 -43.09 -25.94 -4.61
C PHE G 373 -44.30 -26.84 -4.58
N ASN G 374 -44.47 -27.52 -3.46
CA ASN G 374 -45.66 -28.31 -3.14
C ASN G 374 -45.79 -28.37 -1.61
N ARG G 375 -47.01 -28.35 -1.09
CA ARG G 375 -47.24 -28.41 0.35
C ARG G 375 -48.41 -29.33 0.64
N GLU G 376 -48.22 -30.30 1.55
CA GLU G 376 -49.24 -31.26 1.96
C GLU G 376 -49.25 -31.17 3.48
N GLY G 377 -50.21 -30.45 4.05
CA GLY G 377 -50.23 -30.20 5.49
C GLY G 377 -49.12 -29.22 5.79
N ASN G 378 -48.14 -29.61 6.63
CA ASN G 378 -46.96 -28.77 6.88
C ASN G 378 -45.69 -29.40 6.27
N LEU G 379 -45.86 -30.29 5.26
CA LEU G 379 -44.76 -30.92 4.53
C LEU G 379 -44.57 -30.13 3.23
N ILE G 380 -43.55 -29.26 3.23
CA ILE G 380 -43.19 -28.46 2.08
C ILE G 380 -42.07 -29.18 1.34
N SER G 381 -42.22 -29.33 0.01
CA SER G 381 -41.20 -29.93 -0.84
C SER G 381 -40.02 -28.95 -0.93
N PRO G 382 -38.79 -29.43 -1.11
CA PRO G 382 -37.65 -28.49 -1.13
C PRO G 382 -37.58 -27.64 -2.39
N VAL G 383 -37.52 -26.30 -2.22
CA VAL G 383 -37.48 -25.36 -3.35
C VAL G 383 -36.10 -24.71 -3.49
N LEU G 384 -35.57 -24.75 -4.72
CA LEU G 384 -34.30 -24.11 -5.04
C LEU G 384 -34.63 -22.92 -5.93
N PHE G 385 -34.09 -21.75 -5.59
CA PHE G 385 -34.34 -20.53 -6.33
C PHE G 385 -33.03 -19.97 -6.87
N ASP G 386 -33.05 -19.58 -8.14
CA ASP G 386 -31.91 -18.97 -8.78
C ASP G 386 -32.30 -17.56 -9.20
N HIS G 387 -31.29 -16.71 -9.43
CA HIS G 387 -31.51 -15.32 -9.78
C HIS G 387 -32.26 -14.58 -8.67
N VAL G 388 -31.88 -14.87 -7.42
CA VAL G 388 -32.45 -14.22 -6.26
C VAL G 388 -31.66 -12.94 -6.10
N THR G 389 -32.36 -11.84 -5.91
CA THR G 389 -31.77 -10.52 -5.74
C THR G 389 -31.96 -10.08 -4.29
N THR G 390 -31.21 -9.12 -3.91
CA THR G 390 -31.13 -8.60 -2.55
C THR G 390 -32.45 -7.81 -2.18
N ASP G 391 -33.40 -7.59 -3.12
CA ASP G 391 -34.72 -6.99 -2.81
C ASP G 391 -35.77 -8.05 -2.35
N MET G 392 -35.43 -9.36 -2.45
CA MET G 392 -36.30 -10.44 -2.06
C MET G 392 -36.08 -10.76 -0.59
N ARG G 393 -37.16 -11.05 0.15
CA ARG G 393 -37.09 -11.39 1.57
C ARG G 393 -36.22 -12.65 1.82
N LEU G 394 -36.29 -13.62 0.89
CA LEU G 394 -35.53 -14.87 0.99
C LEU G 394 -34.01 -14.64 0.98
N ALA G 395 -33.52 -13.50 0.49
CA ALA G 395 -32.11 -13.19 0.54
C ALA G 395 -31.63 -12.94 1.98
N TRP G 396 -32.53 -12.49 2.88
CA TRP G 396 -32.18 -12.07 4.23
C TRP G 396 -32.81 -12.84 5.39
N GLU G 397 -34.10 -13.14 5.31
CA GLU G 397 -34.84 -13.74 6.42
C GLU G 397 -34.59 -15.22 6.60
N GLU G 398 -34.37 -15.65 7.86
CA GLU G 398 -34.13 -17.06 8.18
C GLU G 398 -35.46 -17.84 7.99
N PRO G 399 -35.62 -18.73 6.99
CA PRO G 399 -36.90 -19.41 6.82
C PRO G 399 -37.25 -20.48 7.86
N PHE G 400 -36.27 -21.31 8.25
CA PHE G 400 -36.47 -22.52 9.06
C PHE G 400 -37.41 -23.46 8.25
N GLY G 401 -37.06 -23.65 6.98
CA GLY G 401 -37.80 -24.43 6.01
C GLY G 401 -36.95 -24.80 4.82
N PRO G 402 -37.38 -25.77 4.00
CA PRO G 402 -36.51 -26.22 2.89
C PRO G 402 -36.60 -25.36 1.64
N VAL G 403 -36.00 -24.18 1.74
CA VAL G 403 -35.90 -23.23 0.64
C VAL G 403 -34.50 -22.63 0.68
N LEU G 404 -33.86 -22.55 -0.51
CA LEU G 404 -32.51 -22.01 -0.65
C LEU G 404 -32.38 -21.05 -1.85
N PRO G 405 -31.94 -19.79 -1.57
CA PRO G 405 -31.67 -18.86 -2.66
C PRO G 405 -30.23 -18.92 -3.19
N ILE G 406 -30.07 -18.70 -4.52
CA ILE G 406 -28.78 -18.57 -5.18
C ILE G 406 -28.74 -17.10 -5.62
N ILE G 407 -27.77 -16.36 -5.10
CA ILE G 407 -27.56 -14.95 -5.39
C ILE G 407 -26.26 -14.90 -6.19
N ARG G 408 -26.34 -14.40 -7.45
CA ARG G 408 -25.15 -14.27 -8.32
C ARG G 408 -24.42 -12.95 -8.05
N VAL G 409 -23.09 -13.01 -7.98
CA VAL G 409 -22.23 -11.86 -7.71
C VAL G 409 -21.12 -11.80 -8.78
N THR G 410 -20.59 -10.60 -9.02
CA THR G 410 -19.53 -10.37 -10.04
C THR G 410 -18.13 -10.37 -9.43
N THR G 411 -18.00 -9.92 -8.17
CA THR G 411 -16.70 -9.86 -7.49
C THR G 411 -16.79 -10.48 -6.10
N VAL G 412 -15.64 -10.87 -5.54
CA VAL G 412 -15.61 -11.42 -4.18
C VAL G 412 -15.94 -10.30 -3.16
N GLU G 413 -15.56 -9.03 -3.47
CA GLU G 413 -15.88 -7.86 -2.65
C GLU G 413 -17.42 -7.75 -2.50
N GLU G 414 -18.16 -8.00 -3.59
CA GLU G 414 -19.62 -7.97 -3.59
C GLU G 414 -20.18 -9.10 -2.72
N ALA G 415 -19.63 -10.32 -2.80
CA ALA G 415 -20.07 -11.43 -1.95
C ALA G 415 -19.81 -11.10 -0.45
N ILE G 416 -18.65 -10.54 -0.10
CA ILE G 416 -18.34 -10.17 1.29
C ILE G 416 -19.33 -9.11 1.75
N LYS G 417 -19.55 -8.07 0.92
CA LYS G 417 -20.49 -6.99 1.23
C LYS G 417 -21.91 -7.54 1.46
N ILE G 418 -22.41 -8.40 0.56
CA ILE G 418 -23.76 -8.96 0.70
C ILE G 418 -23.83 -9.89 1.95
N SER G 419 -22.77 -10.69 2.18
CA SER G 419 -22.75 -11.59 3.33
C SER G 419 -22.82 -10.77 4.65
N ASN G 420 -21.99 -9.73 4.77
CA ASN G 420 -21.94 -8.88 5.96
C ASN G 420 -23.12 -7.97 6.13
N GLU G 421 -23.91 -7.71 5.08
CA GLU G 421 -25.09 -6.84 5.20
C GLU G 421 -26.22 -7.52 6.05
N SER G 422 -26.15 -8.85 6.22
CA SER G 422 -27.08 -9.58 7.07
C SER G 422 -26.92 -9.16 8.54
N GLU G 423 -28.03 -9.12 9.29
CA GLU G 423 -28.00 -8.88 10.74
C GLU G 423 -27.40 -10.12 11.50
N TYR G 424 -27.38 -11.30 10.84
CA TYR G 424 -26.85 -12.53 11.38
C TYR G 424 -25.40 -12.72 11.00
N GLY G 425 -24.68 -13.46 11.82
CA GLY G 425 -23.28 -13.76 11.56
C GLY G 425 -22.86 -15.00 12.29
N LEU G 426 -23.51 -16.12 12.01
CA LEU G 426 -23.20 -17.36 12.72
C LEU G 426 -21.96 -18.02 12.09
N GLN G 427 -22.09 -18.53 10.88
CA GLN G 427 -21.00 -19.16 10.16
C GLN G 427 -21.07 -18.83 8.67
N ALA G 428 -20.00 -19.12 7.95
CA ALA G 428 -19.92 -18.97 6.51
C ALA G 428 -19.09 -20.12 5.94
N SER G 429 -19.31 -20.43 4.68
CA SER G 429 -18.57 -21.44 3.93
C SER G 429 -17.91 -20.74 2.76
N ILE G 430 -16.69 -21.16 2.39
CA ILE G 430 -16.00 -20.61 1.24
C ILE G 430 -15.53 -21.79 0.46
N PHE G 431 -15.99 -21.92 -0.81
CA PHE G 431 -15.59 -23.00 -1.71
C PHE G 431 -14.64 -22.39 -2.74
N THR G 432 -13.37 -22.81 -2.67
CA THR G 432 -12.29 -22.31 -3.51
C THR G 432 -11.05 -23.21 -3.36
N THR G 433 -10.15 -23.19 -4.34
CA THR G 433 -8.89 -23.92 -4.24
C THR G 433 -7.75 -22.97 -3.74
N ASN G 434 -7.98 -21.64 -3.61
CA ASN G 434 -6.99 -20.68 -3.15
C ASN G 434 -7.18 -20.39 -1.65
N PHE G 435 -6.47 -21.13 -0.79
CA PHE G 435 -6.63 -20.97 0.67
C PHE G 435 -6.06 -19.69 1.28
N PRO G 436 -4.90 -19.14 0.85
CA PRO G 436 -4.45 -17.84 1.40
C PRO G 436 -5.50 -16.75 1.16
N LYS G 437 -6.14 -16.76 -0.02
CA LYS G 437 -7.21 -15.84 -0.36
C LYS G 437 -8.45 -16.14 0.48
N ALA G 438 -8.80 -17.43 0.66
CA ALA G 438 -9.94 -17.83 1.49
C ALA G 438 -9.77 -17.36 2.92
N PHE G 439 -8.55 -17.39 3.45
CA PHE G 439 -8.25 -16.89 4.80
C PHE G 439 -8.41 -15.37 4.89
N GLY G 440 -8.04 -14.67 3.83
CA GLY G 440 -8.20 -13.22 3.74
C GLY G 440 -9.67 -12.83 3.69
N ILE G 441 -10.48 -13.62 2.97
CA ILE G 441 -11.92 -13.41 2.88
C ILE G 441 -12.53 -13.68 4.26
N ALA G 442 -12.15 -14.81 4.91
CA ALA G 442 -12.62 -15.22 6.23
C ALA G 442 -12.41 -14.11 7.27
N GLU G 443 -11.25 -13.43 7.24
CA GLU G 443 -10.96 -12.32 8.15
C GLU G 443 -11.99 -11.20 8.01
N GLN G 444 -12.48 -10.95 6.80
CA GLN G 444 -13.46 -9.89 6.52
C GLN G 444 -14.92 -10.30 6.82
N LEU G 445 -15.24 -11.59 6.86
CA LEU G 445 -16.62 -12.04 7.11
C LEU G 445 -16.95 -11.87 8.58
N GLU G 446 -18.12 -11.28 8.87
CA GLU G 446 -18.56 -11.01 10.23
C GLU G 446 -19.36 -12.20 10.74
N VAL G 447 -18.65 -13.27 11.02
CA VAL G 447 -19.21 -14.54 11.48
C VAL G 447 -18.30 -15.10 12.59
N GLY G 448 -18.82 -16.10 13.33
CA GLY G 448 -18.03 -16.77 14.35
C GLY G 448 -17.04 -17.75 13.74
N THR G 449 -17.53 -18.62 12.81
CA THR G 449 -16.73 -19.66 12.17
C THR G 449 -16.85 -19.62 10.65
N VAL G 450 -15.75 -19.89 9.95
CA VAL G 450 -15.70 -19.98 8.50
C VAL G 450 -15.17 -21.40 8.15
N HIS G 451 -15.94 -22.17 7.36
CA HIS G 451 -15.55 -23.51 6.92
C HIS G 451 -15.05 -23.40 5.49
N LEU G 452 -13.86 -23.93 5.20
CA LEU G 452 -13.28 -23.92 3.86
C LEU G 452 -13.57 -25.25 3.17
N ASN G 453 -14.25 -25.21 2.02
CA ASN G 453 -14.62 -26.38 1.22
C ASN G 453 -15.45 -27.38 2.00
N ASN G 454 -16.37 -26.87 2.77
CA ASN G 454 -17.28 -27.70 3.54
C ASN G 454 -18.46 -26.87 4.02
N LYS G 455 -19.59 -27.55 4.26
CA LYS G 455 -20.78 -26.89 4.77
C LYS G 455 -20.50 -26.35 6.18
N THR G 456 -21.28 -25.36 6.57
CA THR G 456 -21.22 -24.83 7.93
C THR G 456 -21.76 -25.91 8.88
N GLN G 457 -21.20 -25.98 10.08
CA GLN G 457 -21.61 -26.96 11.07
C GLN G 457 -21.09 -26.55 12.46
N ARG G 458 -21.81 -26.97 13.49
CA ARG G 458 -21.42 -26.71 14.86
C ARG G 458 -20.18 -27.52 15.27
N GLY G 459 -20.11 -28.77 14.80
CA GLY G 459 -19.04 -29.69 15.16
C GLY G 459 -17.65 -29.38 14.62
N THR G 460 -16.60 -30.03 15.17
CA THR G 460 -16.69 -30.95 16.30
C THR G 460 -16.99 -30.14 17.57
N ASP G 461 -17.65 -30.77 18.54
CA ASP G 461 -18.12 -30.06 19.72
C ASP G 461 -17.02 -29.52 20.64
N ASN G 462 -15.75 -29.89 20.42
CA ASN G 462 -14.64 -29.29 21.15
C ASN G 462 -14.26 -27.89 20.56
N PHE G 463 -14.63 -27.62 19.27
CA PHE G 463 -14.33 -26.34 18.61
C PHE G 463 -15.22 -25.22 19.11
N PRO G 464 -14.76 -23.96 19.05
CA PRO G 464 -15.66 -22.86 19.45
C PRO G 464 -16.86 -22.74 18.50
N PHE G 465 -18.00 -22.37 19.05
CA PHE G 465 -19.24 -22.18 18.33
C PHE G 465 -19.82 -20.86 18.83
N LEU G 466 -19.86 -19.85 17.97
CA LEU G 466 -20.33 -18.53 18.36
C LEU G 466 -20.89 -17.79 17.16
N GLY G 467 -21.65 -16.76 17.43
CA GLY G 467 -22.23 -15.92 16.40
C GLY G 467 -21.95 -14.46 16.65
N ALA G 468 -21.57 -13.75 15.61
CA ALA G 468 -21.38 -12.32 15.59
C ALA G 468 -22.77 -11.65 15.39
N LYS G 469 -22.86 -10.31 15.63
CA LYS G 469 -24.08 -9.53 15.40
C LYS G 469 -25.29 -10.15 16.13
N LYS G 470 -26.48 -10.33 15.48
CA LYS G 470 -27.67 -10.85 16.15
C LYS G 470 -27.70 -12.37 16.27
N SER G 471 -26.64 -13.09 15.89
CA SER G 471 -26.61 -14.55 15.99
C SER G 471 -26.30 -15.10 17.38
N GLY G 472 -25.85 -14.25 18.31
CA GLY G 472 -25.60 -14.70 19.66
C GLY G 472 -24.81 -13.80 20.56
N ALA G 473 -24.55 -14.34 21.77
CA ALA G 473 -23.74 -13.74 22.82
C ALA G 473 -22.95 -14.87 23.48
N GLY G 474 -21.65 -14.69 23.68
CA GLY G 474 -20.81 -15.70 24.30
C GLY G 474 -20.28 -16.74 23.34
N VAL G 475 -19.35 -17.56 23.80
CA VAL G 475 -18.71 -18.59 22.98
C VAL G 475 -19.04 -19.97 23.55
N GLN G 476 -19.63 -20.82 22.70
CA GLN G 476 -20.00 -22.19 23.01
C GLN G 476 -18.86 -23.13 22.50
N GLY G 477 -19.06 -24.43 22.55
CA GLY G 477 -18.00 -25.40 22.32
C GLY G 477 -17.65 -25.83 23.73
N VAL G 478 -17.37 -27.11 23.93
CA VAL G 478 -17.27 -27.66 25.28
C VAL G 478 -16.39 -26.80 26.27
N LYS G 479 -15.07 -26.58 26.02
CA LYS G 479 -14.24 -25.83 26.97
C LYS G 479 -14.69 -24.38 27.15
N TYR G 480 -15.19 -23.77 26.09
CA TYR G 480 -15.65 -22.39 26.10
C TYR G 480 -16.92 -22.25 26.94
N SER G 481 -17.80 -23.26 26.90
CA SER G 481 -19.02 -23.27 27.70
C SER G 481 -18.66 -23.36 29.19
N ILE G 482 -17.65 -24.18 29.52
CA ILE G 482 -17.21 -24.33 30.91
C ILE G 482 -16.62 -22.99 31.41
N GLU G 483 -15.78 -22.31 30.60
CA GLU G 483 -15.20 -21.02 30.98
C GLU G 483 -16.29 -19.96 31.15
N ALA G 484 -17.29 -19.95 30.25
CA ALA G 484 -18.38 -18.98 30.34
C ALA G 484 -19.21 -19.17 31.60
N MET G 485 -19.54 -20.43 31.95
CA MET G 485 -20.35 -20.66 33.13
C MET G 485 -19.52 -20.76 34.41
N THR G 486 -18.32 -20.17 34.45
CA THR G 486 -17.52 -20.08 35.67
C THR G 486 -17.01 -18.67 35.86
N THR G 487 -16.68 -18.35 37.09
CA THR G 487 -16.05 -17.11 37.46
C THR G 487 -14.64 -17.45 38.07
N VAL G 488 -14.00 -16.44 38.63
CA VAL G 488 -12.65 -16.52 39.17
C VAL G 488 -12.69 -15.95 40.61
N LYS G 489 -11.87 -16.54 41.49
CA LYS G 489 -11.69 -16.12 42.89
C LYS G 489 -10.17 -16.01 43.07
N SER G 490 -9.70 -14.81 43.34
CA SER G 490 -8.30 -14.51 43.52
C SER G 490 -7.94 -14.43 45.00
N VAL G 491 -6.89 -15.13 45.45
CA VAL G 491 -6.43 -15.05 46.83
C VAL G 491 -5.02 -14.48 46.76
N VAL G 492 -4.82 -13.28 47.31
CA VAL G 492 -3.56 -12.56 47.24
C VAL G 492 -2.90 -12.52 48.61
N PHE G 493 -1.58 -12.80 48.68
CA PHE G 493 -0.80 -12.71 49.92
C PHE G 493 0.69 -12.40 49.61
N ASP G 494 1.43 -11.93 50.60
CA ASP G 494 2.84 -11.61 50.45
C ASP G 494 3.69 -12.72 51.03
N ILE G 495 4.70 -13.11 50.29
CA ILE G 495 5.66 -14.10 50.71
C ILE G 495 6.69 -13.37 51.60
N GLN G 496 7.00 -13.93 52.78
CA GLN G 496 7.94 -13.33 53.72
C GLN G 496 9.30 -13.97 53.48
N MET H 22 -7.40 31.52 34.12
CA MET H 22 -6.88 30.20 34.48
C MET H 22 -7.88 29.05 34.17
N ALA H 23 -9.16 29.38 33.92
CA ALA H 23 -10.19 28.40 33.58
C ALA H 23 -10.32 28.33 32.04
N LYS H 24 -9.92 27.19 31.44
CA LYS H 24 -9.97 26.98 29.99
C LYS H 24 -11.34 26.44 29.51
N GLN H 25 -11.64 26.61 28.23
CA GLN H 25 -12.83 26.06 27.59
C GLN H 25 -12.35 24.81 26.85
N TYR H 26 -12.61 23.63 27.42
CA TYR H 26 -12.18 22.37 26.82
C TYR H 26 -13.09 21.93 25.70
N LYS H 27 -12.58 21.03 24.85
CA LYS H 27 -13.26 20.51 23.65
C LYS H 27 -13.19 19.01 23.61
N ASN H 28 -14.10 18.37 22.91
CA ASN H 28 -14.11 16.91 22.75
C ASN H 28 -13.30 16.51 21.53
N LEU H 29 -12.60 15.35 21.62
CA LEU H 29 -11.85 14.80 20.51
C LEU H 29 -12.83 14.01 19.66
N VAL H 30 -13.09 14.46 18.45
CA VAL H 30 -14.06 13.82 17.57
C VAL H 30 -13.43 13.68 16.19
N ASN H 31 -13.08 12.46 15.78
CA ASN H 31 -12.52 12.20 14.46
C ASN H 31 -11.28 13.06 14.15
N GLY H 32 -10.34 13.09 15.07
CA GLY H 32 -9.10 13.84 14.90
C GLY H 32 -9.24 15.35 15.01
N GLU H 33 -10.42 15.85 15.37
CA GLU H 33 -10.66 17.29 15.50
C GLU H 33 -11.15 17.60 16.92
N TRP H 34 -10.92 18.84 17.39
CA TRP H 34 -11.35 19.28 18.71
C TRP H 34 -12.61 20.11 18.52
N LYS H 35 -13.74 19.62 19.05
CA LYS H 35 -15.04 20.26 18.87
C LYS H 35 -15.69 20.80 20.13
N LEU H 36 -16.21 22.03 20.04
CA LEU H 36 -17.05 22.61 21.08
C LEU H 36 -18.51 22.26 20.69
N SER H 37 -19.41 22.37 21.67
CA SER H 37 -20.85 22.20 21.46
C SER H 37 -21.52 23.58 21.73
N GLU H 38 -22.80 23.73 21.32
CA GLU H 38 -23.52 24.99 21.52
C GLU H 38 -23.63 25.33 23.00
N ASN H 39 -23.88 24.33 23.86
CA ASN H 39 -23.95 24.48 25.32
C ASN H 39 -22.72 23.83 25.97
N GLU H 40 -22.40 24.23 27.20
CA GLU H 40 -21.27 23.70 27.95
C GLU H 40 -21.61 23.55 29.45
N ILE H 41 -20.78 22.80 30.18
CA ILE H 41 -20.95 22.56 31.61
C ILE H 41 -19.71 23.09 32.31
N THR H 42 -19.86 24.05 33.23
CA THR H 42 -18.74 24.58 33.97
C THR H 42 -18.45 23.65 35.14
N ILE H 43 -17.18 23.36 35.37
CA ILE H 43 -16.73 22.48 36.43
C ILE H 43 -16.02 23.29 37.51
N TYR H 44 -16.37 23.02 38.77
CA TYR H 44 -15.83 23.71 39.93
C TYR H 44 -15.09 22.73 40.82
N ALA H 45 -14.08 23.21 41.55
CA ALA H 45 -13.32 22.38 42.45
C ALA H 45 -14.20 22.03 43.66
N PRO H 46 -14.49 20.74 43.97
CA PRO H 46 -15.34 20.45 45.15
C PRO H 46 -14.84 20.97 46.50
N ALA H 47 -13.50 21.15 46.68
CA ALA H 47 -12.93 21.61 47.95
C ALA H 47 -13.00 23.12 48.17
N THR H 48 -12.88 23.92 47.09
CA THR H 48 -12.83 25.37 47.18
C THR H 48 -13.92 26.12 46.44
N GLY H 49 -14.55 25.49 45.46
CA GLY H 49 -15.54 26.17 44.61
C GLY H 49 -14.92 26.92 43.44
N GLU H 50 -13.60 26.82 43.25
CA GLU H 50 -12.89 27.49 42.16
C GLU H 50 -13.34 26.99 40.79
N GLU H 51 -13.57 27.91 39.83
CA GLU H 51 -13.93 27.52 38.47
C GLU H 51 -12.67 26.96 37.78
N LEU H 52 -12.80 25.73 37.25
CA LEU H 52 -11.70 25.01 36.60
C LEU H 52 -11.75 25.00 35.09
N GLY H 53 -12.91 25.29 34.52
CA GLY H 53 -13.10 25.29 33.08
C GLY H 53 -14.43 24.70 32.72
N SER H 54 -14.71 24.59 31.43
CA SER H 54 -15.97 24.04 30.96
C SER H 54 -15.71 22.94 29.97
N VAL H 55 -16.68 22.01 29.86
CA VAL H 55 -16.61 20.93 28.89
C VAL H 55 -17.85 21.00 28.02
N PRO H 56 -17.83 20.52 26.75
CA PRO H 56 -19.03 20.62 25.92
C PRO H 56 -20.19 19.82 26.49
N ALA H 57 -21.42 20.29 26.22
CA ALA H 57 -22.64 19.61 26.59
C ALA H 57 -23.20 19.04 25.28
N MET H 58 -22.71 17.87 24.88
CA MET H 58 -23.09 17.28 23.61
C MET H 58 -24.55 16.95 23.49
N THR H 59 -25.06 17.06 22.26
CA THR H 59 -26.41 16.67 21.89
C THR H 59 -26.34 15.20 21.38
N GLN H 60 -27.50 14.58 21.15
CA GLN H 60 -27.56 13.21 20.63
C GLN H 60 -27.01 13.15 19.20
N ALA H 61 -27.21 14.20 18.40
CA ALA H 61 -26.66 14.29 17.04
C ALA H 61 -25.14 14.33 17.04
N GLU H 62 -24.53 14.98 18.04
CA GLU H 62 -23.08 15.02 18.18
C GLU H 62 -22.53 13.67 18.65
N VAL H 63 -23.30 12.93 19.48
CA VAL H 63 -22.94 11.57 19.89
C VAL H 63 -22.96 10.69 18.64
N ASP H 64 -23.98 10.85 17.76
CA ASP H 64 -24.07 10.11 16.49
C ASP H 64 -22.81 10.34 15.64
N ALA H 65 -22.30 11.60 15.56
CA ALA H 65 -21.11 11.92 14.79
C ALA H 65 -19.86 11.22 15.34
N VAL H 66 -19.77 11.11 16.68
CA VAL H 66 -18.65 10.42 17.34
C VAL H 66 -18.66 8.95 16.94
N TYR H 67 -19.83 8.30 17.04
CA TYR H 67 -19.97 6.88 16.73
C TYR H 67 -19.81 6.57 15.24
N ALA H 68 -20.29 7.47 14.37
CA ALA H 68 -20.11 7.30 12.93
C ALA H 68 -18.62 7.36 12.60
N SER H 69 -17.87 8.31 13.21
CA SER H 69 -16.43 8.45 13.02
C SER H 69 -15.67 7.20 13.46
N ALA H 70 -16.08 6.63 14.61
CA ALA H 70 -15.43 5.48 15.18
C ALA H 70 -15.66 4.23 14.32
N LYS H 71 -16.91 3.98 13.88
CA LYS H 71 -17.18 2.83 13.03
C LYS H 71 -16.45 2.95 11.69
N LYS H 72 -16.30 4.17 11.16
CA LYS H 72 -15.58 4.38 9.91
C LYS H 72 -14.08 4.11 10.10
N ALA H 73 -13.52 4.53 11.23
CA ALA H 73 -12.11 4.31 11.53
C ALA H 73 -11.76 2.86 11.89
N LEU H 74 -12.76 2.04 12.25
CA LEU H 74 -12.54 0.68 12.71
C LEU H 74 -11.82 -0.24 11.70
N SER H 75 -12.20 -0.22 10.41
CA SER H 75 -11.60 -1.08 9.41
C SER H 75 -10.08 -0.87 9.26
N ASP H 76 -9.61 0.37 9.14
CA ASP H 76 -8.18 0.64 9.01
C ASP H 76 -7.41 0.40 10.31
N TRP H 77 -8.07 0.51 11.47
CA TRP H 77 -7.42 0.31 12.77
C TRP H 77 -7.21 -1.16 13.06
N ARG H 78 -8.25 -1.98 12.85
CA ARG H 78 -8.15 -3.42 13.10
C ARG H 78 -7.18 -4.12 12.13
N THR H 79 -6.99 -3.58 10.92
CA THR H 79 -6.06 -4.19 9.94
C THR H 79 -4.58 -3.78 10.18
N LEU H 80 -4.31 -2.79 11.05
CA LEU H 80 -2.93 -2.47 11.43
C LEU H 80 -2.35 -3.63 12.20
N SER H 81 -1.02 -3.73 12.24
CA SER H 81 -0.37 -4.78 13.03
C SER H 81 -0.51 -4.45 14.51
N TYR H 82 -0.33 -5.45 15.37
CA TYR H 82 -0.35 -5.23 16.81
C TYR H 82 0.78 -4.27 17.23
N VAL H 83 1.96 -4.39 16.59
CA VAL H 83 3.11 -3.53 16.85
C VAL H 83 2.77 -2.06 16.58
N GLU H 84 2.06 -1.77 15.48
CA GLU H 84 1.72 -0.39 15.16
C GLU H 84 0.76 0.17 16.19
N ARG H 85 -0.26 -0.62 16.60
CA ARG H 85 -1.19 -0.18 17.62
C ARG H 85 -0.51 0.02 19.00
N ALA H 86 0.43 -0.86 19.39
CA ALA H 86 1.18 -0.73 20.65
C ALA H 86 2.08 0.52 20.64
N ALA H 87 2.63 0.91 19.48
CA ALA H 87 3.48 2.09 19.39
C ALA H 87 2.72 3.35 19.77
N TYR H 88 1.45 3.48 19.33
CA TYR H 88 0.62 4.64 19.68
C TYR H 88 0.37 4.69 21.18
N LEU H 89 0.06 3.53 21.79
CA LEU H 89 -0.21 3.45 23.22
C LEU H 89 1.02 3.83 24.04
N HIS H 90 2.21 3.30 23.66
CA HIS H 90 3.46 3.66 24.32
C HIS H 90 3.76 5.14 24.19
N LYS H 91 3.45 5.76 23.03
CA LYS H 91 3.69 7.18 22.86
C LYS H 91 2.74 8.01 23.76
N ALA H 92 1.45 7.59 23.89
CA ALA H 92 0.48 8.29 24.75
C ALA H 92 0.87 8.17 26.24
N ALA H 93 1.41 7.02 26.65
CA ALA H 93 1.87 6.83 28.02
C ALA H 93 3.11 7.71 28.32
N ASP H 94 4.02 7.92 27.35
CA ASP H 94 5.19 8.79 27.53
C ASP H 94 4.78 10.26 27.71
N ILE H 95 3.74 10.70 26.98
CA ILE H 95 3.24 12.08 27.07
C ILE H 95 2.59 12.26 28.46
N LEU H 96 1.85 11.22 28.96
CA LEU H 96 1.25 11.31 30.28
C LEU H 96 2.30 11.43 31.36
N VAL H 97 3.42 10.69 31.24
CA VAL H 97 4.50 10.78 32.23
C VAL H 97 5.10 12.19 32.19
N ARG H 98 5.33 12.72 30.97
CA ARG H 98 5.85 14.07 30.80
C ARG H 98 4.91 15.11 31.47
N ASP H 99 3.61 15.04 31.19
CA ASP H 99 2.62 15.97 31.71
C ASP H 99 1.89 15.47 32.97
N ALA H 100 2.50 14.58 33.76
CA ALA H 100 1.84 14.07 34.97
C ALA H 100 1.54 15.18 35.98
N GLU H 101 2.44 16.18 36.12
CA GLU H 101 2.19 17.28 37.06
C GLU H 101 1.08 18.15 36.49
N LYS H 102 1.16 18.52 35.22
CA LYS H 102 0.13 19.37 34.57
CA LYS H 102 0.13 19.37 34.57
C LYS H 102 -1.27 18.75 34.68
N ILE H 103 -1.39 17.45 34.36
CA ILE H 103 -2.68 16.74 34.40
C ILE H 103 -3.10 16.52 35.86
N GLY H 104 -2.19 16.00 36.67
CA GLY H 104 -2.44 15.74 38.08
C GLY H 104 -2.91 16.97 38.86
N ALA H 105 -2.33 18.17 38.60
CA ALA H 105 -2.72 19.41 39.28
C ALA H 105 -4.21 19.73 39.02
N ILE H 106 -4.69 19.55 37.78
CA ILE H 106 -6.09 19.83 37.46
C ILE H 106 -6.98 18.73 38.05
N LEU H 107 -6.57 17.46 37.90
CA LEU H 107 -7.28 16.29 38.44
C LEU H 107 -7.51 16.43 39.95
N SER H 108 -6.46 16.86 40.67
CA SER H 108 -6.54 17.10 42.12
C SER H 108 -7.66 18.08 42.47
N LYS H 109 -7.75 19.21 41.76
CA LYS H 109 -8.77 20.21 42.01
C LYS H 109 -10.16 19.70 41.58
N GLU H 110 -10.23 19.01 40.47
CA GLU H 110 -11.48 18.56 39.90
C GLU H 110 -12.25 17.55 40.75
N VAL H 111 -11.55 16.63 41.43
CA VAL H 111 -12.25 15.63 42.25
C VAL H 111 -11.81 15.64 43.72
N ALA H 112 -11.20 16.75 44.19
CA ALA H 112 -10.76 16.92 45.58
C ALA H 112 -9.90 15.76 46.07
N LYS H 113 -8.94 15.39 45.23
CA LYS H 113 -7.99 14.35 45.54
C LYS H 113 -6.68 15.07 45.85
N GLY H 114 -5.90 14.53 46.79
CA GLY H 114 -4.59 15.10 47.16
C GLY H 114 -3.71 15.31 45.95
N HIS H 115 -2.95 16.42 45.91
CA HIS H 115 -2.11 16.73 44.75
C HIS H 115 -1.18 15.57 44.35
N LYS H 116 -0.45 14.99 45.32
CA LYS H 116 0.49 13.89 45.09
C LYS H 116 -0.26 12.64 44.63
N ALA H 117 -1.40 12.33 45.25
CA ALA H 117 -2.19 11.17 44.88
C ALA H 117 -2.73 11.32 43.45
N ALA H 118 -3.10 12.53 43.04
CA ALA H 118 -3.60 12.81 41.69
C ALA H 118 -2.48 12.66 40.63
N VAL H 119 -1.24 13.12 40.95
CA VAL H 119 -0.10 12.94 40.06
C VAL H 119 0.22 11.45 39.96
N SER H 120 0.15 10.70 41.09
CA SER H 120 0.40 9.25 41.11
C SER H 120 -0.61 8.52 40.24
N GLU H 121 -1.87 8.97 40.22
CA GLU H 121 -2.91 8.39 39.39
C GLU H 121 -2.55 8.47 37.92
N VAL H 122 -2.01 9.63 37.46
CA VAL H 122 -1.62 9.82 36.07
C VAL H 122 -0.43 8.91 35.73
N ILE H 123 0.54 8.74 36.66
CA ILE H 123 1.69 7.85 36.46
C ILE H 123 1.22 6.40 36.39
N ARG H 124 0.28 6.00 37.25
CA ARG H 124 -0.28 4.64 37.25
C ARG H 124 -1.04 4.36 35.94
N THR H 125 -1.70 5.38 35.37
CA THR H 125 -2.41 5.25 34.11
C THR H 125 -1.39 4.95 33.00
N ALA H 126 -0.28 5.70 32.95
CA ALA H 126 0.78 5.47 31.96
C ALA H 126 1.34 4.03 32.06
N GLU H 127 1.51 3.51 33.28
CA GLU H 127 1.97 2.14 33.53
C GLU H 127 0.99 1.10 32.98
N ILE H 128 -0.32 1.33 33.18
CA ILE H 128 -1.37 0.42 32.70
C ILE H 128 -1.45 0.46 31.17
N ILE H 129 -1.28 1.65 30.57
CA ILE H 129 -1.30 1.79 29.11
C ILE H 129 -0.14 1.02 28.50
N ASN H 130 1.07 1.18 29.07
CA ASN H 130 2.25 0.46 28.60
C ASN H 130 2.10 -1.04 28.79
N TYR H 131 1.57 -1.48 29.94
CA TYR H 131 1.41 -2.90 30.23
C TYR H 131 0.37 -3.53 29.28
N ALA H 132 -0.72 -2.80 28.98
CA ALA H 132 -1.76 -3.23 28.08
C ALA H 132 -1.27 -3.34 26.64
N ALA H 133 -0.43 -2.39 26.21
CA ALA H 133 0.14 -2.42 24.87
C ALA H 133 1.01 -3.65 24.67
N GLU H 134 1.85 -4.01 25.67
CA GLU H 134 2.71 -5.19 25.56
C GLU H 134 1.96 -6.51 25.82
N GLU H 135 0.90 -6.49 26.66
CA GLU H 135 0.11 -7.68 26.92
C GLU H 135 -0.71 -8.04 25.66
N GLY H 136 -1.36 -7.06 25.09
CA GLY H 136 -2.22 -7.25 23.92
C GLY H 136 -1.48 -7.66 22.67
N LEU H 137 -0.25 -7.14 22.55
CA LEU H 137 0.63 -7.42 21.42
C LEU H 137 0.99 -8.91 21.29
N ARG H 138 1.02 -9.66 22.40
CA ARG H 138 1.34 -11.10 22.41
C ARG H 138 0.07 -11.93 22.32
N MET H 139 -0.97 -11.40 21.65
CA MET H 139 -2.27 -12.06 21.51
C MET H 139 -2.06 -13.35 20.72
N GLU H 140 -2.51 -14.48 21.28
CA GLU H 140 -2.37 -15.76 20.63
C GLU H 140 -3.70 -16.43 20.40
N GLY H 141 -3.72 -17.28 19.39
CA GLY H 141 -4.86 -18.12 19.08
C GLY H 141 -4.58 -19.56 19.45
N GLU H 142 -5.46 -20.44 19.00
CA GLU H 142 -5.32 -21.87 19.26
C GLU H 142 -5.66 -22.70 18.05
N VAL H 143 -5.07 -23.88 17.98
CA VAL H 143 -5.33 -24.83 16.91
C VAL H 143 -5.95 -26.02 17.62
N LEU H 144 -7.18 -26.36 17.27
CA LEU H 144 -7.87 -27.48 17.88
C LEU H 144 -7.95 -28.61 16.89
N GLU H 145 -7.90 -29.83 17.39
CA GLU H 145 -7.91 -31.04 16.60
C GLU H 145 -9.31 -31.66 16.60
N GLY H 146 -9.86 -31.94 15.43
CA GLY H 146 -11.12 -32.65 15.32
C GLY H 146 -11.01 -34.06 15.90
N GLY H 147 -9.82 -34.66 15.78
CA GLY H 147 -9.49 -35.98 16.31
C GLY H 147 -9.49 -36.08 17.82
N SER H 148 -9.55 -34.96 18.53
CA SER H 148 -9.71 -34.92 20.00
C SER H 148 -11.13 -35.37 20.37
N PHE H 149 -12.13 -35.10 19.50
CA PHE H 149 -13.53 -35.42 19.75
C PHE H 149 -13.99 -36.69 19.02
N GLU H 150 -13.65 -36.85 17.73
CA GLU H 150 -14.07 -38.02 16.96
C GLU H 150 -13.07 -38.39 15.89
N ALA H 151 -12.87 -39.71 15.70
CA ALA H 151 -11.89 -40.26 14.75
C ALA H 151 -12.17 -39.84 13.31
N ALA H 152 -13.45 -39.77 12.89
CA ALA H 152 -13.80 -39.38 11.54
C ALA H 152 -13.33 -37.96 11.18
N SER H 153 -13.19 -37.05 12.18
CA SER H 153 -12.76 -35.67 11.95
C SER H 153 -11.28 -35.42 12.29
N LYS H 154 -10.45 -36.47 12.31
CA LYS H 154 -9.05 -36.32 12.68
C LYS H 154 -8.25 -35.41 11.72
N LYS H 155 -8.67 -35.29 10.46
CA LYS H 155 -7.98 -34.41 9.51
C LYS H 155 -8.51 -32.96 9.56
N LYS H 156 -9.51 -32.67 10.39
CA LYS H 156 -10.15 -31.36 10.52
C LYS H 156 -9.52 -30.58 11.67
N ILE H 157 -9.07 -29.35 11.40
CA ILE H 157 -8.49 -28.50 12.44
C ILE H 157 -9.15 -27.13 12.42
N ALA H 158 -9.20 -26.47 13.60
CA ALA H 158 -9.75 -25.14 13.73
C ALA H 158 -8.63 -24.17 14.08
N ILE H 159 -8.39 -23.15 13.24
CA ILE H 159 -7.41 -22.08 13.48
C ILE H 159 -8.27 -20.99 14.14
N VAL H 160 -8.15 -20.83 15.45
CA VAL H 160 -8.95 -19.89 16.22
C VAL H 160 -8.11 -18.66 16.57
N ARG H 161 -8.50 -17.49 16.07
CA ARG H 161 -7.76 -16.25 16.29
C ARG H 161 -8.65 -15.20 16.93
N ARG H 162 -8.04 -14.26 17.65
CA ARG H 162 -8.75 -13.19 18.34
C ARG H 162 -9.04 -12.03 17.39
N GLU H 163 -10.20 -11.38 17.59
CA GLU H 163 -10.63 -10.22 16.82
C GLU H 163 -11.24 -9.18 17.76
N PRO H 164 -11.22 -7.88 17.41
CA PRO H 164 -11.89 -6.90 18.26
C PRO H 164 -13.43 -7.08 18.25
N VAL H 165 -14.11 -6.61 19.30
CA VAL H 165 -15.57 -6.62 19.35
C VAL H 165 -16.17 -5.47 18.48
N GLY H 166 -15.42 -4.38 18.30
CA GLY H 166 -15.80 -3.24 17.47
C GLY H 166 -15.62 -1.92 18.18
N LEU H 167 -16.72 -1.23 18.49
CA LEU H 167 -16.70 0.05 19.21
C LEU H 167 -16.95 -0.21 20.69
N VAL H 168 -16.02 0.22 21.54
CA VAL H 168 -16.15 0.11 22.98
C VAL H 168 -16.51 1.49 23.53
N LEU H 169 -17.57 1.56 24.33
CA LEU H 169 -17.94 2.78 25.05
C LEU H 169 -17.32 2.58 26.43
N ALA H 170 -16.38 3.43 26.81
CA ALA H 170 -15.72 3.36 28.11
C ALA H 170 -16.28 4.52 28.97
N ILE H 171 -16.78 4.21 30.17
CA ILE H 171 -17.34 5.21 31.07
C ILE H 171 -16.52 5.17 32.34
N SER H 172 -15.72 6.21 32.59
CA SER H 172 -14.86 6.27 33.77
C SER H 172 -15.58 6.88 34.98
N PRO H 173 -15.12 6.61 36.22
CA PRO H 173 -15.79 7.18 37.40
C PRO H 173 -15.12 8.47 37.90
N PHE H 174 -15.78 9.20 38.79
CA PHE H 174 -15.23 10.46 39.31
C PHE H 174 -13.98 10.23 40.16
N ASN H 175 -13.92 9.10 40.89
CA ASN H 175 -12.82 8.89 41.83
C ASN H 175 -11.50 8.52 41.16
N TYR H 176 -11.52 7.95 39.94
CA TYR H 176 -10.32 7.61 39.17
C TYR H 176 -10.62 7.95 37.71
N PRO H 177 -10.77 9.25 37.40
CA PRO H 177 -11.19 9.64 36.06
C PRO H 177 -10.16 9.46 34.95
N VAL H 178 -8.88 9.36 35.30
CA VAL H 178 -7.81 9.15 34.34
C VAL H 178 -7.44 7.67 34.37
N ASN H 179 -7.19 7.13 35.56
CA ASN H 179 -6.77 5.75 35.74
C ASN H 179 -7.82 4.74 35.29
N LEU H 180 -9.08 4.93 35.68
CA LEU H 180 -10.13 4.00 35.24
C LEU H 180 -10.82 4.43 33.93
N ALA H 181 -10.13 5.27 33.14
CA ALA H 181 -10.43 5.59 31.75
C ALA H 181 -9.32 4.81 30.95
N GLY H 182 -8.04 4.98 31.31
CA GLY H 182 -6.91 4.31 30.68
C GLY H 182 -6.96 2.80 30.81
N SER H 183 -7.46 2.30 31.95
CA SER H 183 -7.60 0.86 32.19
C SER H 183 -8.66 0.21 31.26
N LYS H 184 -9.50 1.03 30.58
CA LYS H 184 -10.52 0.57 29.63
C LYS H 184 -10.04 0.85 28.20
N ILE H 185 -9.50 2.05 27.96
CA ILE H 185 -9.05 2.49 26.65
C ILE H 185 -7.86 1.66 26.10
N ALA H 186 -6.75 1.54 26.87
CA ALA H 186 -5.57 0.84 26.35
C ALA H 186 -5.80 -0.66 26.02
N PRO H 187 -6.46 -1.45 26.90
CA PRO H 187 -6.79 -2.83 26.53
C PRO H 187 -7.73 -2.95 25.32
N ALA H 188 -8.68 -2.01 25.14
CA ALA H 188 -9.58 -2.04 23.99
C ALA H 188 -8.81 -1.68 22.70
N LEU H 189 -8.00 -0.61 22.72
CA LEU H 189 -7.29 -0.17 21.52
C LEU H 189 -6.23 -1.17 21.02
N ILE H 190 -5.47 -1.82 21.93
CA ILE H 190 -4.45 -2.79 21.48
C ILE H 190 -5.08 -3.95 20.71
N ALA H 191 -6.28 -4.37 21.14
CA ALA H 191 -7.01 -5.47 20.51
C ALA H 191 -7.61 -5.13 19.14
N GLY H 192 -7.54 -3.87 18.71
CA GLY H 192 -8.07 -3.44 17.42
C GLY H 192 -9.45 -2.80 17.52
N ASN H 193 -9.95 -2.52 18.74
CA ASN H 193 -11.24 -1.86 18.92
C ASN H 193 -11.02 -0.35 18.79
N VAL H 194 -12.11 0.35 18.46
CA VAL H 194 -12.18 1.81 18.48
C VAL H 194 -12.93 2.16 19.78
N VAL H 195 -12.65 3.35 20.33
CA VAL H 195 -13.16 3.72 21.63
C VAL H 195 -13.80 5.11 21.64
N ALA H 196 -14.81 5.26 22.50
CA ALA H 196 -15.44 6.54 22.83
C ALA H 196 -15.40 6.58 24.36
N LEU H 197 -14.70 7.56 24.91
CA LEU H 197 -14.61 7.74 26.35
C LEU H 197 -15.69 8.73 26.77
N LYS H 198 -16.53 8.33 27.73
CA LYS H 198 -17.51 9.22 28.33
C LYS H 198 -17.02 9.38 29.78
N PRO H 199 -16.28 10.44 30.10
CA PRO H 199 -15.89 10.63 31.50
C PRO H 199 -17.08 11.17 32.29
N PRO H 200 -16.99 11.09 33.64
CA PRO H 200 -18.06 11.69 34.45
C PRO H 200 -17.97 13.21 34.32
N THR H 201 -19.06 13.93 34.56
CA THR H 201 -19.01 15.40 34.43
C THR H 201 -17.99 15.98 35.44
N GLN H 202 -18.02 15.50 36.69
CA GLN H 202 -17.02 15.87 37.67
C GLN H 202 -15.85 14.91 37.40
N GLY H 203 -14.97 15.33 36.52
CA GLY H 203 -13.84 14.53 36.06
C GLY H 203 -13.64 14.60 34.54
N SER H 204 -14.50 15.34 33.81
CA SER H 204 -14.42 15.47 32.36
C SER H 204 -13.24 16.26 31.88
N ILE H 205 -12.76 17.22 32.69
CA ILE H 205 -11.54 17.95 32.31
C ILE H 205 -10.36 16.94 32.33
N SER H 206 -10.28 16.09 33.35
CA SER H 206 -9.24 15.05 33.46
C SER H 206 -9.28 14.05 32.28
N GLY H 207 -10.48 13.69 31.89
CA GLY H 207 -10.70 12.76 30.79
C GLY H 207 -10.30 13.35 29.47
N LEU H 208 -10.57 14.66 29.27
CA LEU H 208 -10.19 15.37 28.05
C LEU H 208 -8.67 15.63 28.01
N LEU H 209 -8.03 15.80 29.17
CA LEU H 209 -6.57 15.94 29.24
C LEU H 209 -5.92 14.61 28.88
N LEU H 210 -6.51 13.49 29.30
CA LEU H 210 -6.05 12.15 28.91
C LEU H 210 -6.20 12.00 27.39
N ALA H 211 -7.30 12.48 26.81
CA ALA H 211 -7.52 12.43 25.36
C ALA H 211 -6.52 13.25 24.59
N GLU H 212 -6.10 14.40 25.12
CA GLU H 212 -5.09 15.23 24.47
C GLU H 212 -3.76 14.46 24.35
N ALA H 213 -3.43 13.57 25.30
CA ALA H 213 -2.21 12.78 25.22
C ALA H 213 -2.31 11.77 24.08
N PHE H 214 -3.48 11.13 23.90
CA PHE H 214 -3.66 10.18 22.79
C PHE H 214 -3.65 10.88 21.43
N ALA H 215 -4.21 12.08 21.34
CA ALA H 215 -4.24 12.87 20.11
C ALA H 215 -2.82 13.35 19.78
N GLU H 216 -2.06 13.82 20.79
CA GLU H 216 -0.68 14.22 20.56
C GLU H 216 0.16 13.03 20.10
N ALA H 217 -0.10 11.83 20.63
CA ALA H 217 0.58 10.62 20.18
C ALA H 217 0.25 10.25 18.72
N GLY H 218 -0.72 10.93 18.09
CA GLY H 218 -1.10 10.71 16.72
C GLY H 218 -2.06 9.57 16.52
N ILE H 219 -2.90 9.26 17.52
CA ILE H 219 -3.90 8.18 17.39
C ILE H 219 -4.80 8.49 16.15
N PRO H 220 -4.96 7.57 15.17
CA PRO H 220 -5.72 7.94 13.95
C PRO H 220 -7.12 8.50 14.23
N ALA H 221 -7.58 9.40 13.36
CA ALA H 221 -8.87 10.07 13.50
C ALA H 221 -10.01 9.06 13.61
N GLY H 222 -10.84 9.19 14.65
CA GLY H 222 -11.98 8.31 14.90
C GLY H 222 -11.66 7.08 15.72
N VAL H 223 -10.36 6.71 15.85
CA VAL H 223 -9.99 5.54 16.65
C VAL H 223 -10.25 5.77 18.13
N PHE H 224 -9.94 6.98 18.62
CA PHE H 224 -10.19 7.36 20.00
C PHE H 224 -10.94 8.68 19.99
N ASN H 225 -12.09 8.74 20.67
CA ASN H 225 -12.95 9.93 20.74
C ASN H 225 -13.48 10.11 22.15
N THR H 226 -13.96 11.33 22.46
CA THR H 226 -14.55 11.60 23.76
C THR H 226 -15.96 12.16 23.58
N ILE H 227 -16.79 11.91 24.60
CA ILE H 227 -18.16 12.40 24.70
C ILE H 227 -18.28 13.04 26.08
N THR H 228 -18.83 14.25 26.15
CA THR H 228 -19.14 14.91 27.42
C THR H 228 -20.55 15.47 27.29
N GLY H 229 -21.30 15.39 28.37
CA GLY H 229 -22.66 15.92 28.38
C GLY H 229 -23.45 15.57 29.60
N ARG H 230 -24.67 16.09 29.61
CA ARG H 230 -25.60 15.90 30.71
C ARG H 230 -26.29 14.58 30.55
N GLY H 231 -26.42 13.86 31.67
CA GLY H 231 -27.15 12.59 31.69
C GLY H 231 -28.57 12.71 31.21
N SER H 232 -29.25 13.84 31.48
CA SER H 232 -30.62 14.03 31.02
C SER H 232 -30.72 14.18 29.50
N VAL H 233 -29.64 14.57 28.81
CA VAL H 233 -29.65 14.74 27.35
C VAL H 233 -29.12 13.48 26.63
N ILE H 234 -27.99 12.91 27.11
CA ILE H 234 -27.33 11.78 26.43
C ILE H 234 -27.03 10.54 27.29
N GLY H 235 -27.40 10.53 28.57
CA GLY H 235 -27.12 9.42 29.48
C GLY H 235 -27.45 8.04 28.96
N ASP H 236 -28.72 7.79 28.68
CA ASP H 236 -29.16 6.50 28.14
C ASP H 236 -28.81 6.39 26.67
N TYR H 237 -28.88 7.50 25.92
CA TYR H 237 -28.59 7.53 24.49
C TYR H 237 -27.23 6.92 24.12
N ILE H 238 -26.15 7.27 24.85
CA ILE H 238 -24.82 6.75 24.55
C ILE H 238 -24.74 5.23 24.67
N VAL H 239 -25.49 4.62 25.61
CA VAL H 239 -25.49 3.17 25.85
C VAL H 239 -26.42 2.44 24.89
N GLU H 240 -27.64 2.96 24.65
CA GLU H 240 -28.62 2.35 23.75
C GLU H 240 -28.20 2.29 22.30
N HIS H 241 -27.36 3.26 21.86
CA HIS H 241 -26.96 3.39 20.46
C HIS H 241 -26.46 2.07 19.84
N GLU H 242 -27.03 1.69 18.68
CA GLU H 242 -26.68 0.44 17.97
C GLU H 242 -25.23 0.37 17.52
N ALA H 243 -24.52 1.52 17.41
CA ALA H 243 -23.13 1.51 17.00
C ALA H 243 -22.21 0.91 18.09
N VAL H 244 -22.60 1.07 19.37
CA VAL H 244 -21.81 0.55 20.48
C VAL H 244 -21.89 -0.97 20.56
N ASN H 245 -20.72 -1.64 20.54
CA ASN H 245 -20.63 -3.10 20.60
C ASN H 245 -20.27 -3.65 21.99
N PHE H 246 -19.76 -2.79 22.89
CA PHE H 246 -19.34 -3.18 24.23
C PHE H 246 -19.41 -1.95 25.16
N ILE H 247 -19.89 -2.12 26.40
CA ILE H 247 -19.93 -1.03 27.36
C ILE H 247 -19.06 -1.42 28.56
N ASN H 248 -18.05 -0.64 28.84
CA ASN H 248 -17.13 -0.88 29.93
C ASN H 248 -17.34 0.30 30.90
N PHE H 249 -17.94 0.03 32.05
CA PHE H 249 -18.34 1.08 32.99
C PHE H 249 -17.89 0.84 34.43
N THR H 250 -17.52 1.94 35.12
CA THR H 250 -17.25 1.96 36.54
C THR H 250 -18.14 3.07 37.10
N GLY H 251 -18.86 2.77 38.18
CA GLY H 251 -19.76 3.71 38.81
C GLY H 251 -20.68 3.06 39.81
N SER H 252 -21.81 3.70 40.11
CA SER H 252 -22.75 3.19 41.10
C SER H 252 -23.53 1.97 40.61
N THR H 253 -23.97 1.12 41.57
CA THR H 253 -24.71 -0.10 41.27
C THR H 253 -26.03 0.18 40.51
N PRO H 254 -26.88 1.11 40.96
CA PRO H 254 -28.12 1.37 40.21
C PRO H 254 -27.86 1.80 38.75
N ILE H 255 -26.83 2.64 38.48
CA ILE H 255 -26.53 3.04 37.10
C ILE H 255 -26.06 1.80 36.30
N GLY H 256 -25.24 0.96 36.91
CA GLY H 256 -24.77 -0.27 36.29
C GLY H 256 -25.89 -1.23 35.95
N GLU H 257 -26.88 -1.35 36.84
CA GLU H 257 -28.06 -2.18 36.64
C GLU H 257 -28.82 -1.70 35.39
N GLY H 258 -28.98 -0.38 35.25
CA GLY H 258 -29.62 0.21 34.08
C GLY H 258 -28.84 -0.03 32.81
N ILE H 259 -27.50 0.08 32.87
CA ILE H 259 -26.64 -0.16 31.72
C ILE H 259 -26.77 -1.62 31.26
N GLY H 260 -26.85 -2.56 32.19
CA GLY H 260 -27.02 -3.97 31.86
C GLY H 260 -28.26 -4.22 31.03
N LYS H 261 -29.34 -3.54 31.40
CA LYS H 261 -30.63 -3.62 30.72
C LYS H 261 -30.51 -2.98 29.33
N LEU H 262 -29.99 -1.75 29.23
CA LEU H 262 -29.82 -1.01 27.97
C LEU H 262 -28.87 -1.71 26.99
N ALA H 263 -27.92 -2.50 27.51
CA ALA H 263 -26.99 -3.24 26.66
C ALA H 263 -27.69 -4.35 25.88
N GLY H 264 -28.79 -4.89 26.40
CA GLY H 264 -29.52 -5.98 25.74
C GLY H 264 -28.67 -7.22 25.71
N MET H 265 -28.34 -7.72 24.52
CA MET H 265 -27.47 -8.89 24.38
C MET H 265 -25.98 -8.52 24.29
N ARG H 266 -25.63 -7.22 24.21
CA ARG H 266 -24.24 -6.82 23.98
C ARG H 266 -23.35 -7.04 25.19
N PRO H 267 -22.07 -7.41 24.97
CA PRO H 267 -21.17 -7.63 26.12
C PRO H 267 -20.86 -6.38 26.93
N ILE H 268 -20.73 -6.54 28.25
CA ILE H 268 -20.45 -5.45 29.18
C ILE H 268 -19.40 -5.85 30.22
N MET H 269 -18.82 -4.84 30.85
CA MET H 269 -17.95 -5.00 31.99
C MET H 269 -18.41 -3.92 32.98
N LEU H 270 -18.80 -4.32 34.19
CA LEU H 270 -19.27 -3.38 35.19
C LEU H 270 -18.43 -3.48 36.45
N GLU H 271 -17.98 -2.33 36.96
CA GLU H 271 -17.24 -2.23 38.21
C GLU H 271 -18.13 -1.33 39.07
N LEU H 272 -18.82 -1.92 40.04
CA LEU H 272 -19.83 -1.22 40.83
C LEU H 272 -19.42 -1.12 42.30
N GLY H 273 -20.36 -0.84 43.20
CA GLY H 273 -20.05 -0.64 44.61
C GLY H 273 -19.47 -1.85 45.32
N GLY H 274 -18.91 -1.57 46.48
CA GLY H 274 -18.34 -2.56 47.37
C GLY H 274 -18.67 -2.23 48.80
N LYS H 275 -18.68 -3.24 49.65
CA LYS H 275 -18.77 -3.06 51.10
C LYS H 275 -17.76 -4.07 51.67
N ASP H 276 -16.49 -3.96 51.24
CA ASP H 276 -15.42 -4.92 51.57
C ASP H 276 -15.28 -5.11 53.05
N SER H 277 -15.30 -6.35 53.50
CA SER H 277 -15.16 -6.67 54.90
C SER H 277 -13.71 -7.08 55.21
N ALA H 278 -13.28 -6.79 56.46
CA ALA H 278 -11.95 -7.14 56.96
C ALA H 278 -12.19 -8.05 58.15
N ILE H 279 -11.99 -9.36 57.92
CA ILE H 279 -12.23 -10.36 58.94
C ILE H 279 -10.96 -10.50 59.76
N VAL H 280 -11.03 -10.17 61.06
CA VAL H 280 -9.87 -10.25 61.95
C VAL H 280 -10.06 -11.40 62.93
N LEU H 281 -9.19 -12.43 62.85
CA LEU H 281 -9.30 -13.59 63.73
C LEU H 281 -8.47 -13.42 65.01
N GLU H 282 -8.68 -14.30 65.99
CA GLU H 282 -7.99 -14.23 67.28
C GLU H 282 -6.45 -14.28 67.18
N ASP H 283 -5.90 -15.00 66.21
CA ASP H 283 -4.44 -15.11 66.06
C ASP H 283 -3.83 -14.05 65.14
N ALA H 284 -4.57 -12.98 64.81
CA ALA H 284 -4.06 -11.94 63.91
C ALA H 284 -3.03 -11.01 64.57
N ASP H 285 -2.16 -10.43 63.75
CA ASP H 285 -1.24 -9.42 64.19
C ASP H 285 -2.12 -8.16 64.17
N LEU H 286 -2.56 -7.72 65.35
CA LEU H 286 -3.52 -6.61 65.49
C LEU H 286 -2.95 -5.28 65.05
N ALA H 287 -1.63 -5.06 65.21
CA ALA H 287 -0.96 -3.83 64.77
C ALA H 287 -0.93 -3.75 63.24
N LEU H 288 -0.58 -4.86 62.55
CA LEU H 288 -0.56 -4.94 61.08
C LEU H 288 -1.98 -4.84 60.54
N ALA H 289 -2.95 -5.50 61.19
CA ALA H 289 -4.34 -5.45 60.75
C ALA H 289 -4.86 -4.02 60.79
N ALA H 290 -4.64 -3.28 61.91
CA ALA H 290 -5.08 -1.90 62.05
C ALA H 290 -4.40 -0.99 61.01
N LYS H 291 -3.10 -1.16 60.75
CA LYS H 291 -2.39 -0.37 59.75
C LYS H 291 -3.04 -0.51 58.36
N ASN H 292 -3.31 -1.75 57.95
CA ASN H 292 -3.90 -2.05 56.66
C ASN H 292 -5.36 -1.61 56.60
N ILE H 293 -6.13 -1.89 57.67
CA ILE H 293 -7.53 -1.51 57.77
C ILE H 293 -7.68 0.04 57.63
N VAL H 294 -6.85 0.82 58.35
CA VAL H 294 -6.96 2.27 58.28
C VAL H 294 -6.52 2.83 56.92
N ALA H 295 -5.41 2.32 56.36
CA ALA H 295 -4.94 2.79 55.05
C ALA H 295 -5.99 2.50 53.97
N GLY H 296 -6.59 1.31 54.03
CA GLY H 296 -7.63 0.90 53.10
C GLY H 296 -8.98 1.56 53.29
N ALA H 297 -9.45 1.66 54.54
CA ALA H 297 -10.75 2.28 54.83
C ALA H 297 -10.78 3.77 54.53
N PHE H 298 -9.71 4.50 54.87
CA PHE H 298 -9.71 5.96 54.77
C PHE H 298 -8.96 6.59 53.59
N GLY H 299 -8.43 5.77 52.67
CA GLY H 299 -7.77 6.26 51.46
C GLY H 299 -8.76 7.02 50.60
N TYR H 300 -8.39 8.26 50.22
CA TYR H 300 -9.27 9.15 49.45
C TYR H 300 -10.65 9.35 50.16
N SER H 301 -10.63 9.48 51.51
CA SER H 301 -11.81 9.69 52.34
C SER H 301 -12.87 8.59 52.15
N GLY H 302 -12.43 7.35 51.95
CA GLY H 302 -13.33 6.24 51.71
C GLY H 302 -14.11 6.30 50.42
N GLN H 303 -13.69 7.12 49.44
CA GLN H 303 -14.42 7.25 48.15
C GLN H 303 -13.86 6.30 47.12
N ARG H 304 -13.86 5.02 47.46
CA ARG H 304 -13.30 3.95 46.64
C ARG H 304 -14.14 2.74 46.79
N CYS H 305 -14.44 2.05 45.69
CA CYS H 305 -15.24 0.83 45.72
C CYS H 305 -14.48 -0.30 46.44
N THR H 306 -13.14 -0.34 46.28
CA THR H 306 -12.29 -1.34 46.91
CA THR H 306 -12.24 -1.33 46.88
C THR H 306 -11.63 -0.75 48.14
N ALA H 307 -12.36 -0.69 49.19
CA ALA H 307 -11.91 -0.16 50.45
C ALA H 307 -12.47 -1.01 51.55
N VAL H 308 -11.77 -1.08 52.68
CA VAL H 308 -12.26 -1.79 53.84
C VAL H 308 -13.44 -0.93 54.36
N LYS H 309 -14.67 -1.44 54.23
CA LYS H 309 -15.86 -0.71 54.63
C LYS H 309 -16.50 -1.29 55.89
N ARG H 310 -15.96 -2.36 56.47
CA ARG H 310 -16.49 -2.91 57.72
C ARG H 310 -15.52 -3.94 58.29
N VAL H 311 -15.32 -3.89 59.62
CA VAL H 311 -14.42 -4.83 60.28
C VAL H 311 -15.31 -5.85 60.97
N LEU H 312 -15.05 -7.14 60.73
CA LEU H 312 -15.75 -8.25 61.36
C LEU H 312 -14.64 -8.87 62.21
N VAL H 313 -14.60 -8.51 63.48
CA VAL H 313 -13.52 -8.97 64.38
C VAL H 313 -14.05 -9.91 65.46
N MET H 314 -13.26 -10.95 65.80
CA MET H 314 -13.58 -11.89 66.87
C MET H 314 -13.54 -11.11 68.19
N ASP H 315 -14.60 -11.28 69.02
CA ASP H 315 -14.76 -10.56 70.30
CA ASP H 315 -14.75 -10.49 70.25
C ASP H 315 -13.51 -10.51 71.16
N LYS H 316 -12.80 -11.63 71.27
CA LYS H 316 -11.62 -11.74 72.15
C LYS H 316 -10.56 -10.68 71.85
N VAL H 317 -10.34 -10.33 70.58
CA VAL H 317 -9.33 -9.33 70.18
C VAL H 317 -9.93 -7.96 69.73
N ALA H 318 -11.25 -7.79 69.81
CA ALA H 318 -11.91 -6.58 69.36
C ALA H 318 -11.53 -5.30 70.12
N ASP H 319 -11.42 -5.35 71.46
CA ASP H 319 -11.06 -4.15 72.24
C ASP H 319 -9.67 -3.64 71.86
N GLN H 320 -8.68 -4.54 71.76
CA GLN H 320 -7.31 -4.13 71.41
C GLN H 320 -7.23 -3.68 69.96
N LEU H 321 -7.91 -4.38 69.02
CA LEU H 321 -7.87 -3.97 67.62
C LEU H 321 -8.49 -2.58 67.47
N ALA H 322 -9.65 -2.34 68.10
CA ALA H 322 -10.33 -1.05 68.04
C ALA H 322 -9.45 0.09 68.54
N ALA H 323 -8.72 -0.15 69.63
CA ALA H 323 -7.82 0.83 70.22
C ALA H 323 -6.69 1.15 69.23
N GLU H 324 -6.15 0.12 68.53
CA GLU H 324 -5.07 0.25 67.54
C GLU H 324 -5.56 1.05 66.30
N ILE H 325 -6.80 0.79 65.86
CA ILE H 325 -7.39 1.49 64.72
C ILE H 325 -7.60 2.95 65.12
N LYS H 326 -8.18 3.18 66.31
CA LYS H 326 -8.48 4.52 66.82
C LYS H 326 -7.25 5.42 66.85
N THR H 327 -6.10 4.93 67.41
CA THR H 327 -4.86 5.70 67.49
C THR H 327 -4.35 6.12 66.09
N LEU H 328 -4.47 5.24 65.09
CA LEU H 328 -4.08 5.55 63.73
C LEU H 328 -5.05 6.52 63.06
N VAL H 329 -6.36 6.34 63.24
CA VAL H 329 -7.35 7.24 62.64
C VAL H 329 -7.15 8.67 63.16
N GLU H 330 -6.84 8.82 64.46
CA GLU H 330 -6.60 10.12 65.05
C GLU H 330 -5.39 10.84 64.43
N LYS H 331 -4.44 10.09 63.83
CA LYS H 331 -3.25 10.65 63.19
C LYS H 331 -3.53 11.16 61.77
N LEU H 332 -4.62 10.71 61.12
CA LEU H 332 -4.91 11.10 59.75
C LEU H 332 -5.11 12.61 59.63
N SER H 333 -4.44 13.25 58.66
CA SER H 333 -4.60 14.68 58.43
C SER H 333 -5.93 14.92 57.73
N VAL H 334 -6.60 16.01 58.08
CA VAL H 334 -7.91 16.38 57.53
C VAL H 334 -7.75 17.79 57.00
N GLY H 335 -7.95 17.97 55.70
CA GLY H 335 -7.74 19.27 55.10
C GLY H 335 -7.95 19.33 53.61
N MET H 336 -7.16 20.18 52.95
CA MET H 336 -7.31 20.44 51.53
C MET H 336 -6.44 19.59 50.62
N PRO H 337 -6.92 19.30 49.38
CA PRO H 337 -6.11 18.53 48.43
C PRO H 337 -4.72 19.12 48.12
N GLU H 338 -4.59 20.45 48.12
CA GLU H 338 -3.33 21.09 47.79
CA GLU H 338 -3.32 21.12 47.83
C GLU H 338 -2.27 20.81 48.89
N ASP H 339 -2.73 20.49 50.13
CA ASP H 339 -1.85 20.17 51.25
C ASP H 339 -1.66 18.67 51.45
N ASP H 340 -2.05 17.84 50.46
CA ASP H 340 -1.92 16.38 50.50
C ASP H 340 -2.46 15.77 51.79
N ALA H 341 -3.65 16.25 52.20
CA ALA H 341 -4.31 15.70 53.37
C ALA H 341 -4.82 14.29 53.08
N ASP H 342 -4.85 13.44 54.11
CA ASP H 342 -5.37 12.07 53.99
C ASP H 342 -6.88 12.14 53.74
N ILE H 343 -7.58 12.96 54.54
CA ILE H 343 -9.03 13.15 54.42
C ILE H 343 -9.25 14.52 53.80
N THR H 344 -9.74 14.53 52.56
CA THR H 344 -10.05 15.76 51.82
C THR H 344 -11.60 15.93 51.68
N PRO H 345 -12.09 17.10 51.24
CA PRO H 345 -13.55 17.27 51.10
C PRO H 345 -14.18 16.28 50.14
N LEU H 346 -15.42 15.84 50.43
CA LEU H 346 -16.13 14.88 49.59
C LEU H 346 -16.56 15.49 48.26
N ILE H 347 -16.80 14.63 47.28
CA ILE H 347 -17.10 15.03 45.91
C ILE H 347 -18.23 16.09 45.81
N ASP H 348 -19.28 16.01 46.64
CA ASP H 348 -20.36 17.00 46.63
C ASP H 348 -21.17 17.00 47.93
N THR H 349 -22.08 17.99 48.09
CA THR H 349 -22.89 18.15 49.29
C THR H 349 -23.74 16.94 49.55
N SER H 350 -24.37 16.41 48.51
CA SER H 350 -25.21 15.23 48.60
C SER H 350 -24.46 14.03 49.18
N ALA H 351 -23.20 13.83 48.76
CA ALA H 351 -22.37 12.74 49.26
C ALA H 351 -22.08 12.92 50.74
N ALA H 352 -21.73 14.13 51.19
CA ALA H 352 -21.47 14.41 52.59
C ALA H 352 -22.74 14.31 53.45
N ASP H 353 -23.90 14.74 52.90
CA ASP H 353 -25.18 14.62 53.60
C ASP H 353 -25.51 13.14 53.83
N PHE H 354 -25.25 12.31 52.80
CA PHE H 354 -25.52 10.87 52.89
C PHE H 354 -24.67 10.20 53.96
N VAL H 355 -23.39 10.57 54.02
CA VAL H 355 -22.46 10.03 55.01
C VAL H 355 -22.87 10.46 56.42
N GLU H 356 -23.26 11.73 56.58
CA GLU H 356 -23.72 12.24 57.87
C GLU H 356 -24.96 11.48 58.35
N GLY H 357 -25.86 11.11 57.44
CA GLY H 357 -27.06 10.33 57.76
C GLY H 357 -26.75 8.94 58.28
N LEU H 358 -25.71 8.30 57.73
CA LEU H 358 -25.28 6.97 58.19
C LEU H 358 -24.66 7.08 59.57
N ILE H 359 -23.86 8.15 59.81
CA ILE H 359 -23.23 8.44 61.12
C ILE H 359 -24.34 8.67 62.15
N LYS H 360 -25.38 9.43 61.77
CA LYS H 360 -26.49 9.71 62.69
C LYS H 360 -27.26 8.45 63.05
N ASP H 361 -27.59 7.59 62.05
CA ASP H 361 -28.29 6.34 62.30
C ASP H 361 -27.51 5.44 63.27
N ALA H 362 -26.17 5.34 63.10
CA ALA H 362 -25.31 4.54 63.96
C ALA H 362 -25.28 5.10 65.38
N THR H 363 -25.14 6.44 65.53
CA THR H 363 -25.14 7.06 66.86
C THR H 363 -26.46 6.83 67.57
N ASP H 364 -27.59 7.05 66.87
CA ASP H 364 -28.91 6.90 67.45
C ASP H 364 -29.23 5.46 67.83
N LYS H 365 -28.62 4.48 67.13
CA LYS H 365 -28.85 3.07 67.46
C LYS H 365 -27.84 2.51 68.50
N GLY H 366 -27.03 3.36 69.13
CA GLY H 366 -26.14 2.93 70.19
C GLY H 366 -24.71 2.55 69.85
N ALA H 367 -24.23 2.84 68.62
CA ALA H 367 -22.82 2.54 68.29
C ALA H 367 -21.92 3.54 69.03
N THR H 368 -20.72 3.10 69.37
CA THR H 368 -19.75 3.91 70.10
C THR H 368 -18.84 4.65 69.13
N ALA H 369 -18.90 5.99 69.12
CA ALA H 369 -18.04 6.78 68.26
C ALA H 369 -16.65 6.88 68.90
N LEU H 370 -15.67 6.15 68.38
CA LEU H 370 -14.30 6.19 68.92
C LEU H 370 -13.51 7.42 68.49
N THR H 371 -13.89 8.06 67.36
CA THR H 371 -13.31 9.31 66.88
C THR H 371 -14.50 10.22 66.56
N ALA H 372 -14.35 11.53 66.89
CA ALA H 372 -15.46 12.50 66.78
C ALA H 372 -15.89 12.86 65.38
N PHE H 373 -17.19 13.07 65.20
CA PHE H 373 -17.74 13.51 63.93
C PHE H 373 -17.68 15.02 63.90
N ASN H 374 -17.07 15.54 62.84
CA ASN H 374 -16.99 16.97 62.60
C ASN H 374 -17.14 17.18 61.11
N ARG H 375 -17.87 18.21 60.70
CA ARG H 375 -18.08 18.52 59.30
C ARG H 375 -17.95 20.01 59.11
N GLU H 376 -17.17 20.40 58.13
CA GLU H 376 -16.95 21.79 57.80
C GLU H 376 -17.09 21.84 56.28
N GLY H 377 -18.22 22.35 55.79
CA GLY H 377 -18.53 22.33 54.37
C GLY H 377 -18.82 20.89 54.01
N ASN H 378 -18.06 20.31 53.08
CA ASN H 378 -18.17 18.87 52.75
C ASN H 378 -16.93 18.09 53.23
N LEU H 379 -16.17 18.66 54.20
CA LEU H 379 -15.01 18.02 54.80
C LEU H 379 -15.46 17.36 56.09
N ILE H 380 -15.67 16.03 56.04
CA ILE H 380 -16.07 15.24 57.19
C ILE H 380 -14.80 14.64 57.78
N SER H 381 -14.62 14.78 59.10
CA SER H 381 -13.50 14.18 59.82
C SER H 381 -13.71 12.66 59.85
N PRO H 382 -12.63 11.85 59.95
CA PRO H 382 -12.81 10.39 59.95
C PRO H 382 -13.46 9.84 61.22
N VAL H 383 -14.60 9.14 61.05
CA VAL H 383 -15.35 8.59 62.16
C VAL H 383 -15.17 7.09 62.24
N LEU H 384 -14.75 6.59 63.41
CA LEU H 384 -14.61 5.18 63.67
C LEU H 384 -15.73 4.80 64.64
N PHE H 385 -16.49 3.76 64.32
CA PHE H 385 -17.57 3.31 65.20
C PHE H 385 -17.30 1.88 65.66
N ASP H 386 -17.57 1.61 66.94
CA ASP H 386 -17.45 0.28 67.52
C ASP H 386 -18.81 -0.16 68.03
N HIS H 387 -18.98 -1.48 68.23
CA HIS H 387 -20.25 -2.03 68.66
C HIS H 387 -21.34 -1.74 67.62
N VAL H 388 -20.99 -1.85 66.33
CA VAL H 388 -21.95 -1.68 65.25
C VAL H 388 -22.68 -3.00 65.09
N THR H 389 -24.00 -2.96 64.97
CA THR H 389 -24.84 -4.14 64.82
C THR H 389 -25.47 -4.17 63.44
N THR H 390 -25.99 -5.33 63.03
CA THR H 390 -26.58 -5.49 61.71
C THR H 390 -27.88 -4.71 61.50
N ASP H 391 -28.46 -4.10 62.56
CA ASP H 391 -29.68 -3.28 62.43
CA ASP H 391 -29.66 -3.29 62.40
C ASP H 391 -29.33 -1.85 61.97
N MET H 392 -28.03 -1.48 61.97
CA MET H 392 -27.58 -0.15 61.59
C MET H 392 -27.34 -0.12 60.08
N ARG H 393 -27.69 0.98 59.43
CA ARG H 393 -27.46 1.14 57.99
C ARG H 393 -25.97 1.09 57.63
N LEU H 394 -25.11 1.62 58.51
CA LEU H 394 -23.66 1.63 58.30
C LEU H 394 -23.06 0.22 58.18
N ALA H 395 -23.74 -0.82 58.69
CA ALA H 395 -23.26 -2.19 58.56
C ALA H 395 -23.34 -2.68 57.09
N TRP H 396 -24.27 -2.10 56.28
CA TRP H 396 -24.56 -2.57 54.92
C TRP H 396 -24.32 -1.56 53.77
N GLU H 397 -24.74 -0.31 53.95
CA GLU H 397 -24.69 0.68 52.88
C GLU H 397 -23.31 1.25 52.63
N GLU H 398 -22.93 1.36 51.34
CA GLU H 398 -21.63 1.91 50.93
C GLU H 398 -21.64 3.42 51.19
N PRO H 399 -20.88 3.98 52.15
CA PRO H 399 -20.98 5.43 52.39
C PRO H 399 -20.33 6.33 51.36
N PHE H 400 -19.13 5.95 50.85
CA PHE H 400 -18.29 6.79 49.99
C PHE H 400 -17.91 8.06 50.84
N GLY H 401 -17.45 7.79 52.07
CA GLY H 401 -17.07 8.79 53.05
C GLY H 401 -16.21 8.20 54.14
N PRO H 402 -15.53 9.05 54.95
CA PRO H 402 -14.55 8.52 55.91
C PRO H 402 -15.20 8.05 57.21
N VAL H 403 -15.94 6.96 57.12
CA VAL H 403 -16.61 6.37 58.27
C VAL H 403 -16.43 4.86 58.17
N LEU H 404 -16.03 4.22 59.28
CA LEU H 404 -15.77 2.80 59.29
C LEU H 404 -16.44 2.14 60.50
N PRO H 405 -17.31 1.14 60.30
CA PRO H 405 -17.88 0.43 61.44
C PRO H 405 -17.03 -0.79 61.84
N ILE H 406 -17.05 -1.14 63.11
CA ILE H 406 -16.44 -2.35 63.62
C ILE H 406 -17.61 -3.16 64.17
N ILE H 407 -17.77 -4.38 63.69
CA ILE H 407 -18.81 -5.32 64.06
C ILE H 407 -18.12 -6.49 64.77
N ARG H 408 -18.49 -6.76 66.02
CA ARG H 408 -17.92 -7.88 66.78
C ARG H 408 -18.66 -9.16 66.47
N VAL H 409 -17.94 -10.25 66.31
CA VAL H 409 -18.52 -11.57 66.00
C VAL H 409 -17.94 -12.60 67.00
N THR H 410 -18.69 -13.67 67.25
CA THR H 410 -18.31 -14.72 68.19
C THR H 410 -17.61 -15.88 67.49
N THR H 411 -17.98 -16.19 66.23
CA THR H 411 -17.40 -17.31 65.46
C THR H 411 -17.01 -16.87 64.05
N VAL H 412 -16.15 -17.64 63.36
CA VAL H 412 -15.80 -17.32 61.96
C VAL H 412 -17.00 -17.60 61.05
N GLU H 413 -17.85 -18.57 61.41
CA GLU H 413 -19.07 -18.87 60.66
C GLU H 413 -19.97 -17.62 60.63
N GLU H 414 -20.04 -16.88 61.76
CA GLU H 414 -20.81 -15.64 61.87
C GLU H 414 -20.19 -14.56 60.98
N ALA H 415 -18.83 -14.45 60.95
CA ALA H 415 -18.12 -13.49 60.10
C ALA H 415 -18.41 -13.78 58.62
N ILE H 416 -18.32 -15.06 58.18
CA ILE H 416 -18.63 -15.45 56.79
C ILE H 416 -20.09 -15.11 56.46
N LYS H 417 -21.03 -15.48 57.36
CA LYS H 417 -22.46 -15.24 57.18
C LYS H 417 -22.76 -13.74 57.03
N ILE H 418 -22.23 -12.89 57.93
CA ILE H 418 -22.47 -11.45 57.87
C ILE H 418 -21.83 -10.86 56.60
N SER H 419 -20.63 -11.31 56.28
CA SER H 419 -19.92 -10.84 55.09
C SER H 419 -20.75 -11.13 53.81
N ASN H 420 -21.24 -12.39 53.67
CA ASN H 420 -22.03 -12.83 52.52
C ASN H 420 -23.45 -12.30 52.48
N GLU H 421 -24.01 -11.83 53.62
CA GLU H 421 -25.36 -11.24 53.64
C GLU H 421 -25.43 -9.93 52.82
N SER H 422 -24.29 -9.28 52.59
CA SER H 422 -24.22 -8.06 51.78
C SER H 422 -24.60 -8.35 50.31
N GLU H 423 -25.26 -7.40 49.65
CA GLU H 423 -25.54 -7.49 48.21
C GLU H 423 -24.25 -7.30 47.37
N TYR H 424 -23.19 -6.74 47.97
CA TYR H 424 -21.90 -6.51 47.34
C TYR H 424 -20.96 -7.67 47.59
N GLY H 425 -20.01 -7.85 46.70
CA GLY H 425 -18.99 -8.88 46.84
C GLY H 425 -17.76 -8.55 46.01
N LEU H 426 -17.14 -7.41 46.30
CA LEU H 426 -15.99 -6.98 45.53
C LEU H 426 -14.74 -7.70 46.04
N GLN H 427 -14.27 -7.37 47.25
CA GLN H 427 -13.11 -7.97 47.86
C GLN H 427 -13.30 -8.15 49.35
N ALA H 428 -12.44 -8.94 49.97
CA ALA H 428 -12.42 -9.15 51.41
C ALA H 428 -10.95 -9.28 51.86
N SER H 429 -10.71 -8.98 53.13
CA SER H 429 -9.40 -9.11 53.77
C SER H 429 -9.57 -10.08 54.93
N ILE H 430 -8.55 -10.91 55.17
CA ILE H 430 -8.57 -11.85 56.28
C ILE H 430 -7.23 -11.67 56.97
N PHE H 431 -7.26 -11.28 58.24
CA PHE H 431 -6.07 -11.10 59.06
C PHE H 431 -5.99 -12.26 60.03
N THR H 432 -4.98 -13.12 59.82
CA THR H 432 -4.77 -14.34 60.62
C THR H 432 -3.37 -14.92 60.33
N THR H 433 -2.84 -15.74 61.23
CA THR H 433 -1.58 -16.46 60.99
C THR H 433 -1.86 -17.88 60.44
N ASN H 434 -3.13 -18.36 60.41
CA ASN H 434 -3.50 -19.69 59.95
C ASN H 434 -3.95 -19.62 58.49
N PHE H 435 -3.02 -19.80 57.53
CA PHE H 435 -3.35 -19.68 56.10
C PHE H 435 -4.22 -20.82 55.53
N PRO H 436 -4.05 -22.11 55.91
CA PRO H 436 -4.97 -23.15 55.38
C PRO H 436 -6.41 -22.83 55.74
N LYS H 437 -6.64 -22.31 56.97
CA LYS H 437 -7.96 -21.89 57.44
C LYS H 437 -8.41 -20.64 56.67
N ALA H 438 -7.50 -19.67 56.47
CA ALA H 438 -7.80 -18.46 55.72
C ALA H 438 -8.24 -18.79 54.29
N PHE H 439 -7.62 -19.80 53.67
CA PHE H 439 -7.99 -20.26 52.33
C PHE H 439 -9.38 -20.90 52.32
N GLY H 440 -9.71 -21.64 53.39
CA GLY H 440 -11.01 -22.25 53.55
C GLY H 440 -12.10 -21.21 53.71
N ILE H 441 -11.79 -20.14 54.48
CA ILE H 441 -12.71 -19.02 54.67
C ILE H 441 -12.90 -18.32 53.32
N ALA H 442 -11.77 -18.03 52.60
CA ALA H 442 -11.77 -17.37 51.29
C ALA H 442 -12.68 -18.07 50.29
N GLU H 443 -12.67 -19.43 50.28
CA GLU H 443 -13.54 -20.21 49.39
C GLU H 443 -15.01 -19.95 49.67
N GLN H 444 -15.38 -19.70 50.93
CA GLN H 444 -16.77 -19.46 51.31
C GLN H 444 -17.21 -18.00 51.12
N LEU H 445 -16.27 -17.02 51.06
CA LEU H 445 -16.62 -15.60 50.88
C LEU H 445 -17.04 -15.36 49.43
N GLU H 446 -18.18 -14.68 49.25
CA GLU H 446 -18.73 -14.39 47.94
C GLU H 446 -18.18 -13.08 47.42
N VAL H 447 -16.90 -13.08 47.06
CA VAL H 447 -16.17 -11.91 46.58
C VAL H 447 -15.30 -12.32 45.38
N GLY H 448 -14.78 -11.34 44.65
CA GLY H 448 -13.87 -11.59 43.55
C GLY H 448 -12.46 -11.90 44.04
N THR H 449 -11.94 -11.07 44.96
CA THR H 449 -10.59 -11.22 45.50
C THR H 449 -10.57 -11.23 47.02
N VAL H 450 -9.69 -12.03 47.62
CA VAL H 450 -9.50 -12.11 49.06
C VAL H 450 -8.00 -11.83 49.32
N HIS H 451 -7.70 -10.81 50.12
CA HIS H 451 -6.33 -10.44 50.46
C HIS H 451 -6.04 -10.99 51.85
N LEU H 452 -4.94 -11.75 52.02
CA LEU H 452 -4.55 -12.32 53.30
C LEU H 452 -3.52 -11.42 53.92
N ASN H 453 -3.81 -10.91 55.14
CA ASN H 453 -2.92 -10.03 55.90
C ASN H 453 -2.56 -8.77 55.15
N ASN H 454 -3.55 -8.20 54.47
CA ASN H 454 -3.36 -6.96 53.72
C ASN H 454 -4.71 -6.36 53.37
N LYS H 455 -4.74 -5.05 53.19
CA LYS H 455 -5.96 -4.35 52.83
C LYS H 455 -6.42 -4.79 51.44
N THR H 456 -7.73 -4.61 51.18
CA THR H 456 -8.26 -4.88 49.86
C THR H 456 -7.72 -3.80 48.90
N GLN H 457 -7.47 -4.18 47.66
CA GLN H 457 -6.93 -3.27 46.66
C GLN H 457 -7.12 -3.84 45.27
N ARG H 458 -7.21 -2.96 44.27
CA ARG H 458 -7.34 -3.37 42.89
C ARG H 458 -6.01 -3.96 42.36
N GLY H 459 -4.89 -3.37 42.77
CA GLY H 459 -3.57 -3.77 42.29
C GLY H 459 -3.07 -5.13 42.73
N THR H 460 -1.98 -5.64 42.10
CA THR H 460 -1.32 -5.00 40.94
C THR H 460 -2.25 -5.13 39.72
N ASP H 461 -2.15 -4.16 38.79
CA ASP H 461 -3.06 -4.09 37.64
C ASP H 461 -2.95 -5.26 36.66
N ASN H 462 -1.99 -6.18 36.83
CA ASN H 462 -1.95 -7.42 36.04
C ASN H 462 -2.89 -8.51 36.65
N PHE H 463 -3.23 -8.40 37.96
CA PHE H 463 -4.11 -9.36 38.66
C PHE H 463 -5.57 -9.18 38.26
N PRO H 464 -6.39 -10.26 38.35
CA PRO H 464 -7.82 -10.10 38.06
C PRO H 464 -8.49 -9.21 39.09
N PHE H 465 -9.45 -8.41 38.63
CA PHE H 465 -10.22 -7.51 39.45
C PHE H 465 -11.69 -7.71 39.04
N LEU H 466 -12.50 -8.26 39.95
CA LEU H 466 -13.88 -8.55 39.67
C LEU H 466 -14.71 -8.52 40.94
N GLY H 467 -16.01 -8.42 40.76
CA GLY H 467 -16.94 -8.41 41.86
C GLY H 467 -18.06 -9.41 41.64
N ALA H 468 -18.39 -10.15 42.70
CA ALA H 468 -19.51 -11.07 42.74
C ALA H 468 -20.80 -10.25 43.07
N LYS H 469 -21.99 -10.87 42.90
CA LYS H 469 -23.27 -10.27 43.24
C LYS H 469 -23.44 -8.85 42.60
N LYS H 470 -23.88 -7.80 43.33
CA LYS H 470 -24.10 -6.49 42.75
C LYS H 470 -22.84 -5.63 42.57
N SER H 471 -21.64 -6.20 42.82
CA SER H 471 -20.41 -5.44 42.66
C SER H 471 -19.90 -5.37 41.23
N GLY H 472 -20.44 -6.15 40.30
CA GLY H 472 -20.00 -6.07 38.92
C GLY H 472 -20.38 -7.21 38.01
N ALA H 473 -19.87 -7.10 36.75
CA ALA H 473 -20.03 -8.06 35.66
C ALA H 473 -18.70 -8.10 34.90
N GLY H 474 -18.19 -9.29 34.60
CA GLY H 474 -16.94 -9.44 33.87
C GLY H 474 -15.72 -9.37 34.77
N VAL H 475 -14.55 -9.68 34.21
CA VAL H 475 -13.28 -9.70 34.92
C VAL H 475 -12.34 -8.65 34.33
N GLN H 476 -11.88 -7.73 35.17
CA GLN H 476 -10.94 -6.67 34.83
C GLN H 476 -9.51 -7.15 35.24
N GLY H 477 -8.53 -6.28 35.14
CA GLY H 477 -7.12 -6.65 35.25
C GLY H 477 -6.67 -6.65 33.80
N VAL H 478 -5.45 -6.19 33.52
CA VAL H 478 -5.02 -5.93 32.15
C VAL H 478 -5.34 -7.10 31.13
N LYS H 479 -4.81 -8.33 31.30
CA LYS H 479 -5.06 -9.40 30.33
C LYS H 479 -6.52 -9.82 30.26
N TYR H 480 -7.23 -9.75 31.39
CA TYR H 480 -8.65 -10.13 31.46
C TYR H 480 -9.51 -9.11 30.71
N SER H 481 -9.14 -7.81 30.75
CA SER H 481 -9.85 -6.77 30.02
C SER H 481 -9.63 -6.91 28.51
N ILE H 482 -8.43 -7.34 28.11
CA ILE H 482 -8.13 -7.57 26.72
C ILE H 482 -8.98 -8.74 26.22
N GLU H 483 -9.01 -9.84 26.99
CA GLU H 483 -9.83 -11.00 26.63
C GLU H 483 -11.31 -10.65 26.55
N ALA H 484 -11.82 -9.85 27.50
CA ALA H 484 -13.23 -9.47 27.53
C ALA H 484 -13.68 -8.65 26.32
N MET H 485 -12.85 -7.69 25.87
CA MET H 485 -13.16 -6.84 24.70
C MET H 485 -12.62 -7.43 23.36
N THR H 486 -12.49 -8.75 23.30
CA THR H 486 -12.13 -9.45 22.08
C THR H 486 -13.10 -10.61 21.92
N THR H 487 -13.28 -11.03 20.68
CA THR H 487 -14.06 -12.19 20.33
C THR H 487 -13.08 -13.13 19.58
N VAL H 488 -13.57 -14.22 19.02
CA VAL H 488 -12.73 -15.16 18.25
C VAL H 488 -13.39 -15.40 16.90
N LYS H 489 -12.55 -15.76 15.96
CA LYS H 489 -12.91 -16.09 14.59
C LYS H 489 -12.25 -17.47 14.36
N SER H 490 -13.05 -18.48 14.10
CA SER H 490 -12.56 -19.83 13.86
C SER H 490 -12.55 -20.11 12.37
N VAL H 491 -11.44 -20.63 11.83
CA VAL H 491 -11.37 -21.02 10.42
C VAL H 491 -11.08 -22.51 10.44
N VAL H 492 -12.02 -23.32 9.92
CA VAL H 492 -11.94 -24.77 9.94
C VAL H 492 -11.72 -25.30 8.53
N PHE H 493 -10.79 -26.25 8.37
CA PHE H 493 -10.54 -26.89 7.08
C PHE H 493 -9.99 -28.32 7.32
N ASP H 494 -10.05 -29.15 6.26
CA ASP H 494 -9.56 -30.51 6.32
C ASP H 494 -8.19 -30.60 5.64
N ILE H 495 -7.27 -31.27 6.30
CA ILE H 495 -5.95 -31.52 5.76
C ILE H 495 -6.09 -32.72 4.81
N GLN H 496 -5.42 -32.67 3.66
CA GLN H 496 -5.50 -33.72 2.66
C GLN H 496 -4.12 -34.33 2.46
#